data_3P93
#
_entry.id   3P93
#
_cell.length_a   110.242
_cell.length_b   167.263
_cell.length_c   168.863
_cell.angle_alpha   90.00
_cell.angle_beta   90.00
_cell.angle_gamma   90.00
#
_symmetry.space_group_name_H-M   'P 21 21 21'
#
loop_
_entity.id
_entity.type
_entity.pdbx_description
1 polymer 'Mandelate racemase/muconate lactonizing enzyme'
2 non-polymer 'MAGNESIUM ION'
3 non-polymer 'D-MANNONIC ACID'
4 non-polymer 2-KETO-3-DEOXYGLUCONATE
5 water water
#
_entity_poly.entity_id   1
_entity_poly.type   'polypeptide(L)'
_entity_poly.pdbx_seq_one_letter_code
;MSLKIRDAYTIVTCPGRNFVTLKIVTESGTHGIGDATLNGREMAVAAYLDEHVVPALIGRDAGRIEDTWQYLYRGAYWRR
GPVTMTAIAAVDMALWDIKAKAAGMPLYQLLGGKSRERVMTYAHCTGQTIEDCLGEVARHVELGYRAVRVQSGVPGIETT
YGVAKTPGERYEPADSSLPAEHVWSTEKYLNHAPKLFAAVRERFGDDLHVLHDVHHRLTPIEAARLGKAVEPYHLFWLED
CVPAENQESLRLIREHTTTPLAIGEVFNSIHDCRELIQNQWIDYIRMPLTHGGGITAMRRVADLASLYHVRTGFHGPTDL
SPVCLGAAIHFDTWVPNFGIQEHMPHTDETDAVFPHDYRFEDGHFLAGESPGHGVDIDEELAAKYPYERASLPVNRLEDG
TLWHW
;
_entity_poly.pdbx_strand_id   A,B,C,D,E,F,G,H
#
loop_
_chem_comp.id
_chem_comp.type
_chem_comp.name
_chem_comp.formula
CS2 non-polymer 'D-MANNONIC ACID' 'C6 H12 O7'
KDG non-polymer 2-KETO-3-DEOXYGLUCONATE 'C6 H10 O6'
MG non-polymer 'MAGNESIUM ION' 'Mg 2'
#
# COMPACT_ATOMS: atom_id res chain seq x y z
N LEU A 3 3.72 -45.12 -23.98
CA LEU A 3 4.00 -46.40 -23.33
C LEU A 3 3.72 -46.36 -21.83
N LYS A 4 3.12 -47.44 -21.32
CA LYS A 4 2.72 -47.53 -19.92
C LYS A 4 3.90 -47.87 -19.02
N ILE A 5 3.84 -47.39 -17.78
CA ILE A 5 4.83 -47.76 -16.77
C ILE A 5 4.62 -49.23 -16.39
N ARG A 6 5.68 -50.01 -16.49
CA ARG A 6 5.62 -51.44 -16.21
C ARG A 6 6.13 -51.72 -14.80
N ASP A 7 7.13 -50.96 -14.37
CA ASP A 7 7.70 -51.14 -13.05
C ASP A 7 8.19 -49.79 -12.54
N ALA A 8 8.18 -49.63 -11.23
CA ALA A 8 8.79 -48.48 -10.57
C ALA A 8 9.33 -48.95 -9.24
N TYR A 9 10.52 -48.50 -8.87
CA TYR A 9 11.07 -48.88 -7.58
C TYR A 9 12.14 -47.89 -7.12
N THR A 10 12.41 -47.85 -5.82
CA THR A 10 13.46 -47.00 -5.29
C THR A 10 14.73 -47.80 -5.05
N ILE A 11 15.86 -47.10 -5.13
CA ILE A 11 17.16 -47.66 -4.82
C ILE A 11 17.81 -46.76 -3.77
N VAL A 12 18.27 -47.38 -2.69
CA VAL A 12 18.95 -46.66 -1.61
C VAL A 12 20.39 -47.14 -1.55
N THR A 13 21.33 -46.21 -1.45
CA THR A 13 22.75 -46.57 -1.48
C THR A 13 23.57 -45.54 -0.72
N CYS A 14 24.75 -45.96 -0.26
CA CYS A 14 25.58 -45.05 0.53
C CYS A 14 27.06 -45.13 0.12
N PRO A 15 27.35 -44.68 -1.10
CA PRO A 15 28.70 -44.60 -1.65
C PRO A 15 29.46 -43.41 -1.06
N GLY A 16 29.58 -43.35 0.26
CA GLY A 16 30.21 -42.21 0.90
C GLY A 16 29.21 -41.38 1.68
N ARG A 17 27.96 -41.37 1.22
CA ARG A 17 26.82 -40.78 1.92
C ARG A 17 25.56 -41.32 1.27
N ASN A 18 24.42 -41.14 1.93
CA ASN A 18 23.18 -41.72 1.45
C ASN A 18 22.59 -41.01 0.23
N PHE A 19 22.15 -41.78 -0.75
CA PHE A 19 21.34 -41.26 -1.85
C PHE A 19 20.13 -42.16 -2.04
N VAL A 20 19.01 -41.56 -2.40
CA VAL A 20 17.80 -42.32 -2.71
C VAL A 20 17.43 -41.96 -4.14
N THR A 21 17.18 -42.99 -4.96
CA THR A 21 16.94 -42.81 -6.39
C THR A 21 15.67 -43.52 -6.78
N LEU A 22 14.84 -42.90 -7.61
CA LEU A 22 13.66 -43.58 -8.16
C LEU A 22 13.91 -44.01 -9.59
N LYS A 23 13.53 -45.25 -9.90
CA LYS A 23 13.66 -45.76 -11.26
C LYS A 23 12.28 -46.17 -11.81
N ILE A 24 11.98 -45.72 -13.03
CA ILE A 24 10.74 -46.05 -13.69
C ILE A 24 11.05 -46.75 -15.02
N VAL A 25 10.39 -47.89 -15.25
CA VAL A 25 10.57 -48.67 -16.48
C VAL A 25 9.25 -48.83 -17.24
N THR A 26 9.27 -48.55 -18.53
CA THR A 26 8.09 -48.69 -19.37
C THR A 26 7.97 -50.11 -19.95
N GLU A 27 6.82 -50.38 -20.58
CA GLU A 27 6.54 -51.68 -21.17
C GLU A 27 7.58 -52.07 -22.22
N SER A 28 8.28 -51.07 -22.74
CA SER A 28 9.23 -51.25 -23.84
C SER A 28 10.66 -51.49 -23.39
N GLY A 29 10.91 -51.34 -22.09
CA GLY A 29 12.25 -51.54 -21.55
C GLY A 29 13.01 -50.26 -21.31
N THR A 30 12.55 -49.16 -21.91
CA THR A 30 13.15 -47.85 -21.70
C THR A 30 12.98 -47.47 -20.24
N HIS A 31 13.96 -46.80 -19.66
CA HIS A 31 13.89 -46.39 -18.25
C HIS A 31 14.42 -44.99 -18.03
N GLY A 32 14.13 -44.44 -16.85
CA GLY A 32 14.58 -43.11 -16.50
C GLY A 32 14.69 -43.06 -15.00
N ILE A 33 15.57 -42.21 -14.48
CA ILE A 33 15.73 -42.13 -13.03
C ILE A 33 15.63 -40.70 -12.55
N GLY A 34 15.36 -40.56 -11.25
CA GLY A 34 15.28 -39.25 -10.63
C GLY A 34 15.78 -39.30 -9.21
N ASP A 35 16.41 -38.22 -8.77
CA ASP A 35 16.93 -38.10 -7.41
C ASP A 35 15.79 -37.94 -6.43
N ALA A 36 15.88 -38.64 -5.30
CA ALA A 36 14.89 -38.53 -4.23
C ALA A 36 15.56 -38.30 -2.86
N THR A 37 16.79 -37.80 -2.88
CA THR A 37 17.58 -37.70 -1.66
C THR A 37 17.21 -36.47 -0.82
N LEU A 38 16.84 -36.72 0.43
CA LEU A 38 16.56 -35.64 1.39
C LEU A 38 17.46 -35.83 2.61
N ASN A 39 18.56 -35.07 2.63
CA ASN A 39 19.63 -35.29 3.60
C ASN A 39 19.12 -35.34 5.04
N GLY A 40 19.42 -36.44 5.74
CA GLY A 40 19.07 -36.56 7.14
C GLY A 40 17.63 -36.96 7.42
N ARG A 41 16.82 -37.10 6.36
CA ARG A 41 15.44 -37.61 6.49
C ARG A 41 15.19 -38.59 5.36
N GLU A 42 16.24 -39.24 4.89
CA GLU A 42 16.16 -40.02 3.66
C GLU A 42 15.06 -41.07 3.62
N MET A 43 14.83 -41.72 4.74
CA MET A 43 13.93 -42.87 4.72
C MET A 43 12.47 -42.45 4.71
N ALA A 44 12.19 -41.21 5.11
CA ALA A 44 10.86 -40.64 4.95
C ALA A 44 10.45 -40.54 3.47
N VAL A 45 11.36 -40.10 2.61
CA VAL A 45 11.06 -40.01 1.18
C VAL A 45 10.98 -41.41 0.54
N ALA A 46 11.84 -42.33 1.00
CA ALA A 46 11.82 -43.70 0.51
C ALA A 46 10.48 -44.39 0.79
N ALA A 47 9.96 -44.24 2.00
CA ALA A 47 8.65 -44.76 2.38
C ALA A 47 7.49 -44.06 1.67
N TYR A 48 7.61 -42.74 1.51
CA TYR A 48 6.60 -41.97 0.78
C TYR A 48 6.48 -42.54 -0.63
N LEU A 49 7.62 -42.79 -1.27
CA LEU A 49 7.65 -43.39 -2.61
C LEU A 49 7.20 -44.87 -2.59
N ASP A 50 7.89 -45.71 -1.83
CA ASP A 50 7.57 -47.15 -1.86
C ASP A 50 6.08 -47.46 -1.57
N GLU A 51 5.51 -46.77 -0.58
CA GLU A 51 4.20 -47.14 -0.04
C GLU A 51 3.03 -46.38 -0.65
N HIS A 52 3.25 -45.14 -1.05
CA HIS A 52 2.15 -44.30 -1.51
C HIS A 52 2.23 -43.82 -2.95
N VAL A 53 3.42 -43.82 -3.54
CA VAL A 53 3.54 -43.29 -4.90
C VAL A 53 3.73 -44.39 -5.94
N VAL A 54 4.76 -45.20 -5.74
CA VAL A 54 5.09 -46.26 -6.69
C VAL A 54 3.90 -47.15 -7.10
N PRO A 55 3.08 -47.60 -6.14
CA PRO A 55 1.95 -48.47 -6.48
C PRO A 55 0.97 -47.79 -7.42
N ALA A 56 0.87 -46.47 -7.35
CA ALA A 56 0.00 -45.71 -8.26
C ALA A 56 0.63 -45.39 -9.63
N LEU A 57 1.94 -45.58 -9.77
CA LEU A 57 2.61 -45.31 -11.04
C LEU A 57 2.40 -46.44 -12.03
N ILE A 58 2.36 -47.67 -11.53
CA ILE A 58 2.25 -48.83 -12.41
C ILE A 58 1.04 -48.67 -13.35
N GLY A 59 1.28 -48.80 -14.65
CA GLY A 59 0.18 -48.80 -15.61
C GLY A 59 -0.19 -47.44 -16.14
N ARG A 60 0.37 -46.39 -15.53
CA ARG A 60 0.16 -45.03 -16.00
C ARG A 60 0.92 -44.75 -17.29
N ASP A 61 0.40 -43.85 -18.11
CA ASP A 61 1.09 -43.42 -19.33
C ASP A 61 2.31 -42.58 -18.96
N ALA A 62 3.50 -43.10 -19.22
CA ALA A 62 4.75 -42.43 -18.82
C ALA A 62 4.95 -41.06 -19.48
N GLY A 63 4.28 -40.85 -20.60
CA GLY A 63 4.42 -39.61 -21.33
C GLY A 63 3.67 -38.47 -20.68
N ARG A 64 2.75 -38.79 -19.77
CA ARG A 64 1.89 -37.77 -19.15
C ARG A 64 2.58 -37.16 -17.95
N ILE A 65 3.65 -36.42 -18.19
CA ILE A 65 4.45 -35.85 -17.13
C ILE A 65 3.66 -34.83 -16.30
N GLU A 66 3.05 -33.88 -17.00
CA GLU A 66 2.29 -32.82 -16.35
C GLU A 66 1.13 -33.40 -15.55
N ASP A 67 0.37 -34.28 -16.17
CA ASP A 67 -0.73 -34.94 -15.49
C ASP A 67 -0.28 -35.71 -14.25
N THR A 68 0.80 -36.48 -14.37
CA THR A 68 1.37 -37.16 -13.21
C THR A 68 1.78 -36.18 -12.11
N TRP A 69 2.35 -35.04 -12.50
CA TRP A 69 2.81 -34.05 -11.53
C TRP A 69 1.60 -33.58 -10.71
N GLN A 70 0.53 -33.20 -11.40
CA GLN A 70 -0.68 -32.67 -10.76
C GLN A 70 -1.35 -33.78 -9.92
N TYR A 71 -1.41 -34.97 -10.49
CA TYR A 71 -1.94 -36.14 -9.82
C TYR A 71 -1.26 -36.34 -8.47
N LEU A 72 0.07 -36.22 -8.46
CA LEU A 72 0.82 -36.45 -7.22
C LEU A 72 0.74 -35.25 -6.29
N TYR A 73 0.78 -34.05 -6.87
CA TYR A 73 0.78 -32.82 -6.07
C TYR A 73 -0.59 -32.52 -5.50
N ARG A 74 -1.60 -32.41 -6.36
CA ARG A 74 -2.96 -32.23 -5.88
C ARG A 74 -3.50 -33.47 -5.19
N GLY A 75 -3.26 -34.63 -5.81
CA GLY A 75 -3.77 -35.89 -5.30
C GLY A 75 -3.37 -36.24 -3.87
N ALA A 76 -2.20 -35.77 -3.44
CA ALA A 76 -1.71 -36.07 -2.11
C ALA A 76 -2.63 -35.45 -1.06
N TYR A 77 -3.40 -34.46 -1.46
CA TYR A 77 -4.31 -33.71 -0.60
C TYR A 77 -3.57 -32.78 0.37
N TRP A 78 -2.57 -33.32 1.07
CA TRP A 78 -1.67 -32.49 1.88
C TRP A 78 -0.53 -32.02 0.97
N ARG A 79 -0.45 -30.70 0.76
CA ARG A 79 0.40 -30.14 -0.31
C ARG A 79 1.72 -29.56 0.18
N ARG A 80 2.70 -29.54 -0.71
CA ARG A 80 4.04 -29.00 -0.46
C ARG A 80 4.75 -29.78 0.66
N GLY A 81 5.95 -29.34 1.03
CA GLY A 81 6.74 -30.03 2.04
C GLY A 81 7.96 -30.71 1.44
N PRO A 82 9.04 -30.83 2.22
CA PRO A 82 10.30 -31.40 1.70
C PRO A 82 10.14 -32.87 1.32
N VAL A 83 9.42 -33.65 2.11
CA VAL A 83 9.28 -35.07 1.79
C VAL A 83 8.38 -35.22 0.58
N THR A 84 7.23 -34.57 0.65
CA THR A 84 6.26 -34.52 -0.44
C THR A 84 6.89 -34.11 -1.78
N MET A 85 7.53 -32.94 -1.82
CA MET A 85 8.01 -32.39 -3.10
C MET A 85 9.25 -33.11 -3.61
N THR A 86 10.00 -33.71 -2.70
CA THR A 86 11.13 -34.51 -3.11
C THR A 86 10.65 -35.78 -3.82
N ALA A 87 9.63 -36.43 -3.26
CA ALA A 87 9.01 -37.59 -3.91
C ALA A 87 8.48 -37.23 -5.29
N ILE A 88 7.75 -36.12 -5.36
CA ILE A 88 7.28 -35.59 -6.62
C ILE A 88 8.43 -35.30 -7.62
N ALA A 89 9.50 -34.66 -7.13
CA ALA A 89 10.65 -34.36 -7.99
C ALA A 89 11.21 -35.62 -8.61
N ALA A 90 11.28 -36.68 -7.81
CA ALA A 90 11.92 -37.91 -8.25
C ALA A 90 11.18 -38.53 -9.42
N VAL A 91 9.86 -38.60 -9.32
CA VAL A 91 9.03 -39.10 -10.39
C VAL A 91 9.22 -38.20 -11.60
N ASP A 92 9.07 -36.89 -11.39
CA ASP A 92 9.16 -35.95 -12.50
C ASP A 92 10.46 -36.06 -13.29
N MET A 93 11.57 -36.17 -12.56
CA MET A 93 12.90 -36.26 -13.17
C MET A 93 13.08 -37.55 -13.96
N ALA A 94 12.51 -38.64 -13.46
CA ALA A 94 12.54 -39.92 -14.17
C ALA A 94 11.67 -39.88 -15.43
N LEU A 95 10.54 -39.19 -15.34
CA LEU A 95 9.67 -39.04 -16.51
C LEU A 95 10.27 -38.12 -17.58
N TRP A 96 10.98 -37.07 -17.18
CA TRP A 96 11.68 -36.23 -18.17
C TRP A 96 12.83 -37.02 -18.83
N ASP A 97 13.52 -37.81 -18.02
CA ASP A 97 14.57 -38.70 -18.51
C ASP A 97 14.04 -39.62 -19.61
N ILE A 98 12.91 -40.28 -19.32
CA ILE A 98 12.23 -41.13 -20.29
C ILE A 98 11.79 -40.37 -21.56
N LYS A 99 11.13 -39.23 -21.41
CA LYS A 99 10.67 -38.46 -22.57
C LYS A 99 11.85 -38.06 -23.47
N ALA A 100 12.91 -37.54 -22.86
CA ALA A 100 14.11 -37.17 -23.60
C ALA A 100 14.68 -38.38 -24.37
N LYS A 101 14.82 -39.51 -23.69
CA LYS A 101 15.26 -40.74 -24.36
C LYS A 101 14.36 -41.07 -25.54
N ALA A 102 13.05 -40.98 -25.34
CA ALA A 102 12.09 -41.29 -26.38
C ALA A 102 12.25 -40.35 -27.56
N ALA A 103 12.59 -39.11 -27.27
CA ALA A 103 12.79 -38.10 -28.31
C ALA A 103 14.17 -38.19 -28.98
N GLY A 104 15.03 -39.06 -28.44
CA GLY A 104 16.38 -39.19 -28.95
C GLY A 104 17.23 -37.95 -28.77
N MET A 105 16.96 -37.19 -27.70
CA MET A 105 17.61 -35.90 -27.45
C MET A 105 18.16 -35.77 -26.03
N PRO A 106 19.30 -35.08 -25.87
CA PRO A 106 19.69 -34.70 -24.51
C PRO A 106 18.61 -33.78 -23.93
N LEU A 107 18.38 -33.86 -22.63
CA LEU A 107 17.31 -33.10 -21.98
C LEU A 107 17.29 -31.60 -22.34
N TYR A 108 18.46 -30.97 -22.46
CA TYR A 108 18.49 -29.52 -22.69
C TYR A 108 17.81 -29.14 -24.00
N GLN A 109 17.83 -30.08 -24.95
CA GLN A 109 17.21 -29.86 -26.24
C GLN A 109 15.70 -29.85 -26.11
N LEU A 110 15.20 -30.74 -25.26
CA LEU A 110 13.76 -30.90 -25.07
C LEU A 110 13.16 -29.70 -24.37
N LEU A 111 13.97 -29.04 -23.55
CA LEU A 111 13.54 -27.91 -22.75
C LEU A 111 13.46 -26.62 -23.55
N GLY A 112 14.17 -26.59 -24.68
CA GLY A 112 14.20 -25.41 -25.52
C GLY A 112 15.54 -25.12 -26.19
N GLY A 113 16.53 -25.97 -25.97
CA GLY A 113 17.83 -25.81 -26.62
C GLY A 113 18.82 -25.05 -25.77
N LYS A 114 20.07 -24.97 -26.23
CA LYS A 114 21.10 -24.36 -25.39
C LYS A 114 21.10 -22.85 -25.49
N SER A 115 21.19 -22.21 -24.34
CA SER A 115 21.29 -20.75 -24.26
C SER A 115 22.73 -20.34 -23.95
N ARG A 116 23.56 -21.33 -23.62
CA ARG A 116 24.98 -21.04 -23.37
C ARG A 116 25.87 -22.23 -23.71
N GLU A 117 27.17 -21.98 -23.84
CA GLU A 117 28.10 -23.02 -24.26
C GLU A 117 28.68 -23.80 -23.08
N ARG A 118 28.64 -23.18 -21.91
CA ARG A 118 29.16 -23.81 -20.70
C ARG A 118 28.44 -23.25 -19.48
N VAL A 119 28.43 -24.01 -18.38
CA VAL A 119 27.77 -23.52 -17.19
C VAL A 119 28.73 -23.25 -16.03
N MET A 120 28.83 -21.98 -15.65
CA MET A 120 29.78 -21.57 -14.64
C MET A 120 29.41 -22.19 -13.29
N THR A 121 30.43 -22.61 -12.55
CA THR A 121 30.24 -23.18 -11.23
C THR A 121 30.96 -22.34 -10.20
N TYR A 122 30.68 -22.59 -8.93
CA TYR A 122 31.52 -22.09 -7.85
C TYR A 122 31.95 -23.23 -6.95
N ALA A 123 33.14 -23.09 -6.39
CA ALA A 123 33.74 -24.11 -5.56
C ALA A 123 33.65 -23.72 -4.09
N HIS A 124 33.70 -24.72 -3.20
CA HIS A 124 33.75 -24.47 -1.77
C HIS A 124 35.19 -24.27 -1.32
N CYS A 125 35.48 -23.10 -0.77
CA CYS A 125 36.78 -22.84 -0.16
C CYS A 125 36.61 -22.62 1.34
N THR A 126 36.86 -23.66 2.12
CA THR A 126 36.68 -23.59 3.58
C THR A 126 37.98 -23.83 4.33
N GLY A 127 38.19 -23.08 5.40
CA GLY A 127 39.39 -23.22 6.20
C GLY A 127 39.09 -22.95 7.66
N GLN A 128 39.91 -23.50 8.57
CA GLN A 128 39.65 -23.28 9.98
C GLN A 128 39.85 -21.80 10.29
N THR A 129 40.77 -21.17 9.56
CA THR A 129 41.03 -19.76 9.71
C THR A 129 41.00 -19.11 8.34
N ILE A 130 41.02 -17.78 8.34
CA ILE A 130 41.10 -17.01 7.11
C ILE A 130 42.24 -17.49 6.23
N GLU A 131 43.44 -17.58 6.80
CA GLU A 131 44.58 -18.00 5.98
C GLU A 131 44.39 -19.38 5.36
N ASP A 132 43.79 -20.31 6.12
CA ASP A 132 43.49 -21.64 5.57
C ASP A 132 42.50 -21.52 4.40
N CYS A 133 41.53 -20.64 4.54
CA CYS A 133 40.55 -20.42 3.49
C CYS A 133 41.23 -19.85 2.25
N LEU A 134 42.13 -18.89 2.45
CA LEU A 134 42.88 -18.29 1.34
C LEU A 134 43.72 -19.36 0.63
N GLY A 135 44.19 -20.36 1.38
CA GLY A 135 44.91 -21.45 0.76
C GLY A 135 44.01 -22.21 -0.19
N GLU A 136 42.77 -22.42 0.24
CA GLU A 136 41.79 -23.15 -0.56
C GLU A 136 41.35 -22.36 -1.77
N VAL A 137 41.18 -21.05 -1.64
CA VAL A 137 40.83 -20.23 -2.80
C VAL A 137 41.90 -20.37 -3.89
N ALA A 138 43.16 -20.27 -3.48
CA ALA A 138 44.31 -20.44 -4.38
C ALA A 138 44.23 -21.75 -5.15
N ARG A 139 44.01 -22.86 -4.44
CA ARG A 139 44.01 -24.15 -5.12
C ARG A 139 42.85 -24.29 -6.11
N HIS A 140 41.67 -23.79 -5.74
CA HIS A 140 40.51 -23.93 -6.61
C HIS A 140 40.61 -23.03 -7.85
N VAL A 141 41.16 -21.84 -7.68
CA VAL A 141 41.44 -20.97 -8.82
C VAL A 141 42.38 -21.68 -9.78
N GLU A 142 43.38 -22.37 -9.24
CA GLU A 142 44.28 -23.15 -10.09
C GLU A 142 43.57 -24.30 -10.82
N LEU A 143 42.49 -24.81 -10.24
CA LEU A 143 41.69 -25.85 -10.90
C LEU A 143 40.76 -25.24 -11.95
N GLY A 144 40.77 -23.91 -12.04
CA GLY A 144 40.00 -23.23 -13.07
C GLY A 144 38.71 -22.53 -12.62
N TYR A 145 38.36 -22.64 -11.35
CA TYR A 145 37.16 -21.96 -10.82
C TYR A 145 37.27 -20.43 -10.90
N ARG A 146 36.20 -19.78 -11.36
CA ARG A 146 36.18 -18.32 -11.47
C ARG A 146 35.36 -17.73 -10.32
N ALA A 147 34.75 -18.62 -9.53
CA ALA A 147 33.90 -18.21 -8.45
C ALA A 147 34.16 -19.15 -7.30
N VAL A 148 34.15 -18.59 -6.10
CA VAL A 148 34.42 -19.38 -4.90
C VAL A 148 33.52 -18.93 -3.76
N ARG A 149 33.03 -19.91 -2.99
CA ARG A 149 32.32 -19.64 -1.74
C ARG A 149 33.31 -19.75 -0.60
N VAL A 150 33.42 -18.70 0.22
CA VAL A 150 34.43 -18.68 1.27
C VAL A 150 33.80 -18.75 2.64
N GLN A 151 34.32 -19.65 3.46
CA GLN A 151 33.82 -19.88 4.81
C GLN A 151 35.02 -20.08 5.72
N SER A 152 35.05 -19.42 6.88
CA SER A 152 36.13 -19.67 7.83
C SER A 152 35.57 -19.84 9.23
N GLY A 153 36.29 -20.59 10.07
CA GLY A 153 35.90 -20.72 11.47
C GLY A 153 35.91 -19.35 12.13
N VAL A 154 35.09 -19.19 13.17
CA VAL A 154 35.00 -17.93 13.90
C VAL A 154 35.76 -18.05 15.20
N PRO A 155 36.72 -17.14 15.43
CA PRO A 155 37.50 -17.15 16.68
C PRO A 155 36.57 -17.01 17.89
N GLY A 156 36.74 -17.86 18.89
CA GLY A 156 35.91 -17.82 20.08
C GLY A 156 34.75 -18.80 20.07
N SER A 176 27.63 -37.63 11.63
CA SER A 176 27.15 -38.17 12.90
C SER A 176 25.84 -38.91 12.69
N SER A 177 25.66 -40.05 13.34
CA SER A 177 24.42 -40.81 13.23
C SER A 177 23.25 -39.99 13.78
N LEU A 178 23.45 -39.40 14.95
CA LEU A 178 22.53 -38.45 15.54
C LEU A 178 23.11 -37.06 15.32
N PRO A 179 22.28 -36.00 15.44
CA PRO A 179 22.80 -34.66 15.20
C PRO A 179 23.94 -34.26 16.13
N ALA A 180 25.06 -33.86 15.53
CA ALA A 180 26.13 -33.21 16.28
C ALA A 180 25.58 -31.91 16.84
N GLU A 181 26.08 -31.48 17.99
CA GLU A 181 25.62 -30.21 18.55
C GLU A 181 26.72 -29.14 18.47
N HIS A 182 26.46 -28.11 17.68
CA HIS A 182 27.43 -27.04 17.50
C HIS A 182 27.05 -25.84 18.35
N VAL A 183 28.03 -25.01 18.67
CA VAL A 183 27.76 -23.77 19.41
C VAL A 183 27.89 -22.56 18.47
N TRP A 184 27.09 -21.52 18.72
CA TRP A 184 27.06 -20.33 17.87
C TRP A 184 27.08 -19.01 18.67
N SER A 185 27.86 -18.05 18.16
CA SER A 185 27.79 -16.65 18.61
C SER A 185 27.62 -15.71 17.43
N THR A 186 26.49 -15.01 17.38
CA THR A 186 26.27 -14.09 16.26
C THR A 186 27.27 -12.92 16.24
N GLU A 187 27.45 -12.27 17.38
CA GLU A 187 28.29 -11.06 17.40
C GLU A 187 29.75 -11.34 17.08
N LYS A 188 30.25 -12.51 17.50
CA LYS A 188 31.60 -12.90 17.16
C LYS A 188 31.71 -13.09 15.66
N TYR A 189 30.69 -13.71 15.06
CA TYR A 189 30.65 -13.90 13.62
C TYR A 189 30.59 -12.59 12.84
N LEU A 190 29.72 -11.68 13.27
CA LEU A 190 29.56 -10.39 12.59
C LEU A 190 30.83 -9.54 12.63
N ASN A 191 31.62 -9.64 13.70
CA ASN A 191 32.84 -8.84 13.78
C ASN A 191 34.00 -9.46 13.01
N HIS A 192 33.86 -10.73 12.64
CA HIS A 192 34.93 -11.47 12.00
C HIS A 192 34.71 -11.61 10.50
N ALA A 193 33.46 -11.80 10.11
CA ALA A 193 33.15 -12.04 8.68
C ALA A 193 33.81 -11.07 7.69
N PRO A 194 33.65 -9.75 7.89
CA PRO A 194 34.23 -8.77 6.95
C PRO A 194 35.73 -8.93 6.76
N LYS A 195 36.43 -9.37 7.81
CA LYS A 195 37.87 -9.60 7.73
C LYS A 195 38.17 -10.67 6.70
N LEU A 196 37.36 -11.72 6.65
CA LEU A 196 37.57 -12.77 5.67
C LEU A 196 37.53 -12.19 4.25
N PHE A 197 36.52 -11.39 3.95
CA PHE A 197 36.33 -10.91 2.59
C PHE A 197 37.37 -9.86 2.20
N ALA A 198 37.74 -9.00 3.15
CA ALA A 198 38.83 -8.06 2.93
C ALA A 198 40.07 -8.84 2.55
N ALA A 199 40.37 -9.88 3.32
CA ALA A 199 41.58 -10.65 3.07
C ALA A 199 41.54 -11.35 1.71
N VAL A 200 40.37 -11.84 1.32
CA VAL A 200 40.26 -12.47 0.02
C VAL A 200 40.55 -11.48 -1.12
N ARG A 201 39.95 -10.29 -1.04
CA ARG A 201 40.14 -9.27 -2.08
C ARG A 201 41.57 -8.77 -2.10
N GLU A 202 42.12 -8.59 -0.92
CA GLU A 202 43.49 -8.15 -0.74
C GLU A 202 44.45 -9.08 -1.50
N ARG A 203 44.22 -10.38 -1.40
CA ARG A 203 45.13 -11.32 -2.05
C ARG A 203 44.81 -11.65 -3.51
N PHE A 204 43.52 -11.84 -3.82
CA PHE A 204 43.15 -12.31 -5.15
C PHE A 204 42.58 -11.25 -6.12
N GLY A 205 42.45 -10.01 -5.66
CA GLY A 205 41.97 -8.94 -6.53
C GLY A 205 40.47 -8.94 -6.78
N ASP A 206 40.04 -8.16 -7.77
CA ASP A 206 38.60 -7.92 -7.99
C ASP A 206 37.90 -8.88 -8.95
N ASP A 207 38.65 -9.60 -9.78
CA ASP A 207 38.00 -10.35 -10.84
C ASP A 207 37.23 -11.59 -10.35
N LEU A 208 37.78 -12.24 -9.34
CA LEU A 208 37.19 -13.44 -8.75
C LEU A 208 35.75 -13.21 -8.22
N HIS A 209 34.81 -14.07 -8.58
CA HIS A 209 33.48 -14.00 -7.96
C HIS A 209 33.58 -14.60 -6.55
N VAL A 210 33.19 -13.83 -5.54
CA VAL A 210 33.25 -14.33 -4.16
C VAL A 210 31.86 -14.44 -3.52
N LEU A 211 31.53 -15.67 -3.11
CA LEU A 211 30.24 -15.95 -2.48
C LEU A 211 30.40 -16.26 -0.98
N HIS A 212 29.33 -16.03 -0.22
CA HIS A 212 29.31 -16.37 1.19
C HIS A 212 27.93 -16.84 1.67
N ASP A 213 27.93 -17.90 2.46
CA ASP A 213 26.69 -18.49 2.94
C ASP A 213 26.59 -18.21 4.43
N VAL A 214 25.66 -17.36 4.86
CA VAL A 214 25.50 -17.07 6.29
C VAL A 214 24.73 -18.20 7.01
N HIS A 215 24.04 -19.03 6.23
CA HIS A 215 23.46 -20.28 6.73
C HIS A 215 22.51 -20.06 7.89
N HIS A 216 21.60 -19.09 7.72
CA HIS A 216 20.37 -18.97 8.50
C HIS A 216 20.51 -18.32 9.89
N ARG A 217 21.72 -17.88 10.23
CA ARG A 217 22.00 -17.59 11.65
C ARG A 217 21.71 -16.17 12.14
N LEU A 218 21.35 -15.28 11.23
CA LEU A 218 21.14 -13.88 11.56
C LEU A 218 19.66 -13.50 11.63
N THR A 219 19.37 -12.38 12.30
CA THR A 219 18.07 -11.73 12.17
C THR A 219 18.18 -10.72 11.04
N PRO A 220 17.04 -10.19 10.58
CA PRO A 220 17.15 -9.36 9.37
C PRO A 220 18.03 -8.12 9.57
N ILE A 221 17.94 -7.44 10.70
CA ILE A 221 18.71 -6.18 10.83
C ILE A 221 20.20 -6.51 11.01
N GLU A 222 20.48 -7.70 11.54
CA GLU A 222 21.87 -8.17 11.64
C GLU A 222 22.44 -8.48 10.24
N ALA A 223 21.61 -9.06 9.39
CA ALA A 223 22.02 -9.35 8.02
C ALA A 223 22.20 -8.06 7.23
N ALA A 224 21.40 -7.05 7.56
CA ALA A 224 21.47 -5.75 6.94
C ALA A 224 22.82 -5.11 7.24
N ARG A 225 23.19 -5.14 8.52
CA ARG A 225 24.49 -4.64 8.95
C ARG A 225 25.60 -5.39 8.21
N LEU A 226 25.50 -6.71 8.15
CA LEU A 226 26.49 -7.51 7.45
C LEU A 226 26.57 -7.15 5.97
N GLY A 227 25.41 -7.07 5.31
CA GLY A 227 25.38 -6.67 3.91
C GLY A 227 26.14 -5.38 3.68
N LYS A 228 25.88 -4.38 4.51
CA LYS A 228 26.53 -3.08 4.35
C LYS A 228 28.03 -3.20 4.55
N ALA A 229 28.43 -3.97 5.54
CA ALA A 229 29.84 -4.05 5.91
C ALA A 229 30.67 -4.68 4.81
N VAL A 230 30.03 -5.56 4.02
CA VAL A 230 30.75 -6.29 2.99
C VAL A 230 30.57 -5.69 1.59
N GLU A 231 29.81 -4.61 1.49
CA GLU A 231 29.65 -3.91 0.21
C GLU A 231 30.99 -3.59 -0.47
N PRO A 232 31.99 -3.12 0.29
CA PRO A 232 33.28 -2.79 -0.35
C PRO A 232 33.95 -3.98 -1.04
N TYR A 233 33.51 -5.20 -0.73
CA TYR A 233 34.17 -6.40 -1.27
C TYR A 233 33.33 -7.05 -2.37
N HIS A 234 32.20 -6.42 -2.70
CA HIS A 234 31.45 -6.76 -3.92
C HIS A 234 31.22 -8.26 -4.10
N LEU A 235 30.59 -8.88 -3.11
CA LEU A 235 30.30 -10.33 -3.14
C LEU A 235 29.30 -10.67 -4.24
N PHE A 236 29.50 -11.82 -4.88
CA PHE A 236 28.56 -12.35 -5.87
C PHE A 236 27.19 -12.54 -5.21
N TRP A 237 27.19 -13.15 -4.03
CA TRP A 237 25.98 -13.18 -3.20
C TRP A 237 26.29 -13.36 -1.72
N LEU A 238 25.32 -12.96 -0.91
CA LEU A 238 25.25 -13.29 0.50
C LEU A 238 24.02 -14.20 0.59
N GLU A 239 24.24 -15.43 1.07
CA GLU A 239 23.27 -16.51 0.96
C GLU A 239 22.59 -16.89 2.28
N ASP A 240 21.27 -17.13 2.19
CA ASP A 240 20.48 -17.59 3.34
C ASP A 240 20.71 -16.76 4.61
N CYS A 241 20.63 -15.44 4.47
CA CYS A 241 20.85 -14.54 5.61
C CYS A 241 20.06 -14.90 6.86
N VAL A 242 18.78 -15.16 6.69
CA VAL A 242 17.83 -15.34 7.78
C VAL A 242 16.81 -16.39 7.37
N PRO A 243 16.24 -17.12 8.34
CA PRO A 243 15.18 -18.10 8.07
C PRO A 243 14.02 -17.34 7.47
N ALA A 244 13.41 -17.91 6.43
CA ALA A 244 12.52 -17.15 5.55
C ALA A 244 11.17 -17.82 5.33
N GLU A 245 10.68 -18.56 6.31
CA GLU A 245 9.31 -19.07 6.23
C GLU A 245 8.37 -17.87 6.17
N ASN A 246 8.76 -16.81 6.86
CA ASN A 246 8.13 -15.51 6.71
C ASN A 246 8.93 -14.70 5.69
N GLN A 247 8.46 -14.68 4.44
CA GLN A 247 9.26 -14.13 3.36
C GLN A 247 9.54 -12.66 3.58
N GLU A 248 8.68 -11.98 4.33
CA GLU A 248 8.90 -10.59 4.67
C GLU A 248 10.23 -10.37 5.40
N SER A 249 10.80 -11.45 5.94
CA SER A 249 12.09 -11.38 6.62
C SER A 249 13.19 -10.73 5.77
N LEU A 250 13.06 -10.78 4.45
CA LEU A 250 14.11 -10.25 3.57
C LEU A 250 14.05 -8.74 3.38
N ARG A 251 12.89 -8.15 3.68
CA ARG A 251 12.65 -6.73 3.41
C ARG A 251 13.69 -5.77 4.00
N LEU A 252 13.95 -5.86 5.29
CA LEU A 252 14.93 -4.95 5.94
C LEU A 252 16.32 -5.10 5.36
N ILE A 253 16.66 -6.31 4.95
CA ILE A 253 17.96 -6.55 4.36
C ILE A 253 18.08 -5.82 3.02
N ARG A 254 17.08 -6.02 2.17
CA ARG A 254 17.07 -5.45 0.82
C ARG A 254 17.03 -3.91 0.84
N GLU A 255 16.32 -3.36 1.82
CA GLU A 255 16.21 -1.91 1.94
C GLU A 255 17.48 -1.25 2.47
N HIS A 256 18.37 -2.04 3.07
CA HIS A 256 19.55 -1.48 3.73
C HIS A 256 20.90 -1.79 3.08
N THR A 257 20.93 -2.69 2.11
CA THR A 257 22.19 -2.99 1.47
C THR A 257 22.05 -3.29 -0.02
N THR A 258 23.14 -3.08 -0.76
CA THR A 258 23.18 -3.41 -2.16
C THR A 258 24.04 -4.63 -2.43
N THR A 259 24.49 -5.29 -1.38
CA THR A 259 25.09 -6.60 -1.54
C THR A 259 24.03 -7.57 -2.07
N PRO A 260 24.33 -8.27 -3.18
CA PRO A 260 23.30 -9.13 -3.79
C PRO A 260 22.94 -10.29 -2.86
N LEU A 261 21.68 -10.72 -2.90
CA LEU A 261 21.20 -11.73 -1.95
C LEU A 261 20.73 -13.00 -2.66
N ALA A 262 20.98 -14.15 -2.05
CA ALA A 262 20.49 -15.43 -2.55
C ALA A 262 19.75 -16.22 -1.46
N ILE A 263 18.74 -16.99 -1.83
CA ILE A 263 18.06 -17.80 -0.84
C ILE A 263 17.32 -18.96 -1.51
N GLY A 264 17.01 -20.00 -0.74
CA GLY A 264 16.04 -20.99 -1.17
C GLY A 264 16.39 -22.47 -1.11
N GLU A 265 17.62 -22.79 -0.75
CA GLU A 265 17.97 -24.21 -0.75
C GLU A 265 17.04 -25.05 0.13
N VAL A 266 16.47 -24.45 1.18
CA VAL A 266 15.52 -25.18 2.04
C VAL A 266 14.06 -25.06 1.56
N PHE A 267 13.84 -24.40 0.43
CA PHE A 267 12.49 -24.27 -0.13
C PHE A 267 12.12 -25.50 -0.95
N ASN A 268 10.82 -25.75 -1.11
CA ASN A 268 10.34 -26.87 -1.92
C ASN A 268 9.17 -26.48 -2.82
N SER A 269 8.78 -25.23 -2.75
CA SER A 269 7.62 -24.76 -3.49
C SER A 269 7.81 -23.32 -3.93
N ILE A 270 7.31 -23.01 -5.13
CA ILE A 270 7.24 -21.63 -5.60
C ILE A 270 6.49 -20.77 -4.59
N HIS A 271 5.60 -21.37 -3.82
CA HIS A 271 4.83 -20.62 -2.82
C HIS A 271 5.66 -20.24 -1.61
N ASP A 272 6.88 -20.78 -1.54
CA ASP A 272 7.84 -20.40 -0.50
C ASP A 272 8.59 -19.15 -0.88
N CYS A 273 8.57 -18.80 -2.17
CA CYS A 273 9.41 -17.71 -2.67
C CYS A 273 8.73 -16.74 -3.63
N ARG A 274 7.44 -16.93 -3.88
CA ARG A 274 6.72 -16.05 -4.82
C ARG A 274 6.86 -14.58 -4.41
N GLU A 275 6.56 -14.29 -3.15
CA GLU A 275 6.63 -12.91 -2.67
C GLU A 275 8.06 -12.37 -2.66
N LEU A 276 9.04 -13.22 -2.32
CA LEU A 276 10.45 -12.85 -2.35
C LEU A 276 10.85 -12.32 -3.73
N ILE A 277 10.44 -13.04 -4.76
CA ILE A 277 10.77 -12.71 -6.14
C ILE A 277 10.02 -11.48 -6.64
N GLN A 278 8.70 -11.48 -6.48
CA GLN A 278 7.88 -10.38 -6.98
C GLN A 278 8.20 -9.04 -6.32
N ASN A 279 8.74 -9.08 -5.12
CA ASN A 279 9.07 -7.87 -4.36
C ASN A 279 10.51 -7.43 -4.63
N GLN A 280 11.20 -8.21 -5.45
CA GLN A 280 12.61 -7.96 -5.76
C GLN A 280 13.46 -7.94 -4.49
N TRP A 281 13.24 -8.91 -3.61
CA TRP A 281 13.99 -8.96 -2.36
C TRP A 281 15.23 -9.88 -2.47
N ILE A 282 15.34 -10.60 -3.58
CA ILE A 282 16.49 -11.47 -3.79
C ILE A 282 16.99 -11.38 -5.23
N ASP A 283 18.22 -11.81 -5.45
CA ASP A 283 18.83 -11.78 -6.77
C ASP A 283 18.96 -13.18 -7.36
N TYR A 284 19.11 -14.17 -6.50
CA TYR A 284 19.28 -15.56 -6.91
C TYR A 284 18.38 -16.51 -6.14
N ILE A 285 17.70 -17.39 -6.86
CA ILE A 285 16.85 -18.38 -6.24
C ILE A 285 17.59 -19.73 -6.26
N ARG A 286 17.69 -20.37 -5.08
CA ARG A 286 18.61 -21.49 -4.84
C ARG A 286 17.95 -22.88 -4.82
N MET A 287 16.63 -22.92 -4.78
CA MET A 287 15.90 -24.18 -4.73
C MET A 287 16.30 -25.10 -5.90
N PRO A 288 16.79 -26.32 -5.60
CA PRO A 288 17.23 -27.23 -6.66
C PRO A 288 16.15 -28.20 -7.14
N LEU A 289 16.43 -28.89 -8.24
CA LEU A 289 15.50 -29.83 -8.85
C LEU A 289 14.92 -30.88 -7.88
N THR A 290 15.77 -31.60 -7.14
CA THR A 290 15.23 -32.72 -6.40
C THR A 290 14.37 -32.34 -5.20
N HIS A 291 14.52 -31.12 -4.67
CA HIS A 291 13.71 -30.72 -3.51
C HIS A 291 12.58 -29.77 -3.90
N GLY A 292 12.63 -29.26 -5.12
CA GLY A 292 11.64 -28.29 -5.58
C GLY A 292 10.64 -28.85 -6.59
N GLY A 293 10.40 -30.16 -6.57
CA GLY A 293 9.34 -30.71 -7.39
C GLY A 293 9.77 -30.96 -8.83
N GLY A 294 11.08 -30.96 -9.06
CA GLY A 294 11.63 -31.37 -10.33
C GLY A 294 11.62 -30.33 -11.46
N ILE A 295 11.85 -30.81 -12.67
CA ILE A 295 11.94 -29.98 -13.87
C ILE A 295 10.64 -29.21 -14.08
N THR A 296 9.52 -29.92 -13.95
CA THR A 296 8.20 -29.33 -14.18
C THR A 296 7.96 -28.12 -13.29
N ALA A 297 8.17 -28.29 -11.99
CA ALA A 297 7.98 -27.17 -11.06
C ALA A 297 9.02 -26.06 -11.23
N MET A 298 10.27 -26.43 -11.48
CA MET A 298 11.34 -25.44 -11.53
C MET A 298 11.32 -24.57 -12.78
N ARG A 299 10.71 -25.07 -13.87
CA ARG A 299 10.44 -24.19 -15.01
C ARG A 299 9.59 -22.98 -14.60
N ARG A 300 8.58 -23.22 -13.77
CA ARG A 300 7.64 -22.18 -13.41
C ARG A 300 8.31 -21.17 -12.49
N VAL A 301 9.17 -21.67 -11.60
CA VAL A 301 9.92 -20.83 -10.68
C VAL A 301 10.89 -19.96 -11.48
N ALA A 302 11.63 -20.59 -12.37
CA ALA A 302 12.60 -19.85 -13.18
C ALA A 302 11.86 -18.80 -14.02
N ASP A 303 10.65 -19.15 -14.48
CA ASP A 303 9.81 -18.24 -15.26
C ASP A 303 9.42 -16.99 -14.47
N LEU A 304 8.89 -17.18 -13.26
CA LEU A 304 8.53 -16.05 -12.40
C LEU A 304 9.75 -15.20 -12.12
N ALA A 305 10.87 -15.86 -11.84
CA ALA A 305 12.12 -15.17 -11.53
C ALA A 305 12.52 -14.22 -12.66
N SER A 306 12.41 -14.71 -13.89
CA SER A 306 12.85 -13.93 -15.05
C SER A 306 12.10 -12.60 -15.19
N LEU A 307 10.90 -12.50 -14.63
CA LEU A 307 10.13 -11.26 -14.68
C LEU A 307 10.72 -10.19 -13.78
N TYR A 308 11.59 -10.59 -12.87
CA TYR A 308 12.07 -9.69 -11.83
C TYR A 308 13.58 -9.66 -11.74
N HIS A 309 14.23 -10.06 -12.84
CA HIS A 309 15.67 -10.03 -12.95
C HIS A 309 16.38 -11.03 -12.05
N VAL A 310 15.62 -11.96 -11.47
CA VAL A 310 16.18 -12.95 -10.58
C VAL A 310 16.79 -14.12 -11.37
N ARG A 311 17.95 -14.61 -10.93
CA ARG A 311 18.65 -15.66 -11.66
C ARG A 311 18.69 -16.99 -10.88
N THR A 312 18.86 -18.11 -11.58
CA THR A 312 18.96 -19.39 -10.87
C THR A 312 20.35 -19.61 -10.29
N GLY A 313 20.42 -20.09 -9.05
CA GLY A 313 21.69 -20.45 -8.43
C GLY A 313 21.54 -21.78 -7.71
N PHE A 314 21.23 -22.84 -8.47
CA PHE A 314 20.93 -24.15 -7.88
C PHE A 314 21.86 -24.62 -6.75
N HIS A 315 21.25 -24.91 -5.61
CA HIS A 315 21.91 -25.68 -4.55
C HIS A 315 22.52 -26.94 -5.14
N GLY A 316 23.82 -27.14 -4.94
CA GLY A 316 24.51 -28.29 -5.51
C GLY A 316 25.54 -28.89 -4.58
N PRO A 317 25.08 -29.43 -3.45
CA PRO A 317 25.96 -30.00 -2.43
C PRO A 317 26.16 -31.48 -2.70
N THR A 318 26.87 -32.18 -1.81
CA THR A 318 27.08 -33.62 -2.05
C THR A 318 25.79 -34.43 -1.82
N ASP A 319 24.82 -33.84 -1.10
CA ASP A 319 23.60 -34.55 -0.73
C ASP A 319 22.47 -34.50 -1.76
N LEU A 320 22.75 -33.88 -2.91
CA LEU A 320 21.96 -34.12 -4.13
C LEU A 320 22.81 -35.02 -5.04
N SER A 321 22.22 -36.07 -5.58
CA SER A 321 23.02 -37.05 -6.32
C SER A 321 23.43 -36.56 -7.71
N PRO A 322 24.37 -37.28 -8.35
CA PRO A 322 24.75 -36.97 -9.73
C PRO A 322 23.55 -36.97 -10.68
N VAL A 323 22.50 -37.69 -10.35
CA VAL A 323 21.27 -37.65 -11.14
C VAL A 323 20.71 -36.23 -11.17
N CYS A 324 20.49 -35.65 -10.00
CA CYS A 324 20.01 -34.26 -9.96
C CYS A 324 21.02 -33.35 -10.63
N LEU A 325 22.30 -33.63 -10.43
CA LEU A 325 23.33 -32.74 -10.95
C LEU A 325 23.31 -32.75 -12.47
N GLY A 326 23.14 -33.92 -13.06
CA GLY A 326 23.10 -34.00 -14.52
C GLY A 326 21.89 -33.26 -15.07
N ALA A 327 20.74 -33.50 -14.46
CA ALA A 327 19.48 -32.83 -14.81
C ALA A 327 19.62 -31.32 -14.65
N ALA A 328 20.29 -30.90 -13.58
CA ALA A 328 20.48 -29.49 -13.28
C ALA A 328 21.37 -28.84 -14.33
N ILE A 329 22.38 -29.57 -14.79
CA ILE A 329 23.29 -29.06 -15.79
C ILE A 329 22.58 -28.87 -17.14
N HIS A 330 21.71 -29.81 -17.49
CA HIS A 330 20.85 -29.64 -18.66
C HIS A 330 19.94 -28.41 -18.48
N PHE A 331 19.32 -28.29 -17.32
CA PHE A 331 18.41 -27.17 -17.03
C PHE A 331 19.18 -25.85 -17.14
N ASP A 332 20.37 -25.83 -16.52
CA ASP A 332 21.26 -24.66 -16.56
C ASP A 332 21.66 -24.29 -17.97
N THR A 333 21.81 -25.29 -18.83
CA THR A 333 22.23 -25.04 -20.21
C THR A 333 21.15 -24.32 -21.01
N TRP A 334 19.88 -24.57 -20.69
CA TRP A 334 18.79 -23.96 -21.45
C TRP A 334 18.21 -22.68 -20.82
N VAL A 335 18.02 -22.69 -19.51
CA VAL A 335 17.28 -21.62 -18.85
C VAL A 335 17.91 -20.27 -19.16
N PRO A 336 17.11 -19.31 -19.65
CA PRO A 336 17.66 -17.99 -20.02
C PRO A 336 18.31 -17.30 -18.81
N ASN A 337 17.57 -17.22 -17.71
CA ASN A 337 18.04 -16.53 -16.51
C ASN A 337 18.88 -17.38 -15.58
N PHE A 338 19.90 -18.04 -16.14
CA PHE A 338 20.86 -18.82 -15.36
C PHE A 338 21.82 -17.88 -14.66
N GLY A 339 22.15 -18.20 -13.40
CA GLY A 339 23.07 -17.39 -12.63
C GLY A 339 24.39 -18.10 -12.42
N ILE A 340 24.34 -19.20 -11.67
CA ILE A 340 25.52 -19.99 -11.38
C ILE A 340 25.10 -21.39 -10.95
N GLN A 341 26.02 -22.35 -11.01
CA GLN A 341 25.76 -23.71 -10.53
C GLN A 341 26.73 -24.13 -9.45
N GLU A 342 26.22 -24.38 -8.25
CA GLU A 342 27.11 -24.80 -7.17
C GLU A 342 27.72 -26.15 -7.50
N HIS A 343 29.02 -26.29 -7.21
CA HIS A 343 29.69 -27.57 -7.41
C HIS A 343 30.52 -28.00 -6.20
N MET A 344 29.98 -28.93 -5.44
CA MET A 344 30.75 -29.72 -4.48
C MET A 344 30.90 -31.12 -5.09
N PRO A 345 32.10 -31.46 -5.53
CA PRO A 345 32.29 -32.73 -6.24
C PRO A 345 31.92 -33.91 -5.36
N HIS A 346 31.22 -34.88 -5.93
CA HIS A 346 30.92 -36.12 -5.24
C HIS A 346 32.20 -36.98 -5.10
N THR A 347 32.18 -37.99 -4.25
CA THR A 347 33.33 -38.90 -4.16
C THR A 347 33.47 -39.74 -5.42
N ASP A 348 34.63 -40.35 -5.59
CA ASP A 348 34.85 -41.27 -6.70
C ASP A 348 33.82 -42.38 -6.69
N GLU A 349 33.54 -42.89 -5.50
CA GLU A 349 32.62 -44.01 -5.37
C GLU A 349 31.21 -43.62 -5.81
N THR A 350 30.75 -42.46 -5.36
CA THR A 350 29.47 -41.93 -5.79
C THR A 350 29.39 -41.82 -7.32
N ASP A 351 30.43 -41.24 -7.93
CA ASP A 351 30.46 -41.04 -9.38
C ASP A 351 30.40 -42.38 -10.12
N ALA A 352 30.94 -43.43 -9.50
CA ALA A 352 30.94 -44.73 -10.15
C ALA A 352 29.55 -45.36 -10.07
N VAL A 353 28.85 -45.14 -8.97
CA VAL A 353 27.49 -45.63 -8.84
C VAL A 353 26.52 -44.93 -9.81
N PHE A 354 26.83 -43.69 -10.19
CA PHE A 354 25.94 -42.92 -11.07
C PHE A 354 26.66 -42.47 -12.33
N PRO A 355 26.89 -43.40 -13.29
CA PRO A 355 27.62 -43.05 -14.51
C PRO A 355 26.89 -41.92 -15.25
N HIS A 356 27.66 -40.96 -15.76
CA HIS A 356 27.06 -39.76 -16.34
C HIS A 356 27.91 -39.17 -17.45
N ASP A 357 27.27 -38.39 -18.31
CA ASP A 357 28.02 -37.79 -19.42
C ASP A 357 28.21 -36.27 -19.33
N TYR A 358 27.80 -35.65 -18.23
CA TYR A 358 28.20 -34.27 -18.00
C TYR A 358 29.70 -34.27 -17.71
N ARG A 359 30.41 -33.21 -18.07
CA ARG A 359 31.82 -33.14 -17.74
C ARG A 359 32.20 -31.79 -17.18
N PHE A 360 33.18 -31.80 -16.29
CA PHE A 360 33.69 -30.58 -15.69
C PHE A 360 34.99 -30.22 -16.42
N GLU A 361 35.09 -28.99 -16.89
CA GLU A 361 36.30 -28.51 -17.53
C GLU A 361 36.54 -27.07 -17.16
N ASP A 362 37.75 -26.79 -16.69
CA ASP A 362 38.21 -25.43 -16.50
C ASP A 362 37.20 -24.55 -15.75
N GLY A 363 36.59 -25.10 -14.70
CA GLY A 363 35.71 -24.32 -13.84
C GLY A 363 34.27 -24.23 -14.30
N HIS A 364 33.95 -24.90 -15.40
CA HIS A 364 32.58 -24.92 -15.93
C HIS A 364 32.11 -26.35 -16.18
N PHE A 365 30.80 -26.56 -16.17
CA PHE A 365 30.23 -27.82 -16.64
C PHE A 365 29.85 -27.73 -18.09
N LEU A 366 29.94 -28.87 -18.79
CA LEU A 366 29.41 -29.05 -20.13
C LEU A 366 28.31 -30.10 -20.06
N ALA A 367 27.15 -29.78 -20.64
CA ALA A 367 26.02 -30.70 -20.63
C ALA A 367 26.33 -31.95 -21.43
N GLY A 368 25.75 -33.06 -21.02
CA GLY A 368 25.89 -34.30 -21.76
C GLY A 368 25.19 -34.19 -23.09
N GLU A 369 25.53 -35.08 -24.03
CA GLU A 369 24.88 -35.10 -25.33
C GLU A 369 24.05 -36.35 -25.58
N SER A 370 24.12 -37.31 -24.65
CA SER A 370 23.29 -38.51 -24.70
C SER A 370 21.84 -38.15 -24.46
N PRO A 371 20.91 -38.93 -25.03
CA PRO A 371 19.46 -38.79 -24.81
C PRO A 371 19.12 -39.05 -23.34
N GLY A 372 18.21 -38.26 -22.78
CA GLY A 372 17.90 -38.33 -21.37
C GLY A 372 18.66 -37.22 -20.67
N HIS A 373 18.65 -37.21 -19.34
CA HIS A 373 19.52 -36.30 -18.60
C HIS A 373 20.96 -36.82 -18.57
N GLY A 374 21.17 -38.00 -19.12
CA GLY A 374 22.52 -38.53 -19.31
C GLY A 374 23.14 -39.15 -18.08
N VAL A 375 22.33 -39.39 -17.06
CA VAL A 375 22.81 -40.06 -15.85
C VAL A 375 22.14 -41.43 -15.71
N ASP A 376 22.92 -42.43 -15.30
CA ASP A 376 22.37 -43.75 -15.00
C ASP A 376 22.62 -44.14 -13.54
N ILE A 377 22.03 -45.25 -13.11
CA ILE A 377 22.42 -45.87 -11.87
C ILE A 377 22.88 -47.32 -12.09
N ASP A 378 24.09 -47.60 -11.61
CA ASP A 378 24.68 -48.93 -11.68
C ASP A 378 24.11 -49.68 -10.49
N GLU A 379 23.03 -50.41 -10.72
CA GLU A 379 22.34 -51.07 -9.63
C GLU A 379 23.18 -52.10 -8.88
N GLU A 380 24.00 -52.86 -9.61
CA GLU A 380 24.84 -53.86 -8.95
C GLU A 380 25.85 -53.20 -8.02
N LEU A 381 26.41 -52.08 -8.47
CA LEU A 381 27.40 -51.37 -7.66
C LEU A 381 26.71 -50.67 -6.49
N ALA A 382 25.54 -50.11 -6.74
CA ALA A 382 24.80 -49.40 -5.70
C ALA A 382 24.50 -50.34 -4.51
N ALA A 383 24.26 -51.60 -4.86
CA ALA A 383 23.94 -52.64 -3.88
C ALA A 383 25.09 -52.98 -2.93
N LYS A 384 26.31 -52.63 -3.30
CA LYS A 384 27.46 -52.89 -2.44
C LYS A 384 27.63 -51.90 -1.28
N TYR A 385 26.78 -50.88 -1.23
CA TYR A 385 26.90 -49.83 -0.22
C TYR A 385 25.58 -49.66 0.54
N PRO A 386 25.40 -50.40 1.64
CA PRO A 386 24.14 -50.33 2.38
C PRO A 386 23.98 -48.98 3.07
N TYR A 387 22.72 -48.55 3.19
CA TYR A 387 22.36 -47.31 3.85
C TYR A 387 23.01 -47.20 5.23
N GLU A 388 23.47 -46.00 5.59
CA GLU A 388 23.97 -45.74 6.94
C GLU A 388 23.39 -44.44 7.47
N ARG A 389 22.66 -44.51 8.58
CA ARG A 389 22.00 -43.34 9.13
C ARG A 389 23.01 -42.21 9.39
N ALA A 390 22.66 -41.00 8.96
CA ALA A 390 23.51 -39.83 9.24
C ALA A 390 22.66 -38.56 9.30
N SER A 391 22.79 -37.81 10.39
CA SER A 391 21.95 -36.64 10.61
C SER A 391 22.71 -35.33 10.48
N LEU A 392 22.01 -34.29 10.03
CA LEU A 392 22.56 -32.94 10.02
C LEU A 392 22.71 -32.41 11.44
N PRO A 393 23.68 -31.50 11.66
CA PRO A 393 23.92 -30.97 13.00
C PRO A 393 22.83 -29.99 13.46
N VAL A 394 22.75 -29.77 14.77
CA VAL A 394 21.95 -28.65 15.27
C VAL A 394 22.89 -27.61 15.83
N ASN A 395 22.40 -26.39 15.95
CA ASN A 395 23.19 -25.26 16.40
C ASN A 395 22.56 -24.79 17.71
N ARG A 396 23.39 -24.45 18.70
CA ARG A 396 22.88 -23.85 19.93
C ARG A 396 23.67 -22.61 20.26
N LEU A 397 23.01 -21.58 20.77
CA LEU A 397 23.72 -20.40 21.24
C LEU A 397 24.46 -20.77 22.53
N GLU A 398 25.24 -19.83 23.06
CA GLU A 398 26.08 -20.11 24.22
C GLU A 398 25.28 -20.38 25.50
N ASP A 399 24.05 -19.88 25.58
CA ASP A 399 23.20 -20.16 26.73
C ASP A 399 22.41 -21.47 26.58
N GLY A 400 22.58 -22.13 25.43
CA GLY A 400 21.94 -23.40 25.17
C GLY A 400 20.72 -23.31 24.29
N THR A 401 20.31 -22.08 23.94
CA THR A 401 19.14 -21.88 23.09
C THR A 401 19.29 -22.65 21.78
N LEU A 402 18.29 -23.46 21.43
CA LEU A 402 18.34 -24.14 20.16
C LEU A 402 18.10 -23.16 19.00
N TRP A 403 19.11 -23.04 18.15
CA TRP A 403 19.17 -22.01 17.12
C TRP A 403 19.11 -22.64 15.75
N HIS A 404 19.41 -21.84 14.74
CA HIS A 404 19.36 -22.26 13.37
C HIS A 404 20.74 -22.71 12.95
N TRP A 405 20.82 -23.92 12.39
CA TRP A 405 22.10 -24.41 11.91
C TRP A 405 22.30 -24.03 10.46
N LEU B 3 -7.57 21.58 -45.50
CA LEU B 3 -7.45 21.05 -46.85
C LEU B 3 -7.19 19.55 -46.86
N LYS B 4 -7.70 18.88 -47.90
CA LYS B 4 -7.67 17.44 -47.99
C LYS B 4 -6.29 16.91 -48.37
N ILE B 5 -6.01 15.67 -47.96
CA ILE B 5 -4.77 15.02 -48.36
C ILE B 5 -4.91 14.51 -49.79
N ARG B 6 -3.98 14.96 -50.65
CA ARG B 6 -4.00 14.59 -52.06
C ARG B 6 -3.13 13.37 -52.32
N ASP B 7 -2.00 13.30 -51.63
CA ASP B 7 -1.08 12.19 -51.83
C ASP B 7 -0.25 11.99 -50.58
N ALA B 8 0.23 10.77 -50.42
CA ALA B 8 1.07 10.44 -49.28
C ALA B 8 1.95 9.28 -49.65
N TYR B 9 3.22 9.34 -49.27
CA TYR B 9 4.15 8.27 -49.63
C TYR B 9 5.41 8.31 -48.79
N THR B 10 6.12 7.20 -48.75
CA THR B 10 7.36 7.12 -47.99
C THR B 10 8.55 7.33 -48.91
N ILE B 11 9.61 7.93 -48.39
CA ILE B 11 10.87 7.99 -49.08
C ILE B 11 11.90 7.29 -48.23
N VAL B 12 12.64 6.38 -48.84
CA VAL B 12 13.69 5.66 -48.14
C VAL B 12 15.05 6.02 -48.75
N THR B 13 16.02 6.37 -47.91
CA THR B 13 17.32 6.85 -48.37
C THR B 13 18.42 6.50 -47.37
N CYS B 14 19.66 6.45 -47.86
CA CYS B 14 20.79 6.06 -47.02
C CYS B 14 22.02 6.95 -47.24
N PRO B 15 21.92 8.24 -46.85
CA PRO B 15 23.03 9.18 -46.98
C PRO B 15 24.01 9.00 -45.84
N GLY B 16 24.61 7.81 -45.73
CA GLY B 16 25.44 7.47 -44.59
C GLY B 16 24.78 6.48 -43.63
N ARG B 17 23.45 6.47 -43.59
CA ARG B 17 22.67 5.51 -42.83
C ARG B 17 21.22 5.61 -43.26
N ASN B 18 20.45 4.56 -43.04
CA ASN B 18 19.05 4.53 -43.48
C ASN B 18 18.13 5.52 -42.79
N PHE B 19 17.31 6.21 -43.58
CA PHE B 19 16.22 7.01 -43.04
C PHE B 19 14.95 6.73 -43.82
N VAL B 20 13.84 6.65 -43.10
CA VAL B 20 12.53 6.52 -43.73
C VAL B 20 11.72 7.77 -43.39
N THR B 21 11.15 8.38 -44.41
CA THR B 21 10.40 9.62 -44.26
C THR B 21 9.01 9.47 -44.86
N LEU B 22 7.99 9.95 -44.15
CA LEU B 22 6.66 10.03 -44.72
C LEU B 22 6.46 11.43 -45.24
N LYS B 23 5.98 11.54 -46.48
CA LYS B 23 5.57 12.84 -47.02
C LYS B 23 4.06 12.86 -47.29
N ILE B 24 3.42 13.92 -46.82
CA ILE B 24 1.99 14.10 -47.01
C ILE B 24 1.79 15.38 -47.80
N VAL B 25 1.01 15.29 -48.86
CA VAL B 25 0.77 16.44 -49.74
C VAL B 25 -0.73 16.78 -49.78
N THR B 26 -1.07 18.01 -49.40
CA THR B 26 -2.47 18.43 -49.39
C THR B 26 -2.87 18.96 -50.77
N GLU B 27 -4.17 19.21 -50.98
CA GLU B 27 -4.66 19.61 -52.29
C GLU B 27 -4.09 20.93 -52.80
N SER B 28 -3.53 21.73 -51.91
CA SER B 28 -2.93 22.99 -52.30
C SER B 28 -1.50 22.78 -52.83
N GLY B 29 -1.00 21.55 -52.73
CA GLY B 29 0.40 21.30 -53.04
C GLY B 29 1.31 21.49 -51.83
N THR B 30 0.73 21.95 -50.73
CA THR B 30 1.50 22.10 -49.48
C THR B 30 1.86 20.72 -48.95
N HIS B 31 3.05 20.58 -48.40
CA HIS B 31 3.45 19.27 -47.91
C HIS B 31 3.93 19.30 -46.45
N GLY B 32 3.78 18.17 -45.77
CA GLY B 32 4.40 17.97 -44.48
C GLY B 32 5.24 16.71 -44.53
N ILE B 33 6.34 16.69 -43.78
CA ILE B 33 7.14 15.47 -43.65
C ILE B 33 7.29 15.02 -42.20
N GLY B 34 7.44 13.71 -42.03
CA GLY B 34 7.58 13.12 -40.70
C GLY B 34 8.59 11.99 -40.73
N ASP B 35 9.44 11.94 -39.71
CA ASP B 35 10.41 10.84 -39.57
C ASP B 35 9.72 9.52 -39.23
N ALA B 36 10.12 8.46 -39.91
CA ALA B 36 9.58 7.13 -39.66
C ALA B 36 10.71 6.11 -39.48
N THR B 37 11.91 6.60 -39.18
CA THR B 37 13.08 5.72 -39.12
C THR B 37 13.10 4.91 -37.83
N LEU B 38 13.14 3.59 -37.95
CA LEU B 38 13.22 2.67 -36.79
C LEU B 38 14.45 1.79 -36.96
N ASN B 39 15.54 2.12 -36.27
CA ASN B 39 16.85 1.54 -36.58
C ASN B 39 16.82 0.02 -36.56
N GLY B 40 17.33 -0.58 -37.64
CA GLY B 40 17.46 -2.01 -37.72
C GLY B 40 16.19 -2.71 -38.14
N ARG B 41 15.07 -1.97 -38.15
CA ARG B 41 13.79 -2.56 -38.52
C ARG B 41 13.06 -1.68 -39.55
N GLU B 42 13.83 -0.93 -40.35
CA GLU B 42 13.29 0.17 -41.14
C GLU B 42 12.15 -0.20 -42.11
N MET B 43 12.27 -1.35 -42.77
CA MET B 43 11.28 -1.75 -43.76
C MET B 43 9.95 -2.22 -43.15
N ALA B 44 9.97 -2.62 -41.88
CA ALA B 44 8.73 -2.91 -41.19
C ALA B 44 7.83 -1.68 -41.15
N VAL B 45 8.42 -0.54 -40.78
CA VAL B 45 7.67 0.70 -40.70
C VAL B 45 7.26 1.18 -42.10
N ALA B 46 8.19 1.07 -43.05
CA ALA B 46 7.91 1.47 -44.43
C ALA B 46 6.68 0.72 -44.97
N ALA B 47 6.65 -0.60 -44.79
CA ALA B 47 5.49 -1.38 -45.23
C ALA B 47 4.23 -1.05 -44.43
N TYR B 48 4.38 -0.81 -43.13
CA TYR B 48 3.23 -0.51 -42.30
C TYR B 48 2.59 0.73 -42.89
N LEU B 49 3.42 1.72 -43.21
CA LEU B 49 2.95 2.92 -43.86
C LEU B 49 2.42 2.71 -45.28
N ASP B 50 3.26 2.15 -46.16
CA ASP B 50 2.89 2.02 -47.58
C ASP B 50 1.61 1.23 -47.78
N GLU B 51 1.50 0.11 -47.08
CA GLU B 51 0.42 -0.85 -47.32
C GLU B 51 -0.83 -0.64 -46.50
N HIS B 52 -0.71 0.01 -45.34
CA HIS B 52 -1.84 0.05 -44.41
C HIS B 52 -2.29 1.41 -43.91
N VAL B 53 -1.38 2.37 -43.84
CA VAL B 53 -1.78 3.71 -43.41
C VAL B 53 -2.00 4.67 -44.59
N VAL B 54 -1.04 4.74 -45.50
CA VAL B 54 -1.11 5.69 -46.63
C VAL B 54 -2.40 5.68 -47.46
N PRO B 55 -2.93 4.49 -47.79
CA PRO B 55 -4.19 4.47 -48.53
C PRO B 55 -5.38 5.02 -47.74
N ALA B 56 -5.32 4.94 -46.41
CA ALA B 56 -6.38 5.48 -45.55
C ALA B 56 -6.25 6.98 -45.31
N LEU B 57 -5.08 7.53 -45.64
CA LEU B 57 -4.85 8.97 -45.51
C LEU B 57 -5.46 9.75 -46.67
N ILE B 58 -5.55 9.13 -47.83
CA ILE B 58 -5.97 9.87 -49.03
C ILE B 58 -7.39 10.41 -48.90
N GLY B 59 -7.54 11.72 -49.06
CA GLY B 59 -8.83 12.36 -48.98
C GLY B 59 -9.19 12.83 -47.59
N ARG B 60 -8.37 12.52 -46.59
CA ARG B 60 -8.67 12.95 -45.22
C ARG B 60 -8.38 14.43 -45.03
N ASP B 61 -9.08 15.03 -44.08
CA ASP B 61 -8.83 16.42 -43.71
C ASP B 61 -7.51 16.52 -42.91
N ALA B 62 -6.50 17.13 -43.52
CA ALA B 62 -5.17 17.19 -42.91
C ALA B 62 -5.18 18.01 -41.62
N GLY B 63 -6.18 18.88 -41.46
CA GLY B 63 -6.23 19.73 -40.30
C GLY B 63 -6.65 18.97 -39.05
N ARG B 64 -7.26 17.81 -39.23
CA ARG B 64 -7.77 17.02 -38.10
C ARG B 64 -6.69 16.11 -37.53
N ILE B 65 -5.71 16.73 -36.89
CA ILE B 65 -4.55 16.01 -36.41
C ILE B 65 -4.95 15.02 -35.32
N GLU B 66 -5.73 15.50 -34.36
CA GLU B 66 -6.11 14.67 -33.21
C GLU B 66 -6.94 13.48 -33.66
N ASP B 67 -7.88 13.72 -34.56
CA ASP B 67 -8.74 12.64 -35.05
C ASP B 67 -7.88 11.61 -35.76
N THR B 68 -6.91 12.09 -36.53
CA THR B 68 -6.09 11.18 -37.30
C THR B 68 -5.22 10.33 -36.37
N TRP B 69 -4.68 10.95 -35.32
CA TRP B 69 -3.92 10.19 -34.31
C TRP B 69 -4.75 9.07 -33.70
N GLN B 70 -5.94 9.40 -33.21
CA GLN B 70 -6.82 8.39 -32.60
C GLN B 70 -7.25 7.33 -33.63
N TYR B 71 -7.55 7.77 -34.84
CA TYR B 71 -7.97 6.88 -35.92
C TYR B 71 -6.90 5.85 -36.23
N LEU B 72 -5.64 6.29 -36.19
CA LEU B 72 -4.52 5.39 -36.46
C LEU B 72 -4.20 4.50 -35.25
N TYR B 73 -4.16 5.13 -34.07
CA TYR B 73 -3.81 4.42 -32.84
C TYR B 73 -4.87 3.41 -32.43
N ARG B 74 -6.10 3.87 -32.25
CA ARG B 74 -7.20 2.99 -31.87
C ARG B 74 -7.62 2.13 -33.06
N GLY B 75 -7.59 2.73 -34.24
CA GLY B 75 -8.10 2.06 -35.44
C GLY B 75 -7.29 0.85 -35.83
N ALA B 76 -5.99 0.89 -35.57
CA ALA B 76 -5.15 -0.26 -35.90
C ALA B 76 -5.58 -1.54 -35.17
N TYR B 77 -6.32 -1.37 -34.07
CA TYR B 77 -6.80 -2.45 -33.18
C TYR B 77 -5.70 -3.04 -32.31
N TRP B 78 -4.57 -3.38 -32.94
CA TRP B 78 -3.40 -3.80 -32.22
C TRP B 78 -2.66 -2.54 -31.79
N ARG B 79 -2.72 -2.20 -30.52
CA ARG B 79 -2.21 -0.91 -30.03
C ARG B 79 -0.79 -0.95 -29.47
N ARG B 80 -0.08 0.15 -29.66
CA ARG B 80 1.26 0.38 -29.13
C ARG B 80 2.30 -0.37 -29.93
N GLY B 81 3.57 -0.23 -29.54
CA GLY B 81 4.64 -0.99 -30.18
C GLY B 81 5.52 -0.13 -31.06
N PRO B 82 6.76 -0.58 -31.32
CA PRO B 82 7.81 0.12 -32.06
C PRO B 82 7.42 0.48 -33.49
N VAL B 83 6.92 -0.49 -34.25
CA VAL B 83 6.58 -0.28 -35.64
C VAL B 83 5.32 0.55 -35.73
N THR B 84 4.33 0.16 -34.95
CA THR B 84 3.03 0.84 -34.89
C THR B 84 3.17 2.33 -34.53
N MET B 85 3.88 2.64 -33.46
CA MET B 85 3.94 4.01 -32.95
C MET B 85 4.84 4.93 -33.78
N THR B 86 5.84 4.35 -34.46
CA THR B 86 6.67 5.13 -35.37
C THR B 86 5.89 5.54 -36.62
N ALA B 87 5.04 4.64 -37.12
CA ALA B 87 4.20 4.97 -38.26
C ALA B 87 3.28 6.11 -37.88
N ILE B 88 2.75 6.05 -36.67
CA ILE B 88 1.81 7.07 -36.22
C ILE B 88 2.53 8.39 -36.01
N ALA B 89 3.77 8.32 -35.57
CA ALA B 89 4.54 9.53 -35.31
C ALA B 89 4.90 10.25 -36.62
N ALA B 90 5.20 9.46 -37.65
CA ALA B 90 5.51 10.01 -38.97
C ALA B 90 4.32 10.81 -39.48
N VAL B 91 3.13 10.23 -39.35
CA VAL B 91 1.93 10.90 -39.80
C VAL B 91 1.70 12.16 -38.96
N ASP B 92 1.81 12.01 -37.65
CA ASP B 92 1.53 13.09 -36.71
C ASP B 92 2.49 14.23 -36.94
N MET B 93 3.75 13.90 -37.20
CA MET B 93 4.75 14.91 -37.37
C MET B 93 4.54 15.68 -38.69
N ALA B 94 4.15 14.97 -39.73
CA ALA B 94 3.90 15.60 -41.03
C ALA B 94 2.66 16.48 -40.97
N LEU B 95 1.69 16.08 -40.15
CA LEU B 95 0.47 16.87 -40.03
C LEU B 95 0.72 18.18 -39.28
N TRP B 96 1.54 18.12 -38.24
CA TRP B 96 1.91 19.32 -37.47
C TRP B 96 2.76 20.29 -38.28
N ASP B 97 3.59 19.74 -39.16
CA ASP B 97 4.36 20.51 -40.12
C ASP B 97 3.37 21.29 -41.00
N ILE B 98 2.40 20.56 -41.55
CA ILE B 98 1.35 21.15 -42.38
C ILE B 98 0.57 22.23 -41.61
N LYS B 99 0.21 21.92 -40.36
CA LYS B 99 -0.61 22.85 -39.58
C LYS B 99 0.19 24.09 -39.22
N ALA B 100 1.48 23.90 -38.94
CA ALA B 100 2.30 25.06 -38.62
C ALA B 100 2.46 25.95 -39.85
N LYS B 101 2.53 25.33 -41.03
CA LYS B 101 2.60 26.11 -42.28
C LYS B 101 1.30 26.88 -42.54
N ALA B 102 0.16 26.24 -42.31
CA ALA B 102 -1.13 26.89 -42.46
C ALA B 102 -1.24 28.07 -41.49
N ALA B 103 -0.64 27.92 -40.31
CA ALA B 103 -0.63 28.98 -39.31
C ALA B 103 0.34 30.10 -39.69
N GLY B 104 1.25 29.81 -40.62
CA GLY B 104 2.34 30.70 -40.94
C GLY B 104 3.29 30.95 -39.78
N MET B 105 3.51 29.92 -38.95
CA MET B 105 4.36 30.05 -37.77
C MET B 105 5.32 28.87 -37.68
N PRO B 106 6.55 29.10 -37.16
CA PRO B 106 7.37 27.94 -36.79
C PRO B 106 6.66 27.11 -35.71
N LEU B 107 6.95 25.83 -35.66
CA LEU B 107 6.23 24.93 -34.77
C LEU B 107 6.22 25.32 -33.28
N TYR B 108 7.33 25.82 -32.73
CA TYR B 108 7.33 26.12 -31.28
C TYR B 108 6.20 27.12 -30.92
N GLN B 109 5.82 27.95 -31.89
CA GLN B 109 4.80 28.97 -31.66
C GLN B 109 3.40 28.40 -31.50
N LEU B 110 3.08 27.33 -32.23
CA LEU B 110 1.77 26.68 -32.12
C LEU B 110 1.66 25.90 -30.83
N LEU B 111 2.80 25.45 -30.34
CA LEU B 111 2.85 24.64 -29.14
C LEU B 111 2.61 25.45 -27.89
N GLY B 112 2.89 26.75 -27.95
CA GLY B 112 2.75 27.59 -26.77
C GLY B 112 3.75 28.72 -26.73
N GLY B 113 4.61 28.81 -27.74
CA GLY B 113 5.61 29.87 -27.79
C GLY B 113 6.90 29.45 -27.11
N LYS B 114 7.94 30.28 -27.19
CA LYS B 114 9.21 29.90 -26.58
C LYS B 114 9.27 30.05 -25.06
N SER B 115 9.87 29.05 -24.41
CA SER B 115 10.10 29.08 -22.97
C SER B 115 11.56 29.35 -22.66
N ARG B 116 12.40 29.33 -23.70
CA ARG B 116 13.83 29.51 -23.51
C ARG B 116 14.43 30.04 -24.80
N GLU B 117 15.58 30.70 -24.71
CA GLU B 117 16.20 31.33 -25.87
C GLU B 117 17.07 30.37 -26.66
N ARG B 118 17.47 29.28 -26.03
CA ARG B 118 18.35 28.31 -26.66
C ARG B 118 18.17 26.96 -26.00
N VAL B 119 18.51 25.89 -26.72
CA VAL B 119 18.30 24.56 -26.20
C VAL B 119 19.63 23.84 -25.97
N MET B 120 19.92 23.57 -24.70
CA MET B 120 21.17 22.95 -24.31
C MET B 120 21.26 21.53 -24.86
N THR B 121 22.45 21.15 -25.33
CA THR B 121 22.64 19.80 -25.83
C THR B 121 23.76 19.09 -25.08
N TYR B 122 23.89 17.80 -25.33
CA TYR B 122 25.08 17.08 -24.90
C TYR B 122 25.70 16.34 -26.08
N ALA B 123 27.02 16.25 -26.07
CA ALA B 123 27.78 15.60 -27.12
C ALA B 123 28.25 14.22 -26.68
N HIS B 124 28.55 13.36 -27.65
CA HIS B 124 29.11 12.03 -27.36
C HIS B 124 30.63 12.09 -27.30
N CYS B 125 31.18 11.72 -26.16
CA CYS B 125 32.62 11.61 -26.00
C CYS B 125 32.96 10.16 -25.67
N THR B 126 33.51 9.45 -26.65
CA THR B 126 33.86 8.05 -26.42
C THR B 126 35.33 7.82 -26.76
N GLY B 127 35.92 6.81 -26.12
CA GLY B 127 37.29 6.46 -26.39
C GLY B 127 37.53 5.04 -25.93
N GLN B 128 38.52 4.37 -26.51
CA GLN B 128 38.86 3.03 -26.05
C GLN B 128 39.42 3.11 -24.65
N THR B 129 40.29 4.08 -24.40
CA THR B 129 40.85 4.27 -23.07
C THR B 129 40.22 5.50 -22.41
N ILE B 130 40.36 5.62 -21.11
CA ILE B 130 39.84 6.78 -20.40
C ILE B 130 40.41 8.05 -21.02
N GLU B 131 41.70 8.04 -21.31
CA GLU B 131 42.39 9.23 -21.81
C GLU B 131 41.83 9.65 -23.17
N ASP B 132 41.47 8.67 -23.99
CA ASP B 132 40.86 8.97 -25.29
C ASP B 132 39.56 9.71 -25.08
N CYS B 133 38.77 9.23 -24.12
CA CYS B 133 37.52 9.86 -23.77
C CYS B 133 37.76 11.29 -23.32
N LEU B 134 38.73 11.49 -22.42
CA LEU B 134 39.03 12.81 -21.92
C LEU B 134 39.47 13.76 -23.05
N GLY B 135 40.12 13.19 -24.06
CA GLY B 135 40.50 13.97 -25.23
C GLY B 135 39.28 14.47 -25.97
N GLU B 136 38.31 13.58 -26.17
CA GLU B 136 37.06 13.95 -26.80
C GLU B 136 36.34 15.03 -25.99
N VAL B 137 36.32 14.88 -24.67
CA VAL B 137 35.70 15.87 -23.81
C VAL B 137 36.29 17.27 -24.06
N ALA B 138 37.60 17.36 -24.11
CA ALA B 138 38.26 18.63 -24.38
C ALA B 138 37.83 19.19 -25.74
N ARG B 139 37.93 18.38 -26.79
CA ARG B 139 37.53 18.85 -28.11
C ARG B 139 36.08 19.36 -28.14
N HIS B 140 35.18 18.68 -27.45
CA HIS B 140 33.77 19.09 -27.46
C HIS B 140 33.51 20.31 -26.58
N VAL B 141 34.26 20.45 -25.50
CA VAL B 141 34.16 21.63 -24.65
C VAL B 141 34.57 22.86 -25.45
N GLU B 142 35.54 22.67 -26.34
CA GLU B 142 36.03 23.75 -27.18
C GLU B 142 34.98 24.14 -28.22
N LEU B 143 34.16 23.17 -28.63
CA LEU B 143 33.06 23.42 -29.54
C LEU B 143 31.90 24.13 -28.86
N GLY B 144 31.95 24.19 -27.53
CA GLY B 144 30.96 24.92 -26.76
C GLY B 144 30.01 24.06 -25.95
N TYR B 145 30.12 22.74 -26.09
CA TYR B 145 29.23 21.84 -25.35
C TYR B 145 29.40 22.02 -23.83
N ARG B 146 28.28 22.18 -23.12
CA ARG B 146 28.28 22.34 -21.67
C ARG B 146 28.02 21.01 -20.98
N ALA B 147 27.70 20.01 -21.79
CA ALA B 147 27.36 18.69 -21.28
C ALA B 147 27.96 17.65 -22.20
N VAL B 148 28.47 16.59 -21.61
CA VAL B 148 29.05 15.51 -22.40
C VAL B 148 28.62 14.15 -21.87
N ARG B 149 28.31 13.25 -22.79
CA ARG B 149 28.10 11.85 -22.44
C ARG B 149 29.43 11.14 -22.61
N VAL B 150 29.87 10.47 -21.55
CA VAL B 150 31.18 9.83 -21.55
C VAL B 150 31.12 8.31 -21.48
N GLN B 151 31.87 7.66 -22.37
CA GLN B 151 31.90 6.22 -22.46
C GLN B 151 33.35 5.84 -22.76
N SER B 152 33.82 4.73 -22.18
CA SER B 152 35.17 4.24 -22.47
C SER B 152 35.23 2.72 -22.42
N GLY B 153 36.28 2.15 -23.01
CA GLY B 153 36.42 0.72 -23.07
C GLY B 153 36.62 0.13 -21.70
N VAL B 154 36.20 -1.13 -21.55
CA VAL B 154 36.34 -1.84 -20.28
C VAL B 154 37.46 -2.88 -20.33
N PRO B 155 38.50 -2.70 -19.51
CA PRO B 155 39.62 -3.64 -19.45
C PRO B 155 39.16 -5.10 -19.36
N GLY B 156 39.75 -5.97 -20.17
CA GLY B 156 39.33 -7.36 -20.24
C GLY B 156 38.03 -7.52 -21.01
N GLU B 172 28.25 4.53 -35.69
CA GLU B 172 27.04 3.90 -36.16
C GLU B 172 26.90 2.53 -35.54
N PRO B 173 26.16 2.44 -34.43
CA PRO B 173 25.88 1.16 -33.78
C PRO B 173 25.38 0.16 -34.81
N ALA B 174 24.44 0.60 -35.64
CA ALA B 174 23.90 -0.24 -36.70
C ALA B 174 24.91 -0.27 -37.84
N ASP B 175 25.92 -1.12 -37.68
CA ASP B 175 27.11 -1.04 -38.51
C ASP B 175 27.37 -2.34 -39.30
N SER B 176 26.38 -3.22 -39.36
CA SER B 176 26.55 -4.55 -39.94
C SER B 176 25.25 -5.01 -40.60
N SER B 177 25.35 -5.84 -41.64
CA SER B 177 24.14 -6.24 -42.35
C SER B 177 23.26 -7.12 -41.46
N LEU B 178 23.90 -8.05 -40.75
CA LEU B 178 23.25 -8.84 -39.72
C LEU B 178 23.90 -8.41 -38.42
N PRO B 179 23.22 -8.65 -37.29
CA PRO B 179 23.74 -8.13 -36.02
C PRO B 179 25.15 -8.62 -35.74
N ALA B 180 26.03 -7.69 -35.43
CA ALA B 180 27.36 -8.02 -34.96
C ALA B 180 27.23 -8.53 -33.52
N GLU B 181 28.16 -9.37 -33.09
CA GLU B 181 28.05 -9.97 -31.76
C GLU B 181 29.18 -9.52 -30.85
N HIS B 182 28.80 -9.02 -29.68
CA HIS B 182 29.74 -8.52 -28.69
C HIS B 182 29.69 -9.39 -27.44
N VAL B 183 30.80 -9.38 -26.70
CA VAL B 183 30.91 -10.10 -25.43
C VAL B 183 30.84 -9.09 -24.29
N TRP B 184 30.11 -9.43 -23.24
CA TRP B 184 29.88 -8.51 -22.16
C TRP B 184 30.27 -9.13 -20.82
N SER B 185 30.92 -8.35 -19.97
CA SER B 185 31.13 -8.74 -18.56
C SER B 185 30.66 -7.63 -17.63
N THR B 186 29.62 -7.90 -16.84
CA THR B 186 29.12 -6.90 -15.90
C THR B 186 30.12 -6.53 -14.79
N GLU B 187 30.75 -7.51 -14.15
CA GLU B 187 31.63 -7.18 -13.03
C GLU B 187 32.82 -6.32 -13.43
N LYS B 188 33.37 -6.59 -14.62
CA LYS B 188 34.50 -5.80 -15.11
C LYS B 188 34.08 -4.35 -15.35
N TYR B 189 32.92 -4.19 -15.96
CA TYR B 189 32.33 -2.87 -16.16
C TYR B 189 32.14 -2.16 -14.82
N LEU B 190 31.51 -2.85 -13.87
CA LEU B 190 31.15 -2.22 -12.61
C LEU B 190 32.39 -1.75 -11.85
N ASN B 191 33.45 -2.54 -11.91
CA ASN B 191 34.70 -2.15 -11.26
C ASN B 191 35.42 -1.04 -11.99
N HIS B 192 35.21 -0.95 -13.30
CA HIS B 192 35.93 0.06 -14.08
C HIS B 192 35.26 1.43 -14.15
N ALA B 193 33.94 1.43 -14.27
CA ALA B 193 33.21 2.64 -14.67
C ALA B 193 33.46 3.89 -13.79
N PRO B 194 33.47 3.72 -12.46
CA PRO B 194 33.67 4.89 -11.60
C PRO B 194 35.01 5.60 -11.82
N LYS B 195 36.01 4.88 -12.34
CA LYS B 195 37.31 5.48 -12.64
C LYS B 195 37.22 6.52 -13.76
N LEU B 196 36.40 6.23 -14.76
CA LEU B 196 36.19 7.19 -15.85
C LEU B 196 35.70 8.51 -15.29
N PHE B 197 34.59 8.47 -14.55
CA PHE B 197 34.00 9.71 -14.05
C PHE B 197 34.95 10.47 -13.15
N ALA B 198 35.67 9.75 -12.30
CA ALA B 198 36.71 10.35 -11.46
C ALA B 198 37.73 11.13 -12.30
N ALA B 199 38.20 10.51 -13.38
CA ALA B 199 39.16 11.16 -14.28
C ALA B 199 38.58 12.42 -14.92
N VAL B 200 37.34 12.33 -15.41
CA VAL B 200 36.66 13.48 -15.98
C VAL B 200 36.59 14.63 -14.97
N ARG B 201 36.19 14.35 -13.74
CA ARG B 201 36.08 15.41 -12.73
C ARG B 201 37.45 15.97 -12.38
N GLU B 202 38.44 15.09 -12.30
CA GLU B 202 39.80 15.47 -11.97
C GLU B 202 40.37 16.41 -13.05
N ARG B 203 40.00 16.18 -14.30
CA ARG B 203 40.54 17.01 -15.38
C ARG B 203 39.70 18.24 -15.71
N PHE B 204 38.38 18.10 -15.65
CA PHE B 204 37.48 19.14 -16.15
C PHE B 204 36.72 19.92 -15.08
N GLY B 205 36.79 19.47 -13.84
CA GLY B 205 36.16 20.21 -12.76
C GLY B 205 34.67 19.95 -12.60
N ASP B 206 34.03 20.79 -11.81
CA ASP B 206 32.68 20.53 -11.36
C ASP B 206 31.57 21.18 -12.18
N ASP B 207 31.93 22.04 -13.14
CA ASP B 207 30.93 22.80 -13.90
C ASP B 207 30.33 22.00 -15.06
N LEU B 208 31.12 21.08 -15.59
CA LEU B 208 30.70 20.26 -16.71
C LEU B 208 29.53 19.35 -16.32
N HIS B 209 28.51 19.27 -17.17
CA HIS B 209 27.46 18.28 -16.96
C HIS B 209 27.99 16.98 -17.53
N VAL B 210 28.01 15.90 -16.73
CA VAL B 210 28.56 14.62 -17.19
C VAL B 210 27.51 13.51 -17.19
N LEU B 211 27.23 12.95 -18.36
CA LEU B 211 26.20 11.94 -18.52
C LEU B 211 26.83 10.58 -18.80
N HIS B 212 26.10 9.51 -18.51
CA HIS B 212 26.58 8.17 -18.80
C HIS B 212 25.44 7.21 -19.10
N ASP B 213 25.64 6.40 -20.13
CA ASP B 213 24.59 5.52 -20.61
C ASP B 213 25.00 4.10 -20.27
N VAL B 214 24.36 3.48 -19.29
CA VAL B 214 24.76 2.13 -18.94
C VAL B 214 24.19 1.13 -19.95
N HIS B 215 23.18 1.56 -20.70
CA HIS B 215 22.72 0.85 -21.89
C HIS B 215 22.26 -0.60 -21.62
N HIS B 216 21.42 -0.75 -20.59
CA HIS B 216 20.57 -1.93 -20.36
C HIS B 216 21.24 -3.16 -19.74
N ARG B 217 22.50 -3.06 -19.35
CA ARG B 217 23.26 -4.28 -19.11
C ARG B 217 23.20 -4.80 -17.67
N LEU B 218 22.60 -4.01 -16.78
CA LEU B 218 22.65 -4.25 -15.35
C LEU B 218 21.32 -4.81 -14.80
N THR B 219 21.39 -5.50 -13.66
CA THR B 219 20.17 -5.82 -12.92
C THR B 219 19.98 -4.66 -11.95
N PRO B 220 18.76 -4.50 -11.40
CA PRO B 220 18.54 -3.34 -10.51
C PRO B 220 19.51 -3.18 -9.33
N ILE B 221 19.89 -4.24 -8.63
CA ILE B 221 20.78 -4.04 -7.48
C ILE B 221 22.18 -3.68 -7.96
N GLU B 222 22.54 -4.13 -9.16
CA GLU B 222 23.82 -3.81 -9.76
C GLU B 222 23.83 -2.34 -10.10
N ALA B 223 22.70 -1.87 -10.62
CA ALA B 223 22.52 -0.46 -10.92
C ALA B 223 22.57 0.37 -9.64
N ALA B 224 21.94 -0.16 -8.59
CA ALA B 224 21.97 0.53 -7.30
C ALA B 224 23.41 0.74 -6.85
N ARG B 225 24.20 -0.33 -6.92
CA ARG B 225 25.62 -0.27 -6.59
C ARG B 225 26.39 0.77 -7.41
N LEU B 226 26.17 0.80 -8.72
CA LEU B 226 26.84 1.76 -9.58
C LEU B 226 26.41 3.19 -9.22
N GLY B 227 25.11 3.40 -9.05
CA GLY B 227 24.60 4.70 -8.63
C GLY B 227 25.31 5.26 -7.41
N LYS B 228 25.42 4.46 -6.36
CA LYS B 228 26.12 4.85 -5.14
C LYS B 228 27.59 5.14 -5.40
N ALA B 229 28.23 4.29 -6.19
CA ALA B 229 29.65 4.45 -6.47
C ALA B 229 29.96 5.73 -7.26
N VAL B 230 28.99 6.26 -7.99
CA VAL B 230 29.24 7.48 -8.77
C VAL B 230 28.62 8.75 -8.21
N GLU B 231 27.97 8.64 -7.05
CA GLU B 231 27.42 9.83 -6.39
C GLU B 231 28.44 10.98 -6.22
N PRO B 232 29.69 10.67 -5.82
CA PRO B 232 30.66 11.73 -5.58
C PRO B 232 31.00 12.51 -6.85
N TYR B 233 30.69 11.93 -8.01
CA TYR B 233 31.00 12.58 -9.29
C TYR B 233 29.83 13.38 -9.88
N HIS B 234 28.69 13.34 -9.20
CA HIS B 234 27.51 14.15 -9.55
C HIS B 234 27.15 14.13 -11.03
N LEU B 235 26.76 12.97 -11.54
CA LEU B 235 26.38 12.86 -12.93
C LEU B 235 25.07 13.59 -13.16
N PHE B 236 24.89 14.07 -14.39
CA PHE B 236 23.67 14.72 -14.81
C PHE B 236 22.60 13.63 -14.87
N TRP B 237 22.99 12.47 -15.37
CA TRP B 237 22.12 11.30 -15.33
C TRP B 237 22.87 10.03 -15.61
N LEU B 238 22.28 8.96 -15.10
CA LEU B 238 22.72 7.60 -15.38
C LEU B 238 21.56 7.01 -16.15
N GLU B 239 21.83 6.64 -17.40
CA GLU B 239 20.78 6.35 -18.36
C GLU B 239 20.58 4.85 -18.62
N ASP B 240 19.31 4.44 -18.73
CA ASP B 240 18.97 3.08 -19.14
C ASP B 240 19.72 2.01 -18.33
N CYS B 241 19.68 2.12 -17.00
CA CYS B 241 20.38 1.17 -16.13
C CYS B 241 20.03 -0.28 -16.40
N VAL B 242 18.73 -0.53 -16.53
CA VAL B 242 18.18 -1.88 -16.58
C VAL B 242 17.03 -1.96 -17.59
N PRO B 243 16.83 -3.14 -18.20
CA PRO B 243 15.65 -3.30 -19.05
C PRO B 243 14.40 -3.04 -18.23
N ALA B 244 13.47 -2.28 -18.77
CA ALA B 244 12.36 -1.76 -17.99
C ALA B 244 10.97 -2.04 -18.55
N GLU B 245 10.79 -3.17 -19.25
CA GLU B 245 9.45 -3.62 -19.60
C GLU B 245 8.62 -3.77 -18.33
N ASN B 246 9.25 -4.30 -17.29
CA ASN B 246 8.69 -4.31 -15.95
C ASN B 246 9.15 -3.02 -15.26
N GLN B 247 8.25 -2.05 -15.15
CA GLN B 247 8.64 -0.72 -14.67
C GLN B 247 9.10 -0.71 -13.22
N GLU B 248 8.76 -1.73 -12.45
CA GLU B 248 9.18 -1.80 -11.06
C GLU B 248 10.68 -2.04 -10.93
N SER B 249 11.31 -2.33 -12.07
CA SER B 249 12.75 -2.59 -12.11
C SER B 249 13.56 -1.39 -11.65
N LEU B 250 12.99 -0.19 -11.77
CA LEU B 250 13.70 1.02 -11.34
C LEU B 250 13.64 1.24 -9.83
N ARG B 251 12.70 0.58 -9.16
CA ARG B 251 12.49 0.85 -7.74
C ARG B 251 13.73 0.67 -6.86
N LEU B 252 14.39 -0.47 -6.93
CA LEU B 252 15.57 -0.69 -6.11
C LEU B 252 16.67 0.33 -6.38
N ILE B 253 16.79 0.76 -7.63
CA ILE B 253 17.78 1.77 -7.99
C ILE B 253 17.49 3.09 -7.28
N ARG B 254 16.26 3.59 -7.44
CA ARG B 254 15.85 4.86 -6.82
C ARG B 254 15.96 4.86 -5.29
N GLU B 255 15.70 3.71 -4.68
CA GLU B 255 15.71 3.62 -3.22
C GLU B 255 17.11 3.65 -2.64
N HIS B 256 18.11 3.31 -3.45
CA HIS B 256 19.50 3.19 -2.95
C HIS B 256 20.49 4.27 -3.38
N THR B 257 20.12 5.13 -4.33
CA THR B 257 21.05 6.17 -4.80
C THR B 257 20.40 7.52 -5.13
N THR B 258 21.16 8.60 -4.96
CA THR B 258 20.70 9.94 -5.35
C THR B 258 21.26 10.36 -6.72
N THR B 259 21.95 9.45 -7.38
CA THR B 259 22.37 9.73 -8.74
C THR B 259 21.13 9.85 -9.65
N PRO B 260 20.98 10.97 -10.38
CA PRO B 260 19.80 11.14 -11.23
C PRO B 260 19.70 10.03 -12.27
N LEU B 261 18.47 9.63 -12.60
CA LEU B 261 18.24 8.51 -13.51
C LEU B 261 17.51 8.96 -14.76
N ALA B 262 17.92 8.46 -15.92
CA ALA B 262 17.16 8.72 -17.14
C ALA B 262 16.79 7.39 -17.79
N ILE B 263 15.65 7.34 -18.46
CA ILE B 263 15.26 6.15 -19.21
C ILE B 263 14.25 6.46 -20.32
N GLY B 264 14.19 5.63 -21.35
CA GLY B 264 13.03 5.68 -22.22
C GLY B 264 13.22 5.69 -23.73
N GLU B 265 14.46 5.73 -24.18
CA GLU B 265 14.70 5.71 -25.62
C GLU B 265 14.08 4.50 -26.34
N VAL B 266 13.93 3.37 -25.64
CA VAL B 266 13.34 2.19 -26.28
C VAL B 266 11.83 2.11 -26.06
N PHE B 267 11.24 3.17 -25.50
CA PHE B 267 9.80 3.21 -25.29
C PHE B 267 9.07 3.80 -26.50
N ASN B 268 7.78 3.53 -26.58
CA ASN B 268 6.96 4.02 -27.68
C ASN B 268 5.58 4.49 -27.20
N SER B 269 5.32 4.40 -25.90
CA SER B 269 4.00 4.73 -25.38
C SER B 269 4.10 5.34 -23.99
N ILE B 270 3.18 6.23 -23.65
CA ILE B 270 3.09 6.74 -22.29
C ILE B 270 2.86 5.59 -21.32
N HIS B 271 2.24 4.52 -21.82
CA HIS B 271 1.94 3.36 -21.00
C HIS B 271 3.19 2.53 -20.67
N ASP B 272 4.31 2.88 -21.32
CA ASP B 272 5.60 2.27 -21.03
C ASP B 272 6.28 2.94 -19.83
N CYS B 273 5.77 4.10 -19.42
CA CYS B 273 6.51 4.92 -18.43
C CYS B 273 5.62 5.67 -17.44
N ARG B 274 4.32 5.47 -17.52
CA ARG B 274 3.39 6.16 -16.63
C ARG B 274 3.75 5.90 -15.17
N GLU B 275 4.00 4.63 -14.85
CA GLU B 275 4.28 4.23 -13.47
C GLU B 275 5.65 4.71 -13.01
N LEU B 276 6.66 4.62 -13.89
CA LEU B 276 7.99 5.16 -13.61
C LEU B 276 7.91 6.63 -13.24
N ILE B 277 7.08 7.36 -13.98
CA ILE B 277 6.97 8.80 -13.76
C ILE B 277 6.20 9.11 -12.48
N GLN B 278 5.07 8.44 -12.26
CA GLN B 278 4.22 8.75 -11.11
C GLN B 278 4.80 8.26 -9.78
N ASN B 279 5.71 7.28 -9.85
CA ASN B 279 6.37 6.82 -8.65
C ASN B 279 7.62 7.64 -8.37
N GLN B 280 7.91 8.61 -9.22
CA GLN B 280 9.13 9.40 -9.12
C GLN B 280 10.39 8.53 -9.09
N TRP B 281 10.46 7.60 -10.04
CA TRP B 281 11.58 6.65 -10.12
C TRP B 281 12.63 7.12 -11.13
N ILE B 282 12.28 8.10 -11.94
CA ILE B 282 13.22 8.69 -12.89
C ILE B 282 13.19 10.20 -12.84
N ASP B 283 14.24 10.81 -13.39
CA ASP B 283 14.34 12.27 -13.44
C ASP B 283 14.22 12.79 -14.86
N TYR B 284 14.56 11.96 -15.85
CA TYR B 284 14.47 12.36 -17.26
C TYR B 284 13.83 11.28 -18.11
N ILE B 285 12.85 11.68 -18.91
CA ILE B 285 12.21 10.77 -19.85
C ILE B 285 12.81 10.98 -21.25
N ARG B 286 13.27 9.89 -21.85
CA ARG B 286 14.12 9.90 -23.05
C ARG B 286 13.38 9.63 -24.35
N MET B 287 12.12 9.21 -24.27
CA MET B 287 11.39 8.82 -25.47
C MET B 287 11.30 9.97 -26.49
N PRO B 288 11.69 9.71 -27.75
CA PRO B 288 11.71 10.79 -28.75
C PRO B 288 10.44 10.85 -29.61
N LEU B 289 10.31 11.93 -30.38
CA LEU B 289 9.12 12.15 -31.20
C LEU B 289 8.86 11.02 -32.20
N THR B 290 9.88 10.59 -32.93
CA THR B 290 9.57 9.65 -34.01
C THR B 290 9.16 8.27 -33.50
N HIS B 291 9.59 7.92 -32.29
CA HIS B 291 9.26 6.62 -31.74
C HIS B 291 8.13 6.65 -30.73
N GLY B 292 7.86 7.83 -30.18
CA GLY B 292 6.83 7.96 -29.16
C GLY B 292 5.47 8.48 -29.63
N GLY B 293 5.15 8.30 -30.92
CA GLY B 293 3.86 8.69 -31.43
C GLY B 293 3.71 10.17 -31.77
N GLY B 294 4.83 10.85 -31.94
CA GLY B 294 4.84 12.21 -32.43
C GLY B 294 4.56 13.31 -31.43
N ILE B 295 4.37 14.51 -31.96
CA ILE B 295 4.10 15.69 -31.14
C ILE B 295 2.89 15.49 -30.22
N THR B 296 1.81 14.99 -30.79
CA THR B 296 0.56 14.82 -30.06
C THR B 296 0.72 13.97 -28.80
N ALA B 297 1.38 12.83 -28.94
CA ALA B 297 1.59 11.91 -27.82
C ALA B 297 2.60 12.46 -26.85
N MET B 298 3.65 13.09 -27.38
CA MET B 298 4.73 13.55 -26.53
C MET B 298 4.33 14.73 -25.64
N ARG B 299 3.43 15.58 -26.13
CA ARG B 299 2.87 16.64 -25.28
C ARG B 299 2.27 16.00 -24.02
N ARG B 300 1.57 14.88 -24.22
CA ARG B 300 0.90 14.24 -23.11
C ARG B 300 1.91 13.62 -22.15
N VAL B 301 2.98 13.06 -22.70
CA VAL B 301 4.07 12.53 -21.89
C VAL B 301 4.77 13.62 -21.06
N ALA B 302 5.10 14.73 -21.70
CA ALA B 302 5.75 15.83 -21.01
C ALA B 302 4.85 16.43 -19.95
N ASP B 303 3.55 16.46 -20.22
CA ASP B 303 2.57 16.96 -19.26
C ASP B 303 2.54 16.12 -17.97
N LEU B 304 2.46 14.79 -18.11
CA LEU B 304 2.54 13.89 -16.97
C LEU B 304 3.86 14.10 -16.23
N ALA B 305 4.97 14.10 -16.96
CA ALA B 305 6.28 14.24 -16.33
C ALA B 305 6.34 15.53 -15.50
N SER B 306 5.73 16.61 -16.00
CA SER B 306 5.79 17.90 -15.31
C SER B 306 5.18 17.85 -13.91
N LEU B 307 4.23 16.94 -13.67
CA LEU B 307 3.61 16.82 -12.35
C LEU B 307 4.58 16.27 -11.29
N TYR B 308 5.62 15.58 -11.76
CA TYR B 308 6.54 14.90 -10.84
C TYR B 308 7.97 15.36 -10.98
N HIS B 309 8.17 16.57 -11.52
CA HIS B 309 9.52 17.19 -11.57
C HIS B 309 10.40 16.51 -12.60
N VAL B 310 9.80 15.59 -13.36
CA VAL B 310 10.51 14.88 -14.41
C VAL B 310 10.66 15.78 -15.63
N ARG B 311 11.85 15.73 -16.24
CA ARG B 311 12.19 16.64 -17.33
C ARG B 311 12.42 15.86 -18.63
N THR B 312 12.27 16.53 -19.78
CA THR B 312 12.51 15.83 -21.05
C THR B 312 14.00 15.70 -21.34
N GLY B 313 14.41 14.55 -21.88
CA GLY B 313 15.77 14.36 -22.33
C GLY B 313 15.78 13.56 -23.62
N PHE B 314 15.25 14.15 -24.68
CA PHE B 314 15.02 13.40 -25.92
C PHE B 314 16.25 12.65 -26.40
N HIS B 315 16.05 11.36 -26.65
CA HIS B 315 16.98 10.53 -27.40
C HIS B 315 17.23 11.24 -28.73
N GLY B 316 18.50 11.46 -29.06
CA GLY B 316 18.84 12.18 -30.28
C GLY B 316 20.06 11.61 -31.00
N PRO B 317 19.93 10.38 -31.53
CA PRO B 317 21.05 9.71 -32.18
C PRO B 317 21.08 10.02 -33.66
N THR B 318 22.07 9.51 -34.37
CA THR B 318 22.07 9.68 -35.81
C THR B 318 20.88 8.96 -36.43
N ASP B 319 20.33 7.94 -35.76
CA ASP B 319 19.25 7.16 -36.36
C ASP B 319 17.84 7.78 -36.26
N LEU B 320 17.78 8.99 -35.74
CA LEU B 320 16.58 9.80 -35.93
C LEU B 320 16.96 10.88 -36.92
N SER B 321 16.16 11.09 -37.96
CA SER B 321 16.57 12.01 -39.02
C SER B 321 16.56 13.48 -38.55
N PRO B 322 17.10 14.38 -39.37
CA PRO B 322 16.99 15.83 -39.11
C PRO B 322 15.53 16.30 -38.97
N VAL B 323 14.61 15.56 -39.56
CA VAL B 323 13.20 15.92 -39.50
C VAL B 323 12.77 15.83 -38.04
N CYS B 324 13.13 14.73 -37.39
CA CYS B 324 12.88 14.57 -35.98
C CYS B 324 13.62 15.60 -35.13
N LEU B 325 14.91 15.84 -35.43
CA LEU B 325 15.69 16.81 -34.67
C LEU B 325 15.08 18.21 -34.73
N GLY B 326 14.68 18.62 -35.93
CA GLY B 326 14.12 19.95 -36.11
C GLY B 326 12.82 20.07 -35.35
N ALA B 327 11.99 19.04 -35.44
CA ALA B 327 10.74 19.02 -34.69
C ALA B 327 11.03 19.00 -33.19
N ALA B 328 12.06 18.25 -32.80
CA ALA B 328 12.41 18.10 -31.38
C ALA B 328 12.92 19.41 -30.77
N ILE B 329 13.67 20.17 -31.58
CA ILE B 329 14.21 21.45 -31.14
C ILE B 329 13.07 22.46 -30.95
N HIS B 330 12.06 22.38 -31.81
CA HIS B 330 10.86 23.18 -31.62
C HIS B 330 10.17 22.81 -30.32
N PHE B 331 9.93 21.51 -30.16
CA PHE B 331 9.31 21.02 -28.95
C PHE B 331 10.13 21.49 -27.74
N ASP B 332 11.45 21.31 -27.81
CA ASP B 332 12.37 21.69 -26.74
C ASP B 332 12.26 23.18 -26.44
N THR B 333 12.02 23.96 -27.47
CA THR B 333 11.96 25.40 -27.32
C THR B 333 10.76 25.83 -26.47
N TRP B 334 9.64 25.14 -26.63
CA TRP B 334 8.42 25.49 -25.91
C TRP B 334 8.27 24.80 -24.54
N VAL B 335 8.60 23.51 -24.50
CA VAL B 335 8.22 22.70 -23.35
C VAL B 335 8.80 23.29 -22.05
N PRO B 336 7.94 23.48 -21.05
CA PRO B 336 8.41 24.06 -19.78
C PRO B 336 9.44 23.16 -19.09
N ASN B 337 9.13 21.87 -18.95
CA ASN B 337 10.02 20.97 -18.23
C ASN B 337 11.07 20.32 -19.14
N PHE B 338 11.77 21.16 -19.89
CA PHE B 338 12.88 20.69 -20.73
C PHE B 338 14.09 20.38 -19.87
N GLY B 339 14.82 19.33 -20.22
CA GLY B 339 16.00 18.95 -19.50
C GLY B 339 17.26 19.13 -20.33
N ILE B 340 17.33 18.38 -21.43
CA ILE B 340 18.48 18.47 -22.32
C ILE B 340 18.11 17.85 -23.66
N GLN B 341 18.88 18.15 -24.69
CA GLN B 341 18.66 17.55 -26.01
C GLN B 341 19.93 16.86 -26.45
N GLU B 342 19.85 15.53 -26.67
CA GLU B 342 21.01 14.79 -27.16
C GLU B 342 21.38 15.28 -28.56
N HIS B 343 22.67 15.42 -28.83
CA HIS B 343 23.12 15.74 -30.19
C HIS B 343 24.24 14.83 -30.67
N MET B 344 23.89 13.89 -31.54
CA MET B 344 24.87 13.16 -32.36
C MET B 344 24.79 13.73 -33.76
N PRO B 345 25.83 14.46 -34.19
CA PRO B 345 25.78 15.15 -35.48
C PRO B 345 25.58 14.19 -36.66
N HIS B 346 24.70 14.56 -37.60
CA HIS B 346 24.51 13.78 -38.81
C HIS B 346 25.64 14.05 -39.80
N THR B 347 25.87 13.12 -40.71
CA THR B 347 26.83 13.34 -41.79
C THR B 347 26.42 14.49 -42.68
N ASP B 348 27.38 15.00 -43.48
CA ASP B 348 27.11 16.09 -44.41
C ASP B 348 26.07 15.71 -45.46
N GLU B 349 26.18 14.50 -45.98
CA GLU B 349 25.26 14.00 -46.97
C GLU B 349 23.84 14.00 -46.41
N THR B 350 23.72 13.55 -45.17
CA THR B 350 22.43 13.58 -44.48
C THR B 350 21.87 14.99 -44.36
N ASP B 351 22.68 15.92 -43.85
CA ASP B 351 22.21 17.30 -43.72
C ASP B 351 21.80 17.88 -45.09
N ALA B 352 22.46 17.40 -46.15
CA ALA B 352 22.17 17.84 -47.51
C ALA B 352 20.84 17.27 -48.02
N VAL B 353 20.56 16.02 -47.69
CA VAL B 353 19.26 15.41 -48.01
C VAL B 353 18.08 16.02 -47.25
N PHE B 354 18.36 16.55 -46.05
CA PHE B 354 17.33 17.10 -45.19
C PHE B 354 17.62 18.56 -44.86
N PRO B 355 17.48 19.45 -45.84
CA PRO B 355 17.68 20.87 -45.61
C PRO B 355 16.82 21.33 -44.44
N HIS B 356 17.37 22.16 -43.57
CA HIS B 356 16.66 22.49 -42.33
C HIS B 356 17.12 23.87 -41.87
N ASP B 357 16.35 24.50 -40.98
CA ASP B 357 16.71 25.85 -40.54
C ASP B 357 17.09 25.96 -39.06
N TYR B 358 17.10 24.85 -38.33
CA TYR B 358 17.64 24.90 -36.98
C TYR B 358 19.15 25.10 -37.09
N ARG B 359 19.75 25.69 -36.08
CA ARG B 359 21.18 25.95 -36.13
C ARG B 359 21.82 25.53 -34.82
N PHE B 360 23.07 25.09 -34.91
CA PHE B 360 23.83 24.78 -33.72
C PHE B 360 24.83 25.89 -33.54
N GLU B 361 24.90 26.44 -32.34
CA GLU B 361 25.86 27.49 -32.03
C GLU B 361 26.34 27.37 -30.59
N ASP B 362 27.63 27.17 -30.40
CA ASP B 362 28.23 27.21 -29.07
C ASP B 362 27.51 26.30 -28.09
N GLY B 363 27.34 25.04 -28.46
CA GLY B 363 26.81 24.02 -27.56
C GLY B 363 25.29 23.92 -27.50
N HIS B 364 24.59 24.86 -28.14
CA HIS B 364 23.13 24.89 -28.05
C HIS B 364 22.50 24.90 -29.44
N PHE B 365 21.26 24.43 -29.52
CA PHE B 365 20.46 24.64 -30.72
C PHE B 365 19.62 25.90 -30.63
N LEU B 366 19.41 26.53 -31.78
CA LEU B 366 18.42 27.59 -31.93
C LEU B 366 17.33 27.05 -32.85
N ALA B 367 16.08 27.21 -32.46
CA ALA B 367 14.97 26.75 -33.29
C ALA B 367 14.87 27.57 -34.57
N GLY B 368 14.42 26.94 -35.65
CA GLY B 368 14.17 27.65 -36.89
C GLY B 368 13.01 28.63 -36.73
N GLU B 369 12.92 29.59 -37.64
CA GLU B 369 11.82 30.54 -37.68
C GLU B 369 10.84 30.30 -38.84
N SER B 370 11.22 29.44 -39.79
CA SER B 370 10.34 29.04 -40.89
C SER B 370 9.07 28.36 -40.37
N PRO B 371 7.91 28.62 -41.03
CA PRO B 371 6.65 27.91 -40.74
C PRO B 371 6.81 26.40 -40.96
N GLY B 372 6.23 25.62 -40.06
CA GLY B 372 6.45 24.19 -40.07
C GLY B 372 7.51 23.85 -39.04
N HIS B 373 8.05 22.64 -39.11
CA HIS B 373 9.16 22.30 -38.25
C HIS B 373 10.50 22.72 -38.86
N GLY B 374 10.45 23.23 -40.10
CA GLY B 374 11.61 23.87 -40.68
C GLY B 374 12.51 22.89 -41.39
N VAL B 375 12.06 21.64 -41.51
CA VAL B 375 12.86 20.65 -42.24
C VAL B 375 12.16 20.24 -43.55
N ASP B 376 12.95 19.94 -44.58
CA ASP B 376 12.38 19.40 -45.81
C ASP B 376 13.25 18.24 -46.27
N ILE B 377 12.84 17.59 -47.33
CA ILE B 377 13.67 16.54 -47.93
C ILE B 377 13.85 16.78 -49.43
N ASP B 378 15.10 16.71 -49.86
CA ASP B 378 15.45 16.83 -51.27
C ASP B 378 15.40 15.44 -51.88
N GLU B 379 14.26 15.12 -52.49
CA GLU B 379 14.01 13.76 -52.95
C GLU B 379 14.98 13.36 -54.06
N GLU B 380 15.32 14.32 -54.92
CA GLU B 380 16.27 14.07 -56.00
C GLU B 380 17.58 13.57 -55.42
N LEU B 381 18.10 14.33 -54.46
CA LEU B 381 19.32 13.93 -53.80
C LEU B 381 19.15 12.64 -52.99
N ALA B 382 18.02 12.47 -52.32
CA ALA B 382 17.82 11.26 -51.53
C ALA B 382 17.92 10.02 -52.41
N ALA B 383 17.47 10.14 -53.66
CA ALA B 383 17.41 9.01 -54.59
C ALA B 383 18.79 8.54 -55.04
N LYS B 384 19.81 9.31 -54.69
CA LYS B 384 21.20 8.96 -54.99
C LYS B 384 21.79 7.96 -54.00
N TYR B 385 21.05 7.73 -52.93
CA TYR B 385 21.56 6.92 -51.82
C TYR B 385 20.62 5.75 -51.55
N PRO B 386 20.83 4.61 -52.24
CA PRO B 386 19.88 3.52 -52.05
C PRO B 386 19.97 2.93 -50.63
N TYR B 387 18.83 2.44 -50.15
CA TYR B 387 18.77 1.68 -48.90
C TYR B 387 19.85 0.60 -48.78
N GLU B 388 20.48 0.51 -47.60
CA GLU B 388 21.38 -0.60 -47.29
C GLU B 388 21.04 -1.16 -45.91
N ARG B 389 20.69 -2.45 -45.83
CA ARG B 389 20.35 -3.01 -44.52
C ARG B 389 21.48 -2.83 -43.52
N ALA B 390 21.12 -2.39 -42.32
CA ALA B 390 22.08 -2.28 -41.21
C ALA B 390 21.34 -2.63 -39.93
N SER B 391 21.84 -3.65 -39.25
CA SER B 391 21.26 -4.16 -38.02
C SER B 391 22.04 -3.71 -36.77
N LEU B 392 21.32 -3.53 -35.66
CA LEU B 392 21.96 -3.27 -34.39
C LEU B 392 22.61 -4.55 -33.86
N PRO B 393 23.68 -4.38 -33.05
CA PRO B 393 24.44 -5.49 -32.43
C PRO B 393 23.63 -6.25 -31.38
N VAL B 394 24.07 -7.46 -31.05
CA VAL B 394 23.61 -8.16 -29.86
C VAL B 394 24.78 -8.36 -28.92
N ASN B 395 24.45 -8.57 -27.65
CA ASN B 395 25.44 -8.76 -26.61
C ASN B 395 25.31 -10.19 -26.14
N ARG B 396 26.44 -10.83 -25.89
CA ARG B 396 26.44 -12.14 -25.25
C ARG B 396 27.39 -12.06 -24.05
N LEU B 397 27.06 -12.79 -22.98
CA LEU B 397 27.95 -12.93 -21.84
C LEU B 397 29.12 -13.82 -22.24
N GLU B 398 30.10 -13.94 -21.36
CA GLU B 398 31.28 -14.76 -21.65
C GLU B 398 30.94 -16.23 -21.82
N ASP B 399 29.79 -16.65 -21.28
CA ASP B 399 29.37 -18.05 -21.39
C ASP B 399 28.51 -18.28 -22.64
N GLY B 400 28.15 -17.20 -23.31
CA GLY B 400 27.43 -17.24 -24.58
C GLY B 400 25.96 -16.86 -24.42
N THR B 401 25.56 -16.52 -23.19
CA THR B 401 24.17 -16.15 -22.93
C THR B 401 23.79 -14.90 -23.72
N LEU B 402 22.67 -14.97 -24.46
CA LEU B 402 22.21 -13.79 -25.17
C LEU B 402 21.72 -12.75 -24.19
N TRP B 403 22.38 -11.60 -24.16
CA TRP B 403 22.13 -10.60 -23.12
C TRP B 403 21.53 -9.34 -23.75
N HIS B 404 21.47 -8.25 -23.00
CA HIS B 404 20.92 -6.99 -23.52
C HIS B 404 22.05 -6.16 -24.13
N TRP B 405 21.84 -5.64 -25.34
CA TRP B 405 22.84 -4.77 -25.90
C TRP B 405 22.60 -3.33 -25.44
N LEU C 3 3.80 39.46 -31.42
CA LEU C 3 4.04 40.90 -31.35
C LEU C 3 3.86 41.44 -29.93
N LYS C 4 4.55 42.52 -29.62
CA LYS C 4 4.54 43.08 -28.28
C LYS C 4 3.14 43.51 -27.84
N ILE C 5 2.90 43.34 -26.55
CA ILE C 5 1.68 43.83 -25.92
C ILE C 5 1.76 45.34 -25.73
N ARG C 6 0.83 46.06 -26.36
CA ARG C 6 0.79 47.51 -26.26
C ARG C 6 -0.05 47.97 -25.08
N ASP C 7 -1.18 47.31 -24.88
CA ASP C 7 -2.12 47.72 -23.85
C ASP C 7 -2.82 46.47 -23.30
N ALA C 8 -3.20 46.53 -22.02
CA ALA C 8 -3.96 45.46 -21.37
C ALA C 8 -4.85 46.10 -20.30
N TYR C 9 -6.11 45.68 -20.21
CA TYR C 9 -7.02 46.25 -19.22
C TYR C 9 -8.24 45.39 -19.01
N THR C 10 -8.91 45.63 -17.89
CA THR C 10 -10.12 44.91 -17.55
C THR C 10 -11.36 45.68 -17.92
N ILE C 11 -12.42 44.93 -18.19
CA ILE C 11 -13.75 45.49 -18.39
C ILE C 11 -14.70 44.80 -17.44
N VAL C 12 -15.39 45.60 -16.63
CA VAL C 12 -16.36 45.08 -15.68
C VAL C 12 -17.74 45.53 -16.13
N THR C 13 -18.67 44.58 -16.25
CA THR C 13 -20.00 44.90 -16.74
C THR C 13 -21.04 43.99 -16.08
N CYS C 14 -22.29 44.42 -16.03
CA CYS C 14 -23.34 43.64 -15.40
C CYS C 14 -24.62 43.59 -16.25
N PRO C 15 -24.53 42.98 -17.44
CA PRO C 15 -25.70 42.80 -18.32
C PRO C 15 -26.62 41.66 -17.88
N GLY C 16 -27.09 41.70 -16.63
CA GLY C 16 -27.90 40.65 -16.05
C GLY C 16 -27.23 40.04 -14.83
N ARG C 17 -25.90 40.00 -14.90
CA ARG C 17 -25.05 39.60 -13.78
C ARG C 17 -23.64 40.11 -14.08
N ASN C 18 -22.78 40.11 -13.07
CA ASN C 18 -21.42 40.62 -13.23
C ASN C 18 -20.52 39.74 -14.10
N PHE C 19 -19.73 40.36 -14.98
CA PHE C 19 -18.67 39.67 -15.71
C PHE C 19 -17.43 40.55 -15.69
N VAL C 20 -16.27 39.95 -15.54
CA VAL C 20 -15.02 40.67 -15.69
C VAL C 20 -14.29 40.03 -16.85
N THR C 21 -13.74 40.88 -17.70
CA THR C 21 -13.08 40.45 -18.92
C THR C 21 -11.70 41.13 -18.96
N LEU C 22 -10.70 40.40 -19.43
CA LEU C 22 -9.39 40.99 -19.67
C LEU C 22 -9.20 41.14 -21.15
N LYS C 23 -8.71 42.30 -21.56
CA LYS C 23 -8.43 42.54 -22.97
C LYS C 23 -6.97 42.91 -23.16
N ILE C 24 -6.34 42.25 -24.12
CA ILE C 24 -4.93 42.47 -24.44
C ILE C 24 -4.84 42.91 -25.89
N VAL C 25 -4.12 44.02 -26.11
CA VAL C 25 -3.94 44.56 -27.45
C VAL C 25 -2.46 44.61 -27.81
N THR C 26 -2.11 44.09 -28.98
CA THR C 26 -0.72 44.03 -29.41
C THR C 26 -0.33 45.29 -30.19
N GLU C 27 0.97 45.44 -30.46
CA GLU C 27 1.45 46.63 -31.17
C GLU C 27 0.86 46.78 -32.57
N SER C 28 0.42 45.66 -33.17
CA SER C 28 -0.18 45.68 -34.50
C SER C 28 -1.68 45.96 -34.48
N GLY C 29 -2.27 45.98 -33.29
CA GLY C 29 -3.69 46.26 -33.16
C GLY C 29 -4.60 45.04 -32.98
N THR C 30 -4.04 43.85 -33.17
CA THR C 30 -4.72 42.61 -32.88
C THR C 30 -4.98 42.53 -31.38
N HIS C 31 -6.12 41.99 -31.00
CA HIS C 31 -6.45 41.89 -29.59
C HIS C 31 -7.10 40.55 -29.28
N GLY C 32 -7.02 40.15 -28.03
CA GLY C 32 -7.67 38.95 -27.56
C GLY C 32 -8.37 39.28 -26.27
N ILE C 33 -9.40 38.52 -25.94
CA ILE C 33 -10.04 38.65 -24.63
C ILE C 33 -10.12 37.31 -23.88
N GLY C 34 -10.18 37.40 -22.55
CA GLY C 34 -10.32 36.23 -21.71
C GLY C 34 -11.28 36.51 -20.56
N ASP C 35 -12.05 35.51 -20.17
CA ASP C 35 -12.99 35.65 -19.06
C ASP C 35 -12.24 35.71 -17.73
N ALA C 36 -12.69 36.60 -16.86
CA ALA C 36 -12.05 36.75 -15.55
C ALA C 36 -13.06 36.67 -14.40
N THR C 37 -14.26 36.17 -14.69
CA THR C 37 -15.37 36.24 -13.75
C THR C 37 -15.29 35.17 -12.67
N LEU C 38 -15.28 35.61 -11.40
CA LEU C 38 -15.33 34.70 -10.25
C LEU C 38 -16.54 35.08 -9.41
N ASN C 39 -17.62 34.31 -9.54
CA ASN C 39 -18.91 34.67 -8.94
C ASN C 39 -18.81 35.00 -7.45
N GLY C 40 -19.31 36.17 -7.07
CA GLY C 40 -19.35 36.56 -5.67
C GLY C 40 -18.05 37.14 -5.12
N ARG C 41 -16.97 37.07 -5.89
CA ARG C 41 -15.71 37.66 -5.46
C ARG C 41 -15.09 38.43 -6.61
N GLU C 42 -15.93 39.01 -7.46
CA GLU C 42 -15.47 39.53 -8.74
C GLU C 42 -14.36 40.57 -8.61
N MET C 43 -14.48 41.48 -7.64
CA MET C 43 -13.53 42.59 -7.58
C MET C 43 -12.17 42.20 -7.02
N ALA C 44 -12.10 41.03 -6.38
CA ALA C 44 -10.82 40.47 -5.94
C ALA C 44 -9.95 40.14 -7.15
N VAL C 45 -10.55 39.57 -8.18
CA VAL C 45 -9.82 39.27 -9.42
C VAL C 45 -9.54 40.53 -10.24
N ALA C 46 -10.52 41.42 -10.30
CA ALA C 46 -10.32 42.68 -11.02
C ALA C 46 -9.12 43.43 -10.47
N ALA C 47 -8.96 43.42 -9.14
CA ALA C 47 -7.81 44.09 -8.52
C ALA C 47 -6.53 43.30 -8.74
N TYR C 48 -6.64 41.98 -8.63
CA TYR C 48 -5.47 41.14 -8.86
C TYR C 48 -4.91 41.45 -10.25
N LEU C 49 -5.79 41.54 -11.24
CA LEU C 49 -5.39 41.89 -12.61
C LEU C 49 -4.94 43.34 -12.74
N ASP C 50 -5.76 44.27 -12.23
CA ASP C 50 -5.49 45.70 -12.44
C ASP C 50 -4.20 46.16 -11.79
N GLU C 51 -3.94 45.72 -10.58
CA GLU C 51 -2.84 46.28 -9.81
C GLU C 51 -1.56 45.48 -9.96
N HIS C 52 -1.69 44.21 -10.29
CA HIS C 52 -0.57 43.29 -10.11
C HIS C 52 -0.16 42.52 -11.36
N VAL C 53 -1.11 42.23 -12.23
CA VAL C 53 -0.78 41.47 -13.44
C VAL C 53 -0.60 42.42 -14.64
N VAL C 54 -1.59 43.29 -14.84
CA VAL C 54 -1.65 44.14 -16.03
C VAL C 54 -0.38 44.98 -16.30
N PRO C 55 0.16 45.63 -15.25
CA PRO C 55 1.38 46.41 -15.46
C PRO C 55 2.54 45.55 -15.99
N ALA C 56 2.53 44.28 -15.65
CA ALA C 56 3.62 43.38 -16.03
C ALA C 56 3.46 42.81 -17.43
N LEU C 57 2.25 42.88 -17.97
CA LEU C 57 1.97 42.42 -19.33
C LEU C 57 2.49 43.39 -20.41
N ILE C 58 2.47 44.68 -20.11
CA ILE C 58 2.89 45.69 -21.08
C ILE C 58 4.31 45.41 -21.61
N GLY C 59 4.45 45.28 -22.92
CA GLY C 59 5.74 45.07 -23.52
C GLY C 59 6.17 43.62 -23.63
N ARG C 60 5.34 42.70 -23.13
CA ARG C 60 5.68 41.28 -23.22
C ARG C 60 5.37 40.78 -24.62
N ASP C 61 6.10 39.75 -25.05
CA ASP C 61 5.84 39.11 -26.32
C ASP C 61 4.57 38.30 -26.17
N ALA C 62 3.51 38.73 -26.86
CA ALA C 62 2.20 38.11 -26.71
C ALA C 62 2.20 36.66 -27.17
N GLY C 63 3.10 36.33 -28.09
CA GLY C 63 3.19 34.97 -28.60
C GLY C 63 3.72 33.98 -27.58
N ARG C 64 4.36 34.49 -26.54
CA ARG C 64 4.95 33.61 -25.53
C ARG C 64 3.92 33.22 -24.48
N ILE C 65 2.99 32.35 -24.88
CA ILE C 65 1.90 31.96 -24.01
C ILE C 65 2.38 31.17 -22.81
N GLU C 66 3.22 30.17 -23.08
CA GLU C 66 3.74 29.30 -22.03
C GLU C 66 4.58 30.04 -21.00
N ASP C 67 5.52 30.86 -21.47
CA ASP C 67 6.36 31.63 -20.57
C ASP C 67 5.51 32.52 -19.68
N THR C 68 4.54 33.21 -20.28
CA THR C 68 3.65 34.10 -19.51
C THR C 68 2.86 33.36 -18.43
N TRP C 69 2.35 32.17 -18.77
CA TRP C 69 1.64 31.35 -17.79
C TRP C 69 2.55 31.03 -16.61
N GLN C 70 3.75 30.52 -16.88
CA GLN C 70 4.70 30.19 -15.82
C GLN C 70 5.14 31.41 -15.01
N TYR C 71 5.37 32.52 -15.70
CA TYR C 71 5.74 33.79 -15.09
C TYR C 71 4.69 34.28 -14.10
N LEU C 72 3.41 34.08 -14.42
CA LEU C 72 2.35 34.53 -13.50
C LEU C 72 2.13 33.51 -12.37
N TYR C 73 2.13 32.23 -12.73
CA TYR C 73 1.88 31.16 -11.76
C TYR C 73 3.03 31.04 -10.77
N ARG C 74 4.25 30.87 -11.30
CA ARG C 74 5.42 30.78 -10.43
C ARG C 74 5.79 32.13 -9.86
N GLY C 75 5.70 33.17 -10.69
CA GLY C 75 6.10 34.51 -10.30
C GLY C 75 5.28 35.13 -9.18
N ALA C 76 4.05 34.65 -9.02
CA ALA C 76 3.16 35.16 -7.98
C ALA C 76 3.69 34.76 -6.61
N TYR C 77 4.55 33.75 -6.59
CA TYR C 77 5.09 33.17 -5.36
C TYR C 77 4.03 32.41 -4.56
N TRP C 78 2.94 33.07 -4.21
CA TRP C 78 1.80 32.40 -3.60
C TRP C 78 0.99 31.71 -4.72
N ARG C 79 1.08 30.38 -4.81
CA ARG C 79 0.52 29.64 -5.94
C ARG C 79 -0.88 29.05 -5.73
N ARG C 80 -1.58 28.86 -6.86
CA ARG C 80 -2.94 28.27 -6.85
C ARG C 80 -3.95 29.20 -6.18
N GLY C 81 -5.22 28.78 -6.13
CA GLY C 81 -6.28 29.59 -5.54
C GLY C 81 -7.24 30.19 -6.58
N PRO C 82 -8.49 30.48 -6.19
CA PRO C 82 -9.56 30.97 -7.09
C PRO C 82 -9.23 32.33 -7.72
N VAL C 83 -8.86 33.31 -6.90
CA VAL C 83 -8.50 34.63 -7.43
C VAL C 83 -7.27 34.51 -8.34
N THR C 84 -6.23 33.88 -7.81
CA THR C 84 -4.96 33.67 -8.52
C THR C 84 -5.16 33.04 -9.89
N MET C 85 -5.82 31.88 -9.92
CA MET C 85 -5.89 31.07 -11.14
C MET C 85 -6.91 31.59 -12.12
N THR C 86 -7.85 32.39 -11.63
CA THR C 86 -8.77 33.07 -12.52
C THR C 86 -8.08 34.22 -13.24
N ALA C 87 -7.23 34.96 -12.54
CA ALA C 87 -6.45 36.01 -13.19
C ALA C 87 -5.58 35.38 -14.29
N ILE C 88 -4.90 34.30 -13.95
CA ILE C 88 -4.01 33.63 -14.90
C ILE C 88 -4.76 33.12 -16.13
N ALA C 89 -5.91 32.48 -15.92
CA ALA C 89 -6.75 32.00 -17.03
C ALA C 89 -7.21 33.10 -17.98
N ALA C 90 -7.56 34.26 -17.42
CA ALA C 90 -8.01 35.39 -18.21
C ALA C 90 -6.92 35.82 -19.19
N VAL C 91 -5.68 35.84 -18.70
CA VAL C 91 -4.56 36.19 -19.54
C VAL C 91 -4.33 35.09 -20.57
N ASP C 92 -4.26 33.85 -20.10
CA ASP C 92 -4.01 32.73 -20.99
C ASP C 92 -5.05 32.67 -22.12
N MET C 93 -6.30 32.92 -21.78
CA MET C 93 -7.40 32.83 -22.74
C MET C 93 -7.27 33.92 -23.79
N ALA C 94 -6.94 35.13 -23.34
CA ALA C 94 -6.81 36.24 -24.25
C ALA C 94 -5.61 36.04 -25.17
N LEU C 95 -4.56 35.41 -24.65
CA LEU C 95 -3.37 35.16 -25.45
C LEU C 95 -3.57 34.04 -26.48
N TRP C 96 -4.30 32.99 -26.13
CA TRP C 96 -4.66 32.00 -27.14
C TRP C 96 -5.57 32.58 -28.22
N ASP C 97 -6.47 33.46 -27.83
CA ASP C 97 -7.36 34.16 -28.77
C ASP C 97 -6.51 34.88 -29.82
N ILE C 98 -5.52 35.63 -29.33
CA ILE C 98 -4.57 36.35 -30.18
C ILE C 98 -3.78 35.41 -31.07
N LYS C 99 -3.28 34.31 -30.52
CA LYS C 99 -2.45 33.39 -31.30
C LYS C 99 -3.26 32.76 -32.42
N ALA C 100 -4.51 32.42 -32.11
CA ALA C 100 -5.39 31.87 -33.14
C ALA C 100 -5.69 32.90 -34.23
N LYS C 101 -5.97 34.14 -33.84
CA LYS C 101 -6.15 35.21 -34.82
C LYS C 101 -4.89 35.37 -35.69
N ALA C 102 -3.73 35.31 -35.07
CA ALA C 102 -2.48 35.42 -35.81
C ALA C 102 -2.29 34.27 -36.80
N ALA C 103 -2.75 33.07 -36.42
CA ALA C 103 -2.63 31.90 -37.30
C ALA C 103 -3.76 31.86 -38.33
N GLY C 104 -4.70 32.80 -38.22
CA GLY C 104 -5.85 32.84 -39.10
C GLY C 104 -6.78 31.64 -39.01
N MET C 105 -6.85 31.01 -37.84
CA MET C 105 -7.69 29.83 -37.69
C MET C 105 -8.53 29.83 -36.41
N PRO C 106 -9.72 29.20 -36.46
CA PRO C 106 -10.49 29.07 -35.22
C PRO C 106 -9.65 28.34 -34.18
N LEU C 107 -9.86 28.64 -32.91
CA LEU C 107 -9.10 28.00 -31.86
C LEU C 107 -9.03 26.48 -31.95
N TYR C 108 -10.14 25.82 -32.25
CA TYR C 108 -10.12 24.37 -32.28
C TYR C 108 -9.10 23.82 -33.29
N GLN C 109 -8.86 24.54 -34.38
CA GLN C 109 -7.87 24.11 -35.36
C GLN C 109 -6.47 24.19 -34.78
N LEU C 110 -6.21 25.27 -34.06
CA LEU C 110 -4.90 25.51 -33.48
C LEU C 110 -4.60 24.44 -32.42
N LEU C 111 -5.65 23.99 -31.74
CA LEU C 111 -5.50 23.02 -30.66
C LEU C 111 -5.21 21.61 -31.14
N GLY C 112 -5.46 21.34 -32.43
CA GLY C 112 -5.24 20.02 -32.98
C GLY C 112 -6.36 19.51 -33.88
N GLY C 113 -7.30 20.39 -34.21
CA GLY C 113 -8.38 20.00 -35.10
C GLY C 113 -9.59 19.41 -34.41
N LYS C 114 -10.70 19.31 -35.15
CA LYS C 114 -11.94 18.81 -34.57
C LYS C 114 -11.92 17.30 -34.40
N SER C 115 -12.40 16.84 -33.25
CA SER C 115 -12.51 15.42 -32.98
C SER C 115 -13.97 14.98 -33.08
N ARG C 116 -14.86 15.95 -33.26
CA ARG C 116 -16.29 15.68 -33.38
C ARG C 116 -16.99 16.80 -34.16
N GLU C 117 -18.19 16.52 -34.66
CA GLU C 117 -18.93 17.44 -35.54
C GLU C 117 -19.88 18.35 -34.77
N ARG C 118 -20.02 18.11 -33.47
CA ARG C 118 -20.88 18.92 -32.62
C ARG C 118 -20.62 18.56 -31.15
N VAL C 119 -20.95 19.46 -30.23
CA VAL C 119 -20.72 19.17 -28.83
C VAL C 119 -22.01 19.10 -28.03
N MET C 120 -22.27 17.91 -27.49
CA MET C 120 -23.49 17.67 -26.73
C MET C 120 -23.53 18.55 -25.48
N THR C 121 -24.70 19.09 -25.17
CA THR C 121 -24.89 19.87 -23.95
C THR C 121 -25.95 19.21 -23.06
N TYR C 122 -26.03 19.64 -21.80
CA TYR C 122 -27.21 19.37 -20.97
C TYR C 122 -27.81 20.68 -20.47
N ALA C 123 -29.12 20.66 -20.22
CA ALA C 123 -29.84 21.83 -19.75
C ALA C 123 -30.24 21.66 -18.29
N HIS C 124 -30.49 22.78 -17.62
CA HIS C 124 -31.02 22.77 -16.26
C HIS C 124 -32.53 22.61 -16.26
N CYS C 125 -33.01 21.54 -15.62
CA CYS C 125 -34.42 21.35 -15.39
C CYS C 125 -34.71 21.41 -13.89
N THR C 126 -35.19 22.56 -13.44
CA THR C 126 -35.41 22.82 -12.03
C THR C 126 -36.86 23.25 -11.79
N GLY C 127 -37.49 22.68 -10.76
CA GLY C 127 -38.82 23.09 -10.32
C GLY C 127 -38.96 22.99 -8.82
N GLN C 128 -40.02 23.55 -8.24
CA GLN C 128 -40.21 23.49 -6.78
C GLN C 128 -40.60 22.09 -6.33
N THR C 129 -41.33 21.39 -7.20
CA THR C 129 -41.73 20.04 -6.90
C THR C 129 -41.28 19.17 -8.07
N ILE C 130 -41.46 17.86 -7.92
CA ILE C 130 -41.05 16.94 -8.96
C ILE C 130 -41.81 17.19 -10.24
N GLU C 131 -43.12 17.42 -10.11
CA GLU C 131 -43.94 17.66 -11.28
C GLU C 131 -43.48 18.89 -12.05
N ASP C 132 -43.13 19.95 -11.32
CA ASP C 132 -42.57 21.15 -11.95
C ASP C 132 -41.29 20.81 -12.71
N CYS C 133 -40.44 20.00 -12.09
CA CYS C 133 -39.21 19.58 -12.76
C CYS C 133 -39.52 18.83 -14.04
N LEU C 134 -40.46 17.89 -13.98
CA LEU C 134 -40.82 17.11 -15.17
C LEU C 134 -41.33 17.98 -16.33
N GLY C 135 -42.06 19.06 -16.00
CA GLY C 135 -42.53 19.98 -17.01
C GLY C 135 -41.36 20.66 -17.71
N GLU C 136 -40.34 20.98 -16.92
CA GLU C 136 -39.14 21.59 -17.45
C GLU C 136 -38.35 20.61 -18.33
N VAL C 137 -38.28 19.35 -17.90
CA VAL C 137 -37.60 18.34 -18.69
C VAL C 137 -38.28 18.23 -20.06
N ALA C 138 -39.61 18.20 -20.04
CA ALA C 138 -40.38 18.07 -21.27
C ALA C 138 -40.08 19.16 -22.29
N ARG C 139 -40.01 20.41 -21.85
CA ARG C 139 -39.79 21.48 -22.80
C ARG C 139 -38.33 21.60 -23.28
N HIS C 140 -37.39 21.13 -22.48
CA HIS C 140 -35.99 21.13 -22.93
C HIS C 140 -35.77 20.00 -23.94
N VAL C 141 -36.46 18.88 -23.75
CA VAL C 141 -36.38 17.80 -24.71
C VAL C 141 -36.93 18.32 -26.03
N GLU C 142 -38.02 19.07 -25.92
CA GLU C 142 -38.62 19.73 -27.07
C GLU C 142 -37.63 20.61 -27.82
N LEU C 143 -36.73 21.26 -27.08
CA LEU C 143 -35.73 22.15 -27.67
C LEU C 143 -34.54 21.41 -28.30
N GLY C 144 -34.48 20.09 -28.13
CA GLY C 144 -33.41 19.29 -28.70
C GLY C 144 -32.46 18.64 -27.69
N TYR C 145 -32.48 19.11 -26.45
CA TYR C 145 -31.55 18.59 -25.46
C TYR C 145 -31.68 17.07 -25.28
N ARG C 146 -30.54 16.39 -25.33
CA ARG C 146 -30.50 14.95 -25.15
C ARG C 146 -30.11 14.62 -23.71
N ALA C 147 -29.83 15.68 -22.94
CA ALA C 147 -29.34 15.53 -21.60
C ALA C 147 -29.87 16.65 -20.70
N VAL C 148 -30.28 16.29 -19.49
CA VAL C 148 -30.94 17.23 -18.57
C VAL C 148 -30.46 17.06 -17.14
N ARG C 149 -30.18 18.16 -16.47
CA ARG C 149 -29.84 18.14 -15.05
C ARG C 149 -31.10 18.43 -14.25
N VAL C 150 -31.50 17.49 -13.41
CA VAL C 150 -32.75 17.61 -12.68
C VAL C 150 -32.57 17.98 -11.21
N GLN C 151 -33.37 18.94 -10.76
CA GLN C 151 -33.32 19.38 -9.39
C GLN C 151 -34.73 19.77 -9.01
N SER C 152 -35.14 19.40 -7.80
CA SER C 152 -36.41 19.86 -7.28
C SER C 152 -36.26 20.13 -5.79
N GLY C 153 -37.21 20.87 -5.23
CA GLY C 153 -37.17 21.24 -3.83
C GLY C 153 -37.40 20.06 -2.91
N VAL C 154 -36.79 20.10 -1.74
CA VAL C 154 -36.98 19.05 -0.73
C VAL C 154 -38.06 19.44 0.26
N PRO C 155 -39.09 18.60 0.40
CA PRO C 155 -40.19 18.85 1.34
C PRO C 155 -39.69 18.95 2.79
N GLY C 156 -40.20 19.92 3.54
CA GLY C 156 -39.76 20.17 4.90
C GLY C 156 -38.64 21.19 4.94
N SER C 176 -28.70 38.23 -4.34
CA SER C 176 -28.73 39.14 -3.20
C SER C 176 -27.37 39.80 -3.02
N SER C 177 -27.37 41.06 -2.59
CA SER C 177 -26.11 41.78 -2.37
C SER C 177 -25.22 41.03 -1.40
N LEU C 178 -25.78 40.65 -0.25
CA LEU C 178 -25.10 39.79 0.71
C LEU C 178 -25.71 38.39 0.66
N PRO C 179 -24.96 37.38 1.12
CA PRO C 179 -25.44 35.99 0.98
C PRO C 179 -26.83 35.72 1.59
N ALA C 180 -27.72 35.18 0.77
CA ALA C 180 -28.99 34.65 1.24
C ALA C 180 -28.68 33.47 2.16
N GLU C 181 -29.53 33.25 3.15
CA GLU C 181 -29.31 32.13 4.05
C GLU C 181 -30.40 31.09 3.85
N HIS C 182 -29.98 29.91 3.43
CA HIS C 182 -30.90 28.82 3.20
C HIS C 182 -30.80 27.80 4.35
N VAL C 183 -31.82 26.98 4.50
CA VAL C 183 -31.81 25.92 5.51
C VAL C 183 -31.63 24.58 4.81
N TRP C 184 -30.96 23.65 5.47
CA TRP C 184 -30.69 22.34 4.86
C TRP C 184 -30.97 21.16 5.78
N SER C 185 -31.50 20.09 5.22
CA SER C 185 -31.68 18.82 5.94
C SER C 185 -31.28 17.66 5.08
N THR C 186 -30.09 17.10 5.36
CA THR C 186 -29.59 15.99 4.56
C THR C 186 -30.55 14.82 4.52
N GLU C 187 -31.04 14.42 5.68
CA GLU C 187 -31.88 13.22 5.74
C GLU C 187 -33.18 13.36 4.95
N LYS C 188 -33.77 14.56 4.94
CA LYS C 188 -34.95 14.79 4.09
C LYS C 188 -34.61 14.69 2.60
N TYR C 189 -33.45 15.23 2.21
CA TYR C 189 -32.99 15.16 0.84
C TYR C 189 -32.77 13.71 0.42
N LEU C 190 -32.08 12.95 1.25
CA LEU C 190 -31.75 11.56 0.90
C LEU C 190 -33.01 10.72 0.68
N ASN C 191 -34.04 11.00 1.48
CA ASN C 191 -35.29 10.27 1.37
C ASN C 191 -36.11 10.66 0.14
N HIS C 192 -35.95 11.91 -0.30
CA HIS C 192 -36.73 12.46 -1.40
C HIS C 192 -36.07 12.29 -2.80
N ALA C 193 -34.76 12.50 -2.85
CA ALA C 193 -34.02 12.52 -4.13
C ALA C 193 -34.37 11.40 -5.11
N PRO C 194 -34.29 10.15 -4.66
CA PRO C 194 -34.55 9.01 -5.56
C PRO C 194 -35.93 9.10 -6.20
N LYS C 195 -36.91 9.64 -5.48
CA LYS C 195 -38.26 9.78 -6.02
C LYS C 195 -38.26 10.62 -7.30
N LEU C 196 -37.44 11.66 -7.30
CA LEU C 196 -37.29 12.51 -8.47
C LEU C 196 -36.78 11.71 -9.66
N PHE C 197 -35.75 10.89 -9.44
CA PHE C 197 -35.17 10.19 -10.59
C PHE C 197 -36.07 9.08 -11.09
N ALA C 198 -36.77 8.43 -10.16
CA ALA C 198 -37.75 7.43 -10.55
C ALA C 198 -38.83 8.07 -11.43
N ALA C 199 -39.25 9.27 -11.05
CA ALA C 199 -40.31 9.98 -11.75
C ALA C 199 -39.88 10.35 -13.16
N VAL C 200 -38.64 10.81 -13.30
CA VAL C 200 -38.12 11.16 -14.61
C VAL C 200 -38.05 9.95 -15.55
N ARG C 201 -37.59 8.82 -15.01
CA ARG C 201 -37.48 7.62 -15.83
C ARG C 201 -38.88 7.11 -16.21
N GLU C 202 -39.77 7.15 -15.24
CA GLU C 202 -41.17 6.76 -15.43
C GLU C 202 -41.82 7.57 -16.54
N ARG C 203 -41.53 8.86 -16.62
CA ARG C 203 -42.16 9.68 -17.67
C ARG C 203 -41.39 9.77 -18.98
N PHE C 204 -40.06 9.71 -18.93
CA PHE C 204 -39.27 10.01 -20.13
C PHE C 204 -38.51 8.83 -20.70
N GLY C 205 -38.39 7.74 -19.94
CA GLY C 205 -37.77 6.53 -20.45
C GLY C 205 -36.26 6.51 -20.32
N ASP C 206 -35.62 5.56 -21.00
CA ASP C 206 -34.20 5.24 -20.80
C ASP C 206 -33.22 6.05 -21.63
N ASP C 207 -33.66 6.61 -22.75
CA ASP C 207 -32.69 7.14 -23.71
C ASP C 207 -32.09 8.46 -23.25
N LEU C 208 -32.87 9.21 -22.48
CA LEU C 208 -32.47 10.51 -21.99
C LEU C 208 -31.27 10.41 -21.02
N HIS C 209 -30.32 11.32 -21.13
CA HIS C 209 -29.23 11.42 -20.17
C HIS C 209 -29.70 12.29 -19.01
N VAL C 210 -29.59 11.76 -17.80
CA VAL C 210 -30.09 12.43 -16.61
C VAL C 210 -28.96 12.68 -15.61
N LEU C 211 -28.73 13.96 -15.33
CA LEU C 211 -27.68 14.40 -14.41
C LEU C 211 -28.27 14.97 -13.14
N HIS C 212 -27.54 14.83 -12.04
CA HIS C 212 -27.94 15.43 -10.77
C HIS C 212 -26.75 16.03 -10.03
N ASP C 213 -26.97 17.20 -9.45
CA ASP C 213 -25.93 17.93 -8.74
C ASP C 213 -26.25 17.92 -7.26
N VAL C 214 -25.52 17.15 -6.48
CA VAL C 214 -25.80 17.15 -5.04
C VAL C 214 -25.26 18.42 -4.35
N HIS C 215 -24.37 19.13 -5.02
CA HIS C 215 -23.93 20.45 -4.56
C HIS C 215 -23.31 20.46 -3.15
N HIS C 216 -22.41 19.51 -2.87
CA HIS C 216 -21.51 19.53 -1.71
C HIS C 216 -22.09 19.15 -0.34
N ARG C 217 -23.36 18.77 -0.30
CA ARG C 217 -24.05 18.74 0.98
C ARG C 217 -23.94 17.46 1.80
N LEU C 218 -23.38 16.41 1.21
CA LEU C 218 -23.32 15.09 1.86
C LEU C 218 -21.96 14.77 2.45
N THR C 219 -21.93 13.81 3.37
CA THR C 219 -20.67 13.15 3.73
C THR C 219 -20.48 11.95 2.82
N PRO C 220 -19.25 11.42 2.77
CA PRO C 220 -18.97 10.32 1.83
C PRO C 220 -19.91 9.12 1.95
N ILE C 221 -20.16 8.62 3.15
CA ILE C 221 -21.00 7.42 3.27
C ILE C 221 -22.45 7.75 2.96
N GLU C 222 -22.84 9.00 3.17
CA GLU C 222 -24.16 9.46 2.79
C GLU C 222 -24.26 9.54 1.26
N ALA C 223 -23.19 9.99 0.64
CA ALA C 223 -23.13 10.02 -0.83
C ALA C 223 -23.12 8.61 -1.41
N ALA C 224 -22.48 7.68 -0.72
CA ALA C 224 -22.48 6.28 -1.12
C ALA C 224 -23.89 5.68 -1.06
N ARG C 225 -24.61 5.98 0.01
CA ARG C 225 -26.01 5.57 0.14
C ARG C 225 -26.84 6.07 -1.05
N LEU C 226 -26.73 7.36 -1.35
CA LEU C 226 -27.52 7.95 -2.45
C LEU C 226 -27.16 7.34 -3.80
N GLY C 227 -25.87 7.22 -4.07
CA GLY C 227 -25.41 6.61 -5.30
C GLY C 227 -26.03 5.23 -5.53
N LYS C 228 -26.03 4.41 -4.49
CA LYS C 228 -26.54 3.05 -4.57
C LYS C 228 -28.03 3.09 -4.79
N ALA C 229 -28.69 3.99 -4.07
CA ALA C 229 -30.13 4.17 -4.20
C ALA C 229 -30.52 4.55 -5.62
N VAL C 230 -29.64 5.25 -6.33
CA VAL C 230 -30.04 5.77 -7.64
C VAL C 230 -29.52 4.93 -8.81
N GLU C 231 -28.83 3.84 -8.49
CA GLU C 231 -28.34 2.94 -9.52
C GLU C 231 -29.42 2.51 -10.52
N PRO C 232 -30.63 2.13 -10.02
CA PRO C 232 -31.66 1.68 -10.95
C PRO C 232 -31.98 2.71 -12.03
N TYR C 233 -31.75 3.99 -11.76
CA TYR C 233 -32.10 5.07 -12.71
C TYR C 233 -30.97 5.51 -13.64
N HIS C 234 -29.81 4.88 -13.53
CA HIS C 234 -28.71 5.03 -14.50
C HIS C 234 -28.34 6.47 -14.82
N LEU C 235 -28.02 7.23 -13.77
CA LEU C 235 -27.62 8.63 -13.93
C LEU C 235 -26.39 8.80 -14.83
N PHE C 236 -26.38 9.87 -15.61
CA PHE C 236 -25.21 10.20 -16.42
C PHE C 236 -24.09 10.56 -15.45
N TRP C 237 -24.43 11.39 -14.47
CA TRP C 237 -23.52 11.57 -13.34
C TRP C 237 -24.20 12.05 -12.08
N LEU C 238 -23.54 11.81 -10.96
CA LEU C 238 -23.90 12.41 -9.69
C LEU C 238 -22.75 13.36 -9.38
N GLU C 239 -23.06 14.63 -9.15
CA GLU C 239 -22.03 15.67 -9.14
C GLU C 239 -21.83 16.31 -7.78
N ASP C 240 -20.57 16.61 -7.46
CA ASP C 240 -20.18 17.33 -6.24
C ASP C 240 -20.81 16.76 -4.99
N CYS C 241 -20.63 15.45 -4.82
CA CYS C 241 -21.25 14.72 -3.73
C CYS C 241 -20.86 15.29 -2.40
N VAL C 242 -19.58 15.61 -2.26
CA VAL C 242 -19.01 15.99 -0.98
C VAL C 242 -17.90 17.00 -1.18
N PRO C 243 -17.63 17.82 -0.15
CA PRO C 243 -16.47 18.71 -0.26
C PRO C 243 -15.21 17.86 -0.40
N ALA C 244 -14.34 18.24 -1.33
CA ALA C 244 -13.21 17.41 -1.71
C ALA C 244 -11.83 18.08 -1.56
N GLU C 245 -11.69 19.03 -0.65
CA GLU C 245 -10.36 19.57 -0.36
C GLU C 245 -9.49 18.38 0.01
N ASN C 246 -10.10 17.43 0.71
CA ASN C 246 -9.46 16.16 0.98
C ASN C 246 -9.93 15.19 -0.12
N GLN C 247 -9.06 14.92 -1.08
CA GLN C 247 -9.50 14.17 -2.26
C GLN C 247 -9.87 12.74 -1.89
N GLU C 248 -9.39 12.28 -0.74
CA GLU C 248 -9.74 10.95 -0.25
C GLU C 248 -11.22 10.84 0.07
N SER C 249 -11.89 11.99 0.14
CA SER C 249 -13.33 12.01 0.42
C SER C 249 -14.14 11.20 -0.57
N LEU C 250 -13.62 11.04 -1.78
CA LEU C 250 -14.38 10.33 -2.80
C LEU C 250 -14.24 8.82 -2.71
N ARG C 251 -13.31 8.34 -1.89
CA ARG C 251 -13.00 6.91 -1.86
C ARG C 251 -14.20 6.04 -1.49
N LEU C 252 -14.85 6.34 -0.37
CA LEU C 252 -15.99 5.54 0.10
C LEU C 252 -17.12 5.49 -0.90
N ILE C 253 -17.32 6.59 -1.62
CA ILE C 253 -18.39 6.65 -2.59
C ILE C 253 -18.08 5.68 -3.73
N ARG C 254 -16.90 5.84 -4.30
CA ARG C 254 -16.47 5.01 -5.42
C ARG C 254 -16.53 3.52 -5.09
N GLU C 255 -16.22 3.18 -3.85
CA GLU C 255 -16.10 1.79 -3.47
C GLU C 255 -17.48 1.15 -3.26
N HIS C 256 -18.49 1.98 -3.07
CA HIS C 256 -19.83 1.49 -2.77
C HIS C 256 -20.89 1.64 -3.85
N THR C 257 -20.61 2.40 -4.90
CA THR C 257 -21.61 2.57 -5.95
C THR C 257 -21.04 2.57 -7.37
N THR C 258 -21.87 2.19 -8.34
CA THR C 258 -21.46 2.29 -9.74
C THR C 258 -22.12 3.46 -10.45
N THR C 259 -22.88 4.27 -9.72
CA THR C 259 -23.39 5.52 -10.27
C THR C 259 -22.19 6.41 -10.64
N PRO C 260 -22.09 6.85 -11.91
CA PRO C 260 -20.94 7.66 -12.31
C PRO C 260 -20.87 8.95 -11.51
N LEU C 261 -19.65 9.41 -11.27
CA LEU C 261 -19.41 10.58 -10.42
C LEU C 261 -18.72 11.70 -11.19
N ALA C 262 -19.08 12.95 -10.87
CA ALA C 262 -18.44 14.11 -11.46
C ALA C 262 -18.08 15.09 -10.36
N ILE C 263 -17.04 15.89 -10.59
CA ILE C 263 -16.65 16.88 -9.60
C ILE C 263 -15.65 17.87 -10.16
N GLY C 264 -15.57 19.05 -9.54
CA GLY C 264 -14.47 19.97 -9.82
C GLY C 264 -14.76 21.41 -10.23
N GLU C 265 -16.03 21.81 -10.24
CA GLU C 265 -16.30 23.20 -10.63
C GLU C 265 -15.67 24.18 -9.65
N VAL C 266 -15.44 23.75 -8.40
CA VAL C 266 -14.85 24.64 -7.40
C VAL C 266 -13.32 24.51 -7.34
N PHE C 267 -12.76 23.69 -8.22
CA PHE C 267 -11.30 23.54 -8.29
C PHE C 267 -10.66 24.61 -9.19
N ASN C 268 -9.37 24.84 -8.97
CA ASN C 268 -8.64 25.81 -9.77
C ASN C 268 -7.27 25.30 -10.24
N SER C 269 -6.92 24.08 -9.84
CA SER C 269 -5.60 23.54 -10.12
C SER C 269 -5.66 22.05 -10.41
N ILE C 270 -4.75 21.56 -11.24
CA ILE C 270 -4.60 20.12 -11.43
C ILE C 270 -4.25 19.44 -10.09
N HIS C 271 -3.65 20.21 -9.18
CA HIS C 271 -3.28 19.68 -7.86
C HIS C 271 -4.47 19.47 -6.92
N ASP C 272 -5.63 20.01 -7.32
CA ASP C 272 -6.88 19.79 -6.60
C ASP C 272 -7.54 18.45 -6.99
N CYS C 273 -7.08 17.84 -8.09
CA CYS C 273 -7.75 16.62 -8.60
C CYS C 273 -6.84 15.50 -9.09
N ARG C 274 -5.53 15.67 -8.99
CA ARG C 274 -4.61 14.67 -9.53
C ARG C 274 -4.88 13.29 -8.95
N GLU C 275 -5.05 13.23 -7.63
CA GLU C 275 -5.31 11.95 -6.95
C GLU C 275 -6.68 11.37 -7.27
N LEU C 276 -7.68 12.24 -7.38
CA LEU C 276 -9.04 11.84 -7.74
C LEU C 276 -9.02 11.12 -9.09
N ILE C 277 -8.26 11.70 -10.01
CA ILE C 277 -8.12 11.15 -11.35
C ILE C 277 -7.28 9.86 -11.37
N GLN C 278 -6.10 9.92 -10.78
CA GLN C 278 -5.17 8.77 -10.82
C GLN C 278 -5.73 7.54 -10.12
N ASN C 279 -6.50 7.75 -9.06
CA ASN C 279 -7.13 6.62 -8.37
C ASN C 279 -8.45 6.16 -8.95
N GLN C 280 -8.83 6.73 -10.09
CA GLN C 280 -10.08 6.44 -10.76
C GLN C 280 -11.31 6.63 -9.88
N TRP C 281 -11.33 7.75 -9.14
CA TRP C 281 -12.43 8.00 -8.21
C TRP C 281 -13.56 8.80 -8.86
N ILE C 282 -13.33 9.31 -10.07
CA ILE C 282 -14.35 10.08 -10.76
C ILE C 282 -14.40 9.73 -12.23
N ASP C 283 -15.51 10.07 -12.87
CA ASP C 283 -15.65 9.79 -14.30
C ASP C 283 -15.62 11.04 -15.13
N TYR C 284 -15.96 12.16 -14.49
CA TYR C 284 -16.00 13.44 -15.17
C TYR C 284 -15.33 14.53 -14.33
N ILE C 285 -14.43 15.29 -14.94
CA ILE C 285 -13.82 16.46 -14.30
C ILE C 285 -14.50 17.73 -14.79
N ARG C 286 -14.91 18.58 -13.84
CA ARG C 286 -15.83 19.69 -14.13
C ARG C 286 -15.18 21.07 -14.14
N MET C 287 -13.90 21.16 -13.76
CA MET C 287 -13.20 22.44 -13.72
C MET C 287 -13.19 23.13 -15.09
N PRO C 288 -13.69 24.39 -15.17
CA PRO C 288 -13.76 25.09 -16.46
C PRO C 288 -12.52 25.92 -16.75
N LEU C 289 -12.43 26.45 -17.97
CA LEU C 289 -11.28 27.27 -18.37
C LEU C 289 -11.04 28.47 -17.45
N THR C 290 -12.07 29.28 -17.21
CA THR C 290 -11.84 30.55 -16.52
C THR C 290 -11.36 30.41 -15.08
N HIS C 291 -11.69 29.31 -14.41
CA HIS C 291 -11.24 29.12 -13.03
C HIS C 291 -10.07 28.16 -12.94
N GLY C 292 -9.80 27.46 -14.04
CA GLY C 292 -8.77 26.44 -14.07
C GLY C 292 -7.44 26.82 -14.69
N GLY C 293 -7.11 28.11 -14.73
CA GLY C 293 -5.82 28.53 -15.26
C GLY C 293 -5.75 28.55 -16.79
N GLY C 294 -6.91 28.49 -17.44
CA GLY C 294 -7.02 28.66 -18.89
C GLY C 294 -6.81 27.41 -19.73
N ILE C 295 -6.65 27.64 -21.03
CA ILE C 295 -6.41 26.58 -22.02
C ILE C 295 -5.13 25.81 -21.71
N THR C 296 -4.07 26.55 -21.44
CA THR C 296 -2.78 25.96 -21.16
C THR C 296 -2.88 24.94 -20.02
N ALA C 297 -3.46 25.35 -18.90
CA ALA C 297 -3.58 24.45 -17.75
C ALA C 297 -4.56 23.31 -18.02
N MET C 298 -5.67 23.64 -18.66
CA MET C 298 -6.73 22.64 -18.82
C MET C 298 -6.38 21.54 -19.82
N ARG C 299 -5.55 21.87 -20.81
CA ARG C 299 -4.95 20.84 -21.67
C ARG C 299 -4.23 19.76 -20.81
N ARG C 300 -3.50 20.17 -19.80
CA ARG C 300 -2.80 19.22 -18.94
C ARG C 300 -3.76 18.38 -18.09
N VAL C 301 -4.81 19.03 -17.61
CA VAL C 301 -5.79 18.33 -16.80
C VAL C 301 -6.49 17.26 -17.64
N ALA C 302 -6.86 17.62 -18.87
CA ALA C 302 -7.52 16.70 -19.79
C ALA C 302 -6.61 15.54 -20.18
N ASP C 303 -5.32 15.83 -20.33
CA ASP C 303 -4.33 14.80 -20.63
C ASP C 303 -4.28 13.75 -19.51
N LEU C 304 -4.13 14.21 -18.28
CA LEU C 304 -4.09 13.31 -17.14
C LEU C 304 -5.37 12.48 -17.12
N ALA C 305 -6.50 13.16 -17.24
CA ALA C 305 -7.80 12.51 -17.24
C ALA C 305 -7.86 11.37 -18.26
N SER C 306 -7.32 11.61 -19.44
CA SER C 306 -7.47 10.62 -20.51
C SER C 306 -6.76 9.30 -20.18
N LEU C 307 -5.75 9.37 -19.33
CA LEU C 307 -5.03 8.16 -18.96
C LEU C 307 -5.90 7.21 -18.12
N TYR C 308 -6.96 7.74 -17.52
CA TYR C 308 -7.77 7.00 -16.55
C TYR C 308 -9.26 6.94 -16.90
N HIS C 309 -9.56 7.17 -18.18
CA HIS C 309 -10.90 7.04 -18.74
C HIS C 309 -11.79 8.20 -18.26
N VAL C 310 -11.19 9.21 -17.64
CA VAL C 310 -11.97 10.37 -17.20
C VAL C 310 -12.20 11.32 -18.38
N ARG C 311 -13.41 11.86 -18.51
CA ARG C 311 -13.77 12.74 -19.63
C ARG C 311 -14.09 14.15 -19.15
N THR C 312 -14.05 15.13 -20.05
CA THR C 312 -14.30 16.51 -19.63
C THR C 312 -15.80 16.77 -19.44
N GLY C 313 -16.13 17.59 -18.47
CA GLY C 313 -17.51 17.99 -18.29
C GLY C 313 -17.59 19.41 -17.77
N PHE C 314 -17.19 20.37 -18.59
CA PHE C 314 -16.97 21.72 -18.10
C PHE C 314 -18.20 22.32 -17.43
N HIS C 315 -17.97 22.84 -16.23
CA HIS C 315 -18.88 23.78 -15.59
C HIS C 315 -19.24 24.88 -16.60
N GLY C 316 -20.54 25.04 -16.86
CA GLY C 316 -21.00 26.08 -17.76
C GLY C 316 -22.21 26.85 -17.24
N PRO C 317 -22.03 27.55 -16.12
CA PRO C 317 -23.12 28.36 -15.55
C PRO C 317 -23.24 29.72 -16.23
N THR C 318 -24.25 30.49 -15.89
CA THR C 318 -24.34 31.86 -16.36
C THR C 318 -23.18 32.73 -15.86
N ASP C 319 -22.53 32.32 -14.77
CA ASP C 319 -21.43 33.13 -14.19
C ASP C 319 -20.05 32.91 -14.82
N LEU C 320 -19.99 32.10 -15.88
CA LEU C 320 -18.87 32.14 -16.79
C LEU C 320 -19.36 32.87 -18.04
N SER C 321 -18.61 33.84 -18.54
CA SER C 321 -19.10 34.65 -19.66
C SER C 321 -19.03 33.90 -20.99
N PRO C 322 -19.70 34.43 -22.04
CA PRO C 322 -19.64 33.84 -23.39
C PRO C 322 -18.22 33.74 -23.92
N VAL C 323 -17.30 34.56 -23.40
CA VAL C 323 -15.89 34.40 -23.75
C VAL C 323 -15.42 33.01 -23.34
N CYS C 324 -15.72 32.62 -22.11
CA CYS C 324 -15.35 31.27 -21.66
C CYS C 324 -16.09 30.23 -22.47
N LEU C 325 -17.39 30.45 -22.70
CA LEU C 325 -18.18 29.45 -23.38
C LEU C 325 -17.66 29.17 -24.80
N GLY C 326 -17.38 30.24 -25.54
CA GLY C 326 -16.87 30.07 -26.89
C GLY C 326 -15.56 29.30 -26.84
N ALA C 327 -14.68 29.68 -25.92
CA ALA C 327 -13.39 29.00 -25.79
C ALA C 327 -13.62 27.56 -25.38
N ALA C 328 -14.56 27.34 -24.46
CA ALA C 328 -14.88 25.99 -24.03
C ALA C 328 -15.37 25.13 -25.21
N ILE C 329 -16.20 25.73 -26.05
CA ILE C 329 -16.76 24.98 -27.19
C ILE C 329 -15.65 24.60 -28.16
N HIS C 330 -14.71 25.50 -28.39
CA HIS C 330 -13.55 25.17 -29.22
C HIS C 330 -12.77 24.02 -28.61
N PHE C 331 -12.49 24.15 -27.33
CA PHE C 331 -11.77 23.12 -26.59
C PHE C 331 -12.49 21.79 -26.68
N ASP C 332 -13.80 21.82 -26.45
CA ASP C 332 -14.65 20.63 -26.46
C ASP C 332 -14.64 19.96 -27.82
N THR C 333 -14.50 20.77 -28.85
CA THR C 333 -14.57 20.29 -30.23
C THR C 333 -13.31 19.49 -30.60
N TRP C 334 -12.19 19.88 -30.00
CA TRP C 334 -10.92 19.19 -30.24
C TRP C 334 -10.66 18.04 -29.27
N VAL C 335 -10.94 18.27 -27.98
CA VAL C 335 -10.43 17.34 -26.97
C VAL C 335 -10.93 15.91 -27.15
N PRO C 336 -10.00 14.94 -27.12
CA PRO C 336 -10.38 13.55 -27.38
C PRO C 336 -11.38 13.03 -26.33
N ASN C 337 -11.06 13.25 -25.07
CA ASN C 337 -11.86 12.72 -23.99
C ASN C 337 -12.96 13.66 -23.52
N PHE C 338 -13.77 14.13 -24.47
CA PHE C 338 -14.87 15.03 -24.17
C PHE C 338 -16.03 14.24 -23.59
N GLY C 339 -16.68 14.79 -22.58
CA GLY C 339 -17.84 14.13 -22.02
C GLY C 339 -19.11 14.88 -22.34
N ILE C 340 -19.20 16.12 -21.89
CA ILE C 340 -20.42 16.90 -22.06
C ILE C 340 -20.15 18.36 -21.74
N GLN C 341 -20.99 19.25 -22.26
CA GLN C 341 -20.80 20.67 -21.99
C GLN C 341 -22.05 21.22 -21.33
N GLU C 342 -21.91 21.74 -20.12
CA GLU C 342 -23.06 22.30 -19.43
C GLU C 342 -23.52 23.53 -20.17
N HIS C 343 -24.84 23.72 -20.29
CA HIS C 343 -25.39 24.94 -20.90
C HIS C 343 -26.50 25.60 -20.07
N MET C 344 -26.17 26.75 -19.48
CA MET C 344 -27.16 27.68 -18.92
C MET C 344 -27.11 28.91 -19.80
N PRO C 345 -28.14 29.11 -20.63
CA PRO C 345 -28.17 30.25 -21.57
C PRO C 345 -28.00 31.59 -20.87
N HIS C 346 -27.13 32.45 -21.38
CA HIS C 346 -27.01 33.81 -20.87
C HIS C 346 -28.23 34.64 -21.29
N THR C 347 -28.42 35.78 -20.63
CA THR C 347 -29.51 36.69 -20.98
C THR C 347 -29.20 37.36 -22.33
N ASP C 348 -30.22 37.94 -22.94
CA ASP C 348 -30.04 38.62 -24.22
C ASP C 348 -29.03 39.76 -24.13
N GLU C 349 -29.11 40.56 -23.07
CA GLU C 349 -28.15 41.65 -22.86
C GLU C 349 -26.72 41.16 -22.86
N THR C 350 -26.46 40.10 -22.09
CA THR C 350 -25.15 39.48 -22.04
C THR C 350 -24.70 39.03 -23.42
N ASP C 351 -25.60 38.38 -24.17
CA ASP C 351 -25.27 37.91 -25.51
C ASP C 351 -24.90 39.09 -26.41
N ALA C 352 -25.54 40.24 -26.18
CA ALA C 352 -25.27 41.42 -27.00
C ALA C 352 -23.92 42.04 -26.64
N VAL C 353 -23.58 42.01 -25.35
CA VAL C 353 -22.29 42.55 -24.91
C VAL C 353 -21.13 41.67 -25.37
N PHE C 354 -21.38 40.38 -25.54
CA PHE C 354 -20.34 39.46 -26.00
C PHE C 354 -20.68 38.79 -27.31
N PRO C 355 -20.56 39.54 -28.43
CA PRO C 355 -20.92 38.97 -29.75
C PRO C 355 -20.04 37.74 -30.03
N HIS C 356 -20.63 36.69 -30.59
CA HIS C 356 -19.91 35.41 -30.70
C HIS C 356 -20.41 34.59 -31.87
N ASP C 357 -19.61 33.61 -32.30
CA ASP C 357 -20.00 32.86 -33.48
C ASP C 357 -20.30 31.39 -33.23
N TYR C 358 -20.20 30.95 -31.98
CA TYR C 358 -20.69 29.61 -31.66
C TYR C 358 -22.19 29.66 -31.75
N ARG C 359 -22.80 28.56 -32.16
CA ARG C 359 -24.23 28.52 -32.31
C ARG C 359 -24.80 27.31 -31.63
N PHE C 360 -26.00 27.46 -31.09
CA PHE C 360 -26.69 26.34 -30.49
C PHE C 360 -27.74 25.81 -31.47
N GLU C 361 -27.71 24.52 -31.73
CA GLU C 361 -28.69 23.90 -32.61
C GLU C 361 -29.09 22.54 -32.09
N ASP C 362 -30.38 22.38 -31.79
CA ASP C 362 -30.95 21.07 -31.50
C ASP C 362 -30.18 20.30 -30.43
N GLY C 363 -29.95 20.93 -29.30
CA GLY C 363 -29.28 20.28 -28.19
C GLY C 363 -27.75 20.30 -28.21
N HIS C 364 -27.15 20.83 -29.28
CA HIS C 364 -25.68 20.83 -29.39
C HIS C 364 -25.09 22.19 -29.78
N PHE C 365 -23.84 22.41 -29.40
CA PHE C 365 -23.10 23.58 -29.85
C PHE C 365 -22.30 23.26 -31.12
N LEU C 366 -22.19 24.23 -32.01
CA LEU C 366 -21.25 24.13 -33.13
C LEU C 366 -20.19 25.19 -32.94
N ALA C 367 -18.92 24.79 -33.01
CA ALA C 367 -17.83 25.75 -32.85
C ALA C 367 -17.91 26.80 -33.95
N GLY C 368 -17.55 28.04 -33.62
CA GLY C 368 -17.44 29.06 -34.62
C GLY C 368 -16.23 28.83 -35.50
N GLU C 369 -16.20 29.50 -36.66
CA GLU C 369 -15.10 29.34 -37.62
C GLU C 369 -14.20 30.58 -37.76
N SER C 370 -14.54 31.64 -37.05
CA SER C 370 -13.71 32.84 -37.08
C SER C 370 -12.40 32.54 -36.38
N PRO C 371 -11.32 33.20 -36.82
CA PRO C 371 -10.04 33.09 -36.12
C PRO C 371 -10.19 33.55 -34.67
N GLY C 372 -9.42 32.92 -33.78
CA GLY C 372 -9.54 33.18 -32.36
C GLY C 372 -10.54 32.22 -31.75
N HIS C 373 -11.00 32.52 -30.54
CA HIS C 373 -12.11 31.77 -29.95
C HIS C 373 -13.47 32.25 -30.44
N GLY C 374 -13.50 33.36 -31.16
CA GLY C 374 -14.70 33.76 -31.85
C GLY C 374 -15.63 34.61 -31.00
N VAL C 375 -15.17 35.03 -29.83
CA VAL C 375 -15.96 35.93 -28.99
C VAL C 375 -15.29 37.30 -28.91
N ASP C 376 -16.11 38.34 -28.90
CA ASP C 376 -15.58 39.69 -28.69
C ASP C 376 -16.35 40.35 -27.55
N ILE C 377 -15.93 41.55 -27.19
CA ILE C 377 -16.68 42.36 -26.25
C ILE C 377 -16.97 43.74 -26.84
N ASP C 378 -18.26 44.08 -26.88
CA ASP C 378 -18.67 45.40 -27.33
C ASP C 378 -18.52 46.32 -26.12
N GLU C 379 -17.44 47.09 -26.07
CA GLU C 379 -17.13 47.90 -24.90
C GLU C 379 -18.13 49.04 -24.68
N GLU C 380 -18.59 49.63 -25.77
CA GLU C 380 -19.58 50.69 -25.66
C GLU C 380 -20.85 50.17 -25.00
N LEU C 381 -21.30 48.98 -25.41
CA LEU C 381 -22.47 48.36 -24.82
C LEU C 381 -22.22 47.92 -23.36
N ALA C 382 -21.07 47.27 -23.14
CA ALA C 382 -20.62 46.94 -21.80
C ALA C 382 -20.72 48.09 -20.80
N ALA C 383 -20.34 49.28 -21.22
CA ALA C 383 -20.35 50.45 -20.36
C ALA C 383 -21.74 50.81 -19.87
N LYS C 384 -22.76 50.29 -20.54
CA LYS C 384 -24.14 50.61 -20.17
C LYS C 384 -24.58 49.93 -18.88
N TYR C 385 -23.88 48.85 -18.50
CA TYR C 385 -24.28 48.06 -17.35
C TYR C 385 -23.22 48.04 -16.27
N PRO C 386 -23.33 48.96 -15.30
CA PRO C 386 -22.36 49.07 -14.22
C PRO C 386 -22.44 47.87 -13.28
N TYR C 387 -21.30 47.54 -12.67
CA TYR C 387 -21.21 46.49 -11.67
C TYR C 387 -22.26 46.62 -10.55
N GLU C 388 -22.82 45.49 -10.12
CA GLU C 388 -23.72 45.47 -8.98
C GLU C 388 -23.33 44.30 -8.11
N ARG C 389 -22.94 44.56 -6.87
CA ARG C 389 -22.56 43.45 -5.99
C ARG C 389 -23.67 42.41 -5.88
N ALA C 390 -23.29 41.16 -5.97
CA ALA C 390 -24.19 40.04 -5.78
C ALA C 390 -23.39 38.86 -5.23
N SER C 391 -23.82 38.33 -4.08
CA SER C 391 -23.11 37.27 -3.40
C SER C 391 -23.81 35.92 -3.54
N LEU C 392 -23.04 34.82 -3.56
CA LEU C 392 -23.63 33.48 -3.49
C LEU C 392 -24.24 33.22 -2.11
N PRO C 393 -25.24 32.34 -2.04
CA PRO C 393 -25.93 32.03 -0.78
C PRO C 393 -25.06 31.22 0.17
N VAL C 394 -25.42 31.20 1.45
CA VAL C 394 -24.84 30.21 2.35
C VAL C 394 -25.91 29.23 2.79
N ASN C 395 -25.47 28.10 3.32
CA ASN C 395 -26.33 27.05 3.80
C ASN C 395 -26.14 26.83 5.29
N ARG C 396 -27.24 26.65 6.01
CA ARG C 396 -27.19 26.31 7.43
C ARG C 396 -28.09 25.12 7.70
N LEU C 397 -27.61 24.22 8.56
CA LEU C 397 -28.44 23.09 9.01
C LEU C 397 -29.60 23.58 9.85
N GLU C 398 -30.53 22.68 10.17
CA GLU C 398 -31.71 23.08 10.94
C GLU C 398 -31.38 23.66 12.33
N ASP C 399 -30.21 23.31 12.88
CA ASP C 399 -29.79 23.80 14.19
C ASP C 399 -28.97 25.09 14.13
N GLY C 400 -28.73 25.58 12.92
CA GLY C 400 -27.97 26.81 12.69
C GLY C 400 -26.52 26.60 12.27
N THR C 401 -26.10 25.34 12.16
CA THR C 401 -24.70 25.06 11.83
C THR C 401 -24.38 25.55 10.43
N LEU C 402 -23.30 26.30 10.26
CA LEU C 402 -22.98 26.74 8.90
C LEU C 402 -22.45 25.58 8.05
N TRP C 403 -23.18 25.27 7.01
CA TRP C 403 -22.90 24.06 6.24
C TRP C 403 -22.30 24.43 4.87
N HIS C 404 -22.30 23.47 3.95
CA HIS C 404 -21.84 23.70 2.58
C HIS C 404 -23.03 24.06 1.72
N TRP C 405 -22.92 25.14 0.95
CA TRP C 405 -23.97 25.48 0.00
C TRP C 405 -23.73 24.76 -1.31
N LEU D 3 20.85 -29.41 -36.42
CA LEU D 3 20.83 -29.11 -37.84
C LEU D 3 20.59 -27.63 -38.08
N LYS D 4 21.39 -27.05 -38.97
CA LYS D 4 21.32 -25.63 -39.28
C LYS D 4 20.15 -25.30 -40.18
N ILE D 5 19.63 -24.09 -40.05
CA ILE D 5 18.65 -23.54 -40.97
C ILE D 5 19.26 -23.26 -42.35
N ARG D 6 18.71 -23.89 -43.38
CA ARG D 6 19.17 -23.67 -44.75
C ARG D 6 18.38 -22.57 -45.44
N ASP D 7 17.08 -22.57 -45.22
CA ASP D 7 16.21 -21.59 -45.85
C ASP D 7 15.09 -21.20 -44.92
N ALA D 8 14.60 -19.97 -45.08
CA ALA D 8 13.44 -19.49 -44.35
C ALA D 8 12.80 -18.43 -45.21
N TYR D 9 11.48 -18.49 -45.34
CA TYR D 9 10.80 -17.52 -46.18
C TYR D 9 9.34 -17.39 -45.77
N THR D 10 8.72 -16.28 -46.15
CA THR D 10 7.30 -16.08 -45.91
C THR D 10 6.45 -16.49 -47.10
N ILE D 11 5.22 -16.91 -46.81
CA ILE D 11 4.19 -17.10 -47.84
C ILE D 11 2.98 -16.25 -47.47
N VAL D 12 2.47 -15.50 -48.44
CA VAL D 12 1.27 -14.69 -48.23
C VAL D 12 0.19 -15.19 -49.16
N THR D 13 -1.02 -15.36 -48.63
CA THR D 13 -2.11 -15.94 -49.40
C THR D 13 -3.42 -15.48 -48.83
N CYS D 14 -4.47 -15.51 -49.66
CA CYS D 14 -5.77 -14.99 -49.27
C CYS D 14 -6.91 -15.92 -49.65
N PRO D 15 -6.95 -17.12 -49.04
CA PRO D 15 -8.04 -18.06 -49.33
C PRO D 15 -9.28 -17.75 -48.50
N GLY D 16 -9.94 -16.63 -48.80
CA GLY D 16 -11.06 -16.18 -48.00
C GLY D 16 -10.72 -14.94 -47.18
N ARG D 17 -9.44 -14.85 -46.80
CA ARG D 17 -8.89 -13.70 -46.09
C ARG D 17 -7.37 -13.85 -46.03
N ASN D 18 -6.66 -12.80 -45.66
CA ASN D 18 -5.18 -12.85 -45.70
C ASN D 18 -4.56 -13.64 -44.55
N PHE D 19 -3.56 -14.45 -44.88
CA PHE D 19 -2.72 -15.12 -43.91
C PHE D 19 -1.27 -14.98 -44.29
N VAL D 20 -0.42 -14.82 -43.28
CA VAL D 20 1.01 -14.79 -43.49
C VAL D 20 1.61 -15.94 -42.72
N THR D 21 2.50 -16.68 -43.38
CA THR D 21 3.06 -17.88 -42.79
C THR D 21 4.57 -17.82 -42.97
N LEU D 22 5.31 -18.26 -41.96
CA LEU D 22 6.76 -18.36 -42.08
C LEU D 22 7.11 -19.84 -42.19
N LYS D 23 7.97 -20.17 -43.15
CA LYS D 23 8.48 -21.54 -43.23
C LYS D 23 9.98 -21.54 -43.00
N ILE D 24 10.44 -22.52 -42.24
CA ILE D 24 11.86 -22.70 -41.98
C ILE D 24 12.23 -24.11 -42.41
N VAL D 25 13.34 -24.23 -43.14
CA VAL D 25 13.81 -25.51 -43.64
C VAL D 25 15.26 -25.74 -43.20
N THR D 26 15.52 -26.90 -42.59
CA THR D 26 16.85 -27.24 -42.11
C THR D 26 17.67 -27.94 -43.20
N GLU D 27 18.97 -28.08 -42.95
CA GLU D 27 19.90 -28.71 -43.90
C GLU D 27 19.52 -30.14 -44.31
N SER D 28 18.79 -30.84 -43.44
CA SER D 28 18.34 -32.20 -43.75
C SER D 28 16.97 -32.19 -44.43
N GLY D 29 16.42 -30.99 -44.63
CA GLY D 29 15.17 -30.85 -45.34
C GLY D 29 13.91 -30.94 -44.49
N THR D 30 14.09 -31.17 -43.19
CA THR D 30 12.97 -31.07 -42.26
C THR D 30 12.48 -29.62 -42.27
N HIS D 31 11.18 -29.41 -42.10
CA HIS D 31 10.64 -28.06 -42.17
C HIS D 31 9.53 -27.83 -41.16
N GLY D 32 9.32 -26.57 -40.83
CA GLY D 32 8.31 -26.19 -39.87
C GLY D 32 7.70 -24.87 -40.28
N ILE D 33 6.46 -24.63 -39.85
CA ILE D 33 5.78 -23.38 -40.18
C ILE D 33 5.21 -22.74 -38.93
N GLY D 34 5.16 -21.42 -38.95
CA GLY D 34 4.57 -20.66 -37.86
C GLY D 34 3.65 -19.62 -38.45
N ASP D 35 2.55 -19.33 -37.77
CA ASP D 35 1.61 -18.32 -38.23
C ASP D 35 2.20 -16.93 -38.00
N ALA D 36 2.01 -16.02 -38.95
CA ALA D 36 2.51 -14.65 -38.79
C ALA D 36 1.47 -13.59 -39.13
N THR D 37 0.21 -13.99 -39.11
CA THR D 37 -0.89 -13.12 -39.52
C THR D 37 -1.27 -12.08 -38.45
N LEU D 38 -1.29 -10.81 -38.85
CA LEU D 38 -1.74 -9.70 -38.03
C LEU D 38 -2.81 -8.94 -38.82
N ASN D 39 -4.07 -9.17 -38.48
CA ASN D 39 -5.20 -8.70 -39.28
C ASN D 39 -5.19 -7.21 -39.51
N GLY D 40 -5.22 -6.80 -40.79
CA GLY D 40 -5.23 -5.37 -41.11
C GLY D 40 -3.88 -4.68 -41.13
N ARG D 41 -2.82 -5.38 -40.74
CA ARG D 41 -1.47 -4.83 -40.79
C ARG D 41 -0.51 -5.92 -41.26
N GLU D 42 -1.03 -6.86 -42.05
CA GLU D 42 -0.29 -8.07 -42.42
C GLU D 42 1.09 -7.84 -43.04
N MET D 43 1.19 -6.86 -43.92
CA MET D 43 2.44 -6.66 -44.65
C MET D 43 3.56 -6.06 -43.80
N ALA D 44 3.21 -5.43 -42.68
CA ALA D 44 4.25 -4.93 -41.77
C ALA D 44 5.01 -6.10 -41.14
N VAL D 45 4.30 -7.18 -40.85
CA VAL D 45 4.97 -8.36 -40.33
C VAL D 45 5.73 -9.07 -41.45
N ALA D 46 5.12 -9.16 -42.64
CA ALA D 46 5.78 -9.79 -43.78
C ALA D 46 7.14 -9.16 -44.01
N ALA D 47 7.17 -7.82 -43.95
CA ALA D 47 8.39 -7.03 -44.16
C ALA D 47 9.37 -7.21 -43.00
N TYR D 48 8.85 -7.20 -41.78
CA TYR D 48 9.69 -7.35 -40.59
C TYR D 48 10.44 -8.68 -40.71
N LEU D 49 9.73 -9.72 -41.12
CA LEU D 49 10.37 -11.01 -41.36
C LEU D 49 11.29 -10.99 -42.58
N ASP D 50 10.72 -10.67 -43.74
CA ASP D 50 11.45 -10.72 -45.01
C ASP D 50 12.76 -9.97 -44.96
N GLU D 51 12.71 -8.74 -44.48
CA GLU D 51 13.85 -7.83 -44.57
C GLU D 51 14.81 -7.91 -43.41
N HIS D 52 14.30 -8.24 -42.23
CA HIS D 52 15.09 -8.07 -41.02
C HIS D 52 15.35 -9.33 -40.19
N VAL D 53 14.40 -10.28 -40.20
CA VAL D 53 14.53 -11.49 -39.39
C VAL D 53 15.03 -12.69 -40.18
N VAL D 54 14.40 -12.96 -41.31
CA VAL D 54 14.74 -14.13 -42.12
C VAL D 54 16.24 -14.21 -42.47
N PRO D 55 16.84 -13.09 -42.92
CA PRO D 55 18.26 -13.11 -43.25
C PRO D 55 19.11 -13.57 -42.07
N ALA D 56 18.78 -13.08 -40.87
CA ALA D 56 19.53 -13.49 -39.68
C ALA D 56 19.29 -14.94 -39.29
N LEU D 57 18.22 -15.55 -39.80
CA LEU D 57 17.94 -16.94 -39.44
C LEU D 57 18.85 -17.96 -40.14
N ILE D 58 19.30 -17.62 -41.34
CA ILE D 58 20.09 -18.55 -42.15
C ILE D 58 21.38 -18.94 -41.45
N GLY D 59 21.63 -20.25 -41.33
CA GLY D 59 22.84 -20.75 -40.72
C GLY D 59 22.72 -20.98 -39.22
N ARG D 60 21.61 -20.53 -38.63
CA ARG D 60 21.41 -20.70 -37.20
C ARG D 60 21.02 -22.13 -36.88
N ASP D 61 21.38 -22.57 -35.68
CA ASP D 61 21.03 -23.90 -35.22
C ASP D 61 19.53 -23.91 -34.88
N ALA D 62 18.76 -24.73 -35.59
CA ALA D 62 17.30 -24.71 -35.47
C ALA D 62 16.80 -25.19 -34.11
N GLY D 63 17.58 -26.04 -33.46
CA GLY D 63 17.19 -26.57 -32.16
C GLY D 63 17.28 -25.55 -31.04
N ARG D 64 18.00 -24.45 -31.28
CA ARG D 64 18.16 -23.46 -30.23
C ARG D 64 16.97 -22.51 -30.20
N ILE D 65 15.81 -23.02 -29.78
CA ILE D 65 14.58 -22.23 -29.79
C ILE D 65 14.65 -21.05 -28.82
N GLU D 66 15.04 -21.33 -27.58
CA GLU D 66 15.13 -20.31 -26.56
C GLU D 66 16.11 -19.20 -26.95
N ASP D 67 17.28 -19.59 -27.45
CA ASP D 67 18.30 -18.62 -27.86
C ASP D 67 17.78 -17.74 -28.97
N THR D 68 17.09 -18.36 -29.92
CA THR D 68 16.58 -17.63 -31.06
C THR D 68 15.51 -16.64 -30.59
N TRP D 69 14.71 -17.05 -29.62
CA TRP D 69 13.64 -16.21 -29.07
C TRP D 69 14.24 -14.96 -28.44
N GLN D 70 15.25 -15.15 -27.58
CA GLN D 70 15.90 -14.04 -26.91
C GLN D 70 16.70 -13.17 -27.89
N TYR D 71 17.32 -13.83 -28.87
CA TYR D 71 18.09 -13.16 -29.90
C TYR D 71 17.21 -12.18 -30.64
N LEU D 72 15.97 -12.59 -30.94
CA LEU D 72 15.06 -11.76 -31.71
C LEU D 72 14.34 -10.74 -30.84
N TYR D 73 14.02 -11.14 -29.62
CA TYR D 73 13.25 -10.28 -28.71
C TYR D 73 14.09 -9.11 -28.19
N ARG D 74 15.23 -9.45 -27.60
CA ARG D 74 16.17 -8.46 -27.09
C ARG D 74 17.00 -7.83 -28.18
N GLY D 75 17.36 -8.64 -29.18
CA GLY D 75 18.17 -8.19 -30.30
C GLY D 75 17.53 -7.12 -31.17
N ALA D 76 16.21 -7.10 -31.22
CA ALA D 76 15.49 -6.04 -31.95
C ALA D 76 15.73 -4.66 -31.36
N TYR D 77 16.16 -4.64 -30.09
CA TYR D 77 16.40 -3.41 -29.32
C TYR D 77 15.11 -2.68 -28.96
N TRP D 78 14.24 -2.50 -29.96
CA TRP D 78 12.91 -1.98 -29.72
C TRP D 78 11.98 -3.15 -29.40
N ARG D 79 11.63 -3.28 -28.12
CA ARG D 79 10.99 -4.50 -27.59
C ARG D 79 9.46 -4.46 -27.53
N ARG D 80 8.85 -5.64 -27.71
CA ARG D 80 7.40 -5.81 -27.65
C ARG D 80 6.73 -5.18 -28.86
N GLY D 81 5.39 -5.24 -28.89
CA GLY D 81 4.64 -4.71 -30.00
C GLY D 81 3.98 -5.80 -30.82
N PRO D 82 2.88 -5.46 -31.49
CA PRO D 82 2.10 -6.40 -32.32
C PRO D 82 2.93 -6.93 -33.48
N VAL D 83 3.57 -6.04 -34.22
CA VAL D 83 4.38 -6.47 -35.37
C VAL D 83 5.61 -7.26 -34.92
N THR D 84 6.30 -6.72 -33.93
CA THR D 84 7.47 -7.36 -33.32
C THR D 84 7.20 -8.77 -32.78
N MET D 85 6.18 -8.91 -31.95
CA MET D 85 5.96 -10.19 -31.25
C MET D 85 5.32 -11.25 -32.15
N THR D 86 4.63 -10.79 -33.18
CA THR D 86 4.03 -11.68 -34.18
C THR D 86 5.13 -12.33 -35.04
N ALA D 87 6.13 -11.53 -35.38
CA ALA D 87 7.26 -12.02 -36.15
C ALA D 87 8.00 -13.04 -35.33
N ILE D 88 8.30 -12.68 -34.09
CA ILE D 88 8.94 -13.59 -33.13
C ILE D 88 8.14 -14.87 -32.96
N ALA D 89 6.82 -14.72 -32.87
CA ALA D 89 5.89 -15.83 -32.69
C ALA D 89 5.97 -16.84 -33.85
N ALA D 90 6.12 -16.32 -35.06
CA ALA D 90 6.11 -17.14 -36.24
C ALA D 90 7.36 -17.99 -36.30
N VAL D 91 8.49 -17.40 -35.97
CA VAL D 91 9.75 -18.12 -35.86
C VAL D 91 9.66 -19.22 -34.80
N ASP D 92 9.16 -18.84 -33.63
CA ASP D 92 9.07 -19.75 -32.49
C ASP D 92 8.21 -20.96 -32.80
N MET D 93 7.05 -20.70 -33.39
CA MET D 93 6.10 -21.74 -33.72
C MET D 93 6.70 -22.70 -34.74
N ALA D 94 7.48 -22.15 -35.67
CA ALA D 94 8.07 -22.93 -36.74
C ALA D 94 9.19 -23.79 -36.18
N LEU D 95 9.90 -23.26 -35.19
CA LEU D 95 10.98 -24.01 -34.57
C LEU D 95 10.48 -25.11 -33.63
N TRP D 96 9.36 -24.87 -32.95
CA TRP D 96 8.78 -25.93 -32.12
C TRP D 96 8.23 -27.04 -33.01
N ASP D 97 7.65 -26.65 -34.15
CA ASP D 97 7.18 -27.60 -35.15
C ASP D 97 8.33 -28.53 -35.55
N ILE D 98 9.45 -27.92 -35.92
CA ILE D 98 10.66 -28.66 -36.30
C ILE D 98 11.17 -29.54 -35.18
N LYS D 99 11.23 -29.01 -33.96
CA LYS D 99 11.73 -29.79 -32.83
C LYS D 99 10.87 -31.02 -32.58
N ALA D 100 9.56 -30.84 -32.63
CA ALA D 100 8.65 -31.93 -32.34
C ALA D 100 8.75 -33.01 -33.43
N LYS D 101 8.98 -32.57 -34.66
CA LYS D 101 9.22 -33.50 -35.75
C LYS D 101 10.50 -34.28 -35.48
N ALA D 102 11.54 -33.57 -35.06
CA ALA D 102 12.83 -34.21 -34.85
C ALA D 102 12.76 -35.22 -33.72
N ALA D 103 11.86 -34.97 -32.77
CA ALA D 103 11.62 -35.85 -31.63
C ALA D 103 10.61 -36.96 -31.97
N GLY D 104 10.05 -36.91 -33.17
CA GLY D 104 9.04 -37.87 -33.60
C GLY D 104 7.76 -37.87 -32.76
N MET D 105 7.39 -36.70 -32.23
CA MET D 105 6.28 -36.58 -31.30
C MET D 105 5.32 -35.45 -31.71
N PRO D 106 4.02 -35.64 -31.45
CA PRO D 106 3.14 -34.48 -31.55
C PRO D 106 3.59 -33.44 -30.53
N LEU D 107 3.34 -32.17 -30.83
CA LEU D 107 3.82 -31.08 -29.98
C LEU D 107 3.40 -31.23 -28.51
N TYR D 108 2.17 -31.66 -28.26
CA TYR D 108 1.67 -31.69 -26.88
C TYR D 108 2.50 -32.63 -25.99
N GLN D 109 3.06 -33.69 -26.59
CA GLN D 109 3.96 -34.58 -25.86
C GLN D 109 5.24 -33.87 -25.47
N LEU D 110 5.75 -33.02 -26.37
CA LEU D 110 6.99 -32.29 -26.13
C LEU D 110 6.84 -31.27 -25.00
N LEU D 111 5.63 -30.72 -24.85
CA LEU D 111 5.36 -29.69 -23.85
C LEU D 111 5.17 -30.24 -22.45
N GLY D 112 4.97 -31.55 -22.33
CA GLY D 112 4.71 -32.16 -21.04
C GLY D 112 3.64 -33.22 -21.07
N GLY D 113 3.08 -33.47 -22.25
CA GLY D 113 2.12 -34.54 -22.44
C GLY D 113 0.71 -34.08 -22.14
N LYS D 114 -0.27 -34.94 -22.36
CA LYS D 114 -1.66 -34.50 -22.22
C LYS D 114 -2.14 -34.37 -20.78
N SER D 115 -2.82 -33.27 -20.50
CA SER D 115 -3.50 -33.05 -19.23
C SER D 115 -4.99 -33.32 -19.34
N ARG D 116 -5.49 -33.48 -20.58
CA ARG D 116 -6.91 -33.71 -20.82
C ARG D 116 -7.12 -34.43 -22.16
N GLU D 117 -8.28 -35.08 -22.28
CA GLU D 117 -8.62 -35.93 -23.43
C GLU D 117 -9.26 -35.18 -24.59
N ARG D 118 -9.77 -33.98 -24.32
CA ARG D 118 -10.43 -33.19 -25.34
C ARG D 118 -10.36 -31.72 -24.94
N VAL D 119 -10.36 -30.81 -25.90
CA VAL D 119 -10.34 -29.39 -25.56
C VAL D 119 -11.66 -28.67 -25.87
N MET D 120 -12.33 -28.22 -24.82
CA MET D 120 -13.61 -27.55 -24.98
C MET D 120 -13.46 -26.25 -25.77
N THR D 121 -14.41 -25.98 -26.65
CA THR D 121 -14.42 -24.79 -27.46
C THR D 121 -15.70 -24.02 -27.21
N TYR D 122 -15.75 -22.80 -27.73
CA TYR D 122 -16.99 -22.05 -27.84
C TYR D 122 -17.21 -21.56 -29.26
N ALA D 123 -18.48 -21.43 -29.63
CA ALA D 123 -18.85 -20.98 -30.97
C ALA D 123 -19.43 -19.57 -30.91
N HIS D 124 -19.41 -18.89 -32.05
CA HIS D 124 -20.03 -17.59 -32.17
C HIS D 124 -21.51 -17.71 -32.52
N CYS D 125 -22.36 -17.08 -31.73
CA CYS D 125 -23.77 -17.00 -32.04
C CYS D 125 -24.20 -15.56 -32.09
N THR D 126 -24.39 -15.07 -33.30
CA THR D 126 -24.73 -13.67 -33.52
C THR D 126 -26.01 -13.55 -34.31
N GLY D 127 -26.78 -12.51 -34.02
CA GLY D 127 -27.96 -12.22 -34.80
C GLY D 127 -28.31 -10.76 -34.70
N GLN D 128 -29.09 -10.27 -35.65
CA GLN D 128 -29.55 -8.88 -35.61
C GLN D 128 -30.47 -8.67 -34.42
N THR D 129 -31.46 -9.55 -34.26
CA THR D 129 -32.35 -9.50 -33.10
C THR D 129 -31.99 -10.58 -32.08
N ILE D 130 -32.63 -10.51 -30.92
CA ILE D 130 -32.36 -11.48 -29.87
C ILE D 130 -32.80 -12.86 -30.32
N GLU D 131 -33.98 -12.94 -30.94
CA GLU D 131 -34.47 -14.20 -31.47
C GLU D 131 -33.53 -14.78 -32.56
N ASP D 132 -32.98 -13.90 -33.41
CA ASP D 132 -31.96 -14.28 -34.41
C ASP D 132 -30.79 -14.98 -33.72
N CYS D 133 -30.33 -14.39 -32.62
CA CYS D 133 -29.22 -14.96 -31.86
C CYS D 133 -29.61 -16.28 -31.22
N LEU D 134 -30.80 -16.33 -30.63
CA LEU D 134 -31.33 -17.56 -30.08
C LEU D 134 -31.35 -18.69 -31.10
N GLY D 135 -31.73 -18.37 -32.34
CA GLY D 135 -31.75 -19.37 -33.39
C GLY D 135 -30.36 -19.93 -33.65
N GLU D 136 -29.34 -19.08 -33.57
CA GLU D 136 -27.96 -19.49 -33.76
C GLU D 136 -27.45 -20.36 -32.59
N VAL D 137 -27.74 -19.94 -31.37
CA VAL D 137 -27.41 -20.76 -30.21
C VAL D 137 -27.95 -22.17 -30.37
N ALA D 138 -29.21 -22.29 -30.79
CA ALA D 138 -29.81 -23.61 -30.98
C ALA D 138 -29.05 -24.44 -32.00
N ARG D 139 -28.62 -23.83 -33.09
CA ARG D 139 -27.96 -24.60 -34.15
C ARG D 139 -26.55 -25.01 -33.76
N HIS D 140 -25.87 -24.19 -32.99
CA HIS D 140 -24.55 -24.57 -32.50
C HIS D 140 -24.63 -25.64 -31.41
N VAL D 141 -25.66 -25.56 -30.57
CA VAL D 141 -25.91 -26.58 -29.55
C VAL D 141 -26.09 -27.96 -30.20
N GLU D 142 -26.77 -28.01 -31.34
CA GLU D 142 -26.98 -29.29 -32.02
C GLU D 142 -25.69 -29.77 -32.66
N LEU D 143 -24.75 -28.84 -32.86
CA LEU D 143 -23.44 -29.21 -33.37
C LEU D 143 -22.60 -29.81 -32.25
N GLY D 144 -23.05 -29.65 -31.00
CA GLY D 144 -22.36 -30.17 -29.84
C GLY D 144 -21.61 -29.13 -29.00
N TYR D 145 -21.66 -27.87 -29.39
CA TYR D 145 -20.99 -26.83 -28.62
C TYR D 145 -21.64 -26.70 -27.25
N ARG D 146 -20.82 -26.70 -26.21
CA ARG D 146 -21.30 -26.59 -24.84
C ARG D 146 -21.18 -25.14 -24.36
N ALA D 147 -20.66 -24.28 -25.24
CA ALA D 147 -20.38 -22.90 -24.87
C ALA D 147 -20.59 -22.03 -26.09
N VAL D 148 -21.25 -20.90 -25.92
CA VAL D 148 -21.54 -20.04 -27.03
C VAL D 148 -21.26 -18.60 -26.64
N ARG D 149 -20.68 -17.84 -27.56
CA ARG D 149 -20.54 -16.40 -27.40
C ARG D 149 -21.74 -15.77 -28.08
N VAL D 150 -22.47 -14.92 -27.37
CA VAL D 150 -23.72 -14.37 -27.87
C VAL D 150 -23.59 -12.87 -28.10
N GLN D 151 -24.07 -12.43 -29.27
CA GLN D 151 -24.08 -11.04 -29.68
C GLN D 151 -25.35 -10.77 -30.46
N SER D 152 -26.00 -9.64 -30.20
CA SER D 152 -27.19 -9.28 -30.96
C SER D 152 -27.14 -7.80 -31.28
N GLY D 153 -28.01 -7.34 -32.18
CA GLY D 153 -28.01 -5.94 -32.58
C GLY D 153 -28.50 -5.03 -31.45
N VAL D 154 -28.01 -3.80 -31.44
CA VAL D 154 -28.46 -2.81 -30.47
C VAL D 154 -29.41 -1.85 -31.14
N PRO D 155 -30.66 -1.79 -30.67
CA PRO D 155 -31.66 -0.93 -31.33
C PRO D 155 -31.32 0.55 -31.17
N GLY D 156 -31.64 1.36 -32.17
CA GLY D 156 -31.59 2.81 -32.05
C GLY D 156 -30.25 3.47 -32.34
N SER D 176 -14.12 -4.86 -46.69
CA SER D 176 -13.71 -3.46 -46.73
C SER D 176 -12.20 -3.29 -46.91
N SER D 177 -11.78 -2.77 -48.05
CA SER D 177 -10.39 -2.44 -48.29
C SER D 177 -9.90 -1.42 -47.26
N LEU D 178 -10.68 -0.37 -47.06
CA LEU D 178 -10.40 0.60 -46.02
C LEU D 178 -11.37 0.37 -44.86
N PRO D 179 -11.07 0.93 -43.68
CA PRO D 179 -11.92 0.66 -42.52
C PRO D 179 -13.36 1.07 -42.76
N ALA D 180 -14.29 0.17 -42.52
CA ALA D 180 -15.69 0.56 -42.43
C ALA D 180 -15.82 1.45 -41.20
N GLU D 181 -16.76 2.36 -41.21
CA GLU D 181 -16.97 3.19 -40.03
C GLU D 181 -18.33 2.92 -39.43
N HIS D 182 -18.33 2.33 -38.25
CA HIS D 182 -19.56 2.02 -37.56
C HIS D 182 -19.85 3.12 -36.55
N VAL D 183 -21.12 3.24 -36.20
CA VAL D 183 -21.57 4.20 -35.18
C VAL D 183 -21.84 3.44 -33.88
N TRP D 184 -21.54 4.08 -32.75
CA TRP D 184 -21.69 3.45 -31.44
C TRP D 184 -22.43 4.32 -30.43
N SER D 185 -23.24 3.68 -29.60
CA SER D 185 -23.90 4.32 -28.48
C SER D 185 -23.80 3.45 -27.22
N THR D 186 -23.04 3.91 -26.25
CA THR D 186 -22.85 3.12 -25.04
C THR D 186 -24.14 2.90 -24.24
N GLU D 187 -24.88 3.97 -24.01
CA GLU D 187 -26.06 3.85 -23.16
C GLU D 187 -27.13 2.93 -23.74
N LYS D 188 -27.36 3.00 -25.05
CA LYS D 188 -28.31 2.08 -25.68
C LYS D 188 -27.84 0.62 -25.55
N TYR D 189 -26.54 0.40 -25.67
CA TYR D 189 -25.99 -0.95 -25.46
C TYR D 189 -26.19 -1.44 -24.01
N LEU D 190 -25.88 -0.60 -23.03
CA LEU D 190 -26.02 -1.02 -21.63
C LEU D 190 -27.45 -1.35 -21.26
N ASN D 191 -28.40 -0.58 -21.79
CA ASN D 191 -29.81 -0.82 -21.53
C ASN D 191 -30.35 -2.10 -22.18
N HIS D 192 -29.68 -2.55 -23.24
CA HIS D 192 -30.18 -3.65 -24.05
C HIS D 192 -29.48 -4.99 -23.78
N ALA D 193 -28.18 -4.95 -23.56
CA ALA D 193 -27.39 -6.18 -23.44
C ALA D 193 -27.97 -7.20 -22.43
N PRO D 194 -28.42 -6.73 -21.24
CA PRO D 194 -28.91 -7.71 -20.27
C PRO D 194 -30.11 -8.51 -20.78
N LYS D 195 -30.92 -7.93 -21.65
CA LYS D 195 -32.10 -8.61 -22.20
C LYS D 195 -31.69 -9.84 -23.02
N LEU D 196 -30.56 -9.72 -23.71
CA LEU D 196 -30.06 -10.83 -24.52
C LEU D 196 -29.73 -12.02 -23.62
N PHE D 197 -29.01 -11.76 -22.54
CA PHE D 197 -28.60 -12.85 -21.66
C PHE D 197 -29.78 -13.52 -20.95
N ALA D 198 -30.76 -12.73 -20.52
CA ALA D 198 -31.99 -13.26 -19.94
C ALA D 198 -32.75 -14.19 -20.91
N ALA D 199 -32.83 -13.78 -22.17
CA ALA D 199 -33.53 -14.59 -23.17
C ALA D 199 -32.80 -15.89 -23.44
N VAL D 200 -31.47 -15.85 -23.48
CA VAL D 200 -30.70 -17.06 -23.64
C VAL D 200 -30.96 -18.05 -22.49
N ARG D 201 -30.95 -17.57 -21.25
CA ARG D 201 -31.21 -18.44 -20.10
C ARG D 201 -32.64 -18.97 -20.14
N GLU D 202 -33.58 -18.07 -20.42
CA GLU D 202 -34.98 -18.44 -20.49
C GLU D 202 -35.20 -19.65 -21.40
N ARG D 203 -34.57 -19.64 -22.57
CA ARG D 203 -34.77 -20.72 -23.55
C ARG D 203 -33.90 -21.95 -23.36
N PHE D 204 -32.63 -21.73 -23.02
CA PHE D 204 -31.66 -22.82 -23.04
C PHE D 204 -31.23 -23.33 -21.66
N GLY D 205 -31.66 -22.65 -20.61
CA GLY D 205 -31.39 -23.07 -19.25
C GLY D 205 -30.01 -22.69 -18.76
N ASP D 206 -29.55 -23.37 -17.71
CA ASP D 206 -28.35 -22.95 -17.00
C ASP D 206 -27.09 -23.79 -17.27
N ASP D 207 -27.23 -24.90 -17.98
CA ASP D 207 -26.07 -25.75 -18.22
C ASP D 207 -25.11 -25.16 -19.24
N LEU D 208 -25.68 -24.56 -20.27
CA LEU D 208 -24.90 -23.94 -21.33
C LEU D 208 -23.95 -22.89 -20.76
N HIS D 209 -22.69 -22.91 -21.20
CA HIS D 209 -21.78 -21.79 -20.92
C HIS D 209 -22.06 -20.64 -21.88
N VAL D 210 -22.30 -19.45 -21.33
CA VAL D 210 -22.62 -18.28 -22.16
C VAL D 210 -21.56 -17.19 -21.99
N LEU D 211 -20.94 -16.79 -23.11
CA LEU D 211 -19.86 -15.81 -23.11
C LEU D 211 -20.30 -14.55 -23.86
N HIS D 212 -19.71 -13.40 -23.51
CA HIS D 212 -20.03 -12.16 -24.20
C HIS D 212 -18.80 -11.27 -24.34
N ASP D 213 -18.62 -10.72 -25.52
CA ASP D 213 -17.47 -9.88 -25.80
C ASP D 213 -17.95 -8.44 -25.88
N VAL D 214 -17.53 -7.61 -24.93
CA VAL D 214 -17.92 -6.19 -24.97
C VAL D 214 -17.06 -5.40 -25.97
N HIS D 215 -15.92 -5.95 -26.36
CA HIS D 215 -15.13 -5.41 -27.46
C HIS D 215 -14.74 -3.94 -27.25
N HIS D 216 -14.25 -3.65 -26.05
CA HIS D 216 -13.45 -2.44 -25.76
C HIS D 216 -14.22 -1.15 -25.58
N ARG D 217 -15.56 -1.21 -25.62
CA ARG D 217 -16.35 0.01 -25.79
C ARG D 217 -16.72 0.78 -24.52
N LEU D 218 -16.52 0.14 -23.36
CA LEU D 218 -16.95 0.70 -22.07
C LEU D 218 -15.86 1.46 -21.30
N THR D 219 -16.26 2.33 -20.40
CA THR D 219 -15.34 2.83 -19.38
C THR D 219 -15.44 1.86 -18.23
N PRO D 220 -14.46 1.88 -17.31
CA PRO D 220 -14.53 0.91 -16.20
C PRO D 220 -15.82 0.93 -15.37
N ILE D 221 -16.31 2.09 -14.94
CA ILE D 221 -17.51 2.08 -14.09
C ILE D 221 -18.75 1.59 -14.88
N GLU D 222 -18.73 1.77 -16.20
CA GLU D 222 -19.81 1.29 -17.06
C GLU D 222 -19.74 -0.24 -17.15
N ALA D 223 -18.52 -0.76 -17.24
CA ALA D 223 -18.29 -2.21 -17.24
C ALA D 223 -18.70 -2.83 -15.89
N ALA D 224 -18.41 -2.12 -14.81
CA ALA D 224 -18.85 -2.53 -13.48
C ALA D 224 -20.38 -2.63 -13.46
N ARG D 225 -21.06 -1.61 -13.96
CA ARG D 225 -22.51 -1.65 -14.06
C ARG D 225 -23.02 -2.85 -14.85
N LEU D 226 -22.35 -3.14 -15.97
CA LEU D 226 -22.79 -4.21 -16.85
C LEU D 226 -22.55 -5.54 -16.16
N GLY D 227 -21.40 -5.66 -15.52
CA GLY D 227 -21.06 -6.85 -14.77
C GLY D 227 -22.14 -7.21 -13.77
N LYS D 228 -22.53 -6.24 -12.94
CA LYS D 228 -23.56 -6.46 -11.92
C LYS D 228 -24.90 -6.83 -12.56
N ALA D 229 -25.22 -6.15 -13.65
CA ALA D 229 -26.49 -6.34 -14.31
C ALA D 229 -26.64 -7.75 -14.85
N VAL D 230 -25.53 -8.39 -15.21
CA VAL D 230 -25.60 -9.72 -15.80
C VAL D 230 -25.25 -10.86 -14.85
N GLU D 231 -24.99 -10.52 -13.59
CA GLU D 231 -24.66 -11.54 -12.58
C GLU D 231 -25.71 -12.67 -12.46
N PRO D 232 -27.00 -12.33 -12.53
CA PRO D 232 -28.05 -13.35 -12.47
C PRO D 232 -27.95 -14.40 -13.60
N TYR D 233 -27.24 -14.07 -14.67
CA TYR D 233 -27.22 -14.94 -15.84
C TYR D 233 -25.96 -15.79 -15.89
N HIS D 234 -25.17 -15.66 -14.83
CA HIS D 234 -23.93 -16.42 -14.64
C HIS D 234 -23.14 -16.65 -15.92
N LEU D 235 -22.63 -15.56 -16.53
CA LEU D 235 -21.79 -15.66 -17.73
C LEU D 235 -20.45 -16.35 -17.45
N PHE D 236 -19.99 -17.13 -18.42
CA PHE D 236 -18.68 -17.78 -18.38
C PHE D 236 -17.59 -16.72 -18.34
N TRP D 237 -17.75 -15.69 -19.17
CA TRP D 237 -16.93 -14.47 -19.05
C TRP D 237 -17.52 -13.25 -19.71
N LEU D 238 -17.05 -12.09 -19.25
CA LEU D 238 -17.33 -10.84 -19.90
C LEU D 238 -15.98 -10.40 -20.46
N GLU D 239 -15.88 -10.29 -21.77
CA GLU D 239 -14.58 -10.16 -22.43
C GLU D 239 -14.27 -8.74 -22.90
N ASP D 240 -13.03 -8.33 -22.69
CA ASP D 240 -12.52 -7.04 -23.17
C ASP D 240 -13.44 -5.87 -22.85
N CYS D 241 -13.73 -5.68 -21.56
CA CYS D 241 -14.65 -4.62 -21.12
C CYS D 241 -14.22 -3.21 -21.53
N VAL D 242 -12.94 -2.91 -21.34
CA VAL D 242 -12.42 -1.57 -21.52
C VAL D 242 -11.01 -1.71 -22.11
N PRO D 243 -10.51 -0.65 -22.78
CA PRO D 243 -9.10 -0.69 -23.21
C PRO D 243 -8.20 -0.83 -21.99
N ALA D 244 -7.17 -1.68 -22.09
CA ALA D 244 -6.37 -2.01 -20.92
C ALA D 244 -4.87 -1.77 -21.07
N GLU D 245 -4.49 -0.76 -21.85
CA GLU D 245 -3.11 -0.28 -21.87
C GLU D 245 -2.66 0.11 -20.47
N ASN D 246 -3.57 0.77 -19.75
CA ASN D 246 -3.39 1.04 -18.35
C ASN D 246 -4.07 -0.11 -17.64
N GLN D 247 -3.27 -1.04 -17.12
CA GLN D 247 -3.85 -2.26 -16.57
C GLN D 247 -4.75 -2.00 -15.37
N GLU D 248 -4.60 -0.85 -14.73
CA GLU D 248 -5.40 -0.48 -13.58
C GLU D 248 -6.87 -0.27 -13.94
N SER D 249 -7.15 -0.23 -15.24
CA SER D 249 -8.51 -0.12 -15.76
C SER D 249 -9.46 -1.23 -15.28
N LEU D 250 -8.93 -2.42 -15.04
CA LEU D 250 -9.81 -3.48 -14.56
C LEU D 250 -10.22 -3.39 -13.10
N ARG D 251 -9.55 -2.56 -12.32
CA ARG D 251 -9.76 -2.59 -10.87
C ARG D 251 -11.19 -2.29 -10.47
N LEU D 252 -11.75 -1.19 -10.96
CA LEU D 252 -13.15 -0.87 -10.64
C LEU D 252 -14.12 -1.96 -11.04
N ILE D 253 -13.86 -2.62 -12.16
CA ILE D 253 -14.76 -3.69 -12.61
C ILE D 253 -14.70 -4.84 -11.61
N ARG D 254 -13.50 -5.33 -11.35
CA ARG D 254 -13.29 -6.44 -10.42
C ARG D 254 -13.87 -6.17 -9.03
N GLU D 255 -13.72 -4.94 -8.54
CA GLU D 255 -14.18 -4.59 -7.21
C GLU D 255 -15.71 -4.49 -7.06
N HIS D 256 -16.41 -4.45 -8.19
CA HIS D 256 -17.87 -4.25 -8.15
C HIS D 256 -18.71 -5.41 -8.69
N THR D 257 -18.09 -6.43 -9.25
CA THR D 257 -18.89 -7.52 -9.79
C THR D 257 -18.21 -8.87 -9.63
N THR D 258 -19.00 -9.94 -9.59
CA THR D 258 -18.46 -11.28 -9.54
C THR D 258 -18.63 -11.97 -10.89
N THR D 259 -19.04 -11.21 -11.89
CA THR D 259 -19.08 -11.73 -13.24
C THR D 259 -17.66 -11.94 -13.71
N PRO D 260 -17.32 -13.18 -14.09
CA PRO D 260 -15.93 -13.48 -14.45
C PRO D 260 -15.44 -12.63 -15.63
N LEU D 261 -14.17 -12.23 -15.59
CA LEU D 261 -13.63 -11.32 -16.61
C LEU D 261 -12.56 -12.01 -17.46
N ALA D 262 -12.54 -11.68 -18.74
CA ALA D 262 -11.53 -12.17 -19.67
C ALA D 262 -10.95 -10.99 -20.44
N ILE D 263 -9.65 -11.04 -20.75
CA ILE D 263 -9.04 -9.98 -21.55
C ILE D 263 -7.78 -10.45 -22.25
N GLY D 264 -7.39 -9.75 -23.31
CA GLY D 264 -6.03 -9.89 -23.79
C GLY D 264 -5.76 -10.24 -25.24
N GLU D 265 -6.78 -10.37 -26.07
CA GLU D 265 -6.52 -10.69 -27.47
C GLU D 265 -5.66 -9.62 -28.17
N VAL D 266 -5.78 -8.36 -27.73
CA VAL D 266 -4.97 -7.32 -28.33
C VAL D 266 -3.60 -7.17 -27.64
N PHE D 267 -3.28 -8.06 -26.69
CA PHE D 267 -1.99 -8.02 -25.99
C PHE D 267 -0.92 -8.77 -26.79
N ASN D 268 0.34 -8.42 -26.60
CA ASN D 268 1.41 -9.15 -27.28
C ASN D 268 2.54 -9.55 -26.35
N SER D 269 2.43 -9.17 -25.07
CA SER D 269 3.49 -9.40 -24.10
C SER D 269 2.95 -9.75 -22.70
N ILE D 270 3.71 -10.57 -21.97
CA ILE D 270 3.43 -10.84 -20.57
C ILE D 270 3.39 -9.51 -19.81
N HIS D 271 4.15 -8.53 -20.29
CA HIS D 271 4.22 -7.23 -19.64
C HIS D 271 2.96 -6.39 -19.81
N ASP D 272 2.08 -6.84 -20.71
CA ASP D 272 0.75 -6.22 -20.94
C ASP D 272 -0.26 -6.69 -19.92
N CYS D 273 0.06 -7.77 -19.22
CA CYS D 273 -0.93 -8.40 -18.37
C CYS D 273 -0.42 -8.87 -17.01
N ARG D 274 0.87 -8.67 -16.75
CA ARG D 274 1.47 -9.12 -15.50
C ARG D 274 0.67 -8.68 -14.29
N GLU D 275 0.33 -7.39 -14.29
CA GLU D 275 -0.34 -6.78 -13.14
C GLU D 275 -1.79 -7.21 -13.03
N LEU D 276 -2.44 -7.32 -14.19
CA LEU D 276 -3.80 -7.85 -14.31
C LEU D 276 -3.89 -9.21 -13.63
N ILE D 277 -2.91 -10.05 -13.92
CA ILE D 277 -2.88 -11.39 -13.36
C ILE D 277 -2.54 -11.37 -11.88
N GLN D 278 -1.48 -10.64 -11.53
CA GLN D 278 -0.95 -10.66 -10.17
C GLN D 278 -1.93 -10.04 -9.17
N ASN D 279 -2.71 -9.07 -9.64
CA ASN D 279 -3.75 -8.49 -8.81
C ASN D 279 -5.07 -9.26 -8.84
N GLN D 280 -5.12 -10.35 -9.63
CA GLN D 280 -6.34 -11.13 -9.74
C GLN D 280 -7.53 -10.31 -10.20
N TRP D 281 -7.29 -9.48 -11.22
CA TRP D 281 -8.34 -8.68 -11.79
C TRP D 281 -8.99 -9.38 -12.99
N ILE D 282 -8.45 -10.51 -13.40
CA ILE D 282 -9.05 -11.25 -14.51
C ILE D 282 -9.10 -12.74 -14.20
N ASP D 283 -9.97 -13.45 -14.91
CA ASP D 283 -10.10 -14.89 -14.78
C ASP D 283 -9.52 -15.66 -15.96
N TYR D 284 -9.56 -15.05 -17.13
CA TYR D 284 -9.04 -15.70 -18.32
C TYR D 284 -8.13 -14.76 -19.10
N ILE D 285 -6.97 -15.27 -19.51
CA ILE D 285 -6.05 -14.52 -20.36
C ILE D 285 -6.25 -14.97 -21.82
N ARG D 286 -6.54 -14.00 -22.67
CA ARG D 286 -6.97 -14.26 -24.05
C ARG D 286 -5.85 -14.25 -25.12
N MET D 287 -4.67 -13.78 -24.76
CA MET D 287 -3.60 -13.62 -25.74
C MET D 287 -3.25 -14.94 -26.45
N PRO D 288 -3.24 -14.96 -27.79
CA PRO D 288 -3.02 -16.23 -28.51
C PRO D 288 -1.58 -16.41 -28.96
N LEU D 289 -1.26 -17.58 -29.50
CA LEU D 289 0.12 -17.88 -29.88
C LEU D 289 0.73 -16.92 -30.91
N THR D 290 0.03 -16.65 -32.01
CA THR D 290 0.69 -15.87 -33.08
C THR D 290 0.98 -14.42 -32.71
N HIS D 291 0.21 -13.85 -31.78
CA HIS D 291 0.40 -12.47 -31.37
C HIS D 291 1.18 -12.29 -30.06
N GLY D 292 1.23 -13.36 -29.28
CA GLY D 292 1.86 -13.32 -27.96
C GLY D 292 3.24 -13.95 -27.88
N GLY D 293 3.95 -14.01 -28.99
CA GLY D 293 5.34 -14.44 -28.98
C GLY D 293 5.57 -15.93 -29.13
N GLY D 294 4.52 -16.67 -29.43
CA GLY D 294 4.66 -18.08 -29.76
C GLY D 294 4.60 -18.95 -28.51
N ILE D 295 4.96 -20.22 -28.66
CA ILE D 295 4.91 -21.21 -27.59
C ILE D 295 5.78 -20.82 -26.40
N THR D 296 7.01 -20.44 -26.71
CA THR D 296 7.99 -20.07 -25.70
C THR D 296 7.48 -18.99 -24.73
N ALA D 297 6.89 -17.95 -25.28
CA ALA D 297 6.43 -16.84 -24.47
C ALA D 297 5.14 -17.19 -23.74
N MET D 298 4.26 -17.91 -24.41
CA MET D 298 2.94 -18.18 -23.83
C MET D 298 3.04 -19.17 -22.69
N ARG D 299 4.07 -20.01 -22.70
CA ARG D 299 4.35 -20.89 -21.56
C ARG D 299 4.61 -20.10 -20.27
N ARG D 300 5.36 -19.00 -20.38
CA ARG D 300 5.61 -18.17 -19.20
C ARG D 300 4.33 -17.44 -18.74
N VAL D 301 3.50 -17.07 -19.70
CA VAL D 301 2.26 -16.37 -19.38
C VAL D 301 1.29 -17.31 -18.66
N ALA D 302 1.13 -18.53 -19.19
CA ALA D 302 0.27 -19.54 -18.58
C ALA D 302 0.76 -19.87 -17.18
N ASP D 303 2.09 -19.95 -17.04
CA ASP D 303 2.72 -20.19 -15.75
C ASP D 303 2.34 -19.11 -14.73
N LEU D 304 2.54 -17.84 -15.09
CA LEU D 304 2.20 -16.74 -14.18
C LEU D 304 0.71 -16.82 -13.84
N ALA D 305 -0.12 -16.99 -14.87
CA ALA D 305 -1.56 -17.12 -14.68
C ALA D 305 -1.90 -18.20 -13.63
N SER D 306 -1.18 -19.31 -13.65
CA SER D 306 -1.54 -20.45 -12.81
C SER D 306 -1.37 -20.17 -11.31
N LEU D 307 -0.46 -19.26 -10.95
CA LEU D 307 -0.29 -18.86 -9.56
C LEU D 307 -1.49 -18.09 -9.01
N TYR D 308 -2.34 -17.59 -9.89
CA TYR D 308 -3.47 -16.78 -9.43
C TYR D 308 -4.84 -17.33 -9.85
N HIS D 309 -4.87 -18.60 -10.23
CA HIS D 309 -6.11 -19.27 -10.66
C HIS D 309 -6.61 -18.78 -12.02
N VAL D 310 -5.77 -18.05 -12.74
CA VAL D 310 -6.14 -17.56 -14.06
C VAL D 310 -5.96 -18.66 -15.09
N ARG D 311 -6.91 -18.77 -16.02
CA ARG D 311 -6.89 -19.85 -17.00
C ARG D 311 -6.78 -19.32 -18.44
N THR D 312 -6.31 -20.17 -19.35
CA THR D 312 -6.15 -19.74 -20.73
C THR D 312 -7.47 -19.77 -21.45
N GLY D 313 -7.67 -18.77 -22.32
CA GLY D 313 -8.86 -18.69 -23.16
C GLY D 313 -8.44 -18.11 -24.49
N PHE D 314 -7.56 -18.83 -25.22
CA PHE D 314 -6.96 -18.32 -26.43
C PHE D 314 -7.97 -17.72 -27.42
N HIS D 315 -7.67 -16.50 -27.84
CA HIS D 315 -8.34 -15.85 -28.97
C HIS D 315 -8.18 -16.75 -30.19
N GLY D 316 -9.30 -17.10 -30.83
CA GLY D 316 -9.29 -18.02 -31.96
C GLY D 316 -10.19 -17.56 -33.10
N PRO D 317 -9.88 -16.41 -33.69
CA PRO D 317 -10.74 -15.90 -34.77
C PRO D 317 -10.33 -16.54 -36.09
N THR D 318 -10.96 -16.14 -37.19
CA THR D 318 -10.50 -16.63 -38.48
C THR D 318 -9.17 -15.99 -38.87
N ASP D 319 -8.85 -14.81 -38.32
CA ASP D 319 -7.61 -14.11 -38.70
C ASP D 319 -6.35 -14.71 -38.06
N LEU D 320 -6.50 -15.80 -37.31
CA LEU D 320 -5.36 -16.62 -36.96
C LEU D 320 -5.48 -17.89 -37.80
N SER D 321 -4.40 -18.29 -38.43
CA SER D 321 -4.46 -19.38 -39.40
C SER D 321 -4.61 -20.74 -38.76
N PRO D 322 -4.97 -21.75 -39.56
CA PRO D 322 -4.96 -23.12 -39.03
C PRO D 322 -3.61 -23.49 -38.41
N VAL D 323 -2.51 -22.82 -38.74
CA VAL D 323 -1.23 -23.15 -38.11
C VAL D 323 -1.29 -22.79 -36.63
N CYS D 324 -1.76 -21.59 -36.36
CA CYS D 324 -1.89 -21.17 -34.97
C CYS D 324 -2.89 -22.06 -34.26
N LEU D 325 -4.01 -22.37 -34.92
CA LEU D 325 -5.04 -23.17 -34.27
C LEU D 325 -4.48 -24.56 -33.91
N GLY D 326 -3.80 -25.19 -34.86
CA GLY D 326 -3.18 -26.49 -34.60
C GLY D 326 -2.25 -26.47 -33.39
N ALA D 327 -1.34 -25.50 -33.37
CA ALA D 327 -0.41 -25.33 -32.27
C ALA D 327 -1.13 -25.03 -30.96
N ALA D 328 -2.17 -24.22 -31.04
CA ALA D 328 -3.00 -23.88 -29.87
C ALA D 328 -3.68 -25.11 -29.27
N ILE D 329 -4.18 -25.99 -30.11
CA ILE D 329 -4.85 -27.19 -29.59
C ILE D 329 -3.85 -28.09 -28.86
N HIS D 330 -2.65 -28.25 -29.43
CA HIS D 330 -1.55 -28.95 -28.76
C HIS D 330 -1.28 -28.32 -27.40
N PHE D 331 -1.11 -26.99 -27.39
CA PHE D 331 -0.86 -26.25 -26.17
C PHE D 331 -1.99 -26.46 -25.15
N ASP D 332 -3.24 -26.33 -25.60
CA ASP D 332 -4.44 -26.55 -24.77
C ASP D 332 -4.50 -27.96 -24.21
N THR D 333 -3.93 -28.92 -24.93
CA THR D 333 -4.00 -30.31 -24.51
C THR D 333 -3.09 -30.59 -23.31
N TRP D 334 -1.92 -29.93 -23.29
CA TRP D 334 -0.99 -30.08 -22.19
C TRP D 334 -1.23 -29.12 -21.00
N VAL D 335 -1.51 -27.86 -21.29
CA VAL D 335 -1.53 -26.84 -20.23
C VAL D 335 -2.46 -27.15 -19.05
N PRO D 336 -1.90 -27.11 -17.83
CA PRO D 336 -2.71 -27.43 -16.66
C PRO D 336 -3.93 -26.52 -16.57
N ASN D 337 -3.64 -25.21 -16.61
CA ASN D 337 -4.66 -24.18 -16.38
C ASN D 337 -5.42 -23.74 -17.64
N PHE D 338 -5.93 -24.72 -18.36
CA PHE D 338 -6.76 -24.50 -19.53
C PHE D 338 -8.16 -24.04 -19.12
N GLY D 339 -8.68 -23.05 -19.84
CA GLY D 339 -10.02 -22.58 -19.60
C GLY D 339 -10.91 -22.97 -20.77
N ILE D 340 -10.59 -22.45 -21.96
CA ILE D 340 -11.42 -22.72 -23.12
C ILE D 340 -10.69 -22.33 -24.41
N GLN D 341 -11.08 -22.94 -25.51
CA GLN D 341 -10.51 -22.54 -26.80
C GLN D 341 -11.59 -21.95 -27.73
N GLU D 342 -11.39 -20.73 -28.19
CA GLU D 342 -12.32 -20.12 -29.14
C GLU D 342 -12.26 -20.83 -30.49
N HIS D 343 -13.42 -21.03 -31.10
CA HIS D 343 -13.47 -21.60 -32.45
C HIS D 343 -14.33 -20.80 -33.44
N MET D 344 -13.68 -20.06 -34.33
CA MET D 344 -14.33 -19.52 -35.53
C MET D 344 -13.83 -20.34 -36.71
N PRO D 345 -14.67 -21.25 -37.23
CA PRO D 345 -14.23 -22.16 -38.29
C PRO D 345 -13.71 -21.41 -39.52
N HIS D 346 -12.57 -21.84 -40.05
CA HIS D 346 -12.05 -21.26 -41.28
C HIS D 346 -12.88 -21.72 -42.49
N THR D 347 -12.74 -21.02 -43.60
CA THR D 347 -13.43 -21.41 -44.83
C THR D 347 -12.80 -22.70 -45.38
N ASP D 348 -13.53 -23.39 -46.25
CA ASP D 348 -13.00 -24.63 -46.84
C ASP D 348 -11.68 -24.40 -47.57
N GLU D 349 -11.57 -23.27 -48.27
CA GLU D 349 -10.35 -22.94 -49.01
C GLU D 349 -9.17 -22.72 -48.08
N THR D 350 -9.42 -22.10 -46.93
CA THR D 350 -8.36 -21.95 -45.93
C THR D 350 -7.93 -23.31 -45.39
N ASP D 351 -8.89 -24.16 -45.05
CA ASP D 351 -8.57 -25.50 -44.56
C ASP D 351 -7.80 -26.31 -45.60
N ALA D 352 -8.06 -26.05 -46.88
CA ALA D 352 -7.36 -26.79 -47.94
C ALA D 352 -5.92 -26.30 -48.05
N VAL D 353 -5.73 -24.99 -47.89
CA VAL D 353 -4.39 -24.41 -47.95
C VAL D 353 -3.52 -24.83 -46.76
N PHE D 354 -4.14 -25.12 -45.62
CA PHE D 354 -3.39 -25.55 -44.44
C PHE D 354 -3.87 -26.90 -43.93
N PRO D 355 -3.43 -27.97 -44.61
CA PRO D 355 -3.77 -29.32 -44.20
C PRO D 355 -3.34 -29.57 -42.74
N HIS D 356 -4.18 -30.23 -41.95
CA HIS D 356 -3.92 -30.39 -40.54
C HIS D 356 -4.54 -31.66 -40.00
N ASP D 357 -4.11 -32.09 -38.82
CA ASP D 357 -4.67 -33.30 -38.25
C ASP D 357 -5.42 -33.13 -36.93
N TYR D 358 -5.61 -31.89 -36.48
CA TYR D 358 -6.55 -31.67 -35.37
C TYR D 358 -7.95 -31.92 -35.90
N ARG D 359 -8.86 -32.30 -35.02
CA ARG D 359 -10.22 -32.57 -35.44
C ARG D 359 -11.23 -32.09 -34.41
N PHE D 360 -12.45 -31.87 -34.88
CA PHE D 360 -13.53 -31.37 -34.05
C PHE D 360 -14.53 -32.50 -33.83
N GLU D 361 -14.86 -32.75 -32.56
CA GLU D 361 -15.89 -33.72 -32.23
C GLU D 361 -16.78 -33.18 -31.13
N ASP D 362 -18.08 -33.06 -31.42
CA ASP D 362 -19.08 -32.86 -30.39
C ASP D 362 -18.74 -31.71 -29.46
N GLY D 363 -18.37 -30.56 -30.03
CA GLY D 363 -18.10 -29.36 -29.25
C GLY D 363 -16.67 -29.20 -28.78
N HIS D 364 -15.81 -30.17 -29.07
CA HIS D 364 -14.44 -30.17 -28.53
C HIS D 364 -13.42 -30.49 -29.61
N PHE D 365 -12.19 -29.99 -29.44
CA PHE D 365 -11.06 -30.34 -30.34
C PHE D 365 -10.26 -31.50 -29.76
N LEU D 366 -9.65 -32.30 -30.64
CA LEU D 366 -8.69 -33.34 -30.26
C LEU D 366 -7.37 -33.03 -30.96
N ALA D 367 -6.27 -33.02 -30.22
CA ALA D 367 -5.00 -32.66 -30.84
C ALA D 367 -4.62 -33.69 -31.90
N GLY D 368 -3.79 -33.29 -32.84
CA GLY D 368 -3.26 -34.23 -33.81
C GLY D 368 -2.27 -35.15 -33.12
N GLU D 369 -1.98 -36.29 -33.75
CA GLU D 369 -1.02 -37.23 -33.20
C GLU D 369 0.26 -37.35 -34.03
N SER D 370 0.32 -36.66 -35.17
CA SER D 370 1.52 -36.67 -36.01
C SER D 370 2.60 -35.74 -35.45
N PRO D 371 3.88 -36.06 -35.70
CA PRO D 371 4.96 -35.20 -35.20
C PRO D 371 4.83 -33.75 -35.66
N GLY D 372 5.27 -32.80 -34.82
CA GLY D 372 5.14 -31.39 -35.10
C GLY D 372 3.84 -30.86 -34.52
N HIS D 373 3.42 -29.65 -34.90
CA HIS D 373 2.08 -29.21 -34.51
C HIS D 373 1.01 -29.82 -35.41
N GLY D 374 1.44 -30.53 -36.46
CA GLY D 374 0.51 -31.26 -37.31
C GLY D 374 -0.15 -30.46 -38.42
N VAL D 375 0.24 -29.20 -38.58
CA VAL D 375 -0.27 -28.39 -39.68
C VAL D 375 0.83 -28.22 -40.72
N ASP D 376 0.44 -28.15 -41.99
CA ASP D 376 1.38 -27.84 -43.06
C ASP D 376 0.72 -26.81 -43.96
N ILE D 377 1.45 -26.34 -44.96
CA ILE D 377 0.89 -25.42 -45.93
C ILE D 377 1.13 -25.97 -47.32
N ASP D 378 0.09 -25.96 -48.14
CA ASP D 378 0.18 -26.39 -49.51
C ASP D 378 0.58 -25.16 -50.30
N GLU D 379 1.86 -25.04 -50.61
CA GLU D 379 2.37 -23.82 -51.22
C GLU D 379 1.81 -23.55 -52.62
N GLU D 380 1.51 -24.60 -53.37
CA GLU D 380 1.00 -24.42 -54.72
C GLU D 380 -0.44 -23.92 -54.70
N LEU D 381 -1.24 -24.46 -53.79
CA LEU D 381 -2.61 -23.97 -53.63
C LEU D 381 -2.59 -22.53 -53.12
N ALA D 382 -1.72 -22.27 -52.14
CA ALA D 382 -1.60 -20.93 -51.59
C ALA D 382 -1.40 -19.88 -52.68
N ALA D 383 -0.52 -20.21 -53.63
CA ALA D 383 -0.13 -19.28 -54.69
C ALA D 383 -1.29 -18.92 -55.60
N LYS D 384 -2.39 -19.66 -55.53
CA LYS D 384 -3.53 -19.34 -56.37
C LYS D 384 -4.40 -18.24 -55.74
N TYR D 385 -4.12 -17.92 -54.48
CA TYR D 385 -4.92 -16.93 -53.75
C TYR D 385 -4.11 -15.69 -53.36
N PRO D 386 -3.95 -14.75 -54.30
CA PRO D 386 -3.12 -13.57 -54.09
C PRO D 386 -3.66 -12.64 -53.00
N TYR D 387 -2.75 -12.02 -52.26
CA TYR D 387 -3.08 -11.01 -51.25
C TYR D 387 -4.14 -10.01 -51.70
N GLU D 388 -5.12 -9.74 -50.83
CA GLU D 388 -6.09 -8.67 -51.05
C GLU D 388 -6.24 -7.80 -49.79
N ARG D 389 -5.83 -6.54 -49.90
CA ARG D 389 -5.90 -5.63 -48.76
C ARG D 389 -7.28 -5.58 -48.11
N ALA D 390 -7.31 -5.62 -46.79
CA ALA D 390 -8.57 -5.48 -46.06
C ALA D 390 -8.29 -5.01 -44.63
N SER D 391 -8.97 -3.96 -44.21
CA SER D 391 -8.75 -3.35 -42.91
C SER D 391 -9.87 -3.64 -41.92
N LEU D 392 -9.56 -3.62 -40.63
CA LEU D 392 -10.58 -3.70 -39.59
C LEU D 392 -11.37 -2.41 -39.53
N PRO D 393 -12.63 -2.51 -39.11
CA PRO D 393 -13.48 -1.31 -39.02
C PRO D 393 -12.99 -0.37 -37.94
N VAL D 394 -13.48 0.87 -37.96
CA VAL D 394 -13.33 1.76 -36.82
C VAL D 394 -14.71 2.12 -36.28
N ASN D 395 -14.72 2.68 -35.09
CA ASN D 395 -15.94 2.99 -34.38
C ASN D 395 -15.97 4.48 -34.11
N ARG D 396 -17.08 5.14 -34.42
CA ARG D 396 -17.29 6.52 -33.98
C ARG D 396 -18.58 6.63 -33.15
N LEU D 397 -18.58 7.54 -32.20
CA LEU D 397 -19.79 7.83 -31.44
C LEU D 397 -20.70 8.66 -32.31
N GLU D 398 -21.92 8.86 -31.86
CA GLU D 398 -22.89 9.59 -32.66
C GLU D 398 -22.44 11.02 -32.97
N ASP D 399 -21.55 11.59 -32.14
CA ASP D 399 -21.06 12.94 -32.41
C ASP D 399 -19.82 12.94 -33.32
N GLY D 400 -19.41 11.76 -33.77
CA GLY D 400 -18.26 11.63 -34.64
C GLY D 400 -16.96 11.28 -33.94
N THR D 401 -16.97 11.24 -32.61
CA THR D 401 -15.74 10.97 -31.87
C THR D 401 -15.18 9.61 -32.27
N LEU D 402 -13.91 9.53 -32.67
CA LEU D 402 -13.34 8.22 -32.98
C LEU D 402 -13.19 7.43 -31.68
N TRP D 403 -13.89 6.31 -31.58
CA TRP D 403 -13.94 5.54 -30.36
C TRP D 403 -13.24 4.21 -30.58
N HIS D 404 -13.36 3.30 -29.61
CA HIS D 404 -12.78 1.98 -29.71
C HIS D 404 -13.72 1.07 -30.48
N TRP D 405 -13.20 0.40 -31.50
CA TRP D 405 -13.97 -0.65 -32.16
C TRP D 405 -13.78 -1.99 -31.44
N LEU E 3 -9.67 -25.15 43.60
CA LEU E 3 -8.89 -24.04 44.11
C LEU E 3 -9.74 -22.79 44.34
N LYS E 4 -10.75 -22.89 45.20
CA LYS E 4 -11.63 -21.75 45.42
C LYS E 4 -10.88 -20.71 46.23
N ILE E 5 -11.01 -19.45 45.82
CA ILE E 5 -10.30 -18.37 46.52
C ILE E 5 -11.02 -18.03 47.82
N ARG E 6 -10.28 -18.10 48.93
CA ARG E 6 -10.83 -17.79 50.24
C ARG E 6 -10.60 -16.31 50.56
N ASP E 7 -9.46 -15.81 50.13
CA ASP E 7 -9.00 -14.48 50.52
C ASP E 7 -8.03 -13.94 49.48
N ALA E 8 -8.00 -12.62 49.35
CA ALA E 8 -7.06 -11.96 48.48
C ALA E 8 -6.90 -10.56 49.02
N TYR E 9 -5.69 -10.02 48.93
CA TYR E 9 -5.46 -8.69 49.48
C TYR E 9 -4.16 -8.10 48.96
N THR E 10 -4.01 -6.79 49.10
CA THR E 10 -2.78 -6.17 48.68
C THR E 10 -1.89 -5.95 49.90
N ILE E 11 -0.58 -5.94 49.65
CA ILE E 11 0.42 -5.53 50.63
C ILE E 11 1.24 -4.41 49.99
N VAL E 12 1.35 -3.28 50.68
CA VAL E 12 2.12 -2.13 50.21
C VAL E 12 3.30 -1.94 51.16
N THR E 13 4.52 -1.85 50.61
CA THR E 13 5.73 -1.81 51.45
C THR E 13 6.85 -1.02 50.78
N CYS E 14 7.76 -0.46 51.57
CA CYS E 14 8.78 0.41 51.02
C CYS E 14 10.19 0.08 51.53
N PRO E 15 10.69 -1.10 51.17
CA PRO E 15 12.03 -1.60 51.50
C PRO E 15 13.12 -0.91 50.68
N GLY E 16 13.13 0.42 50.68
CA GLY E 16 14.04 1.20 49.86
C GLY E 16 13.32 1.89 48.70
N ARG E 17 12.14 1.38 48.36
CA ARG E 17 11.24 2.00 47.40
C ARG E 17 9.91 1.24 47.42
N ASN E 18 8.86 1.84 46.88
CA ASN E 18 7.51 1.30 47.03
C ASN E 18 7.27 0.05 46.18
N PHE E 19 6.63 -0.97 46.77
CA PHE E 19 6.15 -2.12 46.01
C PHE E 19 4.73 -2.41 46.43
N VAL E 20 3.91 -2.85 45.47
CA VAL E 20 2.57 -3.32 45.78
C VAL E 20 2.47 -4.76 45.27
N THR E 21 1.86 -5.62 46.09
CA THR E 21 1.84 -7.04 45.86
C THR E 21 0.44 -7.56 46.11
N LEU E 22 -0.10 -8.34 45.17
CA LEU E 22 -1.37 -9.01 45.39
C LEU E 22 -1.11 -10.42 45.89
N LYS E 23 -1.80 -10.79 46.97
CA LYS E 23 -1.77 -12.17 47.43
C LYS E 23 -3.16 -12.80 47.33
N ILE E 24 -3.20 -14.02 46.78
CA ILE E 24 -4.44 -14.78 46.65
C ILE E 24 -4.28 -16.10 47.41
N VAL E 25 -5.25 -16.42 48.26
CA VAL E 25 -5.17 -17.59 49.12
C VAL E 25 -6.37 -18.49 48.86
N THR E 26 -6.12 -19.76 48.52
CA THR E 26 -7.20 -20.70 48.29
C THR E 26 -7.60 -21.43 49.56
N GLU E 27 -8.67 -22.23 49.46
CA GLU E 27 -9.21 -22.97 50.60
C GLU E 27 -8.20 -23.97 51.13
N SER E 28 -7.38 -24.51 50.23
CA SER E 28 -6.39 -25.50 50.62
C SER E 28 -5.14 -24.79 51.16
N GLY E 29 -5.24 -23.48 51.37
CA GLY E 29 -4.12 -22.71 51.86
C GLY E 29 -3.05 -22.38 50.84
N THR E 30 -3.16 -22.94 49.63
CA THR E 30 -2.22 -22.64 48.57
C THR E 30 -2.34 -21.16 48.21
N HIS E 31 -1.23 -20.45 48.17
CA HIS E 31 -1.29 -19.04 47.81
C HIS E 31 -0.34 -18.68 46.67
N GLY E 32 -0.68 -17.60 45.97
CA GLY E 32 0.19 -17.05 44.96
C GLY E 32 0.31 -15.56 45.18
N ILE E 33 1.42 -14.97 44.75
CA ILE E 33 1.54 -13.52 44.78
C ILE E 33 1.88 -12.99 43.38
N GLY E 34 1.41 -11.79 43.10
CA GLY E 34 1.72 -11.12 41.85
C GLY E 34 2.18 -9.69 42.10
N ASP E 35 3.09 -9.20 41.26
CA ASP E 35 3.55 -7.82 41.39
C ASP E 35 2.50 -6.86 40.84
N ALA E 36 2.29 -5.74 41.53
CA ALA E 36 1.30 -4.76 41.11
C ALA E 36 1.88 -3.35 41.21
N THR E 37 3.21 -3.27 41.18
CA THR E 37 3.88 -1.99 41.36
C THR E 37 3.83 -1.16 40.07
N LEU E 38 3.30 0.06 40.18
CA LEU E 38 3.34 1.03 39.08
C LEU E 38 4.03 2.29 39.60
N ASN E 39 5.31 2.45 39.27
CA ASN E 39 6.16 3.51 39.82
C ASN E 39 5.53 4.90 39.70
N GLY E 40 5.40 5.59 40.82
CA GLY E 40 4.89 6.96 40.83
C GLY E 40 3.39 7.06 40.73
N ARG E 41 2.72 5.92 40.55
CA ARG E 41 1.26 5.87 40.58
C ARG E 41 0.74 4.67 41.38
N GLU E 42 1.51 4.25 42.37
CA GLU E 42 1.28 2.98 43.07
C GLU E 42 -0.11 2.84 43.69
N MET E 43 -0.60 3.90 44.30
CA MET E 43 -1.84 3.79 45.06
C MET E 43 -3.07 3.66 44.16
N ALA E 44 -2.93 4.06 42.89
CA ALA E 44 -4.01 3.86 41.93
C ALA E 44 -4.25 2.37 41.68
N VAL E 45 -3.18 1.61 41.52
CA VAL E 45 -3.34 0.17 41.29
C VAL E 45 -3.79 -0.53 42.59
N ALA E 46 -3.22 -0.11 43.71
CA ALA E 46 -3.66 -0.57 45.01
C ALA E 46 -5.18 -0.41 45.13
N ALA E 47 -5.68 0.79 44.81
CA ALA E 47 -7.11 1.06 44.91
C ALA E 47 -7.90 0.25 43.89
N TYR E 48 -7.40 0.20 42.65
CA TYR E 48 -8.07 -0.55 41.60
C TYR E 48 -8.28 -2.00 42.06
N LEU E 49 -7.23 -2.58 42.64
CA LEU E 49 -7.31 -3.94 43.18
C LEU E 49 -8.20 -4.05 44.44
N ASP E 50 -7.94 -3.21 45.43
CA ASP E 50 -8.62 -3.31 46.71
C ASP E 50 -10.13 -3.13 46.56
N GLU E 51 -10.52 -2.12 45.78
CA GLU E 51 -11.93 -1.76 45.73
C GLU E 51 -12.75 -2.47 44.65
N HIS E 52 -12.11 -2.91 43.59
CA HIS E 52 -12.88 -3.33 42.43
C HIS E 52 -12.57 -4.74 41.92
N VAL E 53 -11.36 -5.22 42.15
CA VAL E 53 -11.00 -6.56 41.69
C VAL E 53 -11.10 -7.58 42.81
N VAL E 54 -10.48 -7.26 43.94
CA VAL E 54 -10.42 -8.16 45.07
C VAL E 54 -11.78 -8.75 45.46
N PRO E 55 -12.81 -7.90 45.66
CA PRO E 55 -14.10 -8.47 46.07
C PRO E 55 -14.64 -9.47 45.06
N ALA E 56 -14.29 -9.31 43.79
CA ALA E 56 -14.80 -10.18 42.73
C ALA E 56 -14.06 -11.51 42.68
N LEU E 57 -12.88 -11.56 43.29
CA LEU E 57 -12.06 -12.76 43.26
C LEU E 57 -12.51 -13.79 44.30
N ILE E 58 -13.08 -13.32 45.41
CA ILE E 58 -13.54 -14.20 46.48
C ILE E 58 -14.57 -15.22 45.98
N GLY E 59 -14.26 -16.49 46.15
CA GLY E 59 -15.16 -17.56 45.73
C GLY E 59 -14.92 -18.10 44.33
N ARG E 60 -14.06 -17.42 43.56
CA ARG E 60 -13.71 -17.87 42.22
C ARG E 60 -12.76 -19.07 42.26
N ASP E 61 -12.76 -19.85 41.19
CA ASP E 61 -11.87 -20.99 41.06
C ASP E 61 -10.53 -20.45 40.56
N ALA E 62 -9.52 -20.47 41.41
CA ALA E 62 -8.21 -19.94 41.06
C ALA E 62 -7.53 -20.72 39.93
N GLY E 63 -8.01 -21.94 39.66
CA GLY E 63 -7.50 -22.73 38.57
C GLY E 63 -7.85 -22.16 37.20
N ARG E 64 -8.86 -21.31 37.15
CA ARG E 64 -9.32 -20.77 35.86
C ARG E 64 -8.58 -19.49 35.52
N ILE E 65 -7.35 -19.64 35.06
CA ILE E 65 -6.49 -18.49 34.80
C ILE E 65 -7.00 -17.67 33.61
N GLU E 66 -7.24 -18.35 32.49
CA GLU E 66 -7.71 -17.67 31.29
C GLU E 66 -9.04 -16.97 31.50
N ASP E 67 -9.99 -17.66 32.12
CA ASP E 67 -11.31 -17.08 32.34
C ASP E 67 -11.21 -15.84 33.21
N THR E 68 -10.33 -15.90 34.22
CA THR E 68 -10.17 -14.77 35.13
C THR E 68 -9.54 -13.59 34.40
N TRP E 69 -8.57 -13.89 33.53
CA TRP E 69 -7.96 -12.84 32.70
C TRP E 69 -9.02 -12.12 31.86
N GLN E 70 -9.79 -12.88 31.07
CA GLN E 70 -10.81 -12.28 30.21
C GLN E 70 -11.87 -11.57 31.06
N TYR E 71 -12.25 -12.18 32.18
CA TYR E 71 -13.23 -11.60 33.11
C TYR E 71 -12.78 -10.22 33.60
N LEU E 72 -11.51 -10.09 33.95
CA LEU E 72 -11.00 -8.80 34.41
C LEU E 72 -10.71 -7.81 33.27
N TYR E 73 -10.19 -8.30 32.15
CA TYR E 73 -9.87 -7.44 31.00
C TYR E 73 -11.11 -6.96 30.26
N ARG E 74 -11.96 -7.89 29.84
CA ARG E 74 -13.21 -7.54 29.18
C ARG E 74 -14.20 -6.95 30.18
N GLY E 75 -14.32 -7.60 31.35
CA GLY E 75 -15.28 -7.20 32.36
C GLY E 75 -15.09 -5.79 32.91
N ALA E 76 -13.87 -5.26 32.80
CA ALA E 76 -13.60 -3.88 33.23
C ALA E 76 -14.37 -2.87 32.38
N TYR E 77 -14.71 -3.28 31.16
CA TYR E 77 -15.38 -2.42 30.19
C TYR E 77 -14.42 -1.38 29.59
N TRP E 78 -13.71 -0.66 30.45
CA TRP E 78 -12.65 0.25 30.01
C TRP E 78 -11.36 -0.56 29.92
N ARG E 79 -10.89 -0.79 28.69
CA ARG E 79 -9.81 -1.76 28.45
C ARG E 79 -8.44 -1.11 28.28
N ARG E 80 -7.41 -1.90 28.61
CA ARG E 80 -6.01 -1.48 28.52
C ARG E 80 -5.68 -0.35 29.50
N GLY E 81 -4.43 0.07 29.51
CA GLY E 81 -3.96 1.17 30.35
C GLY E 81 -3.07 0.68 31.49
N PRO E 82 -2.19 1.55 31.99
CA PRO E 82 -1.18 1.18 33.00
C PRO E 82 -1.77 0.66 34.31
N VAL E 83 -2.77 1.33 34.85
CA VAL E 83 -3.36 0.92 36.14
C VAL E 83 -4.12 -0.39 35.94
N THR E 84 -4.93 -0.39 34.89
CA THR E 84 -5.79 -1.50 34.54
C THR E 84 -5.00 -2.78 34.29
N MET E 85 -3.95 -2.69 33.49
CA MET E 85 -3.22 -3.90 33.08
C MET E 85 -2.25 -4.38 34.15
N THR E 86 -1.80 -3.48 35.01
CA THR E 86 -0.96 -3.86 36.13
C THR E 86 -1.79 -4.63 37.17
N ALA E 87 -3.01 -4.17 37.42
CA ALA E 87 -3.90 -4.90 38.32
C ALA E 87 -4.16 -6.31 37.78
N ILE E 88 -4.43 -6.39 36.49
CA ILE E 88 -4.73 -7.68 35.85
C ILE E 88 -3.50 -8.57 35.86
N ALA E 89 -2.33 -7.97 35.68
CA ALA E 89 -1.09 -8.74 35.68
C ALA E 89 -0.84 -9.31 37.06
N ALA E 90 -1.14 -8.52 38.09
CA ALA E 90 -0.97 -8.96 39.48
C ALA E 90 -1.80 -10.22 39.74
N VAL E 91 -3.04 -10.20 39.30
CA VAL E 91 -3.90 -11.36 39.47
C VAL E 91 -3.32 -12.55 38.70
N ASP E 92 -3.01 -12.29 37.43
CA ASP E 92 -2.52 -13.34 36.54
C ASP E 92 -1.27 -13.99 37.09
N MET E 93 -0.34 -13.16 37.54
CA MET E 93 0.91 -13.66 38.09
C MET E 93 0.68 -14.54 39.32
N ALA E 94 -0.28 -14.15 40.15
CA ALA E 94 -0.60 -14.88 41.37
C ALA E 94 -1.25 -16.23 41.03
N LEU E 95 -2.16 -16.21 40.05
CA LEU E 95 -2.81 -17.45 39.61
C LEU E 95 -1.84 -18.45 39.00
N TRP E 96 -0.91 -17.98 38.16
CA TRP E 96 0.10 -18.88 37.63
C TRP E 96 1.02 -19.44 38.72
N ASP E 97 1.28 -18.63 39.75
CA ASP E 97 2.04 -19.05 40.94
C ASP E 97 1.33 -20.23 41.60
N ILE E 98 0.04 -20.04 41.85
CA ILE E 98 -0.81 -21.07 42.41
C ILE E 98 -0.86 -22.34 41.54
N LYS E 99 -1.06 -22.18 40.24
CA LYS E 99 -1.14 -23.32 39.33
C LYS E 99 0.15 -24.13 39.35
N ALA E 100 1.28 -23.43 39.36
CA ALA E 100 2.56 -24.13 39.36
C ALA E 100 2.73 -24.90 40.68
N LYS E 101 2.30 -24.29 41.79
CA LYS E 101 2.34 -24.99 43.07
C LYS E 101 1.45 -26.22 43.03
N ALA E 102 0.24 -26.09 42.51
CA ALA E 102 -0.67 -27.23 42.44
C ALA E 102 -0.10 -28.36 41.56
N ALA E 103 0.64 -27.97 40.53
CA ALA E 103 1.29 -28.91 39.60
C ALA E 103 2.58 -29.48 40.17
N GLY E 104 3.09 -28.88 41.25
CA GLY E 104 4.33 -29.32 41.83
C GLY E 104 5.55 -29.02 40.98
N MET E 105 5.46 -27.99 40.15
CA MET E 105 6.53 -27.64 39.24
C MET E 105 6.97 -26.20 39.42
N PRO E 106 8.27 -25.94 39.21
CA PRO E 106 8.72 -24.57 38.97
C PRO E 106 8.03 -24.04 37.73
N LEU E 107 7.75 -22.76 37.72
CA LEU E 107 6.96 -22.16 36.66
C LEU E 107 7.49 -22.41 35.23
N TYR E 108 8.81 -22.41 35.02
CA TYR E 108 9.31 -22.60 33.67
C TYR E 108 8.89 -23.96 33.08
N GLN E 109 8.69 -24.96 33.94
CA GLN E 109 8.31 -26.29 33.50
C GLN E 109 6.86 -26.27 33.02
N LEU E 110 6.03 -25.53 33.75
CA LEU E 110 4.63 -25.43 33.42
C LEU E 110 4.45 -24.79 32.05
N LEU E 111 5.34 -23.85 31.70
CA LEU E 111 5.20 -23.07 30.47
C LEU E 111 5.65 -23.80 29.22
N GLY E 112 6.38 -24.90 29.41
CA GLY E 112 6.86 -25.72 28.30
C GLY E 112 8.31 -26.16 28.45
N GLY E 113 8.90 -25.91 29.62
CA GLY E 113 10.24 -26.41 29.92
C GLY E 113 11.35 -25.43 29.60
N LYS E 114 12.58 -25.73 30.04
CA LYS E 114 13.69 -24.80 29.79
C LYS E 114 14.15 -24.82 28.33
N SER E 115 14.38 -23.64 27.78
CA SER E 115 14.96 -23.56 26.45
C SER E 115 16.44 -23.19 26.52
N ARG E 116 16.93 -22.92 27.74
CA ARG E 116 18.32 -22.51 27.92
C ARG E 116 18.75 -22.78 29.37
N GLU E 117 20.06 -22.86 29.59
CA GLU E 117 20.60 -23.25 30.88
C GLU E 117 20.80 -22.05 31.81
N ARG E 118 20.71 -20.84 31.29
CA ARG E 118 20.87 -19.64 32.10
C ARG E 118 20.35 -18.45 31.32
N VAL E 119 20.00 -17.36 32.00
CA VAL E 119 19.50 -16.19 31.25
C VAL E 119 20.41 -14.97 31.33
N MET E 120 20.90 -14.55 30.16
CA MET E 120 21.85 -13.45 30.12
C MET E 120 21.18 -12.18 30.61
N THR E 121 21.92 -11.37 31.37
CA THR E 121 21.42 -10.09 31.84
C THR E 121 22.33 -8.97 31.41
N TYR E 122 21.89 -7.75 31.64
CA TYR E 122 22.73 -6.60 31.41
C TYR E 122 22.69 -5.70 32.62
N ALA E 123 23.80 -5.02 32.87
CA ALA E 123 23.91 -4.20 34.05
C ALA E 123 23.92 -2.72 33.68
N HIS E 124 23.60 -1.89 34.66
CA HIS E 124 23.57 -0.44 34.49
C HIS E 124 24.92 0.15 34.83
N CYS E 125 25.53 0.81 33.86
CA CYS E 125 26.79 1.49 34.09
C CYS E 125 26.60 2.96 33.78
N THR E 126 26.53 3.76 34.83
CA THR E 126 26.28 5.18 34.70
C THR E 126 27.37 5.97 35.42
N GLY E 127 27.70 7.14 34.90
CA GLY E 127 28.68 8.00 35.53
C GLY E 127 28.47 9.41 35.03
N GLN E 128 28.99 10.38 35.78
CA GLN E 128 28.81 11.79 35.43
C GLN E 128 29.62 12.12 34.17
N THR E 129 30.82 11.59 34.09
CA THR E 129 31.67 11.75 32.92
C THR E 129 31.87 10.40 32.27
N ILE E 130 32.42 10.42 31.06
CA ILE E 130 32.71 9.19 30.33
C ILE E 130 33.62 8.27 31.14
N GLU E 131 34.61 8.84 31.81
CA GLU E 131 35.55 8.03 32.59
C GLU E 131 34.86 7.30 33.74
N ASP E 132 33.95 7.97 34.44
CA ASP E 132 33.22 7.36 35.54
C ASP E 132 32.44 6.16 34.99
N CYS E 133 31.81 6.37 33.86
CA CYS E 133 31.05 5.29 33.23
C CYS E 133 31.98 4.14 32.90
N LEU E 134 33.14 4.45 32.34
CA LEU E 134 34.09 3.43 31.96
C LEU E 134 34.56 2.64 33.17
N GLY E 135 34.67 3.31 34.31
CA GLY E 135 35.05 2.63 35.54
C GLY E 135 33.96 1.66 35.96
N GLU E 136 32.71 2.07 35.76
CA GLU E 136 31.58 1.22 36.07
C GLU E 136 31.53 -0.01 35.16
N VAL E 137 31.79 0.19 33.87
CA VAL E 137 31.79 -0.93 32.95
C VAL E 137 32.79 -1.99 33.43
N ALA E 138 34.00 -1.54 33.72
CA ALA E 138 35.06 -2.43 34.19
C ALA E 138 34.62 -3.25 35.40
N ARG E 139 34.03 -2.59 36.39
CA ARG E 139 33.66 -3.34 37.58
C ARG E 139 32.52 -4.32 37.33
N HIS E 140 31.58 -3.97 36.45
CA HIS E 140 30.49 -4.90 36.14
C HIS E 140 30.96 -6.08 35.29
N VAL E 141 31.95 -5.84 34.45
CA VAL E 141 32.56 -6.91 33.66
C VAL E 141 33.25 -7.89 34.61
N GLU E 142 33.81 -7.36 35.69
CA GLU E 142 34.48 -8.18 36.69
C GLU E 142 33.48 -9.03 37.48
N LEU E 143 32.24 -8.57 37.55
CA LEU E 143 31.20 -9.32 38.22
C LEU E 143 30.68 -10.42 37.33
N GLY E 144 31.15 -10.45 36.08
CA GLY E 144 30.72 -11.43 35.10
C GLY E 144 29.68 -10.99 34.08
N TYR E 145 29.21 -9.75 34.14
CA TYR E 145 28.24 -9.26 33.16
C TYR E 145 28.83 -9.23 31.76
N ARG E 146 28.07 -9.74 30.79
CA ARG E 146 28.49 -9.77 29.40
C ARG E 146 27.87 -8.63 28.61
N ALA E 147 26.98 -7.89 29.26
CA ALA E 147 26.24 -6.83 28.59
C ALA E 147 26.15 -5.66 29.55
N VAL E 148 26.33 -4.45 29.01
CA VAL E 148 26.20 -3.26 29.85
C VAL E 148 25.37 -2.16 29.18
N ARG E 149 24.52 -1.52 29.95
CA ARG E 149 23.83 -0.33 29.48
C ARG E 149 24.65 0.86 29.95
N VAL E 150 25.04 1.73 29.02
CA VAL E 150 25.90 2.84 29.39
C VAL E 150 25.23 4.20 29.24
N GLN E 151 25.24 4.97 30.32
CA GLN E 151 24.78 6.35 30.27
C GLN E 151 25.82 7.23 30.95
N SER E 152 26.04 8.43 30.41
CA SER E 152 26.92 9.40 31.05
C SER E 152 26.37 10.82 30.97
N GLY E 153 26.97 11.73 31.73
CA GLY E 153 26.53 13.10 31.77
C GLY E 153 26.79 13.82 30.46
N VAL E 154 25.87 14.70 30.08
CA VAL E 154 26.03 15.52 28.89
C VAL E 154 26.49 16.92 29.24
N PRO E 155 27.64 17.33 28.70
CA PRO E 155 28.16 18.66 28.99
C PRO E 155 27.17 19.75 28.54
N GLY E 156 26.88 20.68 29.44
CA GLY E 156 25.99 21.80 29.13
C GLY E 156 24.54 21.56 29.49
N GLU E 172 18.11 6.08 42.07
CA GLU E 172 16.77 5.67 41.69
C GLU E 172 15.91 6.85 41.27
N PRO E 173 15.32 6.76 40.07
CA PRO E 173 14.62 7.83 39.35
C PRO E 173 13.50 8.49 40.15
N ALA E 174 12.62 7.71 40.77
CA ALA E 174 11.56 8.29 41.60
C ALA E 174 12.21 8.78 42.89
N ASP E 175 12.85 9.94 42.83
CA ASP E 175 13.70 10.38 43.92
C ASP E 175 13.08 11.50 44.77
N SER E 176 11.86 11.90 44.44
CA SER E 176 11.25 13.03 45.14
C SER E 176 9.77 12.80 45.41
N SER E 177 9.25 13.38 46.50
CA SER E 177 7.84 13.22 46.85
C SER E 177 6.95 13.72 45.71
N LEU E 178 7.30 14.89 45.17
CA LEU E 178 6.68 15.41 43.97
C LEU E 178 7.75 15.42 42.87
N PRO E 179 7.32 15.43 41.59
CA PRO E 179 8.26 15.25 40.47
C PRO E 179 9.39 16.28 40.47
N ALA E 180 10.62 15.81 40.45
CA ALA E 180 11.72 16.74 40.31
C ALA E 180 11.67 17.26 38.88
N GLU E 181 12.23 18.44 38.63
CA GLU E 181 12.20 19.03 37.30
C GLU E 181 13.61 19.11 36.75
N HIS E 182 13.84 18.38 35.67
CA HIS E 182 15.14 18.36 35.02
C HIS E 182 15.08 19.19 33.73
N VAL E 183 16.25 19.63 33.27
CA VAL E 183 16.35 20.44 32.06
C VAL E 183 17.03 19.60 30.98
N TRP E 184 16.50 19.69 29.76
CA TRP E 184 17.01 18.88 28.65
C TRP E 184 17.43 19.75 27.47
N SER E 185 18.46 19.29 26.75
CA SER E 185 18.82 19.86 25.45
C SER E 185 19.17 18.76 24.47
N THR E 186 18.32 18.55 23.47
CA THR E 186 18.58 17.48 22.52
C THR E 186 19.93 17.61 21.80
N GLU E 187 20.23 18.79 21.26
CA GLU E 187 21.44 18.93 20.43
C GLU E 187 22.74 18.65 21.19
N LYS E 188 22.87 19.20 22.40
CA LYS E 188 24.02 18.83 23.23
C LYS E 188 24.13 17.30 23.29
N TYR E 189 23.04 16.64 23.67
CA TYR E 189 23.03 15.18 23.79
C TYR E 189 23.49 14.47 22.51
N LEU E 190 22.87 14.84 21.39
CA LEU E 190 23.21 14.22 20.10
C LEU E 190 24.68 14.38 19.74
N ASN E 191 25.21 15.58 19.98
CA ASN E 191 26.63 15.83 19.79
C ASN E 191 27.50 15.02 20.75
N HIS E 192 26.98 14.67 21.92
CA HIS E 192 27.81 13.99 22.92
C HIS E 192 27.78 12.46 22.92
N ALA E 193 26.61 11.86 22.76
CA ALA E 193 26.48 10.42 22.99
C ALA E 193 27.46 9.54 22.20
N PRO E 194 27.68 9.84 20.92
CA PRO E 194 28.55 8.95 20.14
C PRO E 194 29.92 8.83 20.80
N LYS E 195 30.33 9.89 21.52
CA LYS E 195 31.63 9.91 22.18
C LYS E 195 31.75 8.87 23.28
N LEU E 196 30.66 8.68 24.02
CA LEU E 196 30.60 7.66 25.06
C LEU E 196 30.83 6.27 24.46
N PHE E 197 30.09 5.95 23.40
CA PHE E 197 30.19 4.62 22.81
C PHE E 197 31.57 4.37 22.21
N ALA E 198 32.18 5.40 21.67
CA ALA E 198 33.49 5.26 21.07
C ALA E 198 34.52 4.95 22.16
N ALA E 199 34.41 5.60 23.31
CA ALA E 199 35.31 5.32 24.44
C ALA E 199 35.09 3.92 25.03
N VAL E 200 33.83 3.49 25.09
CA VAL E 200 33.54 2.15 25.58
C VAL E 200 34.18 1.12 24.65
N ARG E 201 34.00 1.29 23.33
CA ARG E 201 34.65 0.38 22.38
C ARG E 201 36.18 0.48 22.42
N GLU E 202 36.69 1.69 22.61
CA GLU E 202 38.13 1.92 22.66
C GLU E 202 38.80 1.18 23.82
N ARG E 203 38.13 1.14 24.97
CA ARG E 203 38.68 0.49 26.15
C ARG E 203 38.36 -1.00 26.31
N PHE E 204 37.18 -1.41 25.87
CA PHE E 204 36.69 -2.74 26.20
C PHE E 204 36.60 -3.68 25.01
N GLY E 205 36.67 -3.14 23.80
CA GLY E 205 36.62 -3.95 22.60
C GLY E 205 35.22 -4.30 22.11
N ASP E 206 35.16 -5.30 21.23
CA ASP E 206 33.92 -5.63 20.54
C ASP E 206 33.16 -6.82 21.13
N ASP E 207 33.79 -7.56 22.04
CA ASP E 207 33.17 -8.73 22.65
C ASP E 207 31.99 -8.39 23.57
N LEU E 208 31.95 -7.15 24.01
CA LEU E 208 30.98 -6.70 25.00
C LEU E 208 29.69 -6.24 24.33
N HIS E 209 28.54 -6.67 24.84
CA HIS E 209 27.26 -6.14 24.37
C HIS E 209 27.07 -4.78 25.00
N VAL E 210 26.84 -3.75 24.18
CA VAL E 210 26.68 -2.40 24.70
C VAL E 210 25.29 -1.87 24.37
N LEU E 211 24.56 -1.44 25.40
CA LEU E 211 23.19 -0.94 25.27
C LEU E 211 23.11 0.51 25.70
N HIS E 212 22.16 1.25 25.13
CA HIS E 212 21.92 2.64 25.49
C HIS E 212 20.43 2.94 25.47
N ASP E 213 19.96 3.66 26.48
CA ASP E 213 18.55 4.02 26.58
C ASP E 213 18.46 5.49 26.24
N VAL E 214 17.80 5.85 25.16
CA VAL E 214 17.69 7.28 24.86
C VAL E 214 16.52 7.93 25.61
N HIS E 215 15.60 7.10 26.10
CA HIS E 215 14.65 7.52 27.11
C HIS E 215 13.69 8.62 26.64
N HIS E 216 13.14 8.42 25.44
CA HIS E 216 11.99 9.15 24.89
C HIS E 216 12.24 10.58 24.39
N ARG E 217 13.49 11.03 24.41
CA ARG E 217 13.76 12.46 24.26
C ARG E 217 13.91 12.98 22.83
N LEU E 218 14.01 12.07 21.86
CA LEU E 218 14.28 12.44 20.48
C LEU E 218 13.03 12.48 19.63
N THR E 219 13.09 13.18 18.48
CA THR E 219 12.11 13.00 17.41
C THR E 219 12.59 11.89 16.49
N PRO E 220 11.73 11.36 15.62
CA PRO E 220 12.20 10.23 14.81
C PRO E 220 13.43 10.54 13.97
N ILE E 221 13.45 11.70 13.30
CA ILE E 221 14.56 12.00 12.41
C ILE E 221 15.82 12.25 13.20
N GLU E 222 15.65 12.71 14.44
CA GLU E 222 16.77 12.89 15.36
C GLU E 222 17.31 11.54 15.81
N ALA E 223 16.42 10.57 16.05
CA ALA E 223 16.84 9.24 16.45
C ALA E 223 17.47 8.51 15.27
N ALA E 224 17.01 8.83 14.06
CA ALA E 224 17.60 8.27 12.84
C ALA E 224 19.06 8.70 12.75
N ARG E 225 19.26 10.00 12.96
CA ARG E 225 20.59 10.61 13.00
C ARG E 225 21.51 9.89 13.99
N LEU E 226 21.06 9.72 15.23
CA LEU E 226 21.84 9.06 16.27
C LEU E 226 22.15 7.61 15.91
N GLY E 227 21.12 6.88 15.51
CA GLY E 227 21.30 5.50 15.06
C GLY E 227 22.38 5.36 14.01
N LYS E 228 22.34 6.22 12.98
CA LYS E 228 23.39 6.18 11.94
C LYS E 228 24.75 6.49 12.55
N ALA E 229 24.80 7.50 13.42
CA ALA E 229 26.05 7.91 14.05
C ALA E 229 26.67 6.81 14.94
N VAL E 230 25.85 5.93 15.51
CA VAL E 230 26.41 4.93 16.40
C VAL E 230 26.60 3.55 15.76
N GLU E 231 26.30 3.45 14.48
CA GLU E 231 26.48 2.19 13.75
C GLU E 231 27.88 1.56 13.89
N PRO E 232 28.94 2.40 13.88
CA PRO E 232 30.29 1.84 14.01
C PRO E 232 30.58 1.21 15.38
N TYR E 233 29.73 1.48 16.36
CA TYR E 233 29.93 0.94 17.71
C TYR E 233 29.11 -0.32 17.97
N HIS E 234 28.31 -0.70 16.98
CA HIS E 234 27.51 -1.93 17.05
C HIS E 234 26.83 -2.13 18.39
N LEU E 235 25.94 -1.20 18.73
CA LEU E 235 25.11 -1.31 19.92
C LEU E 235 24.19 -2.54 19.86
N PHE E 236 24.04 -3.21 21.01
CA PHE E 236 23.13 -4.34 21.17
C PHE E 236 21.71 -3.82 20.94
N TRP E 237 21.42 -2.64 21.50
CA TRP E 237 20.19 -1.94 21.17
C TRP E 237 20.24 -0.49 21.53
N LEU E 238 19.44 0.28 20.82
CA LEU E 238 19.17 1.68 21.14
C LEU E 238 17.70 1.71 21.55
N GLU E 239 17.45 2.09 22.80
CA GLU E 239 16.15 1.86 23.44
C GLU E 239 15.34 3.13 23.59
N ASP E 240 14.03 3.01 23.38
CA ASP E 240 13.08 4.11 23.56
C ASP E 240 13.51 5.44 22.94
N CYS E 241 13.80 5.40 21.64
CA CYS E 241 14.23 6.60 20.92
C CYS E 241 13.23 7.76 20.97
N VAL E 242 11.96 7.44 20.83
CA VAL E 242 10.90 8.45 20.66
C VAL E 242 9.62 7.96 21.30
N PRO E 243 8.80 8.88 21.81
CA PRO E 243 7.50 8.44 22.32
C PRO E 243 6.73 7.75 21.19
N ALA E 244 6.07 6.64 21.51
CA ALA E 244 5.54 5.75 20.48
C ALA E 244 4.08 5.39 20.65
N GLU E 245 3.29 6.29 21.24
CA GLU E 245 1.84 6.12 21.23
C GLU E 245 1.38 5.99 19.78
N ASN E 246 2.01 6.78 18.90
CA ASN E 246 1.89 6.62 17.47
C ASN E 246 2.99 5.67 17.03
N GLN E 247 2.62 4.43 16.78
CA GLN E 247 3.61 3.42 16.44
C GLN E 247 4.38 3.74 15.15
N GLU E 248 3.79 4.54 14.27
CA GLU E 248 4.47 4.91 13.01
C GLU E 248 5.74 5.74 13.27
N SER E 249 5.89 6.22 14.50
CA SER E 249 7.08 6.99 14.91
C SER E 249 8.38 6.25 14.68
N LEU E 250 8.34 4.92 14.65
CA LEU E 250 9.57 4.16 14.54
C LEU E 250 10.01 3.95 13.09
N ARG E 251 9.11 4.24 12.16
CA ARG E 251 9.38 4.01 10.74
C ARG E 251 10.61 4.75 10.19
N LEU E 252 10.70 6.06 10.42
CA LEU E 252 11.83 6.82 9.90
C LEU E 252 13.14 6.35 10.48
N ILE E 253 13.13 5.95 11.75
CA ILE E 253 14.34 5.46 12.38
C ILE E 253 14.81 4.20 11.65
N ARG E 254 13.90 3.25 11.51
CA ARG E 254 14.18 1.93 10.97
C ARG E 254 14.62 2.02 9.52
N GLU E 255 14.09 3.00 8.82
CA GLU E 255 14.42 3.15 7.42
C GLU E 255 15.81 3.76 7.19
N HIS E 256 16.37 4.37 8.22
CA HIS E 256 17.65 5.10 8.08
C HIS E 256 18.85 4.51 8.84
N THR E 257 18.64 3.50 9.67
CA THR E 257 19.77 2.94 10.42
C THR E 257 19.65 1.43 10.65
N THR E 258 20.81 0.77 10.77
CA THR E 258 20.85 -0.66 11.07
C THR E 258 21.20 -0.92 12.53
N THR E 259 21.22 0.13 13.33
CA THR E 259 21.38 -0.03 14.77
C THR E 259 20.11 -0.69 15.32
N PRO E 260 20.26 -1.80 16.06
CA PRO E 260 19.06 -2.48 16.59
C PRO E 260 18.27 -1.58 17.53
N LEU E 261 16.95 -1.70 17.48
CA LEU E 261 16.07 -0.84 18.26
C LEU E 261 15.29 -1.64 19.30
N ALA E 262 15.02 -1.02 20.43
CA ALA E 262 14.25 -1.69 21.48
C ALA E 262 13.25 -0.68 22.01
N ILE E 263 12.04 -1.13 22.32
CA ILE E 263 11.04 -0.23 22.90
C ILE E 263 10.03 -1.02 23.71
N GLY E 264 9.30 -0.34 24.60
CA GLY E 264 8.09 -0.92 25.17
C GLY E 264 7.92 -1.04 26.67
N GLU E 265 8.89 -0.58 27.45
CA GLU E 265 8.73 -0.62 28.89
C GLU E 265 7.52 0.21 29.34
N VAL E 266 7.12 1.22 28.57
CA VAL E 266 5.96 2.02 28.96
C VAL E 266 4.65 1.49 28.40
N PHE E 267 4.71 0.34 27.72
CA PHE E 267 3.53 -0.25 27.10
C PHE E 267 2.81 -1.16 28.09
N ASN E 268 1.52 -1.40 27.87
CA ASN E 268 0.76 -2.28 28.75
C ASN E 268 -0.10 -3.29 28.00
N SER E 269 -0.06 -3.20 26.67
CA SER E 269 -0.91 -4.03 25.83
C SER E 269 -0.20 -4.45 24.55
N ILE E 270 -0.56 -5.63 24.05
CA ILE E 270 -0.12 -6.05 22.74
C ILE E 270 -0.63 -5.08 21.68
N HIS E 271 -1.70 -4.35 21.97
CA HIS E 271 -2.22 -3.40 21.00
C HIS E 271 -1.35 -2.14 20.94
N ASP E 272 -0.40 -2.04 21.87
CA ASP E 272 0.57 -0.94 21.87
C ASP E 272 1.75 -1.18 20.92
N CYS E 273 1.91 -2.41 20.47
CA CYS E 273 3.13 -2.78 19.74
C CYS E 273 2.88 -3.76 18.61
N ARG E 274 1.62 -4.10 18.36
CA ARG E 274 1.29 -5.04 17.28
C ARG E 274 1.90 -4.59 15.95
N GLU E 275 1.70 -3.32 15.61
CA GLU E 275 2.18 -2.82 14.33
C GLU E 275 3.69 -2.62 14.33
N LEU E 276 4.26 -2.22 15.47
CA LEU E 276 5.70 -2.09 15.58
C LEU E 276 6.31 -3.43 15.21
N ILE E 277 5.71 -4.48 15.74
CA ILE E 277 6.24 -5.82 15.54
C ILE E 277 5.99 -6.33 14.13
N GLN E 278 4.74 -6.22 13.68
CA GLN E 278 4.42 -6.75 12.35
C GLN E 278 5.18 -6.07 11.23
N ASN E 279 5.53 -4.80 11.42
CA ASN E 279 6.22 -4.03 10.40
C ASN E 279 7.72 -4.16 10.47
N GLN E 280 8.19 -4.90 11.47
CA GLN E 280 9.62 -5.11 11.71
C GLN E 280 10.34 -3.79 11.97
N TRP E 281 9.70 -2.96 12.76
CA TRP E 281 10.28 -1.69 13.15
C TRP E 281 11.13 -1.78 14.44
N ILE E 282 11.09 -2.93 15.13
CA ILE E 282 11.90 -3.08 16.35
C ILE E 282 12.54 -4.46 16.41
N ASP E 283 13.61 -4.59 17.21
CA ASP E 283 14.27 -5.88 17.35
C ASP E 283 13.98 -6.58 18.67
N TYR E 284 13.63 -5.78 19.67
CA TYR E 284 13.41 -6.28 21.02
C TYR E 284 12.19 -5.60 21.63
N ILE E 285 11.32 -6.37 22.24
CA ILE E 285 10.16 -5.85 22.94
C ILE E 285 10.41 -5.85 24.46
N ARG E 286 10.26 -4.67 25.08
CA ARG E 286 10.67 -4.41 26.46
C ARG E 286 9.56 -4.55 27.50
N MET E 287 8.31 -4.67 27.06
CA MET E 287 7.19 -4.66 28.00
C MET E 287 7.34 -5.84 28.95
N PRO E 288 7.32 -5.58 30.27
CA PRO E 288 7.51 -6.63 31.28
C PRO E 288 6.19 -7.19 31.82
N LEU E 289 6.30 -8.23 32.64
CA LEU E 289 5.15 -8.97 33.14
C LEU E 289 4.15 -8.17 33.98
N THR E 290 4.64 -7.38 34.93
CA THR E 290 3.71 -6.69 35.83
C THR E 290 2.94 -5.53 35.18
N HIS E 291 3.46 -4.99 34.09
CA HIS E 291 2.77 -3.88 33.40
C HIS E 291 2.03 -4.31 32.13
N GLY E 292 2.39 -5.49 31.61
CA GLY E 292 1.86 -5.96 30.36
C GLY E 292 0.81 -7.06 30.42
N GLY E 293 0.07 -7.15 31.53
CA GLY E 293 -1.00 -8.13 31.65
C GLY E 293 -0.59 -9.51 32.11
N GLY E 294 0.64 -9.64 32.62
CA GLY E 294 1.10 -10.89 33.20
C GLY E 294 1.55 -11.93 32.20
N ILE E 295 1.72 -13.15 32.71
CA ILE E 295 2.21 -14.28 31.93
C ILE E 295 1.28 -14.56 30.77
N THR E 296 -0.02 -14.59 31.05
CA THR E 296 -1.02 -14.93 30.05
C THR E 296 -0.90 -13.99 28.85
N ALA E 297 -0.76 -12.70 29.11
CA ALA E 297 -0.71 -11.74 28.02
C ALA E 297 0.65 -11.74 27.34
N MET E 298 1.71 -11.93 28.11
CA MET E 298 3.04 -11.83 27.54
C MET E 298 3.39 -13.02 26.67
N ARG E 299 2.76 -14.16 26.92
CA ARG E 299 2.92 -15.31 26.03
C ARG E 299 2.47 -14.92 24.61
N ARG E 300 1.34 -14.22 24.51
CA ARG E 300 0.82 -13.78 23.23
C ARG E 300 1.74 -12.76 22.57
N VAL E 301 2.32 -11.89 23.39
CA VAL E 301 3.27 -10.91 22.88
C VAL E 301 4.53 -11.58 22.33
N ALA E 302 5.13 -12.46 23.13
CA ALA E 302 6.31 -13.19 22.67
C ALA E 302 6.03 -14.02 21.40
N ASP E 303 4.86 -14.64 21.34
CA ASP E 303 4.46 -15.41 20.15
C ASP E 303 4.45 -14.54 18.91
N LEU E 304 3.81 -13.38 19.00
CA LEU E 304 3.70 -12.50 17.87
C LEU E 304 5.11 -12.07 17.46
N ALA E 305 5.87 -11.59 18.44
CA ALA E 305 7.25 -11.18 18.23
C ALA E 305 8.02 -12.28 17.48
N SER E 306 7.83 -13.54 17.86
CA SER E 306 8.60 -14.64 17.23
C SER E 306 8.41 -14.73 15.71
N LEU E 307 7.21 -14.41 15.24
CA LEU E 307 6.93 -14.43 13.80
C LEU E 307 7.84 -13.48 13.00
N TYR E 308 8.38 -12.46 13.67
CA TYR E 308 9.16 -11.43 12.98
C TYR E 308 10.60 -11.28 13.49
N HIS E 309 11.13 -12.33 14.13
CA HIS E 309 12.52 -12.34 14.62
C HIS E 309 12.73 -11.42 15.82
N VAL E 310 11.64 -10.84 16.31
CA VAL E 310 11.71 -9.99 17.48
C VAL E 310 11.91 -10.80 18.77
N ARG E 311 12.79 -10.33 19.65
CA ARG E 311 13.15 -11.07 20.87
C ARG E 311 12.75 -10.30 22.12
N THR E 312 12.58 -11.02 23.24
CA THR E 312 12.18 -10.37 24.49
C THR E 312 13.35 -9.67 25.19
N GLY E 313 13.09 -8.49 25.74
CA GLY E 313 14.09 -7.73 26.45
C GLY E 313 13.44 -7.09 27.66
N PHE E 314 12.94 -7.92 28.58
CA PHE E 314 12.12 -7.43 29.70
C PHE E 314 12.74 -6.26 30.46
N HIS E 315 11.96 -5.19 30.57
CA HIS E 315 12.26 -4.12 31.52
C HIS E 315 12.45 -4.75 32.90
N GLY E 316 13.58 -4.49 33.53
CA GLY E 316 13.86 -5.04 34.85
C GLY E 316 14.53 -4.02 35.75
N PRO E 317 13.78 -2.96 36.12
CA PRO E 317 14.29 -1.90 36.98
C PRO E 317 14.04 -2.27 38.45
N THR E 318 14.45 -1.40 39.37
CA THR E 318 14.17 -1.65 40.77
C THR E 318 12.67 -1.58 41.03
N ASP E 319 11.94 -0.84 40.18
CA ASP E 319 10.51 -0.61 40.42
C ASP E 319 9.59 -1.74 39.95
N LEU E 320 10.17 -2.87 39.58
CA LEU E 320 9.40 -4.12 39.48
C LEU E 320 9.95 -5.01 40.58
N SER E 321 9.07 -5.58 41.39
CA SER E 321 9.52 -6.31 42.58
C SER E 321 10.19 -7.61 42.20
N PRO E 322 10.85 -8.24 43.17
CA PRO E 322 11.44 -9.56 42.96
C PRO E 322 10.36 -10.57 42.57
N VAL E 323 9.10 -10.25 42.81
CA VAL E 323 8.04 -11.17 42.43
C VAL E 323 8.02 -11.22 40.90
N CYS E 324 8.01 -10.03 40.28
CA CYS E 324 8.10 -9.94 38.83
C CYS E 324 9.40 -10.53 38.32
N LEU E 325 10.51 -10.21 38.98
CA LEU E 325 11.80 -10.67 38.48
C LEU E 325 11.87 -12.21 38.47
N GLY E 326 11.41 -12.83 39.55
CA GLY E 326 11.37 -14.29 39.67
C GLY E 326 10.52 -14.90 38.57
N ALA E 327 9.31 -14.37 38.43
CA ALA E 327 8.40 -14.80 37.37
C ALA E 327 9.00 -14.59 35.97
N ALA E 328 9.68 -13.46 35.77
CA ALA E 328 10.32 -13.14 34.48
C ALA E 328 11.48 -14.07 34.16
N ILE E 329 12.23 -14.45 35.19
CA ILE E 329 13.32 -15.37 34.97
C ILE E 329 12.80 -16.75 34.55
N HIS E 330 11.66 -17.16 35.09
CA HIS E 330 11.04 -18.41 34.65
C HIS E 330 10.62 -18.28 33.20
N PHE E 331 9.90 -17.21 32.89
CA PHE E 331 9.50 -16.92 31.53
C PHE E 331 10.73 -16.96 30.61
N ASP E 332 11.78 -16.23 30.99
CA ASP E 332 12.97 -16.07 30.16
C ASP E 332 13.60 -17.42 29.89
N THR E 333 13.42 -18.33 30.83
CA THR E 333 14.06 -19.66 30.77
C THR E 333 13.40 -20.52 29.71
N TRP E 334 12.10 -20.35 29.54
CA TRP E 334 11.34 -21.12 28.56
C TRP E 334 11.23 -20.47 27.19
N VAL E 335 10.94 -19.18 27.15
CA VAL E 335 10.56 -18.52 25.91
C VAL E 335 11.62 -18.72 24.83
N PRO E 336 11.21 -19.21 23.64
CA PRO E 336 12.18 -19.44 22.56
C PRO E 336 12.94 -18.17 22.17
N ASN E 337 12.19 -17.10 21.89
CA ASN E 337 12.78 -15.86 21.39
C ASN E 337 13.24 -14.92 22.50
N PHE E 338 13.97 -15.47 23.46
CA PHE E 338 14.56 -14.66 24.53
C PHE E 338 15.70 -13.82 23.97
N GLY E 339 15.75 -12.55 24.37
CA GLY E 339 16.83 -11.68 23.96
C GLY E 339 17.81 -11.41 25.10
N ILE E 340 17.33 -10.76 26.13
CA ILE E 340 18.16 -10.44 27.28
C ILE E 340 17.25 -10.06 28.46
N GLN E 341 17.78 -10.12 29.69
CA GLN E 341 17.04 -9.70 30.89
C GLN E 341 17.78 -8.55 31.59
N GLU E 342 17.09 -7.42 31.74
CA GLU E 342 17.64 -6.28 32.44
C GLU E 342 17.76 -6.63 33.92
N HIS E 343 18.85 -6.19 34.54
CA HIS E 343 19.05 -6.40 35.97
C HIS E 343 19.55 -5.17 36.70
N MET E 344 18.64 -4.42 37.31
CA MET E 344 19.00 -3.44 38.33
C MET E 344 18.74 -4.10 39.67
N PRO E 345 19.81 -4.41 40.43
CA PRO E 345 19.71 -5.10 41.71
C PRO E 345 18.82 -4.38 42.72
N HIS E 346 17.92 -5.12 43.34
CA HIS E 346 17.16 -4.60 44.45
C HIS E 346 18.06 -4.45 45.67
N THR E 347 17.67 -3.56 46.58
CA THR E 347 18.37 -3.39 47.84
C THR E 347 18.30 -4.66 48.68
N ASP E 348 19.16 -4.75 49.69
CA ASP E 348 19.19 -5.92 50.53
C ASP E 348 17.88 -6.06 51.29
N GLU E 349 17.35 -4.92 51.75
CA GLU E 349 16.06 -4.90 52.44
C GLU E 349 14.93 -5.42 51.54
N THR E 350 14.93 -5.01 50.28
CA THR E 350 13.92 -5.51 49.35
C THR E 350 14.01 -7.02 49.17
N ASP E 351 15.22 -7.51 48.94
CA ASP E 351 15.43 -8.96 48.82
C ASP E 351 14.94 -9.73 50.05
N ALA E 352 15.01 -9.11 51.22
CA ALA E 352 14.64 -9.77 52.46
C ALA E 352 13.13 -9.82 52.60
N VAL E 353 12.45 -8.77 52.17
CA VAL E 353 10.98 -8.79 52.15
C VAL E 353 10.43 -9.82 51.17
N PHE E 354 11.22 -10.17 50.16
CA PHE E 354 10.74 -11.02 49.07
C PHE E 354 11.64 -12.22 48.85
N PRO E 355 11.69 -13.14 49.84
CA PRO E 355 12.51 -14.35 49.69
C PRO E 355 12.25 -14.98 48.34
N HIS E 356 13.30 -15.45 47.68
CA HIS E 356 13.13 -16.02 46.35
C HIS E 356 14.21 -17.02 46.09
N ASP E 357 14.00 -17.89 45.11
CA ASP E 357 15.02 -18.90 44.82
C ASP E 357 15.75 -18.73 43.48
N TYR E 358 15.40 -17.70 42.72
CA TYR E 358 16.23 -17.38 41.55
C TYR E 358 17.61 -16.93 42.06
N ARG E 359 18.65 -17.21 41.30
CA ARG E 359 19.99 -16.78 41.71
C ARG E 359 20.77 -16.15 40.55
N PHE E 360 21.62 -15.21 40.92
CA PHE E 360 22.51 -14.56 39.98
C PHE E 360 23.92 -15.15 40.10
N GLU E 361 24.52 -15.47 38.97
CA GLU E 361 25.88 -16.02 38.91
C GLU E 361 26.59 -15.61 37.62
N ASP E 362 27.78 -15.01 37.75
CA ASP E 362 28.63 -14.74 36.59
C ASP E 362 27.84 -14.08 35.44
N GLY E 363 26.99 -13.13 35.77
CA GLY E 363 26.34 -12.30 34.77
C GLY E 363 25.05 -12.86 34.21
N HIS E 364 24.57 -13.94 34.82
CA HIS E 364 23.35 -14.60 34.36
C HIS E 364 22.44 -14.97 35.53
N PHE E 365 21.14 -15.06 35.26
CA PHE E 365 20.21 -15.63 36.23
C PHE E 365 20.00 -17.13 36.01
N LEU E 366 19.73 -17.84 37.10
CA LEU E 366 19.30 -19.24 37.07
C LEU E 366 17.93 -19.30 37.73
N ALA E 367 16.93 -19.80 37.01
CA ALA E 367 15.58 -19.93 37.57
C ALA E 367 15.59 -20.85 38.78
N GLY E 368 14.66 -20.64 39.71
CA GLY E 368 14.55 -21.51 40.86
C GLY E 368 13.92 -22.84 40.50
N GLU E 369 14.04 -23.82 41.38
CA GLU E 369 13.43 -25.13 41.15
C GLU E 369 12.22 -25.38 42.04
N SER E 370 11.93 -24.45 42.94
CA SER E 370 10.75 -24.56 43.81
C SER E 370 9.48 -24.35 43.00
N PRO E 371 8.37 -25.01 43.39
CA PRO E 371 7.10 -24.88 42.68
C PRO E 371 6.52 -23.48 42.79
N GLY E 372 5.89 -23.01 41.71
CA GLY E 372 5.45 -21.63 41.64
C GLY E 372 6.51 -20.83 40.92
N HIS E 373 6.49 -19.51 41.06
CA HIS E 373 7.53 -18.71 40.48
C HIS E 373 8.71 -18.55 41.43
N GLY E 374 8.58 -19.14 42.62
CA GLY E 374 9.69 -19.23 43.55
C GLY E 374 9.87 -18.04 44.47
N VAL E 375 8.93 -17.10 44.45
CA VAL E 375 9.02 -15.90 45.26
C VAL E 375 7.89 -15.85 46.28
N ASP E 376 8.21 -15.37 47.48
CA ASP E 376 7.20 -15.14 48.49
C ASP E 376 7.33 -13.71 49.03
N ILE E 377 6.39 -13.31 49.87
CA ILE E 377 6.52 -12.09 50.63
C ILE E 377 6.41 -12.35 52.14
N ASP E 378 7.36 -11.80 52.90
CA ASP E 378 7.35 -11.88 54.36
C ASP E 378 6.55 -10.70 54.86
N GLU E 379 5.27 -10.94 55.10
CA GLU E 379 4.38 -9.85 55.43
C GLU E 379 4.81 -9.13 56.72
N GLU E 380 5.36 -9.87 57.67
CA GLU E 380 5.75 -9.24 58.93
C GLU E 380 6.89 -8.26 58.66
N LEU E 381 7.83 -8.67 57.83
CA LEU E 381 8.96 -7.80 57.52
C LEU E 381 8.47 -6.61 56.69
N ALA E 382 7.53 -6.87 55.79
CA ALA E 382 7.04 -5.81 54.89
C ALA E 382 6.37 -4.68 55.66
N ALA E 383 5.72 -5.05 56.77
CA ALA E 383 5.03 -4.07 57.61
C ALA E 383 5.98 -3.09 58.30
N LYS E 384 7.26 -3.45 58.35
CA LYS E 384 8.26 -2.55 58.94
C LYS E 384 8.59 -1.37 58.04
N TYR E 385 8.12 -1.41 56.79
CA TYR E 385 8.43 -0.38 55.82
C TYR E 385 7.17 0.25 55.22
N PRO E 386 6.65 1.29 55.87
CA PRO E 386 5.46 1.97 55.36
C PRO E 386 5.69 2.66 54.02
N TYR E 387 4.62 2.72 53.24
CA TYR E 387 4.62 3.46 51.99
C TYR E 387 5.17 4.86 52.20
N GLU E 388 6.05 5.30 51.29
CA GLU E 388 6.51 6.68 51.28
C GLU E 388 6.35 7.17 49.86
N ARG E 389 5.61 8.26 49.65
CA ARG E 389 5.36 8.72 48.27
C ARG E 389 6.63 9.16 47.56
N ALA E 390 6.77 8.76 46.29
CA ALA E 390 7.90 9.15 45.46
C ALA E 390 7.50 9.17 43.98
N SER E 391 7.66 10.32 43.35
CA SER E 391 7.28 10.51 41.97
C SER E 391 8.45 10.47 40.99
N LEU E 392 8.16 10.06 39.75
CA LEU E 392 9.12 10.18 38.67
C LEU E 392 9.27 11.65 38.25
N PRO E 393 10.46 12.04 37.77
CA PRO E 393 10.73 13.42 37.40
C PRO E 393 9.97 13.82 36.13
N VAL E 394 9.87 15.13 35.91
CA VAL E 394 9.50 15.61 34.58
C VAL E 394 10.72 16.26 33.95
N ASN E 395 10.69 16.34 32.62
CA ASN E 395 11.78 16.89 31.85
C ASN E 395 11.27 18.17 31.19
N ARG E 396 12.02 19.27 31.28
CA ARG E 396 11.67 20.49 30.55
C ARG E 396 12.80 20.96 29.62
N LEU E 397 12.44 21.50 28.46
CA LEU E 397 13.44 22.13 27.59
C LEU E 397 13.95 23.41 28.24
N GLU E 398 15.04 23.94 27.71
CA GLU E 398 15.65 25.11 28.29
C GLU E 398 14.70 26.32 28.26
N ASP E 399 13.74 26.31 27.32
CA ASP E 399 12.74 27.39 27.27
C ASP E 399 11.53 27.15 28.19
N GLY E 400 11.52 26.01 28.87
CA GLY E 400 10.45 25.68 29.81
C GLY E 400 9.42 24.70 29.27
N THR E 401 9.54 24.32 28.00
CA THR E 401 8.57 23.42 27.39
C THR E 401 8.51 22.08 28.13
N LEU E 402 7.32 21.65 28.54
CA LEU E 402 7.22 20.34 29.15
C LEU E 402 7.45 19.25 28.11
N TRP E 403 8.49 18.47 28.35
CA TRP E 403 9.01 17.53 27.36
C TRP E 403 8.87 16.10 27.90
N HIS E 404 9.56 15.16 27.26
CA HIS E 404 9.51 13.76 27.66
C HIS E 404 10.68 13.41 28.58
N TRP E 405 10.41 12.85 29.75
CA TRP E 405 11.51 12.45 30.61
C TRP E 405 11.96 11.03 30.29
N LEU F 3 -3.27 33.27 38.57
CA LEU F 3 -3.27 32.98 40.01
C LEU F 3 -2.90 31.52 40.32
N LYS F 4 -2.33 31.29 41.50
CA LYS F 4 -1.89 29.96 41.89
C LYS F 4 -3.02 29.11 42.44
N ILE F 5 -2.88 27.79 42.32
CA ILE F 5 -3.82 26.86 42.93
C ILE F 5 -3.56 26.78 44.44
N ARG F 6 -4.58 27.08 45.23
CA ARG F 6 -4.45 27.07 46.68
C ARG F 6 -4.83 25.72 47.27
N ASP F 7 -5.89 25.13 46.75
CA ASP F 7 -6.35 23.84 47.23
C ASP F 7 -6.89 23.00 46.10
N ALA F 8 -6.90 21.68 46.27
CA ALA F 8 -7.56 20.81 45.32
C ALA F 8 -7.95 19.52 46.03
N TYR F 9 -9.10 18.98 45.68
CA TYR F 9 -9.52 17.76 46.34
C TYR F 9 -10.66 17.11 45.58
N THR F 10 -10.91 15.85 45.91
CA THR F 10 -11.96 15.10 45.26
C THR F 10 -13.19 15.05 46.17
N ILE F 11 -14.36 14.91 45.55
CA ILE F 11 -15.56 14.62 46.29
C ILE F 11 -16.13 13.36 45.67
N VAL F 12 -16.50 12.41 46.51
CA VAL F 12 -17.12 11.17 46.04
C VAL F 12 -18.52 11.09 46.63
N THR F 13 -19.52 10.91 45.77
CA THR F 13 -20.91 10.94 46.20
C THR F 13 -21.75 9.93 45.41
N CYS F 14 -22.89 9.54 45.98
CA CYS F 14 -23.73 8.52 45.33
C CYS F 14 -25.21 8.85 45.34
N PRO F 15 -25.60 9.91 44.61
CA PRO F 15 -27.00 10.36 44.55
C PRO F 15 -27.81 9.55 43.54
N GLY F 16 -27.86 8.24 43.75
CA GLY F 16 -28.46 7.36 42.78
C GLY F 16 -27.42 6.47 42.10
N ARG F 17 -26.19 6.97 41.99
CA ARG F 17 -25.06 6.18 41.52
C ARG F 17 -23.76 6.89 41.89
N ASN F 18 -22.62 6.22 41.70
CA ASN F 18 -21.36 6.86 42.08
C ASN F 18 -20.90 7.96 41.13
N PHE F 19 -20.46 9.09 41.68
CA PHE F 19 -19.77 10.11 40.93
C PHE F 19 -18.54 10.55 41.71
N VAL F 20 -17.46 10.78 40.98
CA VAL F 20 -16.25 11.35 41.56
C VAL F 20 -16.00 12.69 40.87
N THR F 21 -15.68 13.69 41.68
CA THR F 21 -15.50 15.06 41.20
C THR F 21 -14.21 15.65 41.77
N LEU F 22 -13.52 16.42 40.95
CA LEU F 22 -12.34 17.18 41.38
C LEU F 22 -12.66 18.67 41.49
N LYS F 23 -12.25 19.29 42.58
CA LYS F 23 -12.39 20.72 42.73
C LYS F 23 -11.03 21.36 42.92
N ILE F 24 -10.85 22.51 42.29
CA ILE F 24 -9.58 23.24 42.34
C ILE F 24 -9.95 24.64 42.77
N VAL F 25 -9.24 25.17 43.75
CA VAL F 25 -9.55 26.50 44.26
C VAL F 25 -8.31 27.37 44.17
N THR F 26 -8.43 28.55 43.58
CA THR F 26 -7.27 29.42 43.40
C THR F 26 -7.09 30.31 44.62
N GLU F 27 -5.95 30.98 44.70
CA GLU F 27 -5.67 31.88 45.82
C GLU F 27 -6.67 33.02 45.97
N SER F 28 -7.38 33.37 44.91
CA SER F 28 -8.43 34.39 44.98
C SER F 28 -9.77 33.81 45.45
N GLY F 29 -9.83 32.48 45.62
CA GLY F 29 -11.05 31.84 46.04
C GLY F 29 -11.94 31.34 44.92
N THR F 30 -11.65 31.78 43.69
CA THR F 30 -12.31 31.22 42.50
C THR F 30 -12.06 29.71 42.44
N HIS F 31 -13.07 28.96 42.03
CA HIS F 31 -12.96 27.51 41.98
C HIS F 31 -13.54 26.95 40.70
N GLY F 32 -13.14 25.73 40.36
CA GLY F 32 -13.67 25.08 39.20
C GLY F 32 -13.68 23.58 39.45
N ILE F 33 -14.57 22.87 38.78
CA ILE F 33 -14.70 21.43 39.00
C ILE F 33 -14.62 20.61 37.71
N GLY F 34 -14.24 19.36 37.86
CA GLY F 34 -14.09 18.47 36.72
C GLY F 34 -14.60 17.09 37.08
N ASP F 35 -15.32 16.47 36.16
CA ASP F 35 -15.83 15.10 36.36
C ASP F 35 -14.66 14.13 36.27
N ALA F 36 -14.64 13.17 37.18
CA ALA F 36 -13.60 12.14 37.19
C ALA F 36 -14.20 10.74 37.39
N THR F 37 -15.46 10.58 37.01
CA THR F 37 -16.18 9.34 37.27
C THR F 37 -15.82 8.28 36.25
N LEU F 38 -15.36 7.14 36.74
CA LEU F 38 -15.06 5.99 35.87
C LEU F 38 -15.86 4.80 36.36
N ASN F 39 -16.97 4.55 35.68
CA ASN F 39 -17.96 3.57 36.14
C ASN F 39 -17.38 2.19 36.46
N GLY F 40 -17.56 1.73 37.70
CA GLY F 40 -17.19 0.38 38.08
C GLY F 40 -15.74 0.28 38.52
N ARG F 41 -15.00 1.38 38.37
CA ARG F 41 -13.60 1.46 38.79
C ARG F 41 -13.36 2.81 39.47
N GLU F 42 -14.38 3.33 40.14
CA GLU F 42 -14.33 4.72 40.60
C GLU F 42 -13.17 5.08 41.53
N MET F 43 -12.80 4.17 42.43
CA MET F 43 -11.82 4.51 43.45
C MET F 43 -10.39 4.46 42.94
N ALA F 44 -10.21 3.86 41.77
CA ALA F 44 -8.88 3.84 41.16
C ALA F 44 -8.52 5.27 40.76
N VAL F 45 -9.51 5.96 40.20
CA VAL F 45 -9.30 7.34 39.75
C VAL F 45 -9.20 8.26 40.98
N ALA F 46 -10.04 8.01 41.98
CA ALA F 46 -9.98 8.80 43.22
C ALA F 46 -8.60 8.75 43.88
N ALA F 47 -8.02 7.55 43.97
CA ALA F 47 -6.67 7.36 44.50
C ALA F 47 -5.59 7.94 43.57
N TYR F 48 -5.77 7.74 42.26
CA TYR F 48 -4.88 8.34 41.27
C TYR F 48 -4.81 9.85 41.56
N LEU F 49 -5.98 10.44 41.74
CA LEU F 49 -6.03 11.88 42.03
C LEU F 49 -5.55 12.21 43.45
N ASP F 50 -6.18 11.64 44.46
CA ASP F 50 -5.84 11.98 45.85
C ASP F 50 -4.34 11.86 46.12
N GLU F 51 -3.74 10.76 45.68
CA GLU F 51 -2.40 10.40 46.12
C GLU F 51 -1.27 10.91 45.24
N HIS F 52 -1.53 11.18 43.97
CA HIS F 52 -0.43 11.44 43.06
C HIS F 52 -0.55 12.73 42.26
N VAL F 53 -1.78 13.15 41.95
CA VAL F 53 -1.99 14.33 41.13
C VAL F 53 -2.25 15.56 42.02
N VAL F 54 -3.27 15.48 42.86
CA VAL F 54 -3.63 16.62 43.70
C VAL F 54 -2.43 17.28 44.42
N PRO F 55 -1.58 16.47 45.08
CA PRO F 55 -0.45 17.10 45.76
C PRO F 55 0.45 17.90 44.80
N ALA F 56 0.51 17.48 43.54
CA ALA F 56 1.30 18.19 42.53
C ALA F 56 0.63 19.46 41.99
N LEU F 57 -0.69 19.59 42.16
CA LEU F 57 -1.40 20.77 41.67
C LEU F 57 -1.17 22.00 42.55
N ILE F 58 -0.95 21.78 43.85
CA ILE F 58 -0.86 22.92 44.77
C ILE F 58 0.30 23.83 44.40
N GLY F 59 0.02 25.11 44.26
CA GLY F 59 1.05 26.09 43.94
C GLY F 59 1.19 26.34 42.46
N ARG F 60 0.59 25.47 41.64
CA ARG F 60 0.69 25.63 40.19
C ARG F 60 -0.16 26.81 39.72
N ASP F 61 0.28 27.44 38.63
CA ASP F 61 -0.48 28.49 37.97
C ASP F 61 -1.70 27.86 37.28
N ALA F 62 -2.88 28.21 37.78
CA ALA F 62 -4.14 27.62 37.32
C ALA F 62 -4.43 27.99 35.87
N GLY F 63 -3.85 29.10 35.42
CA GLY F 63 -4.03 29.55 34.05
C GLY F 63 -3.27 28.70 33.04
N ARG F 64 -2.33 27.89 33.53
CA ARG F 64 -1.50 27.10 32.62
C ARG F 64 -2.11 25.73 32.29
N ILE F 65 -3.20 25.76 31.52
CA ILE F 65 -3.92 24.53 31.21
C ILE F 65 -3.10 23.55 30.35
N GLU F 66 -2.61 24.04 29.22
CA GLU F 66 -1.80 23.22 28.33
C GLU F 66 -0.64 22.59 29.06
N ASP F 67 0.08 23.40 29.84
CA ASP F 67 1.28 22.94 30.52
C ASP F 67 0.91 21.88 31.57
N THR F 68 -0.18 22.10 32.28
CA THR F 68 -0.61 21.13 33.29
C THR F 68 -1.02 19.83 32.60
N TRP F 69 -1.65 19.94 31.44
CA TRP F 69 -2.12 18.76 30.72
C TRP F 69 -0.91 17.90 30.35
N GLN F 70 0.08 18.52 29.72
CA GLN F 70 1.31 17.85 29.31
C GLN F 70 2.10 17.33 30.50
N TYR F 71 2.17 18.15 31.54
CA TYR F 71 2.82 17.77 32.79
C TYR F 71 2.29 16.45 33.36
N LEU F 72 0.96 16.31 33.37
CA LEU F 72 0.36 15.08 33.86
C LEU F 72 0.37 13.93 32.85
N TYR F 73 0.14 14.24 31.58
CA TYR F 73 0.10 13.21 30.54
C TYR F 73 1.49 12.60 30.34
N ARG F 74 2.48 13.44 30.12
CA ARG F 74 3.84 12.97 29.88
C ARG F 74 4.51 12.61 31.20
N GLY F 75 4.26 13.42 32.22
CA GLY F 75 4.87 13.24 33.52
C GLY F 75 4.50 11.93 34.20
N ALA F 76 3.30 11.42 33.93
CA ALA F 76 2.88 10.14 34.49
C ALA F 76 3.84 9.01 34.08
N TYR F 77 4.52 9.23 32.96
CA TYR F 77 5.45 8.27 32.37
C TYR F 77 4.73 7.08 31.74
N TRP F 78 3.83 6.47 32.51
CA TRP F 78 2.93 5.44 31.99
C TRP F 78 1.76 6.18 31.35
N ARG F 79 1.73 6.22 30.02
CA ARG F 79 0.80 7.11 29.29
C ARG F 79 -0.50 6.43 28.88
N ARG F 80 -1.56 7.25 28.75
CA ARG F 80 -2.88 6.78 28.30
C ARG F 80 -3.55 5.89 29.34
N GLY F 81 -4.75 5.40 29.02
CA GLY F 81 -5.47 4.49 29.88
C GLY F 81 -6.69 5.13 30.52
N PRO F 82 -7.71 4.32 30.88
CA PRO F 82 -8.94 4.86 31.46
C PRO F 82 -8.71 5.66 32.75
N VAL F 83 -7.99 5.07 33.70
CA VAL F 83 -7.76 5.73 34.99
C VAL F 83 -6.91 6.98 34.81
N THR F 84 -5.79 6.80 34.12
CA THR F 84 -4.91 7.92 33.77
C THR F 84 -5.61 9.12 33.11
N MET F 85 -6.34 8.86 32.02
CA MET F 85 -6.88 9.96 31.22
C MET F 85 -8.13 10.59 31.85
N THR F 86 -8.84 9.80 32.65
CA THR F 86 -9.97 10.35 33.40
C THR F 86 -9.49 11.33 34.47
N ALA F 87 -8.39 10.97 35.15
CA ALA F 87 -7.77 11.85 36.15
C ALA F 87 -7.27 13.15 35.51
N ILE F 88 -6.67 13.04 34.33
CA ILE F 88 -6.22 14.20 33.58
C ILE F 88 -7.42 15.05 33.09
N ALA F 89 -8.45 14.36 32.60
CA ALA F 89 -9.68 15.04 32.20
C ALA F 89 -10.28 15.87 33.33
N ALA F 90 -10.31 15.29 34.53
CA ALA F 90 -10.86 15.97 35.71
C ALA F 90 -10.15 17.30 35.97
N VAL F 91 -8.82 17.25 36.00
CA VAL F 91 -8.01 18.45 36.16
C VAL F 91 -8.31 19.48 35.05
N ASP F 92 -8.30 19.00 33.80
CA ASP F 92 -8.48 19.87 32.64
C ASP F 92 -9.80 20.62 32.66
N MET F 93 -10.88 19.88 32.93
CA MET F 93 -12.22 20.45 33.00
C MET F 93 -12.30 21.51 34.09
N ALA F 94 -11.72 21.19 35.24
CA ALA F 94 -11.69 22.12 36.37
C ALA F 94 -10.96 23.42 35.99
N LEU F 95 -9.84 23.28 35.28
CA LEU F 95 -9.04 24.43 34.87
C LEU F 95 -9.72 25.26 33.78
N TRP F 96 -10.40 24.61 32.84
CA TRP F 96 -11.21 25.35 31.86
C TRP F 96 -12.38 26.10 32.52
N ASP F 97 -12.95 25.48 33.55
CA ASP F 97 -14.05 26.06 34.31
C ASP F 97 -13.54 27.37 34.88
N ILE F 98 -12.35 27.32 35.49
CA ILE F 98 -11.75 28.48 36.13
C ILE F 98 -11.41 29.58 35.13
N LYS F 99 -10.81 29.20 34.00
CA LYS F 99 -10.40 30.18 33.00
C LYS F 99 -11.61 30.89 32.41
N ALA F 100 -12.70 30.16 32.19
CA ALA F 100 -13.90 30.79 31.65
C ALA F 100 -14.51 31.75 32.70
N LYS F 101 -14.50 31.33 33.97
CA LYS F 101 -14.96 32.24 35.03
C LYS F 101 -14.11 33.50 35.07
N ALA F 102 -12.80 33.33 35.01
CA ALA F 102 -11.90 34.46 35.06
C ALA F 102 -12.09 35.38 33.85
N ALA F 103 -12.46 34.80 32.70
CA ALA F 103 -12.70 35.59 31.49
C ALA F 103 -14.09 36.25 31.56
N GLY F 104 -14.89 35.82 32.52
CA GLY F 104 -16.27 36.29 32.61
C GLY F 104 -17.18 35.81 31.49
N MET F 105 -16.90 34.63 30.94
CA MET F 105 -17.65 34.12 29.78
C MET F 105 -18.09 32.68 29.99
N PRO F 106 -19.26 32.31 29.43
CA PRO F 106 -19.53 30.88 29.41
C PRO F 106 -18.47 30.16 28.56
N LEU F 107 -18.21 28.90 28.88
CA LEU F 107 -17.16 28.13 28.21
C LEU F 107 -17.23 28.15 26.68
N TYR F 108 -18.42 28.01 26.11
CA TYR F 108 -18.52 27.94 24.63
C TYR F 108 -17.94 29.17 23.92
N GLN F 109 -17.98 30.31 24.59
CA GLN F 109 -17.44 31.55 24.04
C GLN F 109 -15.93 31.52 24.00
N LEU F 110 -15.32 30.92 25.02
CA LEU F 110 -13.87 30.85 25.11
C LEU F 110 -13.31 29.87 24.10
N LEU F 111 -14.15 28.94 23.65
CA LEU F 111 -13.71 27.90 22.74
C LEU F 111 -13.77 28.41 21.31
N GLY F 112 -14.45 29.54 21.11
CA GLY F 112 -14.56 30.14 19.80
C GLY F 112 -15.96 30.59 19.43
N GLY F 113 -16.87 30.56 20.40
CA GLY F 113 -18.21 31.09 20.24
C GLY F 113 -19.16 30.05 19.69
N LYS F 114 -20.44 30.39 19.62
CA LYS F 114 -21.45 29.42 19.21
C LYS F 114 -21.47 29.15 17.71
N SER F 115 -21.60 27.87 17.35
CA SER F 115 -21.74 27.45 15.96
C SER F 115 -23.17 27.04 15.65
N ARG F 116 -24.01 26.93 16.67
CA ARG F 116 -25.39 26.49 16.52
C ARG F 116 -26.26 27.03 17.64
N GLU F 117 -27.57 27.09 17.39
CA GLU F 117 -28.49 27.73 18.30
C GLU F 117 -29.05 26.79 19.35
N ARG F 118 -28.79 25.49 19.17
CA ARG F 118 -29.20 24.46 20.13
C ARG F 118 -28.46 23.19 19.76
N VAL F 119 -28.42 22.23 20.68
CA VAL F 119 -27.77 20.96 20.37
C VAL F 119 -28.69 19.73 20.47
N MET F 120 -28.87 19.08 19.32
CA MET F 120 -29.75 17.94 19.22
C MET F 120 -29.27 16.82 20.12
N THR F 121 -30.22 16.11 20.74
CA THR F 121 -29.91 14.95 21.55
C THR F 121 -30.59 13.69 21.01
N TYR F 122 -30.20 12.54 21.54
CA TYR F 122 -31.02 11.34 21.38
C TYR F 122 -31.39 10.72 22.73
N ALA F 123 -32.53 10.07 22.75
CA ALA F 123 -33.00 9.42 23.97
C ALA F 123 -32.88 7.92 23.86
N HIS F 124 -32.70 7.27 25.01
CA HIS F 124 -32.68 5.82 25.10
C HIS F 124 -34.11 5.32 25.08
N CYS F 125 -34.42 4.45 24.12
CA CYS F 125 -35.68 3.72 24.14
C CYS F 125 -35.39 2.23 24.17
N THR F 126 -35.35 1.70 25.39
CA THR F 126 -35.06 0.30 25.59
C THR F 126 -36.34 -0.39 26.03
N GLY F 127 -36.57 -1.59 25.49
CA GLY F 127 -37.71 -2.39 25.89
C GLY F 127 -37.28 -3.84 26.09
N GLN F 128 -38.10 -4.61 26.79
CA GLN F 128 -37.80 -6.03 26.92
C GLN F 128 -38.13 -6.70 25.60
N THR F 129 -39.05 -6.10 24.85
CA THR F 129 -39.51 -6.60 23.57
C THR F 129 -39.66 -5.45 22.59
N ILE F 130 -39.85 -5.76 21.31
CA ILE F 130 -40.06 -4.75 20.30
C ILE F 130 -41.22 -3.83 20.66
N GLU F 131 -42.35 -4.42 21.00
CA GLU F 131 -43.51 -3.66 21.44
C GLU F 131 -43.14 -2.68 22.55
N ASP F 132 -42.49 -3.18 23.59
CA ASP F 132 -42.07 -2.31 24.69
C ASP F 132 -41.22 -1.17 24.12
N CYS F 133 -40.21 -1.52 23.34
CA CYS F 133 -39.39 -0.48 22.70
C CYS F 133 -40.24 0.56 21.96
N LEU F 134 -41.17 0.10 21.14
CA LEU F 134 -41.96 1.02 20.32
C LEU F 134 -42.72 2.02 21.18
N GLY F 135 -43.13 1.59 22.37
CA GLY F 135 -43.84 2.45 23.29
C GLY F 135 -42.94 3.54 23.86
N GLU F 136 -41.68 3.21 24.10
CA GLU F 136 -40.74 4.20 24.60
C GLU F 136 -40.46 5.26 23.55
N VAL F 137 -40.24 4.83 22.31
CA VAL F 137 -40.07 5.77 21.21
C VAL F 137 -41.23 6.77 21.19
N ALA F 138 -42.45 6.26 21.23
CA ALA F 138 -43.62 7.13 21.24
C ALA F 138 -43.56 8.17 22.35
N ARG F 139 -43.19 7.75 23.56
CA ARG F 139 -43.21 8.67 24.70
C ARG F 139 -42.10 9.72 24.64
N HIS F 140 -40.95 9.35 24.11
CA HIS F 140 -39.84 10.29 23.96
C HIS F 140 -40.05 11.25 22.79
N VAL F 141 -40.69 10.76 21.75
CA VAL F 141 -41.10 11.62 20.63
C VAL F 141 -42.02 12.73 21.16
N GLU F 142 -42.88 12.38 22.11
CA GLU F 142 -43.80 13.35 22.69
C GLU F 142 -43.08 14.39 23.53
N LEU F 143 -41.90 14.04 24.02
CA LEU F 143 -41.09 14.97 24.80
C LEU F 143 -40.30 15.87 23.87
N GLY F 144 -40.25 15.51 22.59
CA GLY F 144 -39.60 16.32 21.59
C GLY F 144 -38.33 15.76 20.97
N TYR F 145 -37.89 14.58 21.43
CA TYR F 145 -36.67 13.99 20.87
C TYR F 145 -36.84 13.68 19.39
N ARG F 146 -35.87 14.10 18.59
CA ARG F 146 -35.89 13.85 17.14
C ARG F 146 -35.04 12.63 16.78
N ALA F 147 -34.40 12.04 17.79
CA ALA F 147 -33.52 10.89 17.60
C ALA F 147 -33.67 9.95 18.78
N VAL F 148 -33.72 8.65 18.52
CA VAL F 148 -33.89 7.69 19.58
C VAL F 148 -32.96 6.51 19.39
N ARG F 149 -32.36 6.04 20.48
CA ARG F 149 -31.52 4.85 20.46
C ARG F 149 -32.41 3.66 20.81
N VAL F 150 -32.61 2.76 19.85
CA VAL F 150 -33.57 1.69 20.06
C VAL F 150 -32.89 0.37 20.37
N GLN F 151 -33.30 -0.26 21.46
CA GLN F 151 -32.80 -1.57 21.86
C GLN F 151 -33.96 -2.43 22.37
N SER F 152 -33.94 -3.72 22.07
CA SER F 152 -34.93 -4.66 22.60
C SER F 152 -34.27 -5.97 23.02
N GLY F 153 -34.93 -6.67 23.94
CA GLY F 153 -34.46 -7.99 24.35
C GLY F 153 -34.42 -8.97 23.19
N VAL F 154 -33.59 -10.01 23.35
CA VAL F 154 -33.45 -11.06 22.34
C VAL F 154 -34.14 -12.33 22.80
N PRO F 155 -35.20 -12.74 22.07
CA PRO F 155 -35.98 -13.94 22.38
C PRO F 155 -35.11 -15.17 22.41
N GLY F 156 -35.28 -16.02 23.43
CA GLY F 156 -34.48 -17.22 23.55
C GLY F 156 -33.11 -16.96 24.12
N SER F 177 -23.74 -5.40 43.69
CA SER F 177 -22.39 -4.97 44.04
C SER F 177 -21.33 -5.57 43.12
N LEU F 178 -21.42 -6.86 42.87
CA LEU F 178 -20.50 -7.54 41.95
C LEU F 178 -21.16 -7.65 40.59
N PRO F 179 -20.37 -7.91 39.53
CA PRO F 179 -20.94 -7.88 38.18
C PRO F 179 -22.04 -8.91 37.98
N ALA F 180 -23.20 -8.46 37.54
CA ALA F 180 -24.23 -9.36 37.07
C ALA F 180 -23.62 -10.11 35.88
N GLU F 181 -24.07 -11.33 35.64
CA GLU F 181 -23.57 -12.09 34.51
C GLU F 181 -24.69 -12.41 33.55
N HIS F 182 -24.65 -11.81 32.36
CA HIS F 182 -25.69 -12.00 31.37
C HIS F 182 -25.34 -13.10 30.38
N VAL F 183 -26.35 -13.65 29.71
CA VAL F 183 -26.11 -14.66 28.69
C VAL F 183 -26.34 -14.01 27.32
N TRP F 184 -25.55 -14.45 26.34
CA TRP F 184 -25.55 -13.80 25.03
C TRP F 184 -25.57 -14.83 23.90
N SER F 185 -26.37 -14.57 22.88
CA SER F 185 -26.38 -15.40 21.66
C SER F 185 -26.30 -14.51 20.43
N THR F 186 -25.16 -14.53 19.76
CA THR F 186 -24.97 -13.68 18.60
C THR F 186 -25.92 -14.02 17.47
N GLU F 187 -26.06 -15.30 17.12
CA GLU F 187 -26.95 -15.65 16.03
C GLU F 187 -28.42 -15.28 16.28
N LYS F 188 -28.87 -15.43 17.52
CA LYS F 188 -30.25 -15.03 17.82
C LYS F 188 -30.43 -13.51 17.64
N TYR F 189 -29.41 -12.76 18.01
CA TYR F 189 -29.46 -11.30 17.93
C TYR F 189 -29.47 -10.82 16.49
N LEU F 190 -28.63 -11.43 15.65
CA LEU F 190 -28.56 -11.03 14.24
C LEU F 190 -29.85 -11.30 13.49
N ASN F 191 -30.53 -12.39 13.84
CA ASN F 191 -31.81 -12.72 13.21
C ASN F 191 -32.94 -11.82 13.69
N HIS F 192 -32.75 -11.20 14.84
CA HIS F 192 -33.81 -10.45 15.51
C HIS F 192 -33.74 -8.94 15.32
N ALA F 193 -32.54 -8.38 15.37
CA ALA F 193 -32.36 -6.93 15.30
C ALA F 193 -33.05 -6.28 14.10
N PRO F 194 -32.91 -6.87 12.89
CA PRO F 194 -33.55 -6.22 11.74
C PRO F 194 -35.05 -6.06 11.94
N LYS F 195 -35.67 -6.99 12.66
CA LYS F 195 -37.11 -6.91 12.91
C LYS F 195 -37.47 -5.69 13.77
N LEU F 196 -36.56 -5.31 14.68
CA LEU F 196 -36.81 -4.14 15.52
C LEU F 196 -36.87 -2.89 14.67
N PHE F 197 -35.90 -2.75 13.79
CA PHE F 197 -35.80 -1.56 12.98
C PHE F 197 -36.95 -1.50 11.98
N ALA F 198 -37.31 -2.65 11.43
CA ALA F 198 -38.47 -2.74 10.55
C ALA F 198 -39.70 -2.15 11.24
N ALA F 199 -39.92 -2.55 12.49
CA ALA F 199 -41.10 -2.13 13.24
C ALA F 199 -41.05 -0.66 13.63
N VAL F 200 -39.88 -0.16 14.02
CA VAL F 200 -39.74 1.26 14.34
C VAL F 200 -40.08 2.10 13.11
N ARG F 201 -39.57 1.70 11.95
CA ARG F 201 -39.82 2.46 10.72
C ARG F 201 -41.27 2.38 10.27
N GLU F 202 -41.88 1.20 10.41
CA GLU F 202 -43.27 1.03 10.02
C GLU F 202 -44.20 1.94 10.83
N ARG F 203 -43.89 2.13 12.10
CA ARG F 203 -44.77 2.90 12.98
C ARG F 203 -44.47 4.39 13.01
N PHE F 204 -43.19 4.75 12.92
CA PHE F 204 -42.81 6.14 13.17
C PHE F 204 -42.38 6.90 11.92
N GLY F 205 -42.17 6.20 10.82
CA GLY F 205 -41.83 6.86 9.57
C GLY F 205 -40.35 7.19 9.46
N ASP F 206 -40.00 7.96 8.44
CA ASP F 206 -38.60 8.19 8.08
C ASP F 206 -37.94 9.43 8.70
N ASP F 207 -38.73 10.38 9.15
CA ASP F 207 -38.16 11.66 9.60
C ASP F 207 -37.31 11.51 10.87
N LEU F 208 -37.64 10.50 11.66
CA LEU F 208 -37.00 10.27 12.94
C LEU F 208 -35.59 9.68 12.76
N HIS F 209 -34.61 10.22 13.47
CA HIS F 209 -33.30 9.59 13.52
C HIS F 209 -33.34 8.37 14.43
N VAL F 210 -32.87 7.24 13.92
CA VAL F 210 -32.90 5.98 14.66
C VAL F 210 -31.48 5.43 14.85
N LEU F 211 -31.07 5.30 16.11
CA LEU F 211 -29.73 4.84 16.44
C LEU F 211 -29.74 3.47 17.08
N HIS F 212 -28.65 2.73 16.93
CA HIS F 212 -28.56 1.42 17.55
C HIS F 212 -27.16 1.13 18.04
N ASP F 213 -27.09 0.57 19.25
CA ASP F 213 -25.83 0.28 19.89
C ASP F 213 -25.64 -1.23 19.92
N VAL F 214 -24.69 -1.75 19.15
CA VAL F 214 -24.51 -3.20 19.18
C VAL F 214 -23.66 -3.63 20.40
N HIS F 215 -22.95 -2.68 21.00
CA HIS F 215 -22.34 -2.91 22.32
C HIS F 215 -21.30 -4.05 22.35
N HIS F 216 -20.48 -4.11 21.30
CA HIS F 216 -19.22 -4.84 21.29
C HIS F 216 -19.32 -6.32 20.98
N ARG F 217 -20.51 -6.82 20.68
CA ARG F 217 -20.69 -8.28 20.75
C ARG F 217 -20.45 -9.08 19.45
N LEU F 218 -20.17 -8.38 18.36
CA LEU F 218 -20.05 -9.00 17.03
C LEU F 218 -18.59 -9.09 16.58
N THR F 219 -18.30 -10.00 15.65
CA THR F 219 -17.04 -9.96 14.92
C THR F 219 -17.27 -9.03 13.73
N PRO F 220 -16.20 -8.62 13.02
CA PRO F 220 -16.41 -7.67 11.92
C PRO F 220 -17.29 -8.20 10.79
N ILE F 221 -17.11 -9.45 10.38
CA ILE F 221 -17.95 -9.93 9.29
C ILE F 221 -19.41 -10.04 9.74
N GLU F 222 -19.61 -10.26 11.04
CA GLU F 222 -20.98 -10.30 11.59
C GLU F 222 -21.61 -8.90 11.56
N ALA F 223 -20.85 -7.90 11.99
CA ALA F 223 -21.31 -6.53 11.97
C ALA F 223 -21.55 -6.06 10.53
N ALA F 224 -20.73 -6.54 9.60
CA ALA F 224 -20.91 -6.26 8.18
C ALA F 224 -22.24 -6.81 7.70
N ARG F 225 -22.53 -8.03 8.10
CA ARG F 225 -23.83 -8.66 7.84
C ARG F 225 -24.98 -7.80 8.38
N LEU F 226 -24.87 -7.42 9.64
CA LEU F 226 -25.93 -6.66 10.28
C LEU F 226 -26.12 -5.31 9.60
N GLY F 227 -25.02 -4.62 9.32
CA GLY F 227 -25.08 -3.35 8.61
C GLY F 227 -25.82 -3.41 7.28
N LYS F 228 -25.56 -4.46 6.53
CA LYS F 228 -26.23 -4.64 5.25
C LYS F 228 -27.71 -4.81 5.50
N ALA F 229 -28.03 -5.66 6.49
CA ALA F 229 -29.40 -6.00 6.79
C ALA F 229 -30.23 -4.77 7.15
N VAL F 230 -29.58 -3.78 7.77
CA VAL F 230 -30.32 -2.61 8.26
C VAL F 230 -30.28 -1.39 7.34
N GLU F 231 -29.60 -1.52 6.21
CA GLU F 231 -29.52 -0.41 5.25
C GLU F 231 -30.89 0.16 4.86
N PRO F 232 -31.90 -0.72 4.65
CA PRO F 232 -33.25 -0.25 4.31
C PRO F 232 -33.89 0.65 5.36
N TYR F 233 -33.42 0.63 6.60
CA TYR F 233 -34.03 1.41 7.68
C TYR F 233 -33.25 2.68 7.99
N HIS F 234 -32.16 2.91 7.24
CA HIS F 234 -31.40 4.16 7.31
C HIS F 234 -31.16 4.66 8.74
N LEU F 235 -30.39 3.88 9.48
CA LEU F 235 -30.00 4.23 10.84
C LEU F 235 -29.09 5.46 10.85
N PHE F 236 -29.24 6.29 11.89
CA PHE F 236 -28.35 7.42 12.15
C PHE F 236 -26.93 6.88 12.40
N TRP F 237 -26.85 5.82 13.21
CA TRP F 237 -25.59 5.09 13.36
C TRP F 237 -25.75 3.70 13.95
N LEU F 238 -24.77 2.86 13.63
CA LEU F 238 -24.62 1.57 14.26
C LEU F 238 -23.38 1.69 15.11
N GLU F 239 -23.53 1.49 16.40
CA GLU F 239 -22.51 1.89 17.35
C GLU F 239 -21.76 0.71 17.95
N ASP F 240 -20.45 0.85 18.10
CA ASP F 240 -19.64 -0.15 18.79
C ASP F 240 -19.91 -1.58 18.34
N CYS F 241 -19.87 -1.81 17.03
CA CYS F 241 -20.11 -3.13 16.46
C CYS F 241 -19.20 -4.22 17.01
N VAL F 242 -17.94 -3.87 17.21
CA VAL F 242 -16.91 -4.86 17.52
C VAL F 242 -15.88 -4.21 18.44
N PRO F 243 -15.23 -5.02 19.29
CA PRO F 243 -14.09 -4.51 20.07
C PRO F 243 -13.04 -3.96 19.11
N ALA F 244 -12.56 -2.75 19.39
CA ALA F 244 -11.68 -2.05 18.46
C ALA F 244 -10.30 -1.65 19.02
N GLU F 245 -9.76 -2.44 19.95
CA GLU F 245 -8.38 -2.25 20.34
C GLU F 245 -7.49 -2.38 19.10
N ASN F 246 -7.85 -3.32 18.23
CA ASN F 246 -7.24 -3.41 16.92
C ASN F 246 -8.12 -2.60 16.00
N GLN F 247 -7.68 -1.39 15.69
CA GLN F 247 -8.49 -0.47 14.89
C GLN F 247 -8.87 -1.00 13.52
N GLU F 248 -8.04 -1.88 12.96
CA GLU F 248 -8.35 -2.51 11.68
C GLU F 248 -9.64 -3.33 11.72
N SER F 249 -10.19 -3.55 12.93
CA SER F 249 -11.41 -4.36 13.07
C SER F 249 -12.60 -3.73 12.33
N LEU F 250 -12.58 -2.42 12.18
CA LEU F 250 -13.65 -1.73 11.49
C LEU F 250 -13.59 -1.86 9.96
N ARG F 251 -12.46 -2.29 9.42
CA ARG F 251 -12.26 -2.26 7.97
C ARG F 251 -13.29 -3.08 7.17
N LEU F 252 -13.51 -4.32 7.57
CA LEU F 252 -14.45 -5.20 6.88
C LEU F 252 -15.87 -4.68 6.92
N ILE F 253 -16.24 -4.07 8.04
CA ILE F 253 -17.57 -3.52 8.18
C ILE F 253 -17.75 -2.37 7.19
N ARG F 254 -16.81 -1.43 7.20
CA ARG F 254 -16.91 -0.26 6.33
C ARG F 254 -16.96 -0.67 4.87
N GLU F 255 -16.22 -1.71 4.53
CA GLU F 255 -16.11 -2.11 3.14
C GLU F 255 -17.35 -2.83 2.63
N HIS F 256 -18.22 -3.23 3.55
CA HIS F 256 -19.39 -4.04 3.16
C HIS F 256 -20.74 -3.38 3.39
N THR F 257 -20.78 -2.24 4.06
CA THR F 257 -22.06 -1.59 4.31
C THR F 257 -21.99 -0.09 4.24
N THR F 258 -23.12 0.54 3.88
CA THR F 258 -23.25 1.99 3.93
C THR F 258 -24.02 2.48 5.16
N THR F 259 -24.33 1.59 6.09
CA THR F 259 -24.89 2.04 7.36
C THR F 259 -23.80 2.79 8.11
N PRO F 260 -24.11 4.03 8.55
CA PRO F 260 -23.10 4.84 9.22
C PRO F 260 -22.68 4.23 10.56
N LEU F 261 -21.40 4.38 10.89
CA LEU F 261 -20.82 3.71 12.04
C LEU F 261 -20.34 4.71 13.09
N ALA F 262 -20.52 4.36 14.37
CA ALA F 262 -19.99 5.15 15.48
C ALA F 262 -19.19 4.26 16.42
N ILE F 263 -18.19 4.83 17.06
CA ILE F 263 -17.39 4.09 18.00
C ILE F 263 -16.66 5.06 18.93
N GLY F 264 -16.30 4.58 20.12
CA GLY F 264 -15.34 5.30 20.94
C GLY F 264 -15.62 5.58 22.40
N GLU F 265 -16.77 5.15 22.92
CA GLU F 265 -17.04 5.44 24.33
C GLU F 265 -16.04 4.78 25.29
N VAL F 266 -15.39 3.70 24.85
CA VAL F 266 -14.43 3.03 25.71
C VAL F 266 -13.01 3.52 25.46
N PHE F 267 -12.84 4.45 24.52
CA PHE F 267 -11.53 4.99 24.23
C PHE F 267 -11.15 6.09 25.22
N ASN F 268 -9.86 6.32 25.42
CA ASN F 268 -9.43 7.41 26.28
C ASN F 268 -8.36 8.31 25.64
N SER F 269 -7.99 8.00 24.39
CA SER F 269 -6.89 8.69 23.74
C SER F 269 -7.11 8.88 22.23
N ILE F 270 -6.53 9.94 21.69
CA ILE F 270 -6.60 10.13 20.24
C ILE F 270 -5.87 8.97 19.56
N HIS F 271 -4.96 8.33 20.29
CA HIS F 271 -4.20 7.22 19.69
C HIS F 271 -5.01 5.93 19.63
N ASP F 272 -6.19 5.94 20.25
CA ASP F 272 -7.14 4.85 20.15
C ASP F 272 -7.96 4.92 18.87
N CYS F 273 -7.96 6.08 18.20
CA CYS F 273 -8.88 6.26 17.08
C CYS F 273 -8.29 6.96 15.86
N ARG F 274 -7.02 7.36 15.93
CA ARG F 274 -6.39 8.10 14.83
C ARG F 274 -6.55 7.35 13.51
N GLU F 275 -6.29 6.04 13.52
CA GLU F 275 -6.38 5.26 12.28
C GLU F 275 -7.83 5.06 11.82
N LEU F 276 -8.74 4.86 12.77
CA LEU F 276 -10.17 4.77 12.45
C LEU F 276 -10.63 5.99 11.67
N ILE F 277 -10.22 7.16 12.15
CA ILE F 277 -10.64 8.42 11.57
C ILE F 277 -9.96 8.67 10.22
N GLN F 278 -8.64 8.52 10.18
CA GLN F 278 -7.89 8.83 8.98
C GLN F 278 -8.22 7.90 7.80
N ASN F 279 -8.62 6.68 8.12
CA ASN F 279 -8.98 5.68 7.11
C ASN F 279 -10.45 5.76 6.73
N GLN F 280 -11.16 6.71 7.33
CA GLN F 280 -12.59 6.89 7.08
C GLN F 280 -13.43 5.63 7.32
N TRP F 281 -13.17 4.98 8.45
CA TRP F 281 -13.87 3.76 8.84
C TRP F 281 -15.06 4.04 9.77
N ILE F 282 -15.14 5.27 10.29
CA ILE F 282 -16.26 5.64 11.14
C ILE F 282 -16.81 7.01 10.74
N ASP F 283 -18.04 7.25 11.14
CA ASP F 283 -18.75 8.48 10.86
C ASP F 283 -18.88 9.38 12.09
N TYR F 284 -18.91 8.79 13.28
CA TYR F 284 -19.02 9.58 14.50
C TYR F 284 -18.08 9.05 15.57
N ILE F 285 -17.41 9.96 16.27
CA ILE F 285 -16.54 9.55 17.35
C ILE F 285 -17.23 9.80 18.69
N ARG F 286 -17.22 8.77 19.53
CA ARG F 286 -18.06 8.77 20.74
C ARG F 286 -17.36 9.12 22.05
N MET F 287 -16.04 9.20 22.04
CA MET F 287 -15.26 9.40 23.27
C MET F 287 -15.65 10.71 23.96
N PRO F 288 -16.06 10.64 25.24
CA PRO F 288 -16.57 11.85 25.92
C PRO F 288 -15.47 12.63 26.65
N LEU F 289 -15.79 13.82 27.16
CA LEU F 289 -14.80 14.63 27.86
C LEU F 289 -14.14 13.95 29.07
N THR F 290 -14.92 13.37 29.98
CA THR F 290 -14.30 12.87 31.21
C THR F 290 -13.39 11.66 31.04
N HIS F 291 -13.56 10.89 29.96
CA HIS F 291 -12.69 9.72 29.78
C HIS F 291 -11.59 9.93 28.74
N GLY F 292 -11.69 11.01 27.98
CA GLY F 292 -10.76 11.30 26.89
C GLY F 292 -9.85 12.49 27.16
N GLY F 293 -9.55 12.76 28.42
CA GLY F 293 -8.55 13.77 28.75
C GLY F 293 -9.04 15.20 28.61
N GLY F 294 -10.35 15.37 28.70
CA GLY F 294 -10.91 16.70 28.89
C GLY F 294 -11.01 17.52 27.61
N ILE F 295 -11.34 18.79 27.80
CA ILE F 295 -11.50 19.73 26.70
C ILE F 295 -10.27 19.81 25.83
N THR F 296 -9.12 19.98 26.48
CA THR F 296 -7.85 20.16 25.80
C THR F 296 -7.61 19.04 24.78
N ALA F 297 -7.77 17.81 25.25
CA ALA F 297 -7.58 16.64 24.41
C ALA F 297 -8.69 16.51 23.37
N MET F 298 -9.94 16.74 23.77
CA MET F 298 -11.05 16.51 22.84
C MET F 298 -11.09 17.52 21.66
N ARG F 299 -10.56 18.72 21.88
CA ARG F 299 -10.34 19.65 20.76
C ARG F 299 -9.49 19.05 19.64
N ARG F 300 -8.41 18.36 20.01
CA ARG F 300 -7.53 17.75 19.02
C ARG F 300 -8.23 16.62 18.29
N VAL F 301 -9.01 15.85 19.02
CA VAL F 301 -9.75 14.75 18.42
C VAL F 301 -10.81 15.28 17.45
N ALA F 302 -11.53 16.32 17.85
CA ALA F 302 -12.51 16.93 16.95
C ALA F 302 -11.86 17.50 15.69
N ASP F 303 -10.70 18.13 15.86
CA ASP F 303 -9.95 18.67 14.73
C ASP F 303 -9.55 17.59 13.74
N LEU F 304 -9.02 16.49 14.24
CA LEU F 304 -8.65 15.39 13.36
C LEU F 304 -9.89 14.88 12.64
N ALA F 305 -10.96 14.69 13.39
CA ALA F 305 -12.21 14.18 12.83
C ALA F 305 -12.72 15.05 11.68
N SER F 306 -12.66 16.38 11.84
CA SER F 306 -13.15 17.28 10.81
C SER F 306 -12.47 17.10 9.45
N LEU F 307 -11.20 16.68 9.43
CA LEU F 307 -10.49 16.48 8.16
C LEU F 307 -11.10 15.37 7.31
N TYR F 308 -11.88 14.51 7.96
CA TYR F 308 -12.38 13.30 7.33
C TYR F 308 -13.89 13.15 7.44
N HIS F 309 -14.57 14.28 7.68
CA HIS F 309 -16.04 14.34 7.67
C HIS F 309 -16.63 13.65 8.90
N VAL F 310 -15.77 13.32 9.85
CA VAL F 310 -16.23 12.68 11.09
C VAL F 310 -16.76 13.73 12.06
N ARG F 311 -17.90 13.41 12.65
CA ARG F 311 -18.60 14.33 13.55
C ARG F 311 -18.61 13.78 14.97
N THR F 312 -18.77 14.66 15.95
CA THR F 312 -18.75 14.25 17.35
C THR F 312 -20.10 13.65 17.74
N GLY F 313 -20.06 12.62 18.58
CA GLY F 313 -21.27 12.04 19.13
C GLY F 313 -20.97 11.60 20.55
N PHE F 314 -20.80 12.56 21.45
CA PHE F 314 -20.30 12.29 22.79
C PHE F 314 -21.15 11.24 23.49
N HIS F 315 -20.47 10.23 24.05
CA HIS F 315 -21.08 9.32 25.02
C HIS F 315 -21.70 10.18 26.13
N GLY F 316 -22.96 9.93 26.45
CA GLY F 316 -23.64 10.70 27.47
C GLY F 316 -24.54 9.90 28.40
N PRO F 317 -23.98 8.90 29.09
CA PRO F 317 -24.75 8.03 30.00
C PRO F 317 -24.95 8.68 31.37
N THR F 318 -25.68 8.02 32.25
CA THR F 318 -25.85 8.55 33.59
C THR F 318 -24.52 8.50 34.36
N ASP F 319 -23.59 7.64 33.95
CA ASP F 319 -22.34 7.50 34.70
C ASP F 319 -21.28 8.55 34.38
N LEU F 320 -21.65 9.55 33.56
CA LEU F 320 -20.87 10.77 33.46
C LEU F 320 -21.69 11.85 34.14
N SER F 321 -21.07 12.59 35.06
CA SER F 321 -21.84 13.52 35.90
C SER F 321 -22.34 14.72 35.13
N PRO F 322 -23.31 15.45 35.70
CA PRO F 322 -23.75 16.70 35.07
C PRO F 322 -22.60 17.67 34.85
N VAL F 323 -21.46 17.46 35.51
CA VAL F 323 -20.34 18.35 35.28
C VAL F 323 -19.86 18.09 33.87
N CYS F 324 -19.73 16.82 33.52
CA CYS F 324 -19.34 16.47 32.16
C CYS F 324 -20.34 16.96 31.15
N LEU F 325 -21.62 16.71 31.41
CA LEU F 325 -22.67 17.04 30.46
C LEU F 325 -22.71 18.54 30.19
N GLY F 326 -22.58 19.34 31.24
CA GLY F 326 -22.53 20.79 31.09
C GLY F 326 -21.38 21.22 30.20
N ALA F 327 -20.18 20.69 30.48
CA ALA F 327 -19.02 20.99 29.69
C ALA F 327 -19.18 20.46 28.25
N ALA F 328 -19.79 19.29 28.09
CA ALA F 328 -20.00 18.73 26.75
C ALA F 328 -20.93 19.61 25.94
N ILE F 329 -21.95 20.14 26.60
CA ILE F 329 -22.94 20.97 25.92
C ILE F 329 -22.26 22.25 25.43
N HIS F 330 -21.40 22.83 26.25
CA HIS F 330 -20.58 23.98 25.81
C HIS F 330 -19.72 23.62 24.62
N PHE F 331 -19.06 22.47 24.70
CA PHE F 331 -18.22 22.01 23.61
C PHE F 331 -19.07 21.80 22.36
N ASP F 332 -20.23 21.18 22.53
CA ASP F 332 -21.14 20.84 21.42
C ASP F 332 -21.61 22.11 20.72
N THR F 333 -21.82 23.15 21.51
CA THR F 333 -22.30 24.44 21.04
C THR F 333 -21.30 25.13 20.12
N TRP F 334 -20.01 24.95 20.40
CA TRP F 334 -18.95 25.55 19.58
C TRP F 334 -18.45 24.67 18.42
N VAL F 335 -18.21 23.39 18.70
CA VAL F 335 -17.48 22.57 17.74
C VAL F 335 -18.16 22.53 16.37
N PRO F 336 -17.40 22.83 15.31
CA PRO F 336 -17.99 22.87 13.96
C PRO F 336 -18.57 21.52 13.56
N ASN F 337 -17.82 20.45 13.78
CA ASN F 337 -18.26 19.13 13.33
C ASN F 337 -19.05 18.35 14.38
N PHE F 338 -20.08 18.99 14.91
CA PHE F 338 -20.97 18.36 15.86
C PHE F 338 -21.94 17.44 15.11
N GLY F 339 -22.23 16.28 15.71
CA GLY F 339 -23.18 15.33 15.15
C GLY F 339 -24.43 15.22 15.99
N ILE F 340 -24.26 14.75 17.23
CA ILE F 340 -25.38 14.62 18.18
C ILE F 340 -24.84 14.52 19.61
N GLN F 341 -25.72 14.71 20.59
CA GLN F 341 -25.37 14.54 21.99
C GLN F 341 -26.28 13.51 22.63
N GLU F 342 -25.70 12.45 23.18
CA GLU F 342 -26.47 11.44 23.91
C GLU F 342 -27.07 12.06 25.17
N HIS F 343 -28.32 11.75 25.47
CA HIS F 343 -28.91 12.18 26.74
C HIS F 343 -29.59 11.06 27.51
N MET F 344 -28.96 10.65 28.60
CA MET F 344 -29.59 9.79 29.60
C MET F 344 -29.80 10.66 30.83
N PRO F 345 -31.03 11.12 31.06
CA PRO F 345 -31.27 12.05 32.16
C PRO F 345 -30.77 11.51 33.50
N HIS F 346 -30.14 12.37 34.30
CA HIS F 346 -29.70 11.98 35.63
C HIS F 346 -30.92 11.95 36.53
N THR F 347 -30.80 11.27 37.67
CA THR F 347 -31.84 11.29 38.69
C THR F 347 -31.98 12.70 39.25
N ASP F 348 -33.14 12.99 39.83
CA ASP F 348 -33.38 14.28 40.49
C ASP F 348 -32.29 14.56 41.53
N GLU F 349 -31.99 13.56 42.35
CA GLU F 349 -30.96 13.69 43.38
C GLU F 349 -29.58 14.04 42.78
N THR F 350 -29.20 13.36 41.70
CA THR F 350 -27.95 13.72 41.03
C THR F 350 -27.97 15.18 40.57
N ASP F 351 -29.08 15.60 39.94
CA ASP F 351 -29.21 16.96 39.45
C ASP F 351 -29.09 17.99 40.57
N ALA F 352 -29.52 17.62 41.78
CA ALA F 352 -29.49 18.55 42.93
C ALA F 352 -28.09 18.68 43.51
N VAL F 353 -27.35 17.58 43.50
CA VAL F 353 -25.97 17.61 43.96
C VAL F 353 -25.10 18.42 42.99
N PHE F 354 -25.50 18.46 41.72
CA PHE F 354 -24.74 19.24 40.71
C PHE F 354 -25.59 20.30 40.02
N PRO F 355 -25.79 21.45 40.69
CA PRO F 355 -26.57 22.54 40.09
C PRO F 355 -25.91 23.05 38.82
N HIS F 356 -26.73 23.39 37.83
CA HIS F 356 -26.22 23.68 36.50
C HIS F 356 -27.19 24.57 35.76
N ASP F 357 -26.71 25.26 34.74
CA ASP F 357 -27.59 26.14 34.00
C ASP F 357 -27.85 25.70 32.56
N TYR F 358 -27.33 24.54 32.17
CA TYR F 358 -27.72 24.02 30.88
C TYR F 358 -29.18 23.60 30.99
N ARG F 359 -29.90 23.58 29.88
CA ARG F 359 -31.30 23.16 29.91
C ARG F 359 -31.72 22.36 28.69
N PHE F 360 -32.66 21.45 28.91
CA PHE F 360 -33.24 20.63 27.86
C PHE F 360 -34.57 21.23 27.45
N GLU F 361 -34.77 21.35 26.14
CA GLU F 361 -36.00 21.90 25.58
C GLU F 361 -36.31 21.20 24.27
N ASP F 362 -37.49 20.59 24.18
CA ASP F 362 -37.99 20.14 22.89
C ASP F 362 -36.96 19.28 22.16
N GLY F 363 -36.31 18.38 22.89
CA GLY F 363 -35.38 17.43 22.28
C GLY F 363 -33.96 17.95 22.11
N HIS F 364 -33.69 19.17 22.56
CA HIS F 364 -32.36 19.75 22.44
C HIS F 364 -31.87 20.35 23.75
N PHE F 365 -30.55 20.52 23.87
CA PHE F 365 -29.94 21.24 24.97
C PHE F 365 -29.63 22.66 24.54
N LEU F 366 -29.74 23.60 25.47
CA LEU F 366 -29.22 24.95 25.31
C LEU F 366 -28.10 25.10 26.32
N ALA F 367 -26.94 25.58 25.90
CA ALA F 367 -25.81 25.72 26.83
C ALA F 367 -26.13 26.80 27.86
N GLY F 368 -25.53 26.71 29.03
CA GLY F 368 -25.62 27.78 30.01
C GLY F 368 -25.01 29.07 29.49
N GLU F 369 -25.32 30.19 30.13
CA GLU F 369 -24.75 31.47 29.74
C GLU F 369 -23.89 32.06 30.85
N SER F 370 -23.92 31.43 32.03
CA SER F 370 -23.05 31.80 33.14
C SER F 370 -21.59 31.49 32.84
N PRO F 371 -20.67 32.25 33.44
CA PRO F 371 -19.24 31.96 33.26
C PRO F 371 -18.81 30.58 33.81
N GLY F 372 -17.80 29.99 33.18
CA GLY F 372 -17.40 28.63 33.49
C GLY F 372 -18.20 27.66 32.65
N HIS F 373 -18.14 26.36 32.96
CA HIS F 373 -19.02 25.41 32.28
C HIS F 373 -20.43 25.44 32.85
N GLY F 374 -20.61 26.19 33.93
CA GLY F 374 -21.94 26.43 34.49
C GLY F 374 -22.51 25.36 35.40
N VAL F 375 -21.67 24.39 35.77
CA VAL F 375 -22.04 23.38 36.75
C VAL F 375 -21.30 23.63 38.06
N ASP F 376 -21.99 23.38 39.17
CA ASP F 376 -21.39 23.47 40.50
C ASP F 376 -21.56 22.15 41.24
N ILE F 377 -20.99 22.05 42.43
CA ILE F 377 -21.28 20.91 43.27
C ILE F 377 -21.74 21.34 44.67
N ASP F 378 -22.86 20.81 45.12
CA ASP F 378 -23.35 21.05 46.48
C ASP F 378 -22.62 20.07 47.41
N GLU F 379 -21.52 20.51 48.03
CA GLU F 379 -20.72 19.61 48.85
C GLU F 379 -21.48 19.11 50.08
N GLU F 380 -22.28 19.98 50.68
CA GLU F 380 -23.06 19.56 51.85
C GLU F 380 -24.06 18.48 51.46
N LEU F 381 -24.75 18.67 50.35
CA LEU F 381 -25.70 17.67 49.88
C LEU F 381 -24.95 16.39 49.46
N ALA F 382 -23.80 16.56 48.83
CA ALA F 382 -23.03 15.42 48.34
C ALA F 382 -22.63 14.51 49.50
N ALA F 383 -22.26 15.12 50.62
CA ALA F 383 -21.80 14.38 51.80
C ALA F 383 -22.89 13.48 52.38
N LYS F 384 -24.12 13.68 51.90
CA LYS F 384 -25.26 12.92 52.38
C LYS F 384 -25.44 11.61 51.63
N TYR F 385 -24.69 11.41 50.56
CA TYR F 385 -24.83 10.20 49.75
C TYR F 385 -23.50 9.46 49.63
N PRO F 386 -23.20 8.56 50.58
CA PRO F 386 -21.88 7.92 50.55
C PRO F 386 -21.72 6.88 49.45
N TYR F 387 -20.51 6.77 48.94
CA TYR F 387 -20.12 5.76 47.95
C TYR F 387 -20.74 4.40 48.22
N GLU F 388 -21.30 3.77 47.20
CA GLU F 388 -21.76 2.39 47.30
C GLU F 388 -21.19 1.61 46.13
N ARG F 389 -20.32 0.65 46.41
CA ARG F 389 -19.71 -0.11 45.32
C ARG F 389 -20.75 -0.67 44.37
N ALA F 390 -20.53 -0.51 43.06
CA ALA F 390 -21.39 -1.14 42.07
C ALA F 390 -20.62 -1.40 40.76
N SER F 391 -20.76 -2.60 40.21
CA SER F 391 -20.00 -3.04 39.07
C SER F 391 -20.84 -3.21 37.82
N LEU F 392 -20.22 -3.00 36.66
CA LEU F 392 -20.86 -3.27 35.37
C LEU F 392 -21.01 -4.77 35.15
N PRO F 393 -22.03 -5.18 34.38
CA PRO F 393 -22.25 -6.60 34.11
C PRO F 393 -21.16 -7.20 33.24
N VAL F 394 -21.10 -8.53 33.20
CA VAL F 394 -20.28 -9.21 32.21
C VAL F 394 -21.21 -10.06 31.36
N ASN F 395 -20.68 -10.55 30.25
CA ASN F 395 -21.46 -11.30 29.29
C ASN F 395 -20.82 -12.66 29.16
N ARG F 396 -21.62 -13.72 29.14
CA ARG F 396 -21.09 -15.04 28.83
C ARG F 396 -21.90 -15.68 27.72
N LEU F 397 -21.22 -16.41 26.83
CA LEU F 397 -21.93 -17.16 25.81
C LEU F 397 -22.68 -18.30 26.51
N GLU F 398 -23.56 -18.97 25.78
CA GLU F 398 -24.34 -20.07 26.33
C GLU F 398 -23.44 -21.19 26.86
N ASP F 399 -22.27 -21.37 26.25
CA ASP F 399 -21.36 -22.41 26.70
C ASP F 399 -20.48 -21.97 27.88
N GLY F 400 -20.65 -20.74 28.32
CA GLY F 400 -19.90 -20.25 29.48
C GLY F 400 -18.78 -19.29 29.16
N THR F 401 -18.46 -19.15 27.88
CA THR F 401 -17.35 -18.31 27.46
C THR F 401 -17.53 -16.85 27.88
N LEU F 402 -16.54 -16.31 28.57
CA LEU F 402 -16.66 -14.92 28.97
C LEU F 402 -16.50 -14.05 27.74
N TRP F 403 -17.56 -13.32 27.40
CA TRP F 403 -17.62 -12.56 26.15
C TRP F 403 -17.56 -11.06 26.44
N HIS F 404 -17.78 -10.26 25.42
CA HIS F 404 -17.79 -8.82 25.59
C HIS F 404 -19.18 -8.38 26.05
N TRP F 405 -19.24 -7.55 27.09
CA TRP F 405 -20.53 -7.01 27.50
C TRP F 405 -20.85 -5.74 26.71
N LEU G 3 -21.36 41.14 21.57
CA LEU G 3 -21.74 42.39 20.93
C LEU G 3 -21.62 42.28 19.41
N LYS G 4 -22.41 43.09 18.72
CA LYS G 4 -22.43 43.05 17.26
C LYS G 4 -21.31 43.90 16.66
N ILE G 5 -20.88 43.53 15.47
CA ILE G 5 -19.96 44.37 14.72
C ILE G 5 -20.67 45.64 14.23
N ARG G 6 -20.12 46.79 14.62
CA ARG G 6 -20.67 48.07 14.21
C ARG G 6 -19.98 48.60 12.94
N ASP G 7 -18.66 48.42 12.87
CA ASP G 7 -17.88 48.93 11.75
C ASP G 7 -16.74 47.94 11.42
N ALA G 8 -16.30 47.93 10.17
CA ALA G 8 -15.17 47.11 9.75
C ALA G 8 -14.57 47.72 8.53
N TYR G 9 -13.25 47.78 8.47
CA TYR G 9 -12.58 48.38 7.33
C TYR G 9 -11.11 47.98 7.23
N THR G 10 -10.55 48.19 6.03
CA THR G 10 -9.13 47.94 5.79
C THR G 10 -8.32 49.23 5.90
N ILE G 11 -7.04 49.08 6.21
CA ILE G 11 -6.11 50.20 6.21
C ILE G 11 -4.91 49.75 5.41
N VAL G 12 -4.52 50.51 4.39
CA VAL G 12 -3.36 50.18 3.58
C VAL G 12 -2.27 51.21 3.83
N THR G 13 -1.07 50.74 4.15
CA THR G 13 0.00 51.66 4.53
C THR G 13 1.36 51.12 4.11
N CYS G 14 2.30 52.02 3.91
CA CYS G 14 3.65 51.66 3.46
C CYS G 14 4.77 52.31 4.26
N PRO G 15 4.91 51.92 5.55
CA PRO G 15 5.96 52.38 6.47
C PRO G 15 7.27 51.64 6.27
N GLY G 16 7.81 51.71 5.07
CA GLY G 16 8.97 50.93 4.69
C GLY G 16 8.63 49.88 3.64
N ARG G 17 7.40 49.38 3.73
CA ARG G 17 6.89 48.45 2.73
C ARG G 17 5.38 48.36 2.96
N ASN G 18 4.66 47.75 2.02
CA ASN G 18 3.20 47.68 2.11
C ASN G 18 2.68 46.71 3.17
N PHE G 19 1.66 47.17 3.91
CA PHE G 19 0.87 46.33 4.79
C PHE G 19 -0.61 46.61 4.58
N VAL G 20 -1.43 45.57 4.65
CA VAL G 20 -2.87 45.72 4.71
C VAL G 20 -3.39 45.15 6.03
N THR G 21 -4.36 45.83 6.63
CA THR G 21 -4.81 45.51 7.97
C THR G 21 -6.32 45.57 7.98
N LEU G 22 -6.95 44.63 8.65
CA LEU G 22 -8.39 44.74 8.89
C LEU G 22 -8.66 45.19 10.31
N LYS G 23 -9.61 46.11 10.47
CA LYS G 23 -10.02 46.53 11.79
C LYS G 23 -11.51 46.25 11.93
N ILE G 24 -11.90 45.76 13.10
CA ILE G 24 -13.30 45.48 13.39
C ILE G 24 -13.68 46.18 14.69
N VAL G 25 -14.82 46.86 14.68
CA VAL G 25 -15.26 47.63 15.86
C VAL G 25 -16.66 47.19 16.26
N THR G 26 -16.82 46.84 17.55
CA THR G 26 -18.10 46.38 18.08
C THR G 26 -18.98 47.55 18.51
N GLU G 27 -20.24 47.27 18.83
CA GLU G 27 -21.17 48.32 19.24
C GLU G 27 -20.71 49.03 20.51
N SER G 28 -19.81 48.41 21.26
CA SER G 28 -19.33 49.02 22.50
C SER G 28 -18.19 49.99 22.25
N GLY G 29 -17.51 49.82 21.12
CA GLY G 29 -16.34 50.62 20.84
C GLY G 29 -15.07 49.80 20.93
N THR G 30 -15.19 48.61 21.51
CA THR G 30 -14.10 47.65 21.55
C THR G 30 -13.71 47.30 20.12
N HIS G 31 -12.41 47.11 19.88
CA HIS G 31 -11.93 46.85 18.53
C HIS G 31 -10.78 45.85 18.47
N GLY G 32 -10.59 45.25 17.30
CA GLY G 32 -9.51 44.30 17.07
C GLY G 32 -8.99 44.45 15.67
N ILE G 33 -7.74 44.05 15.44
CA ILE G 33 -7.17 44.13 14.11
C ILE G 33 -6.49 42.83 13.71
N GLY G 34 -6.46 42.57 12.42
CA GLY G 34 -5.84 41.37 11.87
C GLY G 34 -4.99 41.75 10.66
N ASP G 35 -3.87 41.06 10.48
CA ASP G 35 -2.99 41.32 9.35
C ASP G 35 -3.60 40.71 8.09
N ALA G 36 -3.47 41.40 6.97
CA ALA G 36 -4.06 40.95 5.72
C ALA G 36 -3.07 41.12 4.58
N THR G 37 -1.77 41.13 4.92
CA THR G 37 -0.74 41.45 3.94
C THR G 37 -0.35 40.22 3.11
N LEU G 38 -0.47 40.35 1.79
CA LEU G 38 -0.02 39.29 0.88
C LEU G 38 1.00 39.90 -0.08
N ASN G 39 2.28 39.68 0.21
CA ASN G 39 3.35 40.41 -0.45
C ASN G 39 3.27 40.34 -1.98
N GLY G 40 3.25 41.51 -2.61
CA GLY G 40 3.23 41.60 -4.06
C GLY G 40 1.88 41.39 -4.73
N ARG G 41 0.86 41.04 -3.95
CA ARG G 41 -0.52 40.92 -4.44
C ARG G 41 -1.47 41.61 -3.45
N GLU G 42 -0.98 42.66 -2.80
CA GLU G 42 -1.67 43.22 -1.64
C GLU G 42 -3.08 43.73 -1.94
N MET G 43 -3.28 44.33 -3.12
CA MET G 43 -4.58 44.94 -3.42
C MET G 43 -5.65 43.92 -3.76
N ALA G 44 -5.24 42.72 -4.16
CA ALA G 44 -6.19 41.64 -4.36
C ALA G 44 -6.89 41.33 -3.03
N VAL G 45 -6.11 41.26 -1.95
CA VAL G 45 -6.68 41.00 -0.62
C VAL G 45 -7.49 42.22 -0.15
N ALA G 46 -6.97 43.43 -0.38
CA ALA G 46 -7.69 44.63 0.03
C ALA G 46 -9.08 44.64 -0.61
N ALA G 47 -9.17 44.27 -1.89
CA ALA G 47 -10.45 44.25 -2.60
C ALA G 47 -11.35 43.11 -2.14
N TYR G 48 -10.77 41.93 -1.92
CA TYR G 48 -11.53 40.78 -1.45
C TYR G 48 -12.27 41.19 -0.17
N LEU G 49 -11.55 41.86 0.73
CA LEU G 49 -12.15 42.32 1.99
C LEU G 49 -13.07 43.53 1.80
N ASP G 50 -12.58 44.56 1.12
CA ASP G 50 -13.40 45.76 0.92
C ASP G 50 -14.73 45.45 0.24
N GLU G 51 -14.70 44.66 -0.82
CA GLU G 51 -15.87 44.53 -1.68
C GLU G 51 -16.81 43.37 -1.35
N HIS G 52 -16.30 42.36 -0.66
CA HIS G 52 -17.06 41.12 -0.50
C HIS G 52 -17.20 40.60 0.93
N VAL G 53 -16.17 40.80 1.76
CA VAL G 53 -16.20 40.31 3.13
C VAL G 53 -16.71 41.38 4.08
N VAL G 54 -16.07 42.55 4.03
CA VAL G 54 -16.39 43.63 4.97
C VAL G 54 -17.91 43.90 5.12
N PRO G 55 -18.62 44.10 3.99
CA PRO G 55 -20.05 44.40 4.10
C PRO G 55 -20.82 43.29 4.81
N ALA G 56 -20.34 42.05 4.67
CA ALA G 56 -21.03 40.91 5.27
C ALA G 56 -20.76 40.80 6.77
N LEU G 57 -19.77 41.54 7.27
CA LEU G 57 -19.39 41.50 8.69
C LEU G 57 -20.29 42.40 9.54
N ILE G 58 -20.79 43.47 8.93
CA ILE G 58 -21.60 44.43 9.68
C ILE G 58 -22.82 43.76 10.31
N GLY G 59 -22.96 43.92 11.63
CA GLY G 59 -24.11 43.41 12.35
C GLY G 59 -23.93 42.00 12.89
N ARG G 60 -22.83 41.35 12.53
CA ARG G 60 -22.57 40.00 13.00
C ARG G 60 -22.16 39.99 14.47
N ASP G 61 -22.44 38.88 15.15
CA ASP G 61 -22.02 38.71 16.53
C ASP G 61 -20.52 38.49 16.52
N ALA G 62 -19.77 39.45 17.05
CA ALA G 62 -18.32 39.40 17.01
C ALA G 62 -17.77 38.20 17.80
N GLY G 63 -18.59 37.66 18.70
CA GLY G 63 -18.16 36.57 19.55
C GLY G 63 -18.07 35.24 18.80
N ARG G 64 -18.81 35.16 17.71
CA ARG G 64 -18.90 33.88 17.00
C ARG G 64 -17.74 33.74 16.02
N ILE G 65 -16.56 33.47 16.56
CA ILE G 65 -15.35 33.38 15.75
C ILE G 65 -15.41 32.19 14.79
N GLU G 66 -15.75 31.03 15.34
CA GLU G 66 -15.85 29.80 14.58
C GLU G 66 -16.88 29.93 13.47
N ASP G 67 -18.06 30.45 13.82
CA ASP G 67 -19.12 30.58 12.85
C ASP G 67 -18.72 31.49 11.70
N THR G 68 -18.03 32.57 12.02
CA THR G 68 -17.54 33.51 11.00
C THR G 68 -16.48 32.90 10.10
N TRP G 69 -15.55 32.17 10.68
CA TRP G 69 -14.54 31.48 9.86
C TRP G 69 -15.21 30.54 8.87
N GLN G 70 -16.11 29.70 9.36
CA GLN G 70 -16.84 28.78 8.47
C GLN G 70 -17.68 29.52 7.43
N TYR G 71 -18.39 30.55 7.87
CA TYR G 71 -19.19 31.37 6.97
C TYR G 71 -18.35 31.93 5.82
N LEU G 72 -17.16 32.45 6.13
CA LEU G 72 -16.32 33.01 5.09
C LEU G 72 -15.61 31.92 4.30
N TYR G 73 -15.16 30.87 4.99
CA TYR G 73 -14.46 29.77 4.31
C TYR G 73 -15.37 28.98 3.36
N ARG G 74 -16.46 28.42 3.91
CA ARG G 74 -17.40 27.67 3.08
C ARG G 74 -18.24 28.59 2.18
N GLY G 75 -18.66 29.72 2.74
CA GLY G 75 -19.48 30.68 2.02
C GLY G 75 -18.88 31.26 0.75
N ALA G 76 -17.56 31.37 0.69
CA ALA G 76 -16.93 31.88 -0.53
C ALA G 76 -17.26 31.00 -1.72
N TYR G 77 -17.58 29.73 -1.45
CA TYR G 77 -17.85 28.74 -2.50
C TYR G 77 -16.57 28.31 -3.21
N TRP G 78 -15.78 29.27 -3.64
CA TRP G 78 -14.46 29.00 -4.18
C TRP G 78 -13.53 28.96 -2.96
N ARG G 79 -13.08 27.75 -2.62
CA ARG G 79 -12.38 27.52 -1.35
C ARG G 79 -10.86 27.51 -1.45
N ARG G 80 -10.20 27.90 -0.37
CA ARG G 80 -8.73 27.97 -0.27
C ARG G 80 -8.09 29.05 -1.14
N GLY G 81 -6.77 29.13 -1.11
CA GLY G 81 -6.04 30.10 -1.92
C GLY G 81 -5.42 31.23 -1.13
N PRO G 82 -4.37 31.85 -1.70
CA PRO G 82 -3.62 32.92 -0.98
C PRO G 82 -4.47 34.14 -0.63
N VAL G 83 -5.25 34.62 -1.59
CA VAL G 83 -6.06 35.81 -1.35
C VAL G 83 -7.21 35.50 -0.41
N THR G 84 -7.92 34.42 -0.72
CA THR G 84 -9.01 33.93 0.14
C THR G 84 -8.62 33.72 1.61
N MET G 85 -7.54 32.98 1.83
CA MET G 85 -7.22 32.58 3.19
C MET G 85 -6.55 33.70 3.99
N THR G 86 -5.96 34.66 3.30
CA THR G 86 -5.42 35.84 3.98
C THR G 86 -6.59 36.73 4.39
N ALA G 87 -7.57 36.88 3.52
CA ALA G 87 -8.75 37.67 3.88
C ALA G 87 -9.40 37.04 5.11
N ILE G 88 -9.52 35.71 5.08
CA ILE G 88 -10.08 34.99 6.23
C ILE G 88 -9.25 35.13 7.53
N ALA G 89 -7.91 35.03 7.41
CA ALA G 89 -7.01 35.19 8.56
C ALA G 89 -7.10 36.59 9.18
N ALA G 90 -7.26 37.60 8.33
CA ALA G 90 -7.41 38.96 8.83
C ALA G 90 -8.64 39.03 9.76
N VAL G 91 -9.79 38.53 9.29
CA VAL G 91 -11.01 38.58 10.07
C VAL G 91 -10.83 37.80 11.36
N ASP G 92 -10.32 36.58 11.23
CA ASP G 92 -10.09 35.70 12.37
C ASP G 92 -9.17 36.32 13.41
N MET G 93 -8.09 36.96 12.95
CA MET G 93 -7.11 37.55 13.84
C MET G 93 -7.75 38.70 14.64
N ALA G 94 -8.50 39.54 13.94
CA ALA G 94 -9.20 40.66 14.55
C ALA G 94 -10.25 40.20 15.55
N LEU G 95 -10.94 39.10 15.26
CA LEU G 95 -11.95 38.60 16.19
C LEU G 95 -11.34 37.99 17.44
N TRP G 96 -10.23 37.28 17.29
CA TRP G 96 -9.52 36.77 18.45
C TRP G 96 -8.98 37.93 19.33
N ASP G 97 -8.51 38.99 18.68
CA ASP G 97 -8.04 40.17 19.39
C ASP G 97 -9.20 40.69 20.26
N ILE G 98 -10.39 40.80 19.66
CA ILE G 98 -11.58 41.28 20.38
C ILE G 98 -11.95 40.37 21.56
N LYS G 99 -11.94 39.06 21.34
CA LYS G 99 -12.39 38.13 22.37
C LYS G 99 -11.44 38.15 23.57
N ALA G 100 -10.14 38.23 23.28
CA ALA G 100 -9.13 38.27 24.32
C ALA G 100 -9.30 39.56 25.13
N LYS G 101 -9.57 40.65 24.44
CA LYS G 101 -9.85 41.91 25.13
C LYS G 101 -11.08 41.80 26.02
N ALA G 102 -12.15 41.23 25.47
CA ALA G 102 -13.36 41.01 26.23
C ALA G 102 -13.10 40.12 27.46
N ALA G 103 -12.23 39.14 27.31
CA ALA G 103 -11.89 38.25 28.42
C ALA G 103 -10.93 38.93 29.41
N GLY G 104 -10.34 40.05 29.00
CA GLY G 104 -9.36 40.72 29.82
C GLY G 104 -8.06 39.95 30.00
N MET G 105 -7.68 39.17 29.00
CA MET G 105 -6.46 38.39 29.08
C MET G 105 -5.65 38.56 27.82
N PRO G 106 -4.31 38.42 27.92
CA PRO G 106 -3.50 38.32 26.71
C PRO G 106 -3.94 37.11 25.91
N LEU G 107 -3.75 37.12 24.58
CA LEU G 107 -4.19 36.01 23.72
C LEU G 107 -3.69 34.63 24.16
N TYR G 108 -2.41 34.49 24.51
CA TYR G 108 -1.89 33.17 24.91
C TYR G 108 -2.69 32.51 26.05
N GLN G 109 -3.26 33.32 26.96
CA GLN G 109 -4.03 32.78 28.07
C GLN G 109 -5.32 32.15 27.55
N LEU G 110 -5.93 32.83 26.57
CA LEU G 110 -7.16 32.34 25.97
C LEU G 110 -6.92 31.01 25.29
N LEU G 111 -5.73 30.86 24.72
CA LEU G 111 -5.44 29.69 23.91
C LEU G 111 -5.19 28.44 24.75
N GLY G 112 -4.92 28.63 26.04
CA GLY G 112 -4.60 27.51 26.92
C GLY G 112 -3.47 27.80 27.90
N GLY G 113 -2.95 29.02 27.87
CA GLY G 113 -1.96 29.43 28.85
C GLY G 113 -0.57 29.18 28.33
N LYS G 114 0.45 29.62 29.06
CA LYS G 114 1.80 29.55 28.52
C LYS G 114 2.39 28.14 28.63
N SER G 115 3.10 27.71 27.59
CA SER G 115 3.83 26.45 27.66
C SER G 115 5.33 26.70 27.80
N ARG G 116 5.74 27.96 27.78
CA ARG G 116 7.16 28.26 27.86
C ARG G 116 7.40 29.69 28.31
N GLU G 117 8.60 29.94 28.83
CA GLU G 117 8.91 31.24 29.42
C GLU G 117 9.43 32.24 28.40
N ARG G 118 9.78 31.75 27.22
CA ARG G 118 10.20 32.63 26.13
C ARG G 118 10.15 31.87 24.81
N VAL G 119 10.23 32.60 23.70
CA VAL G 119 10.16 31.97 22.38
C VAL G 119 11.41 32.22 21.55
N MET G 120 12.12 31.13 21.27
CA MET G 120 13.38 31.23 20.55
C MET G 120 13.17 31.72 19.13
N THR G 121 14.07 32.56 18.64
CA THR G 121 13.99 33.06 17.28
C THR G 121 15.23 32.69 16.49
N TYR G 122 15.19 32.97 15.20
CA TYR G 122 16.40 32.92 14.40
C TYR G 122 16.49 34.18 13.54
N ALA G 123 17.71 34.63 13.28
CA ALA G 123 17.90 35.79 12.43
C ALA G 123 18.46 35.41 11.07
N HIS G 124 18.27 36.31 10.10
CA HIS G 124 18.85 36.18 8.77
C HIS G 124 20.30 36.61 8.74
N CYS G 125 21.17 35.74 8.26
CA CYS G 125 22.57 36.09 8.06
C CYS G 125 22.91 35.86 6.60
N THR G 126 22.94 36.95 5.85
CA THR G 126 23.10 36.90 4.41
C THR G 126 24.30 37.72 4.01
N GLY G 127 25.10 37.20 3.07
CA GLY G 127 26.20 37.96 2.50
C GLY G 127 26.55 37.46 1.10
N GLN G 128 27.13 38.33 0.29
CA GLN G 128 27.56 37.94 -1.05
C GLN G 128 28.51 36.75 -0.97
N THR G 129 29.57 36.90 -0.20
CA THR G 129 30.56 35.82 -0.03
C THR G 129 30.28 35.05 1.26
N ILE G 130 30.91 33.88 1.37
CA ILE G 130 30.84 33.09 2.60
C ILE G 130 31.30 33.91 3.80
N GLU G 131 32.44 34.59 3.67
CA GLU G 131 32.97 35.40 4.75
C GLU G 131 32.00 36.53 5.12
N ASP G 132 31.38 37.14 4.12
CA ASP G 132 30.34 38.14 4.38
C ASP G 132 29.27 37.57 5.29
N CYS G 133 28.85 36.34 4.97
CA CYS G 133 27.86 35.64 5.77
C CYS G 133 28.37 35.37 7.18
N LEU G 134 29.62 34.90 7.30
CA LEU G 134 30.17 34.61 8.63
C LEU G 134 30.16 35.87 9.51
N GLY G 135 30.49 37.01 8.90
CA GLY G 135 30.46 38.28 9.61
C GLY G 135 29.08 38.61 10.17
N GLU G 136 28.04 38.23 9.44
CA GLU G 136 26.66 38.49 9.89
C GLU G 136 26.25 37.52 11.00
N VAL G 137 26.64 36.26 10.88
CA VAL G 137 26.44 35.32 11.97
C VAL G 137 27.09 35.86 13.23
N ALA G 138 28.32 36.33 13.10
CA ALA G 138 29.06 36.88 14.23
C ALA G 138 28.30 38.03 14.89
N ARG G 139 27.73 38.91 14.09
CA ARG G 139 27.06 40.08 14.67
C ARG G 139 25.67 39.76 15.25
N HIS G 140 24.97 38.79 14.66
CA HIS G 140 23.68 38.40 15.24
C HIS G 140 23.86 37.55 16.50
N VAL G 141 24.93 36.75 16.53
CA VAL G 141 25.27 36.01 17.73
C VAL G 141 25.49 36.95 18.93
N GLU G 142 26.20 38.05 18.68
CA GLU G 142 26.42 39.07 19.73
C GLU G 142 25.14 39.73 20.20
N LEU G 143 24.09 39.68 19.38
CA LEU G 143 22.79 40.22 19.74
C LEU G 143 21.99 39.24 20.58
N GLY G 144 22.51 38.02 20.71
CA GLY G 144 21.89 37.01 21.55
C GLY G 144 21.19 35.88 20.80
N TYR G 145 21.19 35.95 19.47
CA TYR G 145 20.53 34.89 18.70
C TYR G 145 21.25 33.57 18.89
N ARG G 146 20.48 32.50 19.07
CA ARG G 146 21.04 31.15 19.26
C ARG G 146 20.88 30.37 17.97
N ALA G 147 20.19 30.98 17.01
CA ALA G 147 19.86 30.31 15.76
C ALA G 147 20.01 31.30 14.61
N VAL G 148 20.63 30.87 13.52
CA VAL G 148 20.83 31.74 12.36
C VAL G 148 20.50 31.05 11.05
N ARG G 149 19.83 31.77 10.17
CA ARG G 149 19.53 31.32 8.82
C ARG G 149 20.62 31.84 7.89
N VAL G 150 21.40 30.94 7.29
CA VAL G 150 22.58 31.37 6.53
C VAL G 150 22.39 31.28 5.01
N GLN G 151 22.82 32.34 4.32
CA GLN G 151 22.68 32.43 2.87
C GLN G 151 23.86 33.19 2.29
N SER G 152 24.48 32.62 1.26
CA SER G 152 25.54 33.34 0.56
C SER G 152 25.34 33.30 -0.97
N GLY G 153 26.05 34.15 -1.68
CA GLY G 153 25.91 34.20 -3.13
C GLY G 153 26.54 32.99 -3.80
N VAL G 154 25.98 32.59 -4.93
CA VAL G 154 26.55 31.50 -5.72
C VAL G 154 27.45 32.10 -6.79
N PRO G 155 28.74 31.71 -6.79
CA PRO G 155 29.72 32.22 -7.77
C PRO G 155 29.49 31.66 -9.16
N GLY G 156 29.75 32.45 -10.19
CA GLY G 156 29.68 31.98 -11.57
C GLY G 156 28.32 32.12 -12.23
N SER G 177 9.56 48.27 -9.15
CA SER G 177 8.11 48.08 -9.06
C SER G 177 7.62 46.80 -9.75
N LEU G 178 8.21 46.47 -10.90
CA LEU G 178 7.91 45.19 -11.53
C LEU G 178 8.97 44.18 -11.08
N PRO G 179 8.71 42.89 -11.33
CA PRO G 179 9.62 41.87 -10.80
C PRO G 179 11.04 42.04 -11.32
N ALA G 180 12.00 42.05 -10.41
CA ALA G 180 13.38 41.95 -10.83
C ALA G 180 13.52 40.53 -11.39
N GLU G 181 14.47 40.34 -12.30
CA GLU G 181 14.68 39.01 -12.85
C GLU G 181 16.10 38.56 -12.53
N HIS G 182 16.20 37.46 -11.79
CA HIS G 182 17.46 36.93 -11.33
C HIS G 182 17.76 35.70 -12.16
N VAL G 183 19.02 35.30 -12.19
CA VAL G 183 19.44 34.13 -12.96
C VAL G 183 19.82 33.04 -11.97
N TRP G 184 19.49 31.81 -12.30
CA TRP G 184 19.69 30.71 -11.36
C TRP G 184 20.43 29.55 -12.02
N SER G 185 21.34 28.95 -11.26
CA SER G 185 22.00 27.71 -11.67
C SER G 185 21.97 26.68 -10.55
N THR G 186 21.30 25.57 -10.77
CA THR G 186 21.19 24.56 -9.72
C THR G 186 22.52 23.89 -9.44
N GLU G 187 23.24 23.51 -10.49
CA GLU G 187 24.45 22.74 -10.30
C GLU G 187 25.54 23.52 -9.56
N LYS G 188 25.64 24.81 -9.86
CA LYS G 188 26.60 25.67 -9.19
C LYS G 188 26.27 25.83 -7.71
N TYR G 189 24.98 26.05 -7.42
CA TYR G 189 24.49 26.09 -6.04
C TYR G 189 24.79 24.79 -5.27
N LEU G 190 24.49 23.65 -5.88
CA LEU G 190 24.68 22.38 -5.17
C LEU G 190 26.14 22.14 -4.77
N ASN G 191 27.09 22.61 -5.58
CA ASN G 191 28.50 22.42 -5.24
C ASN G 191 29.01 23.45 -4.24
N HIS G 192 28.33 24.58 -4.14
CA HIS G 192 28.80 25.67 -3.28
C HIS G 192 28.20 25.64 -1.86
N ALA G 193 26.89 25.41 -1.79
CA ALA G 193 26.18 25.43 -0.51
C ALA G 193 26.85 24.67 0.63
N PRO G 194 27.31 23.43 0.38
CA PRO G 194 27.98 22.73 1.48
C PRO G 194 29.17 23.49 2.06
N LYS G 195 29.95 24.16 1.22
CA LYS G 195 31.10 24.93 1.70
C LYS G 195 30.71 26.00 2.72
N LEU G 196 29.53 26.58 2.56
CA LEU G 196 29.04 27.57 3.53
C LEU G 196 28.86 26.96 4.93
N PHE G 197 28.20 25.80 4.99
CA PHE G 197 27.90 25.21 6.28
C PHE G 197 29.17 24.68 6.95
N ALA G 198 30.09 24.14 6.15
CA ALA G 198 31.39 23.74 6.65
C ALA G 198 32.10 24.94 7.26
N ALA G 199 32.07 26.08 6.58
CA ALA G 199 32.74 27.27 7.08
C ALA G 199 32.01 27.81 8.33
N VAL G 200 30.69 27.76 8.32
CA VAL G 200 29.95 28.19 9.50
C VAL G 200 30.31 27.37 10.73
N ARG G 201 30.42 26.05 10.56
CA ARG G 201 30.74 25.16 11.69
C ARG G 201 32.19 25.30 12.15
N GLU G 202 33.11 25.51 11.21
CA GLU G 202 34.51 25.65 11.57
C GLU G 202 34.69 26.87 12.46
N ARG G 203 33.99 27.95 12.14
CA ARG G 203 34.18 29.21 12.85
C ARG G 203 33.39 29.34 14.15
N PHE G 204 32.18 28.78 14.17
CA PHE G 204 31.31 28.97 15.33
C PHE G 204 31.05 27.73 16.18
N GLY G 205 31.49 26.56 15.72
CA GLY G 205 31.32 25.33 16.47
C GLY G 205 29.93 24.72 16.38
N ASP G 206 29.66 23.75 17.25
CA ASP G 206 28.45 22.94 17.15
C ASP G 206 27.21 23.41 17.92
N ASP G 207 27.33 24.41 18.78
CA ASP G 207 26.19 24.76 19.65
C ASP G 207 25.09 25.53 18.93
N LEU G 208 25.50 26.37 17.99
CA LEU G 208 24.61 27.22 17.24
C LEU G 208 23.65 26.40 16.37
N HIS G 209 22.37 26.79 16.36
CA HIS G 209 21.41 26.24 15.41
C HIS G 209 21.61 26.92 14.05
N VAL G 210 21.70 26.14 12.99
CA VAL G 210 22.00 26.70 11.70
C VAL G 210 20.92 26.26 10.73
N LEU G 211 20.21 27.25 10.17
CA LEU G 211 19.10 26.98 9.25
C LEU G 211 19.48 27.38 7.85
N HIS G 212 18.85 26.76 6.86
CA HIS G 212 19.09 27.15 5.47
C HIS G 212 17.83 26.98 4.64
N ASP G 213 17.58 28.00 3.82
CA ASP G 213 16.41 28.10 2.98
C ASP G 213 16.80 27.89 1.52
N VAL G 214 16.42 26.72 0.98
CA VAL G 214 16.70 26.39 -0.43
C VAL G 214 15.81 27.22 -1.37
N HIS G 215 14.64 27.61 -0.87
CA HIS G 215 13.80 28.56 -1.60
C HIS G 215 13.34 28.07 -2.97
N HIS G 216 12.94 26.78 -3.01
CA HIS G 216 12.08 26.21 -4.07
C HIS G 216 12.80 25.76 -5.33
N ARG G 217 14.11 25.85 -5.36
CA ARG G 217 14.83 25.79 -6.63
C ARG G 217 15.28 24.41 -7.09
N LEU G 218 15.06 23.39 -6.26
CA LEU G 218 15.59 22.06 -6.52
C LEU G 218 14.51 21.09 -6.98
N THR G 219 14.93 20.00 -7.62
CA THR G 219 14.07 18.83 -7.77
C THR G 219 14.28 17.96 -6.54
N PRO G 220 13.38 17.01 -6.27
CA PRO G 220 13.49 16.19 -5.07
C PRO G 220 14.82 15.42 -4.98
N ILE G 221 15.27 14.81 -6.08
CA ILE G 221 16.52 14.05 -5.99
C ILE G 221 17.74 14.96 -5.82
N GLU G 222 17.65 16.19 -6.31
CA GLU G 222 18.70 17.18 -6.03
C GLU G 222 18.70 17.55 -4.54
N ALA G 223 17.50 17.79 -3.98
CA ALA G 223 17.36 18.10 -2.56
C ALA G 223 17.86 16.94 -1.68
N ALA G 224 17.56 15.72 -2.09
CA ALA G 224 18.10 14.54 -1.41
C ALA G 224 19.62 14.58 -1.41
N ARG G 225 20.20 14.96 -2.54
CA ARG G 225 21.66 15.07 -2.65
C ARG G 225 22.17 16.13 -1.67
N LEU G 226 21.54 17.29 -1.69
CA LEU G 226 21.94 18.38 -0.80
C LEU G 226 21.78 17.96 0.66
N GLY G 227 20.65 17.37 1.00
CA GLY G 227 20.40 16.94 2.35
C GLY G 227 21.52 16.02 2.81
N LYS G 228 21.88 15.05 1.98
CA LYS G 228 22.92 14.10 2.34
C LYS G 228 24.25 14.79 2.58
N ALA G 229 24.53 15.75 1.70
CA ALA G 229 25.82 16.43 1.70
C ALA G 229 25.99 17.36 2.90
N VAL G 230 24.89 17.80 3.50
CA VAL G 230 24.99 18.69 4.67
C VAL G 230 24.79 17.99 6.03
N GLU G 231 24.54 16.69 5.99
CA GLU G 231 24.35 15.93 7.23
C GLU G 231 25.48 16.18 8.24
N PRO G 232 26.74 16.18 7.79
CA PRO G 232 27.86 16.39 8.72
C PRO G 232 27.76 17.70 9.50
N TYR G 233 27.01 18.67 8.97
CA TYR G 233 26.91 19.98 9.61
C TYR G 233 25.67 20.12 10.50
N HIS G 234 24.85 19.07 10.55
CA HIS G 234 23.74 19.03 11.50
C HIS G 234 22.88 20.28 11.50
N LEU G 235 22.27 20.59 10.35
CA LEU G 235 21.39 21.76 10.24
C LEU G 235 20.11 21.61 11.04
N PHE G 236 19.64 22.72 11.60
CA PHE G 236 18.36 22.76 12.30
C PHE G 236 17.25 22.41 11.32
N TRP G 237 17.30 23.03 10.14
CA TRP G 237 16.41 22.62 9.04
C TRP G 237 16.90 23.01 7.65
N LEU G 238 16.46 22.24 6.66
CA LEU G 238 16.56 22.57 5.25
C LEU G 238 15.15 22.92 4.81
N GLU G 239 14.93 24.17 4.45
CA GLU G 239 13.61 24.71 4.21
C GLU G 239 13.27 24.84 2.71
N ASP G 240 12.01 24.58 2.38
CA ASP G 240 11.48 24.75 1.03
C ASP G 240 12.36 24.19 -0.07
N CYS G 241 12.75 22.93 0.06
CA CYS G 241 13.65 22.28 -0.91
C CYS G 241 13.10 22.28 -2.32
N VAL G 242 11.83 21.91 -2.43
CA VAL G 242 11.19 21.76 -3.72
C VAL G 242 9.80 22.34 -3.69
N PRO G 243 9.32 22.81 -4.84
CA PRO G 243 7.92 23.20 -5.01
C PRO G 243 7.05 22.01 -4.61
N ALA G 244 6.02 22.26 -3.79
CA ALA G 244 5.30 21.15 -3.16
C ALA G 244 3.77 21.15 -3.33
N GLU G 245 3.28 21.68 -4.45
CA GLU G 245 1.87 21.57 -4.76
C GLU G 245 1.49 20.08 -4.80
N ASN G 246 2.43 19.30 -5.32
CA ASN G 246 2.37 17.86 -5.24
C ASN G 246 3.11 17.44 -3.97
N GLN G 247 2.35 17.08 -2.93
CA GLN G 247 2.99 16.83 -1.65
C GLN G 247 3.91 15.61 -1.67
N GLU G 248 3.73 14.72 -2.64
CA GLU G 248 4.62 13.58 -2.79
C GLU G 248 6.06 14.00 -3.14
N SER G 249 6.25 15.26 -3.50
CA SER G 249 7.58 15.74 -3.89
C SER G 249 8.60 15.60 -2.78
N LEU G 250 8.13 15.55 -1.54
CA LEU G 250 9.04 15.41 -0.41
C LEU G 250 9.50 13.98 -0.16
N ARG G 251 8.81 13.00 -0.71
CA ARG G 251 9.09 11.60 -0.39
C ARG G 251 10.55 11.20 -0.60
N LEU G 252 11.10 11.49 -1.77
CA LEU G 252 12.48 11.12 -2.10
C LEU G 252 13.51 11.79 -1.18
N ILE G 253 13.23 13.02 -0.76
CA ILE G 253 14.15 13.73 0.12
C ILE G 253 14.18 13.04 1.47
N ARG G 254 12.99 12.78 2.00
CA ARG G 254 12.86 12.15 3.32
C ARG G 254 13.50 10.78 3.37
N GLU G 255 13.38 10.03 2.28
CA GLU G 255 13.86 8.67 2.26
C GLU G 255 15.37 8.61 2.10
N HIS G 256 16.00 9.73 1.77
CA HIS G 256 17.42 9.73 1.43
C HIS G 256 18.28 10.55 2.39
N THR G 257 17.68 11.36 3.25
CA THR G 257 18.48 12.14 4.19
C THR G 257 17.89 12.23 5.61
N THR G 258 18.77 12.41 6.58
CA THR G 258 18.35 12.66 7.95
C THR G 258 18.46 14.14 8.33
N THR G 259 18.84 15.00 7.37
CA THR G 259 18.79 16.44 7.61
C THR G 259 17.33 16.86 7.81
N PRO G 260 17.02 17.57 8.92
CA PRO G 260 15.61 17.88 9.19
C PRO G 260 15.04 18.80 8.12
N LEU G 261 13.75 18.66 7.82
CA LEU G 261 13.13 19.40 6.73
C LEU G 261 12.03 20.32 7.24
N ALA G 262 11.93 21.49 6.64
CA ALA G 262 10.86 22.44 6.93
C ALA G 262 10.21 22.89 5.64
N ILE G 263 8.90 23.12 5.67
CA ILE G 263 8.24 23.67 4.47
C ILE G 263 6.96 24.38 4.83
N GLY G 264 6.49 25.27 3.95
CA GLY G 264 5.09 25.68 4.05
C GLY G 264 4.76 27.16 4.09
N GLU G 265 5.76 28.03 3.98
CA GLU G 265 5.45 29.46 3.96
C GLU G 265 4.54 29.86 2.80
N VAL G 266 4.56 29.10 1.69
CA VAL G 266 3.71 29.44 0.57
C VAL G 266 2.35 28.75 0.62
N PHE G 267 2.08 28.03 1.71
CA PHE G 267 0.83 27.30 1.91
C PHE G 267 -0.23 28.18 2.56
N ASN G 268 -1.50 27.81 2.37
CA ASN G 268 -2.59 28.59 2.99
C ASN G 268 -3.69 27.75 3.61
N SER G 269 -3.53 26.42 3.56
CA SER G 269 -4.57 25.49 3.99
C SER G 269 -3.98 24.22 4.56
N ILE G 270 -4.67 23.61 5.52
CA ILE G 270 -4.23 22.36 6.09
C ILE G 270 -4.19 21.32 4.97
N HIS G 271 -4.99 21.53 3.93
CA HIS G 271 -5.04 20.60 2.80
C HIS G 271 -3.80 20.69 1.90
N ASP G 272 -2.97 21.70 2.14
CA ASP G 272 -1.70 21.84 1.45
C ASP G 272 -0.62 20.95 2.06
N CYS G 273 -0.83 20.52 3.30
CA CYS G 273 0.24 19.85 4.06
C CYS G 273 -0.22 18.63 4.86
N ARG G 274 -1.50 18.26 4.77
CA ARG G 274 -2.02 17.16 5.55
C ARG G 274 -1.20 15.89 5.29
N GLU G 275 -0.95 15.61 4.03
CA GLU G 275 -0.24 14.40 3.64
C GLU G 275 1.24 14.44 4.02
N LEU G 276 1.89 15.60 3.86
CA LEU G 276 3.30 15.78 4.23
C LEU G 276 3.48 15.49 5.73
N ILE G 277 2.52 15.95 6.52
CA ILE G 277 2.56 15.73 7.96
C ILE G 277 2.30 14.27 8.35
N GLN G 278 1.18 13.72 7.90
CA GLN G 278 0.81 12.35 8.23
C GLN G 278 1.84 11.33 7.74
N ASN G 279 2.59 11.68 6.69
CA ASN G 279 3.62 10.75 6.22
C ASN G 279 4.98 10.98 6.87
N GLN G 280 5.03 11.94 7.79
CA GLN G 280 6.28 12.29 8.48
C GLN G 280 7.38 12.63 7.49
N TRP G 281 7.04 13.44 6.50
CA TRP G 281 7.98 13.85 5.48
C TRP G 281 8.67 15.18 5.83
N ILE G 282 8.19 15.85 6.88
CA ILE G 282 8.77 17.11 7.34
C ILE G 282 8.86 17.14 8.87
N ASP G 283 9.69 18.04 9.40
CA ASP G 283 9.85 18.22 10.84
C ASP G 283 9.29 19.54 11.33
N TYR G 284 9.23 20.53 10.44
CA TYR G 284 8.65 21.82 10.80
C TYR G 284 7.67 22.34 9.74
N ILE G 285 6.53 22.85 10.21
CA ILE G 285 5.53 23.45 9.35
C ILE G 285 5.57 24.99 9.48
N ARG G 286 5.73 25.65 8.34
CA ARG G 286 6.12 27.06 8.23
C ARG G 286 4.97 28.01 7.94
N MET G 287 3.79 27.48 7.66
CA MET G 287 2.66 28.33 7.28
C MET G 287 2.31 29.26 8.44
N PRO G 288 2.25 30.58 8.18
CA PRO G 288 2.02 31.57 9.25
C PRO G 288 0.55 31.98 9.38
N LEU G 289 0.26 32.76 10.42
CA LEU G 289 -1.13 33.09 10.72
C LEU G 289 -1.83 33.87 9.62
N THR G 290 -1.21 34.92 9.10
CA THR G 290 -1.95 35.73 8.13
C THR G 290 -2.22 35.04 6.80
N HIS G 291 -1.39 34.07 6.40
CA HIS G 291 -1.63 33.36 5.14
C HIS G 291 -2.34 32.01 5.28
N GLY G 292 -2.42 31.49 6.49
CA GLY G 292 -2.98 30.16 6.73
C GLY G 292 -4.35 30.17 7.39
N GLY G 293 -5.07 31.28 7.28
CA GLY G 293 -6.44 31.31 7.78
C GLY G 293 -6.55 31.67 9.25
N GLY G 294 -5.47 32.21 9.81
CA GLY G 294 -5.48 32.78 11.15
C GLY G 294 -5.35 31.79 12.30
N ILE G 295 -5.71 32.24 13.50
CA ILE G 295 -5.55 31.43 14.70
C ILE G 295 -6.39 30.18 14.64
N THR G 296 -7.62 30.32 14.19
CA THR G 296 -8.58 29.24 14.21
C THR G 296 -8.06 28.10 13.32
N ALA G 297 -7.57 28.45 12.15
CA ALA G 297 -7.06 27.46 11.21
C ALA G 297 -5.73 26.86 11.67
N MET G 298 -4.84 27.70 12.18
CA MET G 298 -3.49 27.25 12.54
C MET G 298 -3.49 26.35 13.79
N ARG G 299 -4.49 26.51 14.65
CA ARG G 299 -4.67 25.60 15.77
C ARG G 299 -4.86 24.16 15.25
N ARG G 300 -5.62 24.02 14.18
CA ARG G 300 -5.91 22.70 13.63
C ARG G 300 -4.65 22.14 12.98
N VAL G 301 -3.88 23.00 12.32
CA VAL G 301 -2.64 22.54 11.69
C VAL G 301 -1.64 22.10 12.75
N ALA G 302 -1.50 22.89 13.81
CA ALA G 302 -0.59 22.51 14.92
C ALA G 302 -1.02 21.20 15.57
N ASP G 303 -2.33 21.02 15.73
CA ASP G 303 -2.88 19.80 16.30
C ASP G 303 -2.50 18.55 15.49
N LEU G 304 -2.70 18.62 14.18
CA LEU G 304 -2.36 17.51 13.32
C LEU G 304 -0.86 17.25 13.42
N ALA G 305 -0.07 18.31 13.33
CA ALA G 305 1.39 18.21 13.41
C ALA G 305 1.85 17.46 14.67
N SER G 306 1.24 17.77 15.81
CA SER G 306 1.61 17.14 17.07
C SER G 306 1.49 15.62 17.10
N LEU G 307 0.59 15.04 16.30
CA LEU G 307 0.49 13.58 16.28
C LEU G 307 1.71 12.92 15.63
N TYR G 308 2.47 13.71 14.88
CA TYR G 308 3.57 13.21 14.04
C TYR G 308 4.93 13.84 14.34
N HIS G 309 5.04 14.45 15.52
CA HIS G 309 6.32 14.99 15.98
C HIS G 309 6.72 16.22 15.19
N VAL G 310 5.80 16.78 14.43
CA VAL G 310 6.07 17.98 13.65
C VAL G 310 5.85 19.23 14.53
N ARG G 311 6.79 20.16 14.47
CA ARG G 311 6.79 21.37 15.27
C ARG G 311 6.51 22.62 14.41
N THR G 312 6.04 23.71 15.03
CA THR G 312 5.77 24.92 14.27
C THR G 312 7.04 25.73 14.02
N GLY G 313 7.16 26.29 12.82
CA GLY G 313 8.27 27.16 12.48
C GLY G 313 7.76 28.36 11.70
N PHE G 314 6.92 29.18 12.34
CA PHE G 314 6.19 30.21 11.57
C PHE G 314 7.11 31.07 10.72
N HIS G 315 6.74 31.19 9.43
CA HIS G 315 7.30 32.19 8.52
C HIS G 315 7.12 33.58 9.13
N GLY G 316 8.23 34.30 9.32
CA GLY G 316 8.15 35.59 10.02
C GLY G 316 9.05 36.63 9.37
N PRO G 317 8.72 37.02 8.14
CA PRO G 317 9.52 38.00 7.39
C PRO G 317 8.95 39.38 7.66
N THR G 318 9.57 40.39 7.07
CA THR G 318 9.06 41.75 7.20
C THR G 318 7.69 41.92 6.55
N ASP G 319 7.39 41.10 5.55
CA ASP G 319 6.10 41.22 4.85
C ASP G 319 4.87 40.61 5.56
N LEU G 320 5.05 40.08 6.76
CA LEU G 320 3.93 39.96 7.68
C LEU G 320 4.06 41.09 8.70
N SER G 321 2.96 41.76 9.01
CA SER G 321 3.04 42.93 9.90
C SER G 321 3.30 42.55 11.36
N PRO G 322 3.68 43.53 12.19
CA PRO G 322 3.75 43.33 13.63
C PRO G 322 2.43 42.81 14.20
N VAL G 323 1.30 43.03 13.53
CA VAL G 323 0.06 42.46 14.04
C VAL G 323 0.19 40.93 14.04
N CYS G 324 0.55 40.38 12.89
CA CYS G 324 0.79 38.94 12.79
C CYS G 324 1.86 38.44 13.74
N LEU G 325 2.98 39.17 13.82
CA LEU G 325 4.09 38.74 14.69
C LEU G 325 3.64 38.70 16.15
N GLY G 326 2.87 39.70 16.56
CA GLY G 326 2.33 39.71 17.92
C GLY G 326 1.44 38.53 18.22
N ALA G 327 0.47 38.28 17.35
CA ALA G 327 -0.44 37.14 17.51
C ALA G 327 0.35 35.84 17.47
N ALA G 328 1.35 35.79 16.60
CA ALA G 328 2.20 34.60 16.46
C ALA G 328 2.99 34.29 17.73
N ILE G 329 3.47 35.33 18.40
CA ILE G 329 4.22 35.16 19.65
C ILE G 329 3.33 34.61 20.75
N HIS G 330 2.07 35.06 20.78
CA HIS G 330 1.09 34.49 21.71
C HIS G 330 0.85 33.01 21.44
N PHE G 331 0.64 32.70 20.16
CA PHE G 331 0.44 31.34 19.69
C PHE G 331 1.64 30.46 20.06
N ASP G 332 2.85 30.97 19.76
CA ASP G 332 4.11 30.29 20.03
C ASP G 332 4.30 30.04 21.52
N THR G 333 3.75 30.93 22.34
CA THR G 333 3.96 30.84 23.78
C THR G 333 3.10 29.72 24.39
N TRP G 334 1.94 29.46 23.78
CA TRP G 334 1.04 28.40 24.22
C TRP G 334 1.28 27.05 23.53
N VAL G 335 1.35 27.06 22.21
CA VAL G 335 1.38 25.80 21.47
C VAL G 335 2.42 24.82 22.01
N PRO G 336 2.02 23.57 22.33
CA PRO G 336 2.96 22.60 22.88
C PRO G 336 4.12 22.30 21.92
N ASN G 337 3.79 21.99 20.67
CA ASN G 337 4.79 21.61 19.68
C ASN G 337 5.42 22.81 18.94
N PHE G 338 5.90 23.78 19.70
CA PHE G 338 6.62 24.93 19.14
C PHE G 338 8.03 24.51 18.71
N GLY G 339 8.45 24.97 17.54
CA GLY G 339 9.80 24.71 17.06
C GLY G 339 10.69 25.93 17.16
N ILE G 340 10.39 26.95 16.35
CA ILE G 340 11.17 28.17 16.33
C ILE G 340 10.31 29.29 15.75
N GLN G 341 10.66 30.54 16.06
CA GLN G 341 10.00 31.70 15.43
C GLN G 341 10.98 32.52 14.59
N GLU G 342 10.70 32.67 13.29
CA GLU G 342 11.56 33.47 12.41
C GLU G 342 11.41 34.93 12.79
N HIS G 343 12.51 35.68 12.79
CA HIS G 343 12.44 37.11 13.10
C HIS G 343 13.20 37.94 12.08
N MET G 344 12.47 38.74 11.30
CA MET G 344 13.06 39.73 10.41
C MET G 344 12.57 41.08 10.94
N PRO G 345 13.45 41.80 11.66
CA PRO G 345 13.02 43.04 12.32
C PRO G 345 12.38 43.99 11.34
N HIS G 346 11.24 44.56 11.74
CA HIS G 346 10.58 45.58 10.97
C HIS G 346 11.33 46.91 11.12
N THR G 347 11.08 47.85 10.21
CA THR G 347 11.67 49.17 10.33
C THR G 347 11.02 49.92 11.46
N ASP G 348 11.65 50.99 11.91
CA ASP G 348 11.11 51.81 13.00
C ASP G 348 9.73 52.35 12.67
N GLU G 349 9.53 52.82 11.44
CA GLU G 349 8.23 53.35 11.04
C GLU G 349 7.13 52.28 11.08
N THR G 350 7.45 51.07 10.65
CA THR G 350 6.48 49.98 10.75
C THR G 350 6.12 49.73 12.22
N ASP G 351 7.14 49.67 13.07
CA ASP G 351 6.91 49.47 14.50
C ASP G 351 6.07 50.58 15.13
N ALA G 352 6.19 51.80 14.60
CA ALA G 352 5.41 52.92 15.15
C ALA G 352 3.97 52.86 14.67
N VAL G 353 3.78 52.45 13.42
CA VAL G 353 2.43 52.32 12.89
C VAL G 353 1.66 51.22 13.61
N PHE G 354 2.37 50.24 14.15
CA PHE G 354 1.74 49.10 14.82
C PHE G 354 2.28 48.90 16.23
N PRO G 355 1.94 49.82 17.15
CA PRO G 355 2.44 49.74 18.53
C PRO G 355 2.07 48.39 19.15
N HIS G 356 2.98 47.81 19.93
CA HIS G 356 2.80 46.44 20.40
C HIS G 356 3.54 46.23 21.70
N ASP G 357 3.16 45.20 22.46
CA ASP G 357 3.78 44.98 23.76
C ASP G 357 4.61 43.69 23.83
N TYR G 358 4.81 43.02 22.68
CA TYR G 358 5.82 41.99 22.64
C TYR G 358 7.21 42.64 22.68
N ARG G 359 8.19 41.93 23.25
CA ARG G 359 9.54 42.45 23.24
C ARG G 359 10.57 41.38 22.89
N PHE G 360 11.71 41.85 22.39
CA PHE G 360 12.82 40.99 22.06
C PHE G 360 13.91 41.20 23.09
N GLU G 361 14.43 40.09 23.61
CA GLU G 361 15.56 40.15 24.53
C GLU G 361 16.45 38.92 24.33
N ASP G 362 17.74 39.14 24.15
CA ASP G 362 18.70 38.05 24.23
C ASP G 362 18.32 36.88 23.31
N GLY G 363 17.88 37.21 22.08
CA GLY G 363 17.59 36.17 21.09
C GLY G 363 16.20 35.55 21.10
N HIS G 364 15.34 36.04 21.99
CA HIS G 364 14.01 35.44 22.18
C HIS G 364 12.93 36.51 22.30
N PHE G 365 11.69 36.15 21.96
CA PHE G 365 10.54 37.02 22.18
C PHE G 365 9.88 36.70 23.50
N LEU G 366 9.33 37.72 24.15
CA LEU G 366 8.46 37.51 25.31
C LEU G 366 7.09 38.01 24.90
N ALA G 367 6.05 37.22 25.15
CA ALA G 367 4.69 37.62 24.77
C ALA G 367 4.25 38.84 25.57
N GLY G 368 3.38 39.66 24.99
CA GLY G 368 2.79 40.76 25.72
C GLY G 368 1.87 40.26 26.82
N GLU G 369 1.55 41.12 27.79
CA GLU G 369 0.67 40.77 28.89
C GLU G 369 -0.66 41.52 28.86
N SER G 370 -0.78 42.47 27.94
CA SER G 370 -2.02 43.21 27.71
C SER G 370 -3.11 42.32 27.13
N PRO G 371 -4.38 42.67 27.37
CA PRO G 371 -5.49 41.92 26.75
C PRO G 371 -5.47 42.06 25.22
N GLY G 372 -5.81 40.98 24.51
CA GLY G 372 -5.80 40.96 23.06
C GLY G 372 -4.51 40.32 22.60
N HIS G 373 -4.15 40.49 21.31
CA HIS G 373 -2.82 40.06 20.87
C HIS G 373 -1.77 41.14 21.14
N GLY G 374 -2.22 42.26 21.70
CA GLY G 374 -1.29 43.28 22.18
C GLY G 374 -0.73 44.23 21.12
N VAL G 375 -1.24 44.13 19.90
CA VAL G 375 -0.86 45.06 18.84
C VAL G 375 -2.03 45.98 18.49
N ASP G 376 -1.74 47.23 18.17
CA ASP G 376 -2.77 48.13 17.67
C ASP G 376 -2.32 48.78 16.37
N ILE G 377 -3.16 49.64 15.81
CA ILE G 377 -2.76 50.40 14.64
C ILE G 377 -3.02 51.90 14.84
N ASP G 378 -1.97 52.69 14.62
CA ASP G 378 -2.10 54.15 14.67
C ASP G 378 -2.57 54.61 13.30
N GLU G 379 -3.87 54.78 13.15
CA GLU G 379 -4.46 55.08 11.85
C GLU G 379 -3.98 56.41 11.30
N GLU G 380 -3.85 57.42 12.16
CA GLU G 380 -3.38 58.74 11.73
C GLU G 380 -1.98 58.66 11.11
N LEU G 381 -1.07 57.98 11.79
CA LEU G 381 0.27 57.75 11.26
C LEU G 381 0.24 56.88 9.99
N ALA G 382 -0.57 55.83 10.02
CA ALA G 382 -0.67 54.93 8.86
C ALA G 382 -1.04 55.69 7.59
N ALA G 383 -1.93 56.68 7.72
CA ALA G 383 -2.36 57.50 6.59
C ALA G 383 -1.22 58.33 5.97
N LYS G 384 -0.09 58.45 6.68
CA LYS G 384 1.02 59.24 6.18
C LYS G 384 1.89 58.51 5.15
N TYR G 385 1.67 57.21 5.00
CA TYR G 385 2.51 56.43 4.08
C TYR G 385 1.66 55.71 3.05
N PRO G 386 1.47 56.33 1.88
CA PRO G 386 0.60 55.78 0.83
C PRO G 386 1.19 54.52 0.21
N TYR G 387 0.32 53.60 -0.18
CA TYR G 387 0.71 52.38 -0.87
C TYR G 387 1.70 52.66 -2.01
N GLU G 388 2.72 51.83 -2.16
CA GLU G 388 3.63 51.92 -3.29
C GLU G 388 3.84 50.54 -3.87
N ARG G 389 3.45 50.35 -5.13
CA ARG G 389 3.54 49.00 -5.71
C ARG G 389 4.94 48.43 -5.68
N ALA G 390 5.06 47.17 -5.27
CA ALA G 390 6.34 46.47 -5.32
C ALA G 390 6.10 44.98 -5.48
N SER G 391 6.85 44.35 -6.37
CA SER G 391 6.64 42.95 -6.68
C SER G 391 7.84 42.14 -6.28
N LEU G 392 7.60 40.86 -6.00
CA LEU G 392 8.65 39.89 -5.73
C LEU G 392 9.40 39.54 -7.00
N PRO G 393 10.68 39.19 -6.88
CA PRO G 393 11.48 38.86 -8.05
C PRO G 393 11.01 37.57 -8.71
N VAL G 394 11.43 37.37 -9.95
CA VAL G 394 11.29 36.05 -10.58
C VAL G 394 12.68 35.51 -10.85
N ASN G 395 12.74 34.22 -11.11
CA ASN G 395 14.00 33.53 -11.37
C ASN G 395 13.94 32.99 -12.80
N ARG G 396 15.05 33.07 -13.53
CA ARG G 396 15.17 32.34 -14.78
C ARG G 396 16.45 31.56 -14.80
N LEU G 397 16.42 30.38 -15.42
CA LEU G 397 17.64 29.64 -15.64
C LEU G 397 18.49 30.35 -16.69
N GLU G 398 19.74 29.94 -16.80
CA GLU G 398 20.65 30.56 -17.75
C GLU G 398 20.14 30.52 -19.20
N ASP G 399 19.31 29.54 -19.55
CA ASP G 399 18.75 29.51 -20.90
C ASP G 399 17.50 30.39 -21.07
N GLY G 400 17.06 31.03 -19.99
CA GLY G 400 15.90 31.90 -20.04
C GLY G 400 14.61 31.28 -19.51
N THR G 401 14.68 30.00 -19.15
CA THR G 401 13.51 29.30 -18.61
C THR G 401 12.99 29.98 -17.35
N LEU G 402 11.71 30.29 -17.29
CA LEU G 402 11.17 30.84 -16.05
C LEU G 402 11.15 29.74 -15.01
N TRP G 403 11.88 29.98 -13.91
CA TRP G 403 12.07 28.97 -12.87
C TRP G 403 11.36 29.39 -11.58
N HIS G 404 11.66 28.68 -10.50
CA HIS G 404 11.09 29.00 -9.19
C HIS G 404 12.00 29.99 -8.48
N TRP G 405 11.44 31.09 -7.98
CA TRP G 405 12.25 31.99 -7.17
C TRP G 405 12.12 31.61 -5.72
N LEU H 3 12.20 -35.90 33.87
CA LEU H 3 12.71 -37.24 33.62
C LEU H 3 13.10 -37.45 32.17
N LYS H 4 14.14 -38.26 31.95
CA LYS H 4 14.62 -38.56 30.61
C LYS H 4 13.77 -39.62 29.94
N ILE H 5 13.72 -39.55 28.62
CA ILE H 5 13.00 -40.53 27.82
C ILE H 5 13.78 -41.83 27.79
N ARG H 6 13.10 -42.93 28.05
CA ARG H 6 13.76 -44.22 28.10
C ARG H 6 13.52 -45.01 26.83
N ASP H 7 12.33 -44.80 26.26
CA ASP H 7 11.94 -45.52 25.06
C ASP H 7 10.93 -44.69 24.32
N ALA H 8 10.89 -44.87 23.01
CA ALA H 8 9.90 -44.21 22.17
C ALA H 8 9.72 -45.08 20.93
N TYR H 9 8.48 -45.24 20.50
CA TYR H 9 8.22 -46.06 19.34
C TYR H 9 6.85 -45.77 18.78
N THR H 10 6.63 -46.16 17.53
CA THR H 10 5.36 -45.94 16.85
C THR H 10 4.53 -47.19 16.86
N ILE H 11 3.21 -47.00 16.84
CA ILE H 11 2.25 -48.06 16.59
C ILE H 11 1.42 -47.71 15.35
N VAL H 12 1.29 -48.69 14.45
CA VAL H 12 0.46 -48.52 13.25
C VAL H 12 -0.67 -49.53 13.38
N THR H 13 -1.90 -49.07 13.29
CA THR H 13 -3.06 -49.94 13.47
C THR H 13 -4.21 -49.49 12.59
N CYS H 14 -5.08 -50.43 12.23
CA CYS H 14 -6.16 -50.16 11.30
C CYS H 14 -7.49 -50.74 11.79
N PRO H 15 -8.04 -50.14 12.86
CA PRO H 15 -9.36 -50.54 13.41
C PRO H 15 -10.47 -49.83 12.65
N GLY H 16 -10.53 -50.06 11.34
CA GLY H 16 -11.55 -49.45 10.49
C GLY H 16 -10.91 -48.52 9.48
N ARG H 17 -9.70 -48.08 9.80
CA ARG H 17 -8.92 -47.18 8.96
C ARG H 17 -7.55 -47.00 9.61
N ASN H 18 -6.56 -46.50 8.88
CA ASN H 18 -5.20 -46.43 9.42
C ASN H 18 -5.00 -45.30 10.43
N PHE H 19 -4.30 -45.60 11.52
CA PHE H 19 -3.85 -44.61 12.48
C PHE H 19 -2.39 -44.87 12.80
N VAL H 20 -1.60 -43.81 12.93
CA VAL H 20 -0.23 -43.96 13.42
C VAL H 20 -0.13 -43.20 14.73
N THR H 21 0.52 -43.81 15.72
CA THR H 21 0.62 -43.26 17.08
C THR H 21 2.05 -43.35 17.61
N LEU H 22 2.49 -42.28 18.24
CA LEU H 22 3.81 -42.26 18.86
C LEU H 22 3.66 -42.43 20.37
N LYS H 23 4.44 -43.34 20.95
CA LYS H 23 4.43 -43.54 22.39
C LYS H 23 5.80 -43.18 22.95
N ILE H 24 5.80 -42.39 24.00
CA ILE H 24 7.04 -41.97 24.65
C ILE H 24 7.03 -42.42 26.10
N VAL H 25 8.10 -43.07 26.53
CA VAL H 25 8.16 -43.61 27.89
C VAL H 25 9.40 -43.13 28.64
N THR H 26 9.18 -42.53 29.81
CA THR H 26 10.28 -42.00 30.63
C THR H 26 10.93 -43.04 31.53
N GLU H 27 12.03 -42.64 32.16
CA GLU H 27 12.79 -43.52 33.05
C GLU H 27 11.95 -44.04 34.22
N SER H 28 10.83 -43.40 34.50
CA SER H 28 9.99 -43.82 35.63
C SER H 28 8.82 -44.70 35.23
N GLY H 29 8.69 -45.00 33.94
CA GLY H 29 7.57 -45.77 33.46
C GLY H 29 6.38 -44.93 33.03
N THR H 30 6.36 -43.65 33.40
CA THR H 30 5.30 -42.78 32.91
C THR H 30 5.38 -42.67 31.39
N HIS H 31 4.24 -42.49 30.74
CA HIS H 31 4.21 -42.49 29.26
C HIS H 31 3.16 -41.54 28.71
N GLY H 32 3.37 -41.13 27.46
CA GLY H 32 2.43 -40.29 26.77
C GLY H 32 2.32 -40.71 25.32
N ILE H 33 1.19 -40.46 24.70
CA ILE H 33 1.05 -40.76 23.28
C ILE H 33 0.66 -39.54 22.45
N GLY H 34 1.02 -39.57 21.18
CA GLY H 34 0.63 -38.50 20.28
C GLY H 34 0.18 -39.09 18.96
N ASP H 35 -0.82 -38.46 18.36
CA ASP H 35 -1.34 -38.89 17.06
C ASP H 35 -0.35 -38.49 15.97
N ALA H 36 -0.09 -39.40 15.02
CA ALA H 36 0.85 -39.12 13.94
C ALA H 36 0.25 -39.49 12.58
N THR H 37 -1.08 -39.54 12.51
CA THR H 37 -1.77 -40.06 11.33
C THR H 37 -1.87 -39.02 10.22
N LEU H 38 -1.36 -39.36 9.03
CA LEU H 38 -1.52 -38.50 7.86
C LEU H 38 -2.22 -39.33 6.80
N ASN H 39 -3.52 -39.09 6.63
CA ASN H 39 -4.37 -39.88 5.74
C ASN H 39 -3.78 -40.04 4.34
N GLY H 40 -3.63 -41.29 3.90
CA GLY H 40 -3.15 -41.60 2.58
C GLY H 40 -1.65 -41.51 2.39
N ARG H 41 -0.93 -41.04 3.42
CA ARG H 41 0.53 -40.95 3.35
C ARG H 41 1.13 -41.44 4.65
N GLU H 42 0.44 -42.37 5.30
CA GLU H 42 0.72 -42.74 6.70
C GLU H 42 2.14 -43.23 6.92
N MET H 43 2.64 -44.06 5.99
CA MET H 43 3.94 -44.67 6.19
C MET H 43 5.11 -43.70 6.01
N ALA H 44 4.87 -42.55 5.38
CA ALA H 44 5.91 -41.55 5.28
C ALA H 44 6.19 -40.98 6.67
N VAL H 45 5.12 -40.70 7.42
CA VAL H 45 5.28 -40.21 8.80
C VAL H 45 5.88 -41.30 9.68
N ALA H 46 5.42 -42.52 9.51
CA ALA H 46 5.92 -43.62 10.34
C ALA H 46 7.43 -43.77 10.19
N ALA H 47 7.93 -43.61 8.97
CA ALA H 47 9.36 -43.74 8.70
C ALA H 47 10.13 -42.51 9.18
N TYR H 48 9.57 -41.33 8.94
CA TYR H 48 10.17 -40.10 9.47
C TYR H 48 10.47 -40.26 10.97
N LEU H 49 9.48 -40.77 11.72
CA LEU H 49 9.62 -40.96 13.16
C LEU H 49 10.53 -42.13 13.51
N ASP H 50 10.23 -43.31 12.96
CA ASP H 50 10.99 -44.53 13.24
C ASP H 50 12.47 -44.36 12.96
N GLU H 51 12.81 -43.81 11.80
CA GLU H 51 14.20 -43.78 11.34
C GLU H 51 15.00 -42.54 11.78
N HIS H 52 14.31 -41.41 11.94
CA HIS H 52 15.03 -40.16 12.11
C HIS H 52 14.76 -39.43 13.42
N VAL H 53 13.55 -39.54 13.94
CA VAL H 53 13.18 -38.78 15.15
C VAL H 53 13.37 -39.63 16.42
N VAL H 54 12.72 -40.80 16.46
CA VAL H 54 12.79 -41.66 17.65
C VAL H 54 14.21 -41.86 18.18
N PRO H 55 15.18 -42.21 17.31
CA PRO H 55 16.55 -42.42 17.81
C PRO H 55 17.12 -41.21 18.56
N ALA H 56 16.75 -40.01 18.16
CA ALA H 56 17.19 -38.79 18.85
C ALA H 56 16.40 -38.47 20.12
N LEU H 57 15.23 -39.09 20.28
CA LEU H 57 14.41 -38.86 21.46
C LEU H 57 15.00 -39.51 22.71
N ILE H 58 15.66 -40.64 22.52
CA ILE H 58 16.18 -41.41 23.65
C ILE H 58 17.17 -40.61 24.48
N GLY H 59 16.93 -40.57 25.79
CA GLY H 59 17.83 -39.89 26.71
C GLY H 59 17.53 -38.41 26.85
N ARG H 60 16.65 -37.88 26.01
CA ARG H 60 16.26 -36.47 26.10
C ARG H 60 15.41 -36.22 27.36
N ASP H 61 15.51 -35.02 27.90
CA ASP H 61 14.70 -34.65 29.05
C ASP H 61 13.27 -34.45 28.58
N ALA H 62 12.35 -35.30 29.08
CA ALA H 62 10.97 -35.27 28.60
C ALA H 62 10.25 -33.97 28.96
N GLY H 63 10.73 -33.29 29.98
CA GLY H 63 10.12 -32.05 30.40
C GLY H 63 10.41 -30.87 29.48
N ARG H 64 11.40 -31.01 28.60
CA ARG H 64 11.80 -29.90 27.73
C ARG H 64 10.99 -29.88 26.44
N ILE H 65 9.69 -29.57 26.57
CA ILE H 65 8.78 -29.62 25.42
C ILE H 65 9.16 -28.59 24.34
N GLU H 66 9.29 -27.33 24.74
CA GLU H 66 9.67 -26.28 23.80
C GLU H 66 10.98 -26.60 23.08
N ASP H 67 12.03 -26.92 23.84
CA ASP H 67 13.34 -27.21 23.25
C ASP H 67 13.26 -28.37 22.25
N THR H 68 12.49 -29.40 22.61
CA THR H 68 12.29 -30.54 21.72
C THR H 68 11.56 -30.12 20.44
N TRP H 69 10.56 -29.25 20.58
CA TRP H 69 9.83 -28.78 19.42
C TRP H 69 10.78 -28.08 18.44
N GLN H 70 11.52 -27.09 18.94
CA GLN H 70 12.47 -26.33 18.13
C GLN H 70 13.55 -27.25 17.58
N TYR H 71 13.99 -28.18 18.41
CA TYR H 71 15.03 -29.11 18.03
C TYR H 71 14.62 -29.92 16.80
N LEU H 72 13.38 -30.39 16.78
CA LEU H 72 12.92 -31.19 15.64
C LEU H 72 12.54 -30.28 14.47
N TYR H 73 11.97 -29.12 14.77
CA TYR H 73 11.52 -28.20 13.73
C TYR H 73 12.70 -27.57 12.98
N ARG H 74 13.57 -26.90 13.74
CA ARG H 74 14.75 -26.28 13.15
C ARG H 74 15.79 -27.31 12.75
N GLY H 75 15.98 -28.31 13.62
CA GLY H 75 16.98 -29.35 13.40
C GLY H 75 16.81 -30.17 12.14
N ALA H 76 15.55 -30.35 11.72
CA ALA H 76 15.24 -31.06 10.48
C ALA H 76 15.94 -30.45 9.28
N TYR H 77 16.25 -29.16 9.40
CA TYR H 77 16.82 -28.33 8.33
C TYR H 77 15.81 -27.97 7.24
N TRP H 78 15.14 -29.00 6.72
CA TRP H 78 14.05 -28.82 5.77
C TRP H 78 12.79 -28.59 6.58
N ARG H 79 12.27 -27.37 6.56
CA ARG H 79 11.22 -26.97 7.49
C ARG H 79 9.81 -27.01 6.92
N ARG H 80 8.86 -27.29 7.80
CA ARG H 80 7.43 -27.28 7.48
C ARG H 80 7.05 -28.53 6.68
N GLY H 81 5.78 -28.63 6.29
CA GLY H 81 5.36 -29.77 5.49
C GLY H 81 4.48 -30.74 6.25
N PRO H 82 3.63 -31.45 5.51
CA PRO H 82 2.68 -32.39 6.13
C PRO H 82 3.39 -33.51 6.89
N VAL H 83 4.37 -34.14 6.26
CA VAL H 83 5.04 -35.26 6.93
C VAL H 83 5.85 -34.75 8.12
N THR H 84 6.57 -33.66 7.88
CA THR H 84 7.43 -33.05 8.88
C THR H 84 6.64 -32.60 10.11
N MET H 85 5.61 -31.79 9.90
CA MET H 85 4.88 -31.21 11.04
C MET H 85 4.00 -32.22 11.77
N THR H 86 3.60 -33.29 11.09
CA THR H 86 2.87 -34.37 11.77
C THR H 86 3.79 -35.16 12.70
N ALA H 87 5.00 -35.49 12.24
CA ALA H 87 5.95 -36.17 13.11
C ALA H 87 6.20 -35.31 14.34
N ILE H 88 6.33 -34.01 14.12
CA ILE H 88 6.61 -33.11 15.23
C ILE H 88 5.42 -32.98 16.18
N ALA H 89 4.22 -32.94 15.61
CA ALA H 89 2.97 -32.90 16.38
C ALA H 89 2.81 -34.11 17.30
N ALA H 90 3.22 -35.27 16.81
CA ALA H 90 3.11 -36.50 17.59
C ALA H 90 4.03 -36.47 18.82
N VAL H 91 5.28 -36.08 18.61
CA VAL H 91 6.20 -35.88 19.72
C VAL H 91 5.59 -34.87 20.69
N ASP H 92 5.22 -33.70 20.18
CA ASP H 92 4.70 -32.65 21.04
C ASP H 92 3.51 -33.13 21.88
N MET H 93 2.53 -33.73 21.20
CA MET H 93 1.33 -34.18 21.90
C MET H 93 1.67 -35.19 23.00
N ALA H 94 2.64 -36.05 22.75
CA ALA H 94 2.99 -37.07 23.75
C ALA H 94 3.71 -36.47 24.96
N LEU H 95 4.52 -35.45 24.71
CA LEU H 95 5.24 -34.78 25.80
C LEU H 95 4.28 -33.94 26.65
N TRP H 96 3.26 -33.34 26.03
CA TRP H 96 2.25 -32.63 26.83
C TRP H 96 1.39 -33.58 27.65
N ASP H 97 1.13 -34.77 27.11
CA ASP H 97 0.45 -35.82 27.85
C ASP H 97 1.26 -36.11 29.10
N ILE H 98 2.54 -36.36 28.91
CA ILE H 98 3.46 -36.67 29.99
C ILE H 98 3.57 -35.53 31.00
N LYS H 99 3.66 -34.29 30.52
CA LYS H 99 3.80 -33.17 31.44
C LYS H 99 2.54 -33.02 32.29
N ALA H 100 1.36 -33.14 31.67
CA ALA H 100 0.11 -33.02 32.42
C ALA H 100 -0.02 -34.16 33.43
N LYS H 101 0.45 -35.34 33.04
CA LYS H 101 0.44 -36.46 33.97
C LYS H 101 1.33 -36.19 35.18
N ALA H 102 2.54 -35.68 34.95
CA ALA H 102 3.44 -35.31 36.03
C ALA H 102 2.83 -34.25 36.94
N ALA H 103 1.99 -33.40 36.36
CA ALA H 103 1.37 -32.30 37.09
C ALA H 103 0.11 -32.76 37.84
N GLY H 104 -0.37 -33.94 37.50
CA GLY H 104 -1.57 -34.48 38.13
C GLY H 104 -2.82 -33.74 37.67
N MET H 105 -2.79 -33.26 36.44
CA MET H 105 -3.87 -32.41 35.93
C MET H 105 -4.32 -32.84 34.55
N PRO H 106 -5.63 -32.74 34.27
CA PRO H 106 -6.06 -32.90 32.88
C PRO H 106 -5.46 -31.75 32.06
N LEU H 107 -5.11 -32.03 30.81
CA LEU H 107 -4.39 -31.07 29.98
C LEU H 107 -4.99 -29.66 30.00
N TYR H 108 -6.32 -29.54 29.94
CA TYR H 108 -6.90 -28.19 29.93
C TYR H 108 -6.49 -27.33 31.14
N GLN H 109 -6.31 -27.96 32.30
CA GLN H 109 -5.89 -27.23 33.48
C GLN H 109 -4.50 -26.65 33.30
N LEU H 110 -3.63 -27.47 32.70
CA LEU H 110 -2.25 -27.11 32.43
C LEU H 110 -2.15 -25.96 31.44
N LEU H 111 -3.10 -25.88 30.51
CA LEU H 111 -3.10 -24.86 29.46
C LEU H 111 -3.64 -23.50 29.92
N GLY H 112 -4.27 -23.46 31.09
CA GLY H 112 -4.81 -22.19 31.57
C GLY H 112 -6.19 -22.29 32.18
N GLY H 113 -6.69 -23.50 32.34
CA GLY H 113 -7.97 -23.72 32.99
C GLY H 113 -9.08 -23.68 31.97
N LYS H 114 -10.31 -23.95 32.40
CA LYS H 114 -11.43 -24.02 31.46
C LYS H 114 -11.99 -22.63 31.17
N SER H 115 -12.35 -22.39 29.92
CA SER H 115 -12.98 -21.14 29.52
C SER H 115 -14.46 -21.33 29.25
N ARG H 116 -14.89 -22.58 29.15
CA ARG H 116 -16.28 -22.88 28.87
C ARG H 116 -16.63 -24.21 29.55
N GLU H 117 -17.93 -24.49 29.70
CA GLU H 117 -18.39 -25.67 30.42
C GLU H 117 -18.60 -26.87 29.52
N ARG H 118 -18.55 -26.63 28.20
CA ARG H 118 -18.76 -27.67 27.20
C ARG H 118 -18.31 -27.17 25.83
N VAL H 119 -17.99 -28.09 24.92
CA VAL H 119 -17.51 -27.67 23.61
C VAL H 119 -18.45 -28.10 22.48
N MET H 120 -19.04 -27.10 21.85
CA MET H 120 -20.02 -27.32 20.80
C MET H 120 -19.35 -28.05 19.65
N THR H 121 -20.07 -29.03 19.09
CA THR H 121 -19.58 -29.75 17.91
C THR H 121 -20.51 -29.53 16.73
N TYR H 122 -20.08 -29.96 15.54
CA TYR H 122 -21.01 -30.10 14.41
C TYR H 122 -20.92 -31.49 13.82
N ALA H 123 -22.02 -31.96 13.25
CA ALA H 123 -22.07 -33.30 12.67
C ALA H 123 -22.07 -33.23 11.16
N HIS H 124 -21.70 -34.33 10.52
CA HIS H 124 -21.81 -34.42 9.08
C HIS H 124 -23.19 -34.94 8.72
N CYS H 125 -23.81 -34.26 7.78
CA CYS H 125 -25.10 -34.67 7.25
C CYS H 125 -24.97 -34.71 5.74
N THR H 126 -24.69 -35.89 5.21
CA THR H 126 -24.41 -36.04 3.79
C THR H 126 -25.46 -36.93 3.15
N GLY H 127 -25.84 -36.61 1.92
CA GLY H 127 -26.78 -37.45 1.20
C GLY H 127 -26.51 -37.37 -0.29
N GLN H 128 -27.08 -38.30 -1.04
CA GLN H 128 -27.00 -38.22 -2.49
C GLN H 128 -27.87 -37.05 -2.97
N THR H 129 -29.10 -37.01 -2.48
CA THR H 129 -30.05 -35.97 -2.85
C THR H 129 -30.25 -35.01 -1.69
N ILE H 130 -30.76 -33.81 -2.00
CA ILE H 130 -31.08 -32.82 -0.98
C ILE H 130 -31.98 -33.42 0.10
N GLU H 131 -32.96 -34.22 -0.32
CA GLU H 131 -33.83 -34.88 0.63
C GLU H 131 -33.08 -35.86 1.53
N ASP H 132 -32.15 -36.61 0.96
CA ASP H 132 -31.36 -37.51 1.78
C ASP H 132 -30.67 -36.69 2.86
N CYS H 133 -30.05 -35.59 2.43
CA CYS H 133 -29.35 -34.71 3.34
C CYS H 133 -30.27 -34.25 4.47
N LEU H 134 -31.45 -33.75 4.13
CA LEU H 134 -32.39 -33.27 5.13
C LEU H 134 -32.74 -34.35 6.14
N GLY H 135 -32.86 -35.59 5.66
CA GLY H 135 -33.07 -36.73 6.53
C GLY H 135 -31.94 -36.89 7.54
N GLU H 136 -30.71 -36.76 7.06
CA GLU H 136 -29.55 -36.85 7.95
C GLU H 136 -29.52 -35.70 8.95
N VAL H 137 -29.78 -34.49 8.49
CA VAL H 137 -29.91 -33.35 9.40
C VAL H 137 -30.92 -33.67 10.52
N ALA H 138 -32.12 -34.09 10.16
CA ALA H 138 -33.13 -34.41 11.18
C ALA H 138 -32.61 -35.42 12.21
N ARG H 139 -31.96 -36.48 11.75
CA ARG H 139 -31.50 -37.51 12.67
C ARG H 139 -30.39 -37.01 13.62
N HIS H 140 -29.56 -36.10 13.15
CA HIS H 140 -28.51 -35.56 14.00
C HIS H 140 -29.04 -34.51 14.97
N VAL H 141 -30.05 -33.77 14.55
CA VAL H 141 -30.65 -32.79 15.45
C VAL H 141 -31.25 -33.52 16.65
N GLU H 142 -31.83 -34.70 16.39
CA GLU H 142 -32.41 -35.48 17.47
C GLU H 142 -31.35 -36.01 18.45
N LEU H 143 -30.11 -36.13 17.98
CA LEU H 143 -29.00 -36.56 18.84
C LEU H 143 -28.44 -35.42 19.66
N GLY H 144 -28.92 -34.20 19.41
CA GLY H 144 -28.50 -33.05 20.19
C GLY H 144 -27.57 -32.06 19.49
N TYR H 145 -27.09 -32.41 18.31
CA TYR H 145 -26.28 -31.48 17.52
C TYR H 145 -26.98 -30.15 17.21
N ARG H 146 -26.32 -29.04 17.51
CA ARG H 146 -26.87 -27.72 17.26
C ARG H 146 -26.29 -27.15 15.96
N ALA H 147 -25.42 -27.93 15.33
CA ALA H 147 -24.75 -27.52 14.11
C ALA H 147 -24.53 -28.73 13.22
N VAL H 148 -24.80 -28.57 11.93
CA VAL H 148 -24.59 -29.60 10.94
C VAL H 148 -23.84 -29.08 9.71
N ARG H 149 -22.93 -29.90 9.19
CA ARG H 149 -22.26 -29.62 7.91
C ARG H 149 -23.06 -30.36 6.86
N VAL H 150 -23.63 -29.63 5.91
CA VAL H 150 -24.54 -30.25 4.93
C VAL H 150 -23.91 -30.42 3.55
N GLN H 151 -24.10 -31.61 3.00
CA GLN H 151 -23.53 -31.96 1.71
C GLN H 151 -24.51 -32.84 0.96
N SER H 152 -24.77 -32.50 -0.30
CA SER H 152 -25.58 -33.37 -1.14
C SER H 152 -24.88 -33.61 -2.48
N GLY H 153 -25.37 -34.59 -3.23
CA GLY H 153 -24.82 -34.89 -4.54
C GLY H 153 -25.15 -33.80 -5.54
N VAL H 154 -24.33 -33.68 -6.58
CA VAL H 154 -24.61 -32.75 -7.66
C VAL H 154 -25.22 -33.51 -8.83
N PRO H 155 -26.46 -33.15 -9.20
CA PRO H 155 -27.19 -33.78 -10.30
C PRO H 155 -26.44 -33.67 -11.62
N GLY H 156 -26.50 -34.72 -12.44
CA GLY H 156 -25.78 -34.74 -13.70
C GLY H 156 -24.36 -35.22 -13.53
N SER H 177 -7.38 -49.54 -2.81
CA SER H 177 -6.07 -49.24 -2.26
C SER H 177 -5.47 -47.99 -2.93
N LEU H 178 -5.81 -47.78 -4.19
CA LEU H 178 -5.36 -46.62 -4.95
C LEU H 178 -6.49 -45.61 -5.05
N PRO H 179 -6.18 -44.35 -5.38
CA PRO H 179 -7.22 -43.31 -5.35
C PRO H 179 -8.41 -43.63 -6.25
N ALA H 180 -9.62 -43.41 -5.74
CA ALA H 180 -10.79 -43.43 -6.62
C ALA H 180 -10.73 -42.14 -7.44
N GLU H 181 -11.23 -42.17 -8.67
CA GLU H 181 -11.22 -40.96 -9.50
C GLU H 181 -12.64 -40.45 -9.69
N HIS H 182 -12.94 -39.31 -9.08
CA HIS H 182 -14.26 -38.70 -9.21
C HIS H 182 -14.27 -37.74 -10.40
N VAL H 183 -15.47 -37.39 -10.84
CA VAL H 183 -15.64 -36.38 -11.88
C VAL H 183 -16.21 -35.15 -11.21
N TRP H 184 -15.86 -33.97 -11.72
CA TRP H 184 -16.32 -32.73 -11.11
C TRP H 184 -16.79 -31.72 -12.14
N SER H 185 -17.91 -31.06 -11.84
CA SER H 185 -18.38 -29.94 -12.64
C SER H 185 -18.73 -28.73 -11.76
N THR H 186 -17.91 -27.69 -11.82
CA THR H 186 -18.11 -26.51 -11.00
C THR H 186 -19.46 -25.83 -11.30
N GLU H 187 -19.74 -25.65 -12.60
CA GLU H 187 -20.94 -24.92 -12.97
C GLU H 187 -22.23 -25.60 -12.49
N LYS H 188 -22.28 -26.91 -12.59
CA LYS H 188 -23.43 -27.65 -12.07
C LYS H 188 -23.53 -27.54 -10.54
N TYR H 189 -22.39 -27.61 -9.85
CA TYR H 189 -22.38 -27.43 -8.40
C TYR H 189 -22.84 -26.03 -7.97
N LEU H 190 -22.35 -25.01 -8.67
CA LEU H 190 -22.69 -23.64 -8.30
C LEU H 190 -24.18 -23.35 -8.47
N ASN H 191 -24.78 -23.99 -9.46
CA ASN H 191 -26.21 -23.83 -9.71
C ASN H 191 -27.07 -24.63 -8.73
N HIS H 192 -26.50 -25.70 -8.18
CA HIS H 192 -27.27 -26.60 -7.32
C HIS H 192 -27.16 -26.30 -5.81
N ALA H 193 -25.96 -25.98 -5.33
CA ALA H 193 -25.76 -25.84 -3.88
C ALA H 193 -26.72 -24.89 -3.16
N PRO H 194 -26.97 -23.70 -3.73
CA PRO H 194 -27.91 -22.79 -3.04
C PRO H 194 -29.27 -23.41 -2.72
N LYS H 195 -29.70 -24.40 -3.52
CA LYS H 195 -30.99 -25.06 -3.29
C LYS H 195 -30.94 -25.92 -2.03
N LEU H 196 -29.78 -26.49 -1.75
CA LEU H 196 -29.60 -27.30 -0.55
C LEU H 196 -29.81 -26.47 0.70
N PHE H 197 -29.18 -25.28 0.75
CA PHE H 197 -29.26 -24.45 1.94
C PHE H 197 -30.64 -23.82 2.09
N ALA H 198 -31.28 -23.51 0.98
CA ALA H 198 -32.63 -22.98 1.07
C ALA H 198 -33.60 -24.02 1.62
N ALA H 199 -33.38 -25.29 1.25
CA ALA H 199 -34.22 -26.41 1.72
C ALA H 199 -33.99 -26.65 3.20
N VAL H 200 -32.73 -26.59 3.60
CA VAL H 200 -32.35 -26.75 4.99
C VAL H 200 -33.03 -25.69 5.85
N ARG H 201 -32.99 -24.43 5.41
CA ARG H 201 -33.65 -23.37 6.18
C ARG H 201 -35.16 -23.55 6.19
N GLU H 202 -35.70 -23.98 5.05
CA GLU H 202 -37.14 -24.16 4.94
C GLU H 202 -37.66 -25.18 5.96
N ARG H 203 -36.92 -26.27 6.15
CA ARG H 203 -37.41 -27.34 7.00
C ARG H 203 -36.98 -27.21 8.47
N PHE H 204 -35.83 -26.59 8.71
CA PHE H 204 -35.29 -26.54 10.07
C PHE H 204 -35.21 -25.14 10.67
N GLY H 205 -35.51 -24.11 9.88
CA GLY H 205 -35.55 -22.74 10.40
C GLY H 205 -34.19 -22.11 10.69
N ASP H 206 -34.19 -21.04 11.50
CA ASP H 206 -33.02 -20.16 11.61
C ASP H 206 -32.02 -20.41 12.76
N ASP H 207 -32.41 -21.17 13.78
CA ASP H 207 -31.51 -21.35 14.92
C ASP H 207 -30.31 -22.27 14.64
N LEU H 208 -30.55 -23.37 13.93
CA LEU H 208 -29.50 -24.32 13.62
C LEU H 208 -28.34 -23.67 12.87
N HIS H 209 -27.13 -23.98 13.30
CA HIS H 209 -25.94 -23.57 12.56
C HIS H 209 -25.72 -24.52 11.41
N VAL H 210 -25.56 -23.97 10.21
CA VAL H 210 -25.42 -24.77 9.02
C VAL H 210 -24.08 -24.48 8.36
N LEU H 211 -23.26 -25.51 8.23
CA LEU H 211 -21.91 -25.37 7.69
C LEU H 211 -21.85 -26.03 6.33
N HIS H 212 -20.94 -25.58 5.48
CA HIS H 212 -20.76 -26.23 4.18
C HIS H 212 -19.29 -26.20 3.79
N ASP H 213 -18.84 -27.30 3.22
CA ASP H 213 -17.45 -27.48 2.90
C ASP H 213 -17.35 -27.55 1.38
N VAL H 214 -16.80 -26.54 0.73
CA VAL H 214 -16.73 -26.62 -0.73
C VAL H 214 -15.53 -27.45 -1.19
N HIS H 215 -14.62 -27.74 -0.26
CA HIS H 215 -13.57 -28.73 -0.50
C HIS H 215 -12.67 -28.42 -1.71
N HIS H 216 -12.24 -27.16 -1.84
CA HIS H 216 -11.11 -26.77 -2.72
C HIS H 216 -11.41 -26.64 -4.21
N ARG H 217 -12.68 -26.73 -4.60
CA ARG H 217 -13.01 -26.93 -6.00
C ARG H 217 -13.22 -25.68 -6.86
N LEU H 218 -13.30 -24.52 -6.20
CA LEU H 218 -13.64 -23.26 -6.85
C LEU H 218 -12.42 -22.35 -7.11
N THR H 219 -12.58 -21.41 -8.04
CA THR H 219 -11.66 -20.28 -8.12
C THR H 219 -12.21 -19.17 -7.21
N PRO H 220 -11.37 -18.22 -6.82
CA PRO H 220 -11.84 -17.14 -5.94
C PRO H 220 -13.14 -16.44 -6.38
N ILE H 221 -13.24 -16.02 -7.64
CA ILE H 221 -14.43 -15.28 -8.06
C ILE H 221 -15.67 -16.19 -8.10
N GLU H 222 -15.44 -17.49 -8.33
CA GLU H 222 -16.51 -18.49 -8.21
C GLU H 222 -17.00 -18.61 -6.76
N ALA H 223 -16.05 -18.74 -5.84
CA ALA H 223 -16.36 -18.76 -4.42
C ALA H 223 -17.08 -17.47 -3.98
N ALA H 224 -16.67 -16.35 -4.56
CA ALA H 224 -17.32 -15.09 -4.21
C ALA H 224 -18.77 -15.15 -4.64
N ARG H 225 -18.99 -15.67 -5.84
CA ARG H 225 -20.34 -15.82 -6.35
C ARG H 225 -21.18 -16.69 -5.40
N LEU H 226 -20.61 -17.83 -5.00
CA LEU H 226 -21.28 -18.74 -4.10
C LEU H 226 -21.57 -18.07 -2.78
N GLY H 227 -20.57 -17.42 -2.20
CA GLY H 227 -20.75 -16.73 -0.94
C GLY H 227 -21.96 -15.79 -0.95
N LYS H 228 -22.07 -15.00 -2.01
CA LYS H 228 -23.17 -14.06 -2.16
C LYS H 228 -24.50 -14.80 -2.28
N ALA H 229 -24.48 -15.86 -3.09
CA ALA H 229 -25.69 -16.65 -3.34
C ALA H 229 -26.27 -17.21 -2.05
N VAL H 230 -25.41 -17.53 -1.10
CA VAL H 230 -25.85 -18.19 0.12
C VAL H 230 -25.97 -17.26 1.34
N GLU H 231 -25.77 -15.97 1.14
CA GLU H 231 -25.98 -15.00 2.23
C GLU H 231 -27.38 -15.07 2.86
N PRO H 232 -28.42 -15.27 2.05
CA PRO H 232 -29.75 -15.32 2.66
C PRO H 232 -29.93 -16.45 3.70
N TYR H 233 -29.09 -17.48 3.63
CA TYR H 233 -29.25 -18.67 4.48
C TYR H 233 -28.33 -18.62 5.70
N HIS H 234 -27.48 -17.59 5.73
CA HIS H 234 -26.72 -17.26 6.92
C HIS H 234 -25.92 -18.46 7.43
N LEU H 235 -24.96 -18.92 6.63
CA LEU H 235 -24.15 -20.06 7.01
C LEU H 235 -23.20 -19.76 8.16
N PHE H 236 -22.94 -20.78 8.96
CA PHE H 236 -21.96 -20.67 10.04
C PHE H 236 -20.60 -20.49 9.39
N TRP H 237 -20.36 -21.27 8.34
CA TRP H 237 -19.18 -21.03 7.53
C TRP H 237 -19.24 -21.72 6.18
N LEU H 238 -18.44 -21.17 5.27
CA LEU H 238 -18.15 -21.73 3.96
C LEU H 238 -16.67 -22.07 3.99
N GLU H 239 -16.37 -23.35 3.81
CA GLU H 239 -15.05 -23.88 4.13
C GLU H 239 -14.28 -24.29 2.90
N ASP H 240 -12.98 -23.97 2.92
CA ASP H 240 -12.03 -24.40 1.90
C ASP H 240 -12.50 -24.08 0.48
N CYS H 241 -12.91 -22.83 0.29
CA CYS H 241 -13.46 -22.38 -0.99
C CYS H 241 -12.51 -22.63 -2.13
N VAL H 242 -11.22 -22.38 -1.88
CA VAL H 242 -10.23 -22.34 -2.96
C VAL H 242 -8.89 -22.87 -2.44
N PRO H 243 -8.10 -23.53 -3.31
CA PRO H 243 -6.76 -23.89 -2.83
C PRO H 243 -6.03 -22.61 -2.43
N ALA H 244 -5.33 -22.63 -1.31
CA ALA H 244 -4.87 -21.40 -0.67
C ALA H 244 -3.36 -21.40 -0.38
N GLU H 245 -2.61 -22.16 -1.17
CA GLU H 245 -1.15 -22.08 -1.14
C GLU H 245 -0.77 -20.63 -1.33
N ASN H 246 -1.43 -19.98 -2.29
CA ASN H 246 -1.34 -18.53 -2.46
C ASN H 246 -2.41 -17.93 -1.57
N GLN H 247 -2.00 -17.35 -0.45
CA GLN H 247 -2.98 -16.90 0.53
C GLN H 247 -3.82 -15.75 0.00
N GLU H 248 -3.28 -15.03 -0.98
CA GLU H 248 -4.02 -13.94 -1.59
C GLU H 248 -5.29 -14.45 -2.27
N SER H 249 -5.35 -15.76 -2.48
CA SER H 249 -6.53 -16.35 -3.10
C SER H 249 -7.81 -16.02 -2.39
N LEU H 250 -7.73 -15.64 -1.12
CA LEU H 250 -8.93 -15.39 -0.35
C LEU H 250 -9.47 -13.97 -0.51
N ARG H 251 -8.64 -13.06 -0.99
CA ARG H 251 -9.00 -11.64 -1.02
C ARG H 251 -10.30 -11.37 -1.77
N LEU H 252 -10.45 -11.96 -2.94
CA LEU H 252 -11.63 -11.66 -3.74
C LEU H 252 -12.90 -12.14 -3.08
N ILE H 253 -12.82 -13.29 -2.41
CA ILE H 253 -14.01 -13.84 -1.76
C ILE H 253 -14.45 -12.92 -0.62
N ARG H 254 -13.49 -12.53 0.20
CA ARG H 254 -13.79 -11.68 1.35
C ARG H 254 -14.32 -10.31 0.94
N GLU H 255 -13.82 -9.78 -0.16
CA GLU H 255 -14.24 -8.46 -0.60
C GLU H 255 -15.65 -8.44 -1.18
N HIS H 256 -16.15 -9.60 -1.56
CA HIS H 256 -17.46 -9.69 -2.24
C HIS H 256 -18.59 -10.37 -1.47
N THR H 257 -18.32 -10.94 -0.30
CA THR H 257 -19.40 -11.58 0.45
C THR H 257 -19.18 -11.45 1.93
N THR H 258 -20.27 -11.45 2.67
CA THR H 258 -20.24 -11.45 4.14
C THR H 258 -20.55 -12.82 4.73
N THR H 259 -20.63 -13.84 3.89
CA THR H 259 -20.75 -15.20 4.38
C THR H 259 -19.43 -15.55 5.08
N PRO H 260 -19.47 -16.06 6.32
CA PRO H 260 -18.21 -16.37 7.01
C PRO H 260 -17.39 -17.47 6.30
N LEU H 261 -16.07 -17.38 6.46
CA LEU H 261 -15.16 -18.25 5.74
C LEU H 261 -14.28 -19.01 6.73
N ALA H 262 -14.09 -20.31 6.47
CA ALA H 262 -13.22 -21.16 7.27
C ALA H 262 -12.20 -21.81 6.33
N ILE H 263 -11.02 -22.12 6.85
CA ILE H 263 -10.01 -22.74 6.00
C ILE H 263 -8.86 -23.28 6.85
N GLY H 264 -8.15 -24.29 6.36
CA GLY H 264 -6.93 -24.67 7.01
C GLY H 264 -6.68 -26.13 7.35
N GLU H 265 -7.62 -27.02 7.03
CA GLU H 265 -7.40 -28.42 7.39
C GLU H 265 -6.17 -28.99 6.68
N VAL H 266 -5.81 -28.43 5.52
CA VAL H 266 -4.66 -28.94 4.79
C VAL H 266 -3.35 -28.20 5.12
N PHE H 267 -3.42 -27.23 6.04
CA PHE H 267 -2.23 -26.47 6.43
C PHE H 267 -1.45 -27.21 7.54
N ASN H 268 -0.16 -26.93 7.67
CA ASN H 268 0.66 -27.52 8.73
C ASN H 268 1.55 -26.53 9.49
N SER H 269 1.46 -25.26 9.13
CA SER H 269 2.33 -24.22 9.70
C SER H 269 1.59 -22.92 9.87
N ILE H 270 1.95 -22.14 10.89
CA ILE H 270 1.42 -20.80 11.03
C ILE H 270 1.78 -19.97 9.79
N HIS H 271 2.87 -20.34 9.13
CA HIS H 271 3.30 -19.63 7.94
C HIS H 271 2.39 -19.88 6.74
N ASP H 272 1.53 -20.90 6.83
CA ASP H 272 0.54 -21.17 5.78
C ASP H 272 -0.66 -20.24 5.90
N CYS H 273 -0.80 -19.56 7.03
CA CYS H 273 -2.04 -18.82 7.30
C CYS H 273 -1.85 -17.44 7.96
N ARG H 274 -0.61 -17.05 8.20
CA ARG H 274 -0.36 -15.77 8.89
C ARG H 274 -1.04 -14.58 8.19
N GLU H 275 -0.84 -14.48 6.88
CA GLU H 275 -1.40 -13.38 6.12
C GLU H 275 -2.92 -13.47 6.05
N LEU H 276 -3.46 -14.67 5.86
CA LEU H 276 -4.90 -14.87 5.83
C LEU H 276 -5.52 -14.30 7.10
N ILE H 277 -4.88 -14.57 8.22
CA ILE H 277 -5.40 -14.11 9.52
C ILE H 277 -5.20 -12.61 9.68
N GLN H 278 -3.97 -12.14 9.47
CA GLN H 278 -3.66 -10.73 9.68
C GLN H 278 -4.47 -9.80 8.74
N ASN H 279 -4.86 -10.31 7.59
CA ASN H 279 -5.63 -9.49 6.65
C ASN H 279 -7.14 -9.63 6.88
N GLN H 280 -7.52 -10.36 7.91
CA GLN H 280 -8.92 -10.68 8.21
C GLN H 280 -9.68 -11.28 7.03
N TRP H 281 -9.02 -12.17 6.31
CA TRP H 281 -9.63 -12.85 5.18
C TRP H 281 -10.43 -14.11 5.58
N ILE H 282 -10.29 -14.57 6.81
CA ILE H 282 -11.05 -15.72 7.31
C ILE H 282 -11.63 -15.48 8.70
N ASP H 283 -12.61 -16.28 9.10
CA ASP H 283 -13.21 -16.17 10.43
C ASP H 283 -12.88 -17.38 11.31
N TYR H 284 -12.54 -18.50 10.68
CA TYR H 284 -12.21 -19.71 11.41
C TYR H 284 -11.00 -20.41 10.79
N ILE H 285 -10.04 -20.75 11.65
CA ILE H 285 -8.85 -21.48 11.26
C ILE H 285 -9.04 -22.96 11.63
N ARG H 286 -8.84 -23.83 10.65
CA ARG H 286 -9.24 -25.23 10.74
C ARG H 286 -8.10 -26.19 11.05
N MET H 287 -6.86 -25.71 10.95
CA MET H 287 -5.70 -26.57 11.16
C MET H 287 -5.75 -27.31 12.52
N PRO H 288 -5.66 -28.65 12.50
CA PRO H 288 -5.78 -29.41 13.76
C PRO H 288 -4.44 -29.77 14.41
N LEU H 289 -4.49 -30.32 15.61
CA LEU H 289 -3.28 -30.58 16.38
C LEU H 289 -2.29 -31.51 15.68
N THR H 290 -2.77 -32.66 15.20
CA THR H 290 -1.81 -33.63 14.66
C THR H 290 -1.12 -33.20 13.38
N HIS H 291 -1.73 -32.30 12.61
CA HIS H 291 -1.11 -31.85 11.37
C HIS H 291 -0.46 -30.48 11.52
N GLY H 292 -0.81 -29.76 12.58
CA GLY H 292 -0.30 -28.41 12.78
C GLY H 292 0.77 -28.26 13.84
N GLY H 293 1.60 -29.29 14.02
CA GLY H 293 2.71 -29.19 14.95
C GLY H 293 2.33 -29.33 16.41
N GLY H 294 1.10 -29.75 16.70
CA GLY H 294 0.71 -30.08 18.08
C GLY H 294 0.27 -28.91 18.93
N ILE H 295 0.19 -29.14 20.23
CA ILE H 295 -0.26 -28.11 21.19
C ILE H 295 0.62 -26.86 21.19
N THR H 296 1.94 -27.07 21.23
CA THR H 296 2.91 -25.97 21.19
C THR H 296 2.69 -25.01 20.00
N ALA H 297 2.64 -25.56 18.79
CA ALA H 297 2.47 -24.73 17.59
C ALA H 297 1.07 -24.13 17.53
N MET H 298 0.07 -24.91 17.93
CA MET H 298 -1.32 -24.46 17.74
C MET H 298 -1.71 -23.38 18.75
N ARG H 299 -1.05 -23.39 19.89
CA ARG H 299 -1.17 -22.29 20.83
C ARG H 299 -0.84 -20.95 20.14
N ARG H 300 0.28 -20.93 19.43
CA ARG H 300 0.73 -19.72 18.74
C ARG H 300 -0.24 -19.31 17.63
N VAL H 301 -0.78 -20.29 16.91
CA VAL H 301 -1.76 -20.02 15.87
C VAL H 301 -3.02 -19.40 16.46
N ALA H 302 -3.53 -20.00 17.54
CA ALA H 302 -4.70 -19.47 18.24
C ALA H 302 -4.48 -18.04 18.77
N ASP H 303 -3.27 -17.77 19.25
CA ASP H 303 -2.88 -16.44 19.75
C ASP H 303 -2.93 -15.37 18.65
N LEU H 304 -2.34 -15.67 17.51
CA LEU H 304 -2.41 -14.78 16.36
C LEU H 304 -3.85 -14.60 15.89
N ALA H 305 -4.62 -15.69 15.86
CA ALA H 305 -5.99 -15.61 15.41
C ALA H 305 -6.81 -14.66 16.31
N SER H 306 -6.53 -14.67 17.61
CA SER H 306 -7.34 -13.88 18.54
C SER H 306 -7.19 -12.37 18.34
N LEU H 307 -6.07 -11.96 17.77
CA LEU H 307 -5.81 -10.54 17.55
C LEU H 307 -6.73 -10.00 16.47
N TYR H 308 -7.20 -10.89 15.60
CA TYR H 308 -8.03 -10.50 14.45
C TYR H 308 -9.45 -11.10 14.49
N HIS H 309 -9.91 -11.51 15.67
CA HIS H 309 -11.28 -12.00 15.85
C HIS H 309 -11.49 -13.32 15.13
N VAL H 310 -10.40 -14.00 14.78
CA VAL H 310 -10.52 -15.31 14.16
C VAL H 310 -10.66 -16.37 15.26
N ARG H 311 -11.48 -17.39 15.03
CA ARG H 311 -11.78 -18.40 16.04
C ARG H 311 -11.35 -19.78 15.53
N THR H 312 -11.15 -20.73 16.46
CA THR H 312 -10.72 -22.09 16.12
C THR H 312 -11.87 -22.96 15.67
N GLY H 313 -11.63 -23.77 14.65
CA GLY H 313 -12.63 -24.66 14.10
C GLY H 313 -11.89 -25.91 13.68
N PHE H 314 -11.35 -26.62 14.67
CA PHE H 314 -10.47 -27.74 14.41
C PHE H 314 -11.11 -28.75 13.47
N HIS H 315 -10.37 -29.07 12.42
CA HIS H 315 -10.66 -30.22 11.58
C HIS H 315 -10.70 -31.48 12.47
N GLY H 316 -11.79 -32.24 12.41
CA GLY H 316 -11.98 -33.42 13.26
C GLY H 316 -12.65 -34.57 12.54
N PRO H 317 -11.94 -35.16 11.58
CA PRO H 317 -12.48 -36.26 10.78
C PRO H 317 -12.11 -37.58 11.43
N THR H 318 -12.57 -38.69 10.88
CA THR H 318 -12.19 -39.97 11.46
C THR H 318 -10.72 -40.27 11.23
N ASP H 319 -10.08 -39.56 10.29
CA ASP H 319 -8.67 -39.84 10.00
C ASP H 319 -7.68 -39.11 10.92
N LEU H 320 -8.21 -38.47 11.96
CA LEU H 320 -7.39 -38.06 13.09
C LEU H 320 -7.84 -38.94 14.26
N SER H 321 -6.90 -39.55 14.96
CA SER H 321 -7.27 -40.55 15.96
C SER H 321 -7.93 -39.94 17.20
N PRO H 322 -8.51 -40.79 18.06
CA PRO H 322 -9.02 -40.31 19.34
C PRO H 322 -7.98 -39.64 20.23
N VAL H 323 -6.70 -39.90 19.99
CA VAL H 323 -5.66 -39.22 20.75
C VAL H 323 -5.72 -37.75 20.40
N CYS H 324 -5.79 -37.46 19.10
CA CYS H 324 -5.94 -36.07 18.67
C CYS H 324 -7.26 -35.47 19.19
N LEU H 325 -8.36 -36.17 19.01
CA LEU H 325 -9.64 -35.68 19.48
C LEU H 325 -9.65 -35.30 20.98
N GLY H 326 -9.16 -36.19 21.84
CA GLY H 326 -9.11 -35.89 23.27
C GLY H 326 -8.27 -34.66 23.58
N ALA H 327 -7.09 -34.57 22.96
CA ALA H 327 -6.22 -33.41 23.16
C ALA H 327 -6.87 -32.15 22.62
N ALA H 328 -7.57 -32.28 21.50
CA ALA H 328 -8.30 -31.16 20.93
C ALA H 328 -9.41 -30.65 21.84
N ILE H 329 -10.15 -31.58 22.44
CA ILE H 329 -11.21 -31.25 23.38
C ILE H 329 -10.64 -30.49 24.58
N HIS H 330 -9.51 -30.96 25.09
CA HIS H 330 -8.80 -30.20 26.12
C HIS H 330 -8.46 -28.78 25.65
N PHE H 331 -7.84 -28.65 24.49
CA PHE H 331 -7.44 -27.35 23.95
C PHE H 331 -8.68 -26.47 23.77
N ASP H 332 -9.71 -27.05 23.14
CA ASP H 332 -11.02 -26.43 22.98
C ASP H 332 -11.61 -25.90 24.30
N THR H 333 -11.37 -26.61 25.40
CA THR H 333 -11.93 -26.23 26.69
C THR H 333 -11.27 -24.97 27.27
N TRP H 334 -9.96 -24.85 27.09
CA TRP H 334 -9.23 -23.68 27.55
C TRP H 334 -9.28 -22.49 26.59
N VAL H 335 -9.03 -22.72 25.30
CA VAL H 335 -8.72 -21.64 24.37
C VAL H 335 -9.82 -20.55 24.33
N PRO H 336 -9.43 -19.28 24.52
CA PRO H 336 -10.51 -18.29 24.63
C PRO H 336 -11.27 -18.14 23.31
N ASN H 337 -10.54 -18.05 22.21
CA ASN H 337 -11.20 -17.85 20.92
C ASN H 337 -11.63 -19.15 20.25
N PHE H 338 -12.29 -20.02 21.01
CA PHE H 338 -12.82 -21.26 20.46
C PHE H 338 -14.01 -20.96 19.57
N GLY H 339 -14.15 -21.72 18.48
CA GLY H 339 -15.29 -21.51 17.61
C GLY H 339 -16.20 -22.70 17.59
N ILE H 340 -15.65 -23.83 17.15
CA ILE H 340 -16.44 -25.04 17.06
C ILE H 340 -15.49 -26.21 16.90
N GLN H 341 -15.97 -27.40 17.24
CA GLN H 341 -15.20 -28.62 17.09
C GLN H 341 -15.92 -29.62 16.21
N GLU H 342 -15.26 -30.03 15.14
CA GLU H 342 -15.85 -30.97 14.21
C GLU H 342 -15.84 -32.35 14.86
N HIS H 343 -16.91 -33.11 14.65
CA HIS H 343 -17.01 -34.46 15.18
C HIS H 343 -17.49 -35.44 14.12
N MET H 344 -16.57 -36.23 13.58
CA MET H 344 -16.93 -37.42 12.83
C MET H 344 -16.66 -38.59 13.75
N PRO H 345 -17.72 -39.26 14.22
CA PRO H 345 -17.56 -40.39 15.14
C PRO H 345 -16.68 -41.51 14.58
N HIS H 346 -15.73 -41.95 15.40
CA HIS H 346 -14.87 -43.08 15.05
C HIS H 346 -15.66 -44.37 15.22
N THR H 347 -15.13 -45.46 14.65
CA THR H 347 -15.76 -46.76 14.78
C THR H 347 -15.64 -47.25 16.21
N ASP H 348 -16.49 -48.18 16.61
CA ASP H 348 -16.38 -48.74 17.94
C ASP H 348 -15.02 -49.39 18.12
N GLU H 349 -14.50 -49.99 17.05
CA GLU H 349 -13.20 -50.67 17.08
C GLU H 349 -12.07 -49.67 17.33
N THR H 350 -12.16 -48.53 16.68
CA THR H 350 -11.22 -47.45 16.94
C THR H 350 -11.31 -46.99 18.40
N ASP H 351 -12.52 -46.73 18.87
CA ASP H 351 -12.71 -46.29 20.26
C ASP H 351 -12.11 -47.29 21.25
N ALA H 352 -12.16 -48.58 20.91
CA ALA H 352 -11.64 -49.63 21.79
C ALA H 352 -10.12 -49.70 21.79
N VAL H 353 -9.51 -49.35 20.66
CA VAL H 353 -8.05 -49.31 20.59
C VAL H 353 -7.52 -48.10 21.35
N PHE H 354 -8.34 -47.06 21.44
CA PHE H 354 -7.91 -45.82 22.09
C PHE H 354 -8.85 -45.42 23.24
N PRO H 355 -8.83 -46.19 24.34
CA PRO H 355 -9.70 -45.88 25.49
C PRO H 355 -9.45 -44.44 25.92
N HIS H 356 -10.52 -43.71 26.25
CA HIS H 356 -10.40 -42.28 26.45
C HIS H 356 -11.46 -41.79 27.42
N ASP H 357 -11.26 -40.60 28.01
CA ASP H 357 -12.23 -40.13 28.98
C ASP H 357 -13.04 -38.89 28.60
N TYR H 358 -12.82 -38.32 27.42
CA TYR H 358 -13.77 -37.31 26.94
C TYR H 358 -15.13 -37.95 26.72
N ARG H 359 -16.20 -37.18 26.84
CA ARG H 359 -17.52 -37.73 26.55
C ARG H 359 -18.38 -36.82 25.67
N PHE H 360 -19.26 -37.45 24.90
CA PHE H 360 -20.22 -36.71 24.07
C PHE H 360 -21.59 -36.73 24.72
N GLU H 361 -22.18 -35.55 24.91
CA GLU H 361 -23.50 -35.46 25.50
C GLU H 361 -24.30 -34.34 24.86
N ASP H 362 -25.40 -34.70 24.21
CA ASP H 362 -26.35 -33.71 23.78
C ASP H 362 -25.70 -32.70 22.82
N GLY H 363 -24.87 -33.18 21.90
CA GLY H 363 -24.28 -32.32 20.89
C GLY H 363 -23.00 -31.64 21.28
N HIS H 364 -22.51 -31.90 22.48
CA HIS H 364 -21.33 -31.24 23.00
C HIS H 364 -20.31 -32.22 23.56
N PHE H 365 -19.02 -31.91 23.48
CA PHE H 365 -18.03 -32.69 24.20
C PHE H 365 -17.82 -32.14 25.61
N LEU H 366 -17.46 -33.03 26.53
CA LEU H 366 -16.95 -32.65 27.84
C LEU H 366 -15.53 -33.16 27.94
N ALA H 367 -14.61 -32.29 28.33
CA ALA H 367 -13.21 -32.67 28.47
C ALA H 367 -13.07 -33.71 29.57
N GLY H 368 -12.10 -34.62 29.44
CA GLY H 368 -11.85 -35.60 30.50
C GLY H 368 -11.21 -34.96 31.72
N GLU H 369 -11.28 -35.66 32.86
CA GLU H 369 -10.72 -35.10 34.08
C GLU H 369 -9.49 -35.84 34.61
N SER H 370 -9.04 -36.85 33.89
CA SER H 370 -7.83 -37.55 34.32
C SER H 370 -6.58 -36.84 33.83
N PRO H 371 -5.46 -37.03 34.55
CA PRO H 371 -4.22 -36.35 34.16
C PRO H 371 -3.81 -36.75 32.74
N GLY H 372 -3.15 -35.84 32.03
CA GLY H 372 -2.80 -36.09 30.63
C GLY H 372 -3.92 -35.62 29.72
N HIS H 373 -3.87 -35.98 28.45
CA HIS H 373 -4.97 -35.63 27.55
C HIS H 373 -6.11 -36.65 27.63
N GLY H 374 -5.89 -37.72 28.41
CA GLY H 374 -7.00 -38.58 28.79
C GLY H 374 -7.21 -39.74 27.86
N VAL H 375 -6.25 -39.94 26.95
CA VAL H 375 -6.37 -41.01 25.96
C VAL H 375 -5.20 -41.98 26.09
N ASP H 376 -5.50 -43.26 25.92
CA ASP H 376 -4.46 -44.29 25.96
C ASP H 376 -4.54 -45.06 24.67
N ILE H 377 -3.64 -46.01 24.49
CA ILE H 377 -3.75 -46.96 23.42
C ILE H 377 -3.61 -48.39 23.98
N ASP H 378 -4.44 -49.30 23.48
CA ASP H 378 -4.41 -50.70 23.90
C ASP H 378 -3.54 -51.43 22.90
N GLU H 379 -2.26 -51.60 23.23
CA GLU H 379 -1.31 -52.11 22.25
C GLU H 379 -1.61 -53.56 21.81
N GLU H 380 -2.23 -54.33 22.68
CA GLU H 380 -2.56 -55.70 22.32
C GLU H 380 -3.66 -55.77 21.27
N LEU H 381 -4.69 -54.94 21.45
CA LEU H 381 -5.78 -54.85 20.48
C LEU H 381 -5.31 -54.21 19.17
N ALA H 382 -4.49 -53.17 19.27
CA ALA H 382 -4.00 -52.51 18.06
C ALA H 382 -3.29 -53.50 17.14
N ALA H 383 -2.57 -54.44 17.74
CA ALA H 383 -1.80 -55.43 16.98
C ALA H 383 -2.71 -56.39 16.21
N LYS H 384 -3.99 -56.41 16.55
CA LYS H 384 -4.95 -57.25 15.85
C LYS H 384 -5.40 -56.62 14.54
N TYR H 385 -4.97 -55.39 14.27
CA TYR H 385 -5.41 -54.69 13.06
C TYR H 385 -4.21 -54.12 12.30
N PRO H 386 -3.57 -54.96 11.46
CA PRO H 386 -2.41 -54.54 10.69
C PRO H 386 -2.78 -53.43 9.71
N TYR H 387 -1.79 -52.64 9.34
CA TYR H 387 -1.95 -51.59 8.36
C TYR H 387 -2.52 -52.12 7.04
N GLU H 388 -3.47 -51.40 6.46
CA GLU H 388 -3.95 -51.72 5.11
C GLU H 388 -3.91 -50.45 4.28
N ARG H 389 -3.20 -50.49 3.16
CA ARG H 389 -3.07 -49.28 2.35
C ARG H 389 -4.41 -48.74 1.86
N ALA H 390 -4.61 -47.44 1.98
CA ALA H 390 -5.82 -46.80 1.45
C ALA H 390 -5.49 -45.35 1.08
N SER H 391 -5.81 -44.94 -0.15
CA SER H 391 -5.51 -43.59 -0.63
C SER H 391 -6.77 -42.73 -0.75
N LEU H 392 -6.62 -41.43 -0.53
CA LEU H 392 -7.71 -40.48 -0.80
C LEU H 392 -8.02 -40.41 -2.30
N PRO H 393 -9.26 -40.01 -2.65
CA PRO H 393 -9.65 -39.86 -4.07
C PRO H 393 -8.90 -38.73 -4.78
N VAL H 394 -8.93 -38.76 -6.11
CA VAL H 394 -8.60 -37.55 -6.86
C VAL H 394 -9.83 -37.10 -7.65
N ASN H 395 -9.84 -35.83 -8.05
CA ASN H 395 -10.90 -35.26 -8.84
C ASN H 395 -10.38 -34.97 -10.23
N ARG H 396 -11.17 -35.30 -11.24
CA ARG H 396 -10.91 -34.85 -12.59
C ARG H 396 -12.15 -34.10 -13.09
N LEU H 397 -11.93 -33.04 -13.87
CA LEU H 397 -13.03 -32.37 -14.54
C LEU H 397 -13.58 -33.29 -15.63
N GLU H 398 -14.65 -32.85 -16.29
CA GLU H 398 -15.28 -33.68 -17.32
C GLU H 398 -14.38 -33.94 -18.53
N ASP H 399 -13.46 -33.02 -18.83
CA ASP H 399 -12.51 -33.23 -19.92
C ASP H 399 -11.29 -34.05 -19.51
N GLY H 400 -11.26 -34.46 -18.24
CA GLY H 400 -10.17 -35.27 -17.73
C GLY H 400 -9.05 -34.48 -17.05
N THR H 401 -9.23 -33.18 -16.89
CA THR H 401 -8.23 -32.37 -16.21
C THR H 401 -8.12 -32.82 -14.76
N LEU H 402 -6.90 -33.02 -14.28
CA LEU H 402 -6.72 -33.40 -12.89
C LEU H 402 -6.95 -32.18 -12.00
N TRP H 403 -8.03 -32.21 -11.24
CA TRP H 403 -8.50 -31.06 -10.49
C TRP H 403 -8.23 -31.23 -8.98
N HIS H 404 -8.82 -30.36 -8.18
CA HIS H 404 -8.67 -30.42 -6.73
C HIS H 404 -9.79 -31.28 -6.17
N TRP H 405 -9.43 -32.23 -5.30
CA TRP H 405 -10.44 -33.04 -4.64
C TRP H 405 -10.83 -32.40 -3.31
MG MG I . 23.77 -22.88 1.60
C2 CS2 J . 25.06 -25.67 2.16
C3 CS2 J . 24.66 -27.16 2.07
O1A CS2 J . 26.16 -26.09 0.03
C1 CS2 J . 25.44 -25.24 0.76
O1B CS2 J . 25.13 -24.17 0.28
O2 CS2 J . 24.01 -24.87 2.74
O3 CS2 J . 25.87 -27.95 2.06
C4 CS2 J . 23.76 -27.62 3.22
O4 CS2 J . 24.43 -27.37 4.44
C5 CS2 J . 23.49 -29.10 3.05
O5 CS2 J . 23.35 -29.35 1.66
C6 CS2 J . 22.20 -29.54 3.74
O6 CS2 J . 21.87 -30.89 3.37
MG MG K . 21.05 5.54 -24.65
C2 CS2 L . 22.26 5.39 -27.53
C3 CS2 L . 21.85 5.30 -29.02
O1A CS2 L . 22.67 7.76 -27.93
C1 CS2 L . 22.14 6.84 -27.13
O1B CS2 L . 21.60 7.19 -26.09
O2 CS2 L . 21.48 4.52 -26.70
O3 CS2 L . 22.99 5.65 -29.79
C4 CS2 L . 21.33 3.89 -29.39
O4 CS2 L . 22.37 2.92 -29.19
C5 CS2 L . 20.86 3.87 -30.86
O5 CS2 L . 20.17 5.09 -31.13
C6 CS2 L . 19.89 2.70 -31.11
O6 CS2 L . 19.34 2.77 -32.43
MG MG M . -22.59 22.16 -9.93
O1B KDG N . -21.22 30.38 -9.23
C1 KDG N . -21.73 29.21 -8.56
C2 KDG N . -22.67 28.47 -9.52
O2 KDG N . -22.03 28.42 -10.78
C3 KDG N . -22.98 27.04 -9.12
O3 KDG N . -24.05 26.98 -8.18
C4 KDG N . -23.46 26.35 -10.39
O5 KDG N . -23.25 24.25 -9.23
C5 KDG N . -23.47 24.84 -10.30
C6 KDG N . -23.76 24.16 -11.60
O6A KDG N . -23.40 22.90 -11.90
O6B KDG N . -24.36 24.78 -12.45
MG MG O . -12.79 -10.52 -28.62
O1B KDG P . -8.81 -9.24 -35.89
C1 KDG P . -9.81 -8.80 -34.96
C2 KDG P . -10.78 -9.96 -34.62
O2 KDG P . -10.07 -11.17 -34.41
C3 KDG P . -11.58 -9.70 -33.34
O3 KDG P . -12.54 -8.66 -33.53
C4 KDG P . -12.37 -10.97 -33.02
O5 KDG P . -12.90 -9.92 -30.92
C5 KDG P . -12.81 -10.97 -31.57
C6 KDG P . -13.11 -12.31 -31.00
O6A KDG P . -13.27 -12.47 -29.67
O6B KDG P . -13.19 -13.28 -31.70
MG MG Q . 14.36 2.21 29.60
C2 CS2 R . 14.70 2.75 32.65
C3 CS2 R . 13.84 2.52 33.91
O1A CS2 R . 15.75 0.64 33.35
C1 CS2 R . 15.30 1.41 32.33
O1B CS2 R . 15.38 0.98 31.20
O2 CS2 R . 13.89 3.28 31.58
O3 CS2 R . 14.69 2.32 35.04
C4 CS2 R . 12.89 3.70 34.15
O4 CS2 R . 13.60 4.90 34.32
C5 CS2 R . 12.12 3.41 35.43
O5 CS2 R . 11.81 2.03 35.42
C6 CS2 R . 10.83 4.23 35.42
O6 CS2 R . 9.95 3.69 36.39
MG MG S . -22.73 2.55 23.83
C2 CS2 T . -23.94 2.68 26.72
C3 CS2 T . -23.43 3.19 28.08
O1A CS2 T . -25.30 4.74 26.52
C1 CS2 T . -24.50 3.85 25.91
O1B CS2 T . -24.27 4.01 24.74
O2 CS2 T . -22.93 1.96 25.99
O3 CS2 T . -24.55 3.47 28.93
C4 CS2 T . -22.49 2.19 28.78
O4 CS2 T . -23.09 0.91 28.81
C5 CS2 T . -22.24 2.65 30.21
O5 CS2 T . -22.16 4.07 30.22
C6 CS2 T . -20.93 2.05 30.76
O6 CS2 T . -20.60 2.65 32.02
MG MG U . 11.69 30.86 3.17
O1B KDG V . 7.20 37.56 0.78
C1 KDG V . 8.12 36.51 0.48
C2 KDG V . 9.19 36.50 1.56
O2 KDG V . 8.52 36.50 2.80
C3 KDG V . 10.05 35.23 1.49
O3 KDG V . 10.90 35.31 0.35
C4 KDG V . 10.90 35.17 2.76
O5 KDG V . 11.44 32.90 2.19
C5 KDG V . 11.46 33.79 3.03
C6 KDG V . 12.04 33.56 4.37
O6A KDG V . 12.22 32.32 4.86
O6B KDG V . 12.38 34.51 5.05
MG MG W . -13.12 -29.96 5.06
O1B KDG X . -8.29 -36.98 5.20
C1 KDG X . -9.00 -35.96 4.47
C2 KDG X . -10.38 -35.77 5.11
O2 KDG X . -10.20 -35.70 6.53
C3 KDG X . -11.07 -34.49 4.64
O3 KDG X . -11.47 -34.59 3.27
C4 KDG X . -12.32 -34.28 5.52
O5 KDG X . -12.74 -32.17 4.41
C5 KDG X . -12.93 -32.90 5.39
C6 KDG X . -13.78 -32.41 6.54
O6A KDG X . -14.10 -31.12 6.68
O6B KDG X . -14.19 -33.19 7.38
#